data_2MQQ
#
_entry.id   2MQQ
#
loop_
_entity.id
_entity.type
_entity.pdbx_description
1 polymer 'Heterogenous nuclear ribonucleoprotein L'
2 polymer "RNA (5'-R(*AP*CP*AP*CP*A)-3')"
#
loop_
_entity_poly.entity_id
_entity_poly.type
_entity_poly.pdbx_seq_one_letter_code
_entity_poly.pdbx_strand_id
1 'polypeptide(L)'
;YGPHADSPVLMVYGLDQSKMNCDRVFNVFCLYGNVEKVKFMKSKPGAAMVEMADGYAVDRAITHLNNNFMFGQKMNVCVS
KQPAIMPGQSYGLEDGSCSYKDFSESRNNRFSTPEQAAKNRIQHPSNVLHFFNAPLEVTEENFFEICDELGVKRPTSVKV
FSGKSERSSSGLLEWDSKSDALETLGFLNHYQMKNPNGPYPYTLKLCFSTAQHAS
;
A
2 'polyribonucleotide' ACACA B,C
#
loop_
_chem_comp.id
_chem_comp.type
_chem_comp.name
_chem_comp.formula
A RNA linking ADENOSINE-5'-MONOPHOSPHATE 'C10 H14 N5 O7 P'
C RNA linking CYTIDINE-5'-MONOPHOSPHATE 'C9 H14 N3 O8 P'
#
# COMPACT_ATOMS: atom_id res chain seq x y z
N TYR A 1 6.50 21.60 -11.32
CA TYR A 1 6.51 20.96 -12.65
C TYR A 1 5.20 20.29 -13.06
N GLY A 2 4.86 19.15 -12.43
CA GLY A 2 3.63 18.44 -12.72
C GLY A 2 2.40 19.16 -12.15
N PRO A 3 1.20 18.73 -12.56
CA PRO A 3 -0.06 19.29 -12.10
C PRO A 3 -0.35 18.88 -10.66
N HIS A 4 -1.45 19.40 -10.09
CA HIS A 4 -1.84 19.11 -8.72
C HIS A 4 -3.37 19.04 -8.59
N ALA A 5 -3.84 18.37 -7.55
CA ALA A 5 -5.26 18.22 -7.29
C ALA A 5 -5.86 19.52 -6.76
N ASP A 6 -7.18 19.67 -6.93
CA ASP A 6 -7.90 20.86 -6.49
C ASP A 6 -8.16 20.94 -4.98
N SER A 7 -7.70 19.94 -4.22
CA SER A 7 -7.93 19.86 -2.79
C SER A 7 -6.88 18.98 -2.12
N PRO A 8 -6.49 19.30 -0.87
CA PRO A 8 -5.60 18.46 -0.08
C PRO A 8 -6.30 17.16 0.33
N VAL A 9 -7.62 17.08 0.12
CA VAL A 9 -8.42 15.91 0.44
C VAL A 9 -8.78 15.09 -0.81
N LEU A 10 -9.05 13.80 -0.62
CA LEU A 10 -9.37 12.86 -1.68
C LEU A 10 -10.52 11.96 -1.23
N MET A 11 -11.28 11.43 -2.20
CA MET A 11 -12.42 10.57 -1.92
C MET A 11 -12.33 9.24 -2.67
N VAL A 12 -12.77 8.17 -2.00
CA VAL A 12 -12.75 6.83 -2.56
C VAL A 12 -14.08 6.16 -2.23
N TYR A 13 -14.55 5.28 -3.11
CA TYR A 13 -15.85 4.63 -2.96
C TYR A 13 -15.62 3.18 -3.42
N GLY A 14 -16.67 2.36 -3.26
CA GLY A 14 -16.62 0.95 -3.64
C GLY A 14 -15.99 0.09 -2.55
N LEU A 15 -15.76 0.65 -1.36
CA LEU A 15 -15.15 -0.04 -0.23
C LEU A 15 -16.15 -0.93 0.51
N ASP A 16 -17.20 -1.39 -0.16
CA ASP A 16 -18.26 -2.18 0.45
C ASP A 16 -17.80 -3.54 0.98
N GLN A 17 -16.93 -4.23 0.24
CA GLN A 17 -16.43 -5.53 0.62
C GLN A 17 -15.54 -5.45 1.85
N SER A 18 -15.52 -6.52 2.65
CA SER A 18 -14.82 -6.58 3.93
C SER A 18 -13.30 -6.55 3.79
N LYS A 19 -12.78 -6.65 2.56
CA LYS A 19 -11.35 -6.70 2.32
C LYS A 19 -10.71 -5.33 2.44
N MET A 20 -11.52 -4.26 2.37
CA MET A 20 -11.00 -2.90 2.44
C MET A 20 -10.90 -2.44 3.90
N ASN A 21 -9.88 -1.64 4.20
CA ASN A 21 -9.69 -1.06 5.52
C ASN A 21 -8.75 0.13 5.39
N CYS A 22 -8.79 1.05 6.36
CA CYS A 22 -8.03 2.30 6.29
C CYS A 22 -6.52 2.06 6.18
N ASP A 23 -6.02 0.97 6.78
CA ASP A 23 -4.61 0.63 6.70
C ASP A 23 -4.21 0.18 5.30
N ARG A 24 -5.06 -0.64 4.66
CA ARG A 24 -4.73 -1.25 3.38
C ARG A 24 -4.87 -0.25 2.24
N VAL A 25 -5.92 0.57 2.27
CA VAL A 25 -6.20 1.51 1.20
C VAL A 25 -5.16 2.62 1.22
N PHE A 26 -4.82 3.11 2.42
CA PHE A 26 -4.00 4.29 2.55
C PHE A 26 -2.54 3.94 2.24
N ASN A 27 -2.09 2.71 2.52
CA ASN A 27 -0.70 2.38 2.22
C ASN A 27 -0.54 2.12 0.72
N VAL A 28 -1.58 1.61 0.06
CA VAL A 28 -1.52 1.31 -1.37
C VAL A 28 -1.21 2.63 -2.08
N PHE A 29 -2.01 3.67 -1.88
CA PHE A 29 -1.65 4.98 -2.43
C PHE A 29 -0.55 5.77 -1.72
N CYS A 30 -0.05 5.28 -0.58
CA CYS A 30 1.03 5.93 0.13
C CYS A 30 2.35 5.73 -0.62
N LEU A 31 2.51 4.59 -1.30
CA LEU A 31 3.71 4.35 -2.08
C LEU A 31 3.87 5.38 -3.20
N TYR A 32 2.80 6.09 -3.54
CA TYR A 32 2.81 7.13 -4.57
C TYR A 32 3.17 8.55 -4.14
N GLY A 33 3.36 8.80 -2.83
CA GLY A 33 3.72 10.13 -2.35
C GLY A 33 3.47 10.29 -0.85
N ASN A 34 3.85 11.45 -0.30
CA ASN A 34 3.69 11.71 1.12
C ASN A 34 2.22 11.85 1.51
N VAL A 35 1.85 11.20 2.62
CA VAL A 35 0.50 11.20 3.16
C VAL A 35 0.38 11.88 4.51
N GLU A 36 -0.85 12.19 4.93
CA GLU A 36 -1.08 12.81 6.23
C GLU A 36 -2.00 11.95 7.10
N LYS A 37 -3.27 11.77 6.69
CA LYS A 37 -4.24 11.02 7.50
C LYS A 37 -5.34 10.42 6.62
N VAL A 38 -6.12 9.51 7.21
CA VAL A 38 -7.21 8.79 6.54
C VAL A 38 -8.42 8.69 7.46
N LYS A 39 -9.63 8.64 6.86
CA LYS A 39 -10.88 8.64 7.61
C LYS A 39 -11.97 7.91 6.83
N PHE A 40 -12.60 6.92 7.46
CA PHE A 40 -13.75 6.23 6.89
C PHE A 40 -15.09 6.92 7.17
N MET A 41 -16.12 6.66 6.36
CA MET A 41 -17.41 7.32 6.57
C MET A 41 -18.58 6.35 6.43
N LYS A 42 -19.51 6.49 7.39
CA LYS A 42 -20.74 5.72 7.50
C LYS A 42 -21.84 6.23 6.55
N SER A 43 -21.59 7.34 5.85
CA SER A 43 -22.62 8.00 5.04
C SER A 43 -22.86 7.28 3.72
N LYS A 44 -22.08 6.23 3.44
CA LYS A 44 -22.18 5.43 2.22
C LYS A 44 -21.95 3.96 2.56
N PRO A 45 -22.42 3.02 1.72
CA PRO A 45 -22.28 1.60 1.96
C PRO A 45 -20.81 1.15 1.86
N GLY A 46 -19.93 2.02 1.36
CA GLY A 46 -18.50 1.74 1.30
C GLY A 46 -17.76 2.91 0.69
N ALA A 47 -17.26 3.83 1.53
CA ALA A 47 -16.52 4.99 1.08
C ALA A 47 -15.62 5.52 2.19
N ALA A 48 -14.65 6.35 1.81
CA ALA A 48 -13.70 6.95 2.75
C ALA A 48 -13.11 8.22 2.16
N MET A 49 -12.38 8.96 2.98
CA MET A 49 -11.72 10.20 2.59
C MET A 49 -10.28 10.17 3.08
N VAL A 50 -9.40 10.89 2.36
CA VAL A 50 -7.97 10.86 2.61
C VAL A 50 -7.34 12.25 2.52
N GLU A 51 -6.27 12.49 3.26
CA GLU A 51 -5.53 13.75 3.17
C GLU A 51 -4.05 13.45 2.97
N MET A 52 -3.45 14.12 1.99
CA MET A 52 -2.10 13.82 1.51
C MET A 52 -1.48 15.09 0.93
N ALA A 53 -0.21 15.02 0.55
CA ALA A 53 0.39 16.10 -0.23
C ALA A 53 -0.30 16.07 -1.58
N ASP A 54 -1.04 17.12 -1.92
CA ASP A 54 -1.94 17.02 -3.07
C ASP A 54 -1.26 17.00 -4.43
N GLY A 55 -0.14 17.70 -4.56
CA GLY A 55 0.58 17.78 -5.82
C GLY A 55 0.89 16.39 -6.35
N TYR A 56 2.02 15.82 -5.90
CA TYR A 56 2.44 14.53 -6.41
C TYR A 56 1.69 13.30 -5.91
N ALA A 57 1.11 13.35 -4.71
CA ALA A 57 0.47 12.16 -4.17
C ALA A 57 -0.98 12.04 -4.61
N VAL A 58 -1.73 13.14 -4.75
CA VAL A 58 -3.13 12.99 -5.15
C VAL A 58 -3.20 12.93 -6.67
N ASP A 59 -2.24 13.55 -7.37
CA ASP A 59 -2.18 13.44 -8.82
C ASP A 59 -1.89 12.02 -9.28
N ARG A 60 -0.83 11.40 -8.73
CA ARG A 60 -0.45 10.06 -9.16
C ARG A 60 -1.44 8.99 -8.70
N ALA A 61 -2.12 9.19 -7.56
CA ALA A 61 -3.14 8.24 -7.14
C ALA A 61 -4.33 8.27 -8.10
N ILE A 62 -4.62 9.45 -8.66
CA ILE A 62 -5.69 9.62 -9.64
C ILE A 62 -5.22 9.19 -11.03
N THR A 63 -3.91 9.07 -11.24
CA THR A 63 -3.35 8.64 -12.51
C THR A 63 -3.18 7.11 -12.61
N HIS A 64 -3.14 6.41 -11.48
CA HIS A 64 -2.76 5.01 -11.50
C HIS A 64 -3.72 4.01 -10.87
N LEU A 65 -4.53 4.38 -9.87
CA LEU A 65 -5.30 3.39 -9.12
C LEU A 65 -6.76 3.75 -8.88
N ASN A 66 -7.18 4.97 -9.19
CA ASN A 66 -8.47 5.47 -8.78
C ASN A 66 -9.72 4.88 -9.47
N ASN A 67 -10.49 3.93 -8.94
CA ASN A 67 -11.43 3.08 -9.71
C ASN A 67 -10.77 1.92 -10.45
N ASN A 68 -9.57 1.51 -10.02
CA ASN A 68 -9.02 0.23 -10.49
C ASN A 68 -9.72 -0.94 -9.80
N PHE A 69 -9.58 -2.14 -10.36
CA PHE A 69 -10.09 -3.36 -9.75
C PHE A 69 -9.24 -3.95 -8.63
N MET A 70 -9.88 -4.44 -7.55
CA MET A 70 -9.20 -5.01 -6.40
C MET A 70 -10.17 -5.89 -5.61
N PHE A 71 -9.69 -7.05 -5.15
CA PHE A 71 -10.53 -8.01 -4.41
C PHE A 71 -11.80 -8.51 -5.10
N GLY A 72 -11.82 -8.47 -6.44
CA GLY A 72 -12.99 -8.88 -7.22
C GLY A 72 -14.03 -7.77 -7.28
N GLN A 73 -13.66 -6.57 -6.81
CA GLN A 73 -14.53 -5.39 -6.77
C GLN A 73 -13.75 -4.18 -7.26
N LYS A 74 -14.29 -2.98 -7.08
CA LYS A 74 -13.65 -1.76 -7.55
C LYS A 74 -13.41 -0.78 -6.39
N MET A 75 -12.37 0.05 -6.53
CA MET A 75 -11.97 1.05 -5.54
C MET A 75 -11.86 2.41 -6.23
N ASN A 76 -13.01 3.02 -6.51
CA ASN A 76 -13.17 4.26 -7.27
C ASN A 76 -12.31 5.39 -6.71
N VAL A 77 -11.47 6.12 -7.49
CA VAL A 77 -10.94 7.33 -6.81
C VAL A 77 -11.13 8.66 -7.57
N CYS A 78 -11.24 9.76 -6.82
CA CYS A 78 -11.47 11.10 -7.34
C CYS A 78 -11.17 12.15 -6.26
N VAL A 79 -11.14 13.43 -6.62
CA VAL A 79 -10.85 14.53 -5.70
C VAL A 79 -12.01 14.85 -4.75
N SER A 80 -11.66 15.24 -3.51
CA SER A 80 -12.64 15.60 -2.49
C SER A 80 -13.05 17.08 -2.60
N LYS A 81 -14.08 17.48 -1.85
CA LYS A 81 -14.49 18.87 -1.75
C LYS A 81 -14.31 19.38 -0.32
N GLN A 82 -13.82 18.52 0.58
CA GLN A 82 -13.57 18.86 1.98
C GLN A 82 -12.30 19.71 2.12
N PRO A 83 -12.22 20.59 3.13
CA PRO A 83 -11.05 21.40 3.38
C PRO A 83 -9.94 20.58 4.04
N ALA A 84 -10.30 19.66 4.95
CA ALA A 84 -9.35 18.81 5.65
C ALA A 84 -10.09 17.73 6.42
N ILE A 85 -9.40 16.64 6.78
CA ILE A 85 -9.97 15.60 7.63
C ILE A 85 -9.92 16.05 9.08
N MET A 86 -10.94 15.70 9.87
CA MET A 86 -10.95 16.03 11.29
C MET A 86 -11.02 14.78 12.16
N PRO A 87 -10.14 14.67 13.17
CA PRO A 87 -10.16 13.60 14.15
C PRO A 87 -11.26 13.86 15.17
N GLY A 88 -11.55 12.87 16.03
CA GLY A 88 -12.56 13.02 17.06
C GLY A 88 -13.24 11.68 17.35
N GLN A 89 -14.57 11.66 17.22
CA GLN A 89 -15.37 10.48 17.48
C GLN A 89 -15.16 9.46 16.37
N SER A 90 -15.44 8.18 16.65
CA SER A 90 -15.27 7.10 15.69
C SER A 90 -16.25 5.97 15.99
N TYR A 91 -16.29 4.96 15.11
CA TYR A 91 -17.18 3.82 15.24
C TYR A 91 -16.48 2.47 15.04
N GLY A 92 -15.16 2.49 14.84
CA GLY A 92 -14.38 1.29 14.56
C GLY A 92 -14.54 0.84 13.11
N LEU A 93 -13.94 -0.31 12.79
CA LEU A 93 -13.96 -0.91 11.46
C LEU A 93 -14.03 -2.42 11.58
N GLU A 94 -14.34 -3.10 10.48
CA GLU A 94 -14.39 -4.56 10.48
C GLU A 94 -13.00 -5.16 10.66
N ASP A 95 -11.97 -4.46 10.17
CA ASP A 95 -10.57 -4.85 10.27
C ASP A 95 -9.67 -3.87 11.01
N GLY A 96 -10.28 -2.92 11.72
CA GLY A 96 -9.54 -1.89 12.45
C GLY A 96 -10.27 -1.46 13.72
N SER A 97 -9.55 -0.80 14.62
CA SER A 97 -10.08 -0.41 15.93
C SER A 97 -10.80 0.93 15.85
N CYS A 98 -10.33 1.83 14.98
CA CYS A 98 -10.93 3.15 14.80
C CYS A 98 -11.25 3.41 13.32
N SER A 99 -12.21 4.30 13.07
CA SER A 99 -12.55 4.72 11.71
C SER A 99 -11.55 5.74 11.19
N TYR A 100 -10.51 6.04 11.99
CA TYR A 100 -9.49 7.03 11.68
C TYR A 100 -8.06 6.59 11.97
N LYS A 101 -7.09 7.09 11.19
CA LYS A 101 -5.70 6.73 11.36
C LYS A 101 -4.78 7.85 10.88
N ASP A 102 -3.59 7.94 11.46
CA ASP A 102 -2.62 8.99 11.18
C ASP A 102 -1.27 8.49 10.68
N PHE A 103 -0.71 9.15 9.68
CA PHE A 103 0.57 8.83 9.05
C PHE A 103 1.54 10.00 8.91
N SER A 104 1.17 11.17 9.42
CA SER A 104 1.97 12.39 9.30
C SER A 104 3.28 12.28 10.07
N GLU A 105 3.41 11.32 10.98
CA GLU A 105 4.63 11.08 11.74
C GLU A 105 5.25 9.73 11.38
N SER A 106 4.64 8.99 10.46
CA SER A 106 5.10 7.67 10.06
C SER A 106 6.30 7.75 9.13
N ARG A 107 7.18 6.76 9.19
CA ARG A 107 8.34 6.67 8.31
C ARG A 107 7.95 6.06 6.96
N ASN A 108 6.71 5.57 6.83
CA ASN A 108 6.24 4.96 5.60
C ASN A 108 6.23 5.96 4.44
N ASN A 109 6.21 7.26 4.75
CA ASN A 109 6.24 8.30 3.74
C ASN A 109 7.54 8.21 2.95
N ARG A 110 7.43 7.86 1.66
CA ARG A 110 8.58 7.55 0.84
C ARG A 110 9.35 8.80 0.41
N PHE A 111 8.65 9.93 0.26
CA PHE A 111 9.26 11.20 -0.12
C PHE A 111 9.58 12.18 1.02
N SER A 112 9.51 11.69 2.26
CA SER A 112 9.68 12.52 3.45
C SER A 112 11.14 12.91 3.68
N THR A 113 12.09 12.25 3.00
CA THR A 113 13.51 12.50 3.17
C THR A 113 14.31 12.62 1.88
N PRO A 114 15.39 13.42 1.87
CA PRO A 114 16.20 13.65 0.69
C PRO A 114 17.03 12.42 0.32
N GLU A 115 17.34 11.55 1.29
CA GLU A 115 18.10 10.35 1.01
C GLU A 115 17.23 9.29 0.34
N GLN A 116 15.91 9.45 0.43
CA GLN A 116 14.98 8.59 -0.30
C GLN A 116 14.65 9.20 -1.66
N ALA A 117 14.35 10.51 -1.67
CA ALA A 117 13.94 11.20 -2.88
C ALA A 117 15.02 11.19 -3.96
N ALA A 118 16.28 10.93 -3.58
CA ALA A 118 17.38 10.86 -4.52
C ALA A 118 17.41 9.53 -5.28
N LYS A 119 16.81 8.48 -4.73
CA LYS A 119 16.82 7.16 -5.37
C LYS A 119 15.42 6.59 -5.59
N ASN A 120 14.37 7.31 -5.19
CA ASN A 120 13.00 6.85 -5.38
C ASN A 120 12.68 6.69 -6.86
N ARG A 121 11.69 5.86 -7.16
CA ARG A 121 11.27 5.57 -8.53
C ARG A 121 9.77 5.22 -8.51
N ILE A 122 9.04 5.72 -9.51
CA ILE A 122 7.60 5.56 -9.60
C ILE A 122 7.21 5.31 -11.06
N GLN A 123 6.27 4.38 -11.28
CA GLN A 123 5.80 4.00 -12.59
C GLN A 123 4.34 3.54 -12.52
N HIS A 124 3.74 3.29 -13.69
CA HIS A 124 2.39 2.76 -13.77
C HIS A 124 2.32 1.39 -13.09
N PRO A 125 1.15 0.99 -12.58
CA PRO A 125 0.96 -0.26 -11.89
C PRO A 125 1.14 -1.43 -12.86
N SER A 126 1.42 -2.61 -12.31
CA SER A 126 1.68 -3.80 -13.10
C SER A 126 1.40 -5.04 -12.26
N ASN A 127 1.54 -6.21 -12.86
CA ASN A 127 1.39 -7.47 -12.14
C ASN A 127 2.69 -7.83 -11.42
N VAL A 128 3.73 -7.01 -11.61
CA VAL A 128 5.02 -7.16 -10.93
C VAL A 128 5.06 -6.39 -9.61
N LEU A 129 5.73 -6.96 -8.60
CA LEU A 129 5.80 -6.35 -7.29
C LEU A 129 7.22 -6.46 -6.74
N HIS A 130 7.62 -5.48 -5.93
CA HIS A 130 8.96 -5.42 -5.35
C HIS A 130 8.85 -5.44 -3.83
N PHE A 131 9.86 -5.95 -3.14
CA PHE A 131 9.86 -5.98 -1.69
C PHE A 131 11.25 -5.76 -1.11
N PHE A 132 11.29 -5.34 0.16
CA PHE A 132 12.51 -5.08 0.89
C PHE A 132 12.12 -5.41 2.33
N ASN A 133 13.11 -5.51 3.23
CA ASN A 133 12.86 -5.94 4.60
C ASN A 133 12.19 -7.31 4.64
N ALA A 134 12.83 -8.32 4.04
CA ALA A 134 12.32 -9.67 4.00
C ALA A 134 13.38 -10.67 4.47
N PRO A 135 12.98 -11.81 5.05
CA PRO A 135 13.90 -12.85 5.51
C PRO A 135 14.83 -13.37 4.41
N LEU A 136 15.99 -13.88 4.81
CA LEU A 136 17.00 -14.40 3.88
C LEU A 136 16.54 -15.67 3.18
N GLU A 137 15.49 -16.32 3.70
CA GLU A 137 14.97 -17.57 3.14
C GLU A 137 13.49 -17.43 2.79
N VAL A 138 13.04 -16.20 2.53
CA VAL A 138 11.65 -15.87 2.27
C VAL A 138 11.09 -16.44 0.96
N THR A 139 11.95 -17.00 0.09
CA THR A 139 11.62 -17.30 -1.30
C THR A 139 10.38 -18.16 -1.47
N GLU A 140 10.00 -18.55 -2.69
CA GLU A 140 8.72 -19.19 -2.99
C GLU A 140 8.11 -20.01 -1.84
N GLU A 141 8.92 -20.68 -1.02
CA GLU A 141 8.45 -21.31 0.20
C GLU A 141 7.79 -20.34 1.21
N ASN A 142 8.34 -19.15 1.55
CA ASN A 142 7.69 -18.39 2.60
C ASN A 142 6.62 -17.54 1.94
N PHE A 143 6.81 -17.18 0.66
CA PHE A 143 5.77 -16.45 -0.04
C PHE A 143 4.49 -17.26 -0.28
N PHE A 144 4.64 -18.57 -0.46
CA PHE A 144 3.51 -19.45 -0.66
C PHE A 144 2.70 -19.76 0.60
N GLU A 145 3.38 -20.07 1.71
CA GLU A 145 2.65 -20.42 2.92
C GLU A 145 2.09 -19.18 3.62
N ILE A 146 2.68 -17.99 3.39
CA ILE A 146 2.15 -16.78 3.99
C ILE A 146 0.88 -16.34 3.26
N CYS A 147 0.88 -16.38 1.92
CA CYS A 147 -0.29 -15.98 1.16
C CYS A 147 -1.44 -16.96 1.39
N ASP A 148 -1.12 -18.25 1.45
CA ASP A 148 -2.14 -19.27 1.66
C ASP A 148 -2.73 -19.27 3.06
N GLU A 149 -2.00 -18.74 4.05
CA GLU A 149 -2.51 -18.60 5.40
C GLU A 149 -3.46 -17.41 5.50
N LEU A 150 -3.22 -16.38 4.69
CA LEU A 150 -4.06 -15.19 4.64
C LEU A 150 -5.24 -15.39 3.69
N GLY A 151 -5.29 -16.53 3.00
CA GLY A 151 -6.35 -16.85 2.05
C GLY A 151 -6.17 -16.14 0.71
N VAL A 152 -5.13 -15.30 0.59
CA VAL A 152 -4.82 -14.59 -0.64
C VAL A 152 -4.13 -15.50 -1.66
N LYS A 153 -4.35 -15.25 -2.95
CA LYS A 153 -3.72 -16.06 -3.99
C LYS A 153 -2.21 -15.83 -3.97
N ARG A 154 -1.44 -16.92 -4.04
CA ARG A 154 0.02 -16.85 -4.05
C ARG A 154 0.52 -16.39 -5.43
N PRO A 155 1.69 -15.75 -5.49
CA PRO A 155 2.25 -15.23 -6.72
C PRO A 155 2.60 -16.35 -7.70
N THR A 156 2.58 -16.03 -8.99
CA THR A 156 2.92 -16.97 -10.05
C THR A 156 4.42 -17.09 -10.32
N SER A 157 5.21 -16.13 -9.80
CA SER A 157 6.65 -16.17 -9.91
C SER A 157 7.29 -15.44 -8.73
N VAL A 158 8.53 -15.81 -8.40
CA VAL A 158 9.24 -15.28 -7.24
C VAL A 158 10.74 -15.19 -7.52
N LYS A 159 11.38 -14.16 -6.95
CA LYS A 159 12.83 -13.97 -7.03
C LYS A 159 13.33 -13.33 -5.75
N VAL A 160 14.54 -13.70 -5.32
CA VAL A 160 15.13 -13.20 -4.08
C VAL A 160 16.63 -13.04 -4.35
N PHE A 161 17.24 -12.01 -3.76
CA PHE A 161 18.65 -11.73 -3.92
C PHE A 161 19.32 -10.99 -2.76
N SER A 162 20.58 -10.60 -2.95
CA SER A 162 21.37 -9.86 -1.97
C SER A 162 22.19 -8.78 -2.66
N GLY A 163 22.96 -8.04 -1.85
CA GLY A 163 23.81 -6.94 -2.32
C GLY A 163 23.13 -5.58 -2.17
N LYS A 164 21.84 -5.57 -1.83
CA LYS A 164 21.11 -4.32 -1.58
C LYS A 164 21.24 -3.91 -0.12
N SER A 165 21.46 -4.89 0.76
CA SER A 165 21.66 -4.66 2.18
C SER A 165 22.23 -5.93 2.82
N GLU A 166 22.98 -5.78 3.91
CA GLU A 166 23.51 -6.91 4.67
C GLU A 166 22.59 -7.22 5.86
N ARG A 167 21.58 -6.37 6.11
CA ARG A 167 20.68 -6.51 7.25
C ARG A 167 19.41 -7.27 6.87
N SER A 168 19.01 -7.24 5.60
CA SER A 168 17.81 -7.91 5.17
C SER A 168 17.82 -8.15 3.66
N SER A 169 16.97 -9.07 3.18
CA SER A 169 16.89 -9.47 1.79
C SER A 169 15.91 -8.59 0.99
N SER A 170 15.91 -8.75 -0.33
CA SER A 170 15.06 -8.02 -1.25
C SER A 170 14.82 -8.87 -2.50
N GLY A 171 13.76 -8.59 -3.26
CA GLY A 171 13.44 -9.38 -4.44
C GLY A 171 12.15 -8.92 -5.13
N LEU A 172 11.73 -9.68 -6.14
CA LEU A 172 10.55 -9.36 -6.95
C LEU A 172 9.54 -10.49 -6.90
N LEU A 173 8.29 -10.17 -7.24
CA LEU A 173 7.16 -11.09 -7.29
C LEU A 173 6.32 -10.78 -8.53
N GLU A 174 5.46 -11.72 -8.94
CA GLU A 174 4.59 -11.50 -10.09
C GLU A 174 3.32 -12.33 -9.98
N TRP A 175 2.21 -11.78 -10.49
CA TRP A 175 0.90 -12.41 -10.50
C TRP A 175 0.32 -12.54 -11.92
N ASP A 176 -0.79 -13.26 -12.05
CA ASP A 176 -1.43 -13.51 -13.34
C ASP A 176 -2.21 -12.27 -13.82
N SER A 177 -2.34 -11.24 -12.96
CA SER A 177 -3.09 -10.04 -13.30
C SER A 177 -2.62 -8.84 -12.47
N LYS A 178 -2.91 -7.63 -12.96
CA LYS A 178 -2.53 -6.40 -12.29
C LYS A 178 -3.33 -6.22 -11.01
N SER A 179 -4.60 -6.66 -11.02
CA SER A 179 -5.46 -6.56 -9.85
C SER A 179 -5.08 -7.62 -8.82
N ASP A 180 -4.45 -8.71 -9.25
CA ASP A 180 -3.97 -9.75 -8.35
C ASP A 180 -2.76 -9.30 -7.54
N ALA A 181 -1.88 -8.50 -8.16
CA ALA A 181 -0.75 -7.93 -7.47
C ALA A 181 -1.19 -6.80 -6.54
N LEU A 182 -2.28 -6.11 -6.88
CA LEU A 182 -2.78 -4.99 -6.11
C LEU A 182 -3.50 -5.44 -4.85
N GLU A 183 -4.27 -6.54 -4.92
CA GLU A 183 -4.97 -7.03 -3.74
C GLU A 183 -3.97 -7.66 -2.77
N THR A 184 -2.95 -8.33 -3.30
CA THR A 184 -1.88 -8.84 -2.45
C THR A 184 -1.00 -7.75 -1.85
N LEU A 185 -1.00 -6.55 -2.45
CA LEU A 185 -0.32 -5.39 -1.90
C LEU A 185 -1.07 -4.97 -0.63
N GLY A 186 -2.40 -5.01 -0.67
CA GLY A 186 -3.23 -4.59 0.44
C GLY A 186 -3.04 -5.48 1.66
N PHE A 187 -2.91 -6.79 1.46
CA PHE A 187 -2.75 -7.73 2.57
C PHE A 187 -1.33 -8.03 3.07
N LEU A 188 -0.28 -7.72 2.30
CA LEU A 188 1.08 -8.09 2.68
C LEU A 188 1.98 -6.90 2.99
N ASN A 189 1.55 -5.66 2.71
CA ASN A 189 2.42 -4.52 3.01
C ASN A 189 2.47 -4.30 4.53
N HIS A 190 3.62 -3.83 5.02
CA HIS A 190 3.86 -3.56 6.42
C HIS A 190 3.65 -4.78 7.33
N TYR A 191 3.64 -5.98 6.74
CA TYR A 191 3.50 -7.21 7.49
C TYR A 191 4.69 -7.61 8.36
N GLN A 192 4.44 -8.09 9.57
CA GLN A 192 5.51 -8.40 10.52
C GLN A 192 6.25 -9.67 10.15
N MET A 193 7.60 -9.62 10.19
CA MET A 193 8.43 -10.80 9.96
C MET A 193 8.59 -11.62 11.22
N LYS A 194 8.81 -12.92 11.07
CA LYS A 194 9.14 -13.82 12.17
C LYS A 194 10.67 -13.87 12.33
N ASN A 195 11.14 -14.14 13.55
CA ASN A 195 12.56 -14.25 13.85
C ASN A 195 12.81 -15.48 14.72
N PRO A 196 13.96 -16.15 14.55
CA PRO A 196 14.30 -17.37 15.27
C PRO A 196 14.69 -17.09 16.73
N ASN A 197 15.14 -15.87 17.05
CA ASN A 197 15.56 -15.53 18.40
C ASN A 197 15.51 -14.01 18.63
N GLY A 198 14.91 -13.25 17.71
CA GLY A 198 14.85 -11.80 17.83
C GLY A 198 13.91 -11.38 18.96
N PRO A 199 14.20 -10.25 19.63
CA PRO A 199 13.40 -9.74 20.73
C PRO A 199 12.09 -9.14 20.21
N TYR A 200 12.07 -8.70 18.95
CA TYR A 200 10.89 -8.14 18.30
C TYR A 200 10.89 -8.24 16.78
N PRO A 201 9.70 -8.29 16.15
CA PRO A 201 9.56 -8.33 14.71
C PRO A 201 9.92 -6.99 14.07
N TYR A 202 10.20 -7.01 12.77
CA TYR A 202 10.46 -5.80 11.99
C TYR A 202 9.54 -5.98 10.79
N THR A 203 8.94 -4.88 10.31
CA THR A 203 7.98 -4.95 9.21
C THR A 203 8.57 -5.05 7.80
N LEU A 204 7.92 -5.88 6.98
CA LEU A 204 8.25 -6.04 5.57
C LEU A 204 7.52 -4.95 4.78
N LYS A 205 8.06 -4.55 3.64
CA LYS A 205 7.45 -3.52 2.81
C LYS A 205 7.50 -3.92 1.34
N LEU A 206 6.50 -3.48 0.57
CA LEU A 206 6.42 -3.79 -0.85
C LEU A 206 5.62 -2.73 -1.60
N CYS A 207 5.77 -2.72 -2.92
CA CYS A 207 5.15 -1.75 -3.80
C CYS A 207 5.26 -2.20 -5.26
N PHE A 208 4.58 -1.48 -6.17
CA PHE A 208 4.66 -1.79 -7.59
C PHE A 208 6.08 -1.78 -8.16
N SER A 209 6.48 -2.86 -8.83
CA SER A 209 7.87 -3.01 -9.23
C SER A 209 8.22 -2.26 -10.51
N THR A 210 9.48 -1.80 -10.58
CA THR A 210 10.07 -1.26 -11.80
C THR A 210 11.17 -2.13 -12.41
N ALA A 211 11.30 -3.36 -11.92
CA ALA A 211 12.29 -4.32 -12.39
C ALA A 211 11.96 -4.83 -13.79
N GLN A 212 12.92 -5.50 -14.42
CA GLN A 212 12.77 -5.98 -15.80
C GLN A 212 12.25 -7.42 -15.85
N HIS A 213 12.08 -8.07 -14.70
CA HIS A 213 11.59 -9.45 -14.62
C HIS A 213 11.30 -9.81 -13.16
N ALA A 214 10.82 -11.04 -12.94
CA ALA A 214 10.54 -11.54 -11.61
C ALA A 214 11.04 -12.97 -11.42
N SER A 215 12.00 -13.40 -12.25
CA SER A 215 12.60 -14.73 -12.16
C SER A 215 14.01 -14.72 -12.78
N TYR A 1 5.67 23.60 -10.44
CA TYR A 1 6.14 23.00 -11.70
C TYR A 1 5.22 21.92 -12.28
N GLY A 2 5.16 20.75 -11.63
CA GLY A 2 4.31 19.66 -12.06
C GLY A 2 2.84 19.95 -11.73
N PRO A 3 1.92 19.11 -12.24
CA PRO A 3 0.49 19.23 -12.00
C PRO A 3 0.14 18.88 -10.56
N HIS A 4 -1.06 19.24 -10.13
CA HIS A 4 -1.53 18.98 -8.78
C HIS A 4 -3.06 18.90 -8.73
N ALA A 5 -3.58 18.25 -7.69
CA ALA A 5 -5.01 18.10 -7.48
C ALA A 5 -5.63 19.38 -6.91
N ASP A 6 -6.96 19.47 -6.97
CA ASP A 6 -7.71 20.64 -6.51
C ASP A 6 -7.84 20.78 -4.99
N SER A 7 -7.41 19.78 -4.22
CA SER A 7 -7.49 19.81 -2.77
C SER A 7 -6.48 18.86 -2.13
N PRO A 8 -5.95 19.19 -0.94
CA PRO A 8 -5.11 18.31 -0.15
C PRO A 8 -5.82 17.00 0.21
N VAL A 9 -7.13 16.97 0.02
CA VAL A 9 -7.96 15.81 0.37
C VAL A 9 -8.31 14.96 -0.85
N LEU A 10 -8.53 13.66 -0.63
CA LEU A 10 -8.85 12.68 -1.64
C LEU A 10 -10.06 11.88 -1.16
N MET A 11 -10.85 11.32 -2.08
CA MET A 11 -12.08 10.62 -1.73
C MET A 11 -12.23 9.34 -2.53
N VAL A 12 -12.47 8.22 -1.85
CA VAL A 12 -12.56 6.90 -2.46
C VAL A 12 -13.92 6.28 -2.12
N TYR A 13 -14.40 5.39 -2.99
CA TYR A 13 -15.69 4.73 -2.82
C TYR A 13 -15.46 3.29 -3.30
N GLY A 14 -16.49 2.44 -3.12
CA GLY A 14 -16.45 1.05 -3.56
C GLY A 14 -15.79 0.13 -2.54
N LEU A 15 -15.52 0.65 -1.33
CA LEU A 15 -14.88 -0.11 -0.26
C LEU A 15 -15.87 -1.06 0.43
N ASP A 16 -16.90 -1.52 -0.30
CA ASP A 16 -17.98 -2.32 0.27
C ASP A 16 -17.53 -3.69 0.77
N GLN A 17 -16.47 -4.25 0.19
CA GLN A 17 -15.96 -5.56 0.57
C GLN A 17 -15.16 -5.49 1.87
N SER A 18 -15.18 -6.58 2.64
CA SER A 18 -14.55 -6.66 3.95
C SER A 18 -13.02 -6.59 3.87
N LYS A 19 -12.45 -6.77 2.69
CA LYS A 19 -11.00 -6.75 2.50
C LYS A 19 -10.42 -5.35 2.68
N MET A 20 -11.24 -4.30 2.63
CA MET A 20 -10.75 -2.94 2.74
C MET A 20 -10.60 -2.51 4.19
N ASN A 21 -9.62 -1.65 4.47
CA ASN A 21 -9.38 -1.12 5.81
C ASN A 21 -8.53 0.14 5.69
N CYS A 22 -8.56 0.99 6.72
CA CYS A 22 -7.84 2.26 6.73
C CYS A 22 -6.37 2.03 6.43
N ASP A 23 -5.79 0.97 7.01
CA ASP A 23 -4.38 0.67 6.81
C ASP A 23 -4.06 0.20 5.40
N ARG A 24 -4.94 -0.61 4.81
CA ARG A 24 -4.68 -1.22 3.51
C ARG A 24 -4.83 -0.22 2.37
N VAL A 25 -5.92 0.57 2.38
CA VAL A 25 -6.22 1.50 1.30
C VAL A 25 -5.19 2.63 1.32
N PHE A 26 -4.84 3.10 2.51
CA PHE A 26 -4.05 4.32 2.62
C PHE A 26 -2.60 3.97 2.28
N ASN A 27 -2.12 2.74 2.55
CA ASN A 27 -0.75 2.41 2.21
C ASN A 27 -0.63 2.14 0.71
N VAL A 28 -1.71 1.66 0.07
CA VAL A 28 -1.72 1.37 -1.35
C VAL A 28 -1.36 2.67 -2.05
N PHE A 29 -2.12 3.74 -1.84
CA PHE A 29 -1.72 5.03 -2.38
C PHE A 29 -0.60 5.80 -1.68
N CYS A 30 -0.10 5.29 -0.54
CA CYS A 30 0.98 5.95 0.18
C CYS A 30 2.30 5.77 -0.53
N LEU A 31 2.52 4.60 -1.16
CA LEU A 31 3.77 4.32 -1.85
C LEU A 31 4.03 5.32 -2.98
N TYR A 32 3.02 6.11 -3.35
CA TYR A 32 3.14 7.11 -4.40
C TYR A 32 3.61 8.50 -3.99
N GLY A 33 3.73 8.78 -2.68
CA GLY A 33 4.11 10.10 -2.21
C GLY A 33 4.09 10.22 -0.69
N ASN A 34 3.80 11.42 -0.17
CA ASN A 34 3.71 11.67 1.26
C ASN A 34 2.26 11.84 1.69
N VAL A 35 1.87 11.13 2.75
CA VAL A 35 0.51 11.11 3.27
C VAL A 35 0.36 11.72 4.65
N GLU A 36 -0.89 12.01 5.05
CA GLU A 36 -1.16 12.62 6.35
C GLU A 36 -2.23 11.88 7.15
N LYS A 37 -3.42 11.63 6.58
CA LYS A 37 -4.53 11.03 7.32
C LYS A 37 -5.50 10.24 6.44
N VAL A 38 -6.35 9.43 7.08
CA VAL A 38 -7.40 8.66 6.42
C VAL A 38 -8.61 8.57 7.35
N LYS A 39 -9.82 8.54 6.80
CA LYS A 39 -11.06 8.57 7.56
C LYS A 39 -12.20 7.88 6.82
N PHE A 40 -12.71 6.78 7.38
CA PHE A 40 -13.84 6.04 6.82
C PHE A 40 -15.22 6.66 7.05
N MET A 41 -16.20 6.30 6.21
CA MET A 41 -17.54 6.87 6.29
C MET A 41 -18.59 5.82 6.67
N LYS A 42 -19.29 6.06 7.78
CA LYS A 42 -20.43 5.25 8.18
C LYS A 42 -21.69 5.63 7.41
N SER A 43 -21.66 6.77 6.71
CA SER A 43 -22.80 7.27 5.95
C SER A 43 -22.91 6.61 4.57
N LYS A 44 -21.99 5.68 4.27
CA LYS A 44 -21.92 4.99 2.98
C LYS A 44 -21.59 3.51 3.23
N PRO A 45 -21.93 2.63 2.28
CA PRO A 45 -21.63 1.21 2.37
C PRO A 45 -20.12 0.95 2.29
N GLY A 46 -19.35 1.93 1.80
CA GLY A 46 -17.90 1.84 1.73
C GLY A 46 -17.32 3.06 1.03
N ALA A 47 -16.80 4.00 1.82
CA ALA A 47 -16.18 5.22 1.32
C ALA A 47 -15.25 5.79 2.38
N ALA A 48 -14.30 6.63 1.98
CA ALA A 48 -13.36 7.22 2.91
C ALA A 48 -12.71 8.48 2.34
N MET A 49 -12.39 9.42 3.23
CA MET A 49 -11.60 10.59 2.93
C MET A 49 -10.14 10.31 3.27
N VAL A 50 -9.23 11.02 2.61
CA VAL A 50 -7.79 10.82 2.78
C VAL A 50 -7.14 12.19 2.63
N GLU A 51 -6.00 12.40 3.30
CA GLU A 51 -5.30 13.67 3.21
C GLU A 51 -3.81 13.40 2.99
N MET A 52 -3.21 14.15 2.07
CA MET A 52 -1.83 13.94 1.63
C MET A 52 -1.34 15.16 0.84
N ALA A 53 -0.07 15.17 0.47
CA ALA A 53 0.46 16.21 -0.40
C ALA A 53 -0.25 16.09 -1.75
N ASP A 54 -0.95 17.14 -2.18
CA ASP A 54 -1.85 17.01 -3.31
C ASP A 54 -1.16 16.88 -4.66
N GLY A 55 -0.01 17.53 -4.82
CA GLY A 55 0.74 17.51 -6.07
C GLY A 55 1.02 16.07 -6.48
N TYR A 56 2.11 15.51 -5.98
CA TYR A 56 2.52 14.17 -6.38
C TYR A 56 1.66 13.01 -5.88
N ALA A 57 1.06 13.13 -4.69
CA ALA A 57 0.36 11.97 -4.14
C ALA A 57 -1.08 11.87 -4.66
N VAL A 58 -1.80 12.99 -4.86
CA VAL A 58 -3.17 12.88 -5.32
C VAL A 58 -3.20 12.74 -6.83
N ASP A 59 -2.21 13.29 -7.55
CA ASP A 59 -2.16 13.08 -8.99
C ASP A 59 -1.84 11.63 -9.37
N ARG A 60 -0.83 11.04 -8.74
CA ARG A 60 -0.48 9.65 -9.01
C ARG A 60 -1.63 8.72 -8.68
N ALA A 61 -2.35 8.97 -7.57
CA ALA A 61 -3.45 8.12 -7.18
C ALA A 61 -4.58 8.19 -8.22
N ILE A 62 -4.84 9.39 -8.74
CA ILE A 62 -5.88 9.62 -9.74
C ILE A 62 -5.41 9.18 -11.14
N THR A 63 -4.13 8.84 -11.30
CA THR A 63 -3.58 8.38 -12.55
C THR A 63 -3.39 6.86 -12.62
N HIS A 64 -3.36 6.16 -11.48
CA HIS A 64 -2.94 4.76 -11.49
C HIS A 64 -3.90 3.75 -10.84
N LEU A 65 -4.69 4.13 -9.83
CA LEU A 65 -5.47 3.13 -9.10
C LEU A 65 -6.93 3.53 -8.85
N ASN A 66 -7.28 4.78 -9.09
CA ASN A 66 -8.55 5.33 -8.67
C ASN A 66 -9.78 4.83 -9.44
N ASN A 67 -10.60 3.89 -8.97
CA ASN A 67 -11.54 3.11 -9.81
C ASN A 67 -10.86 1.99 -10.61
N ASN A 68 -9.68 1.54 -10.19
CA ASN A 68 -9.10 0.32 -10.76
C ASN A 68 -9.62 -0.89 -9.98
N PHE A 69 -9.50 -2.09 -10.56
CA PHE A 69 -9.98 -3.31 -9.92
C PHE A 69 -9.13 -3.87 -8.81
N MET A 70 -9.76 -4.34 -7.73
CA MET A 70 -9.07 -4.87 -6.55
C MET A 70 -10.03 -5.76 -5.77
N PHE A 71 -9.53 -6.91 -5.29
CA PHE A 71 -10.34 -7.85 -4.53
C PHE A 71 -11.61 -8.39 -5.20
N GLY A 72 -11.63 -8.41 -6.53
CA GLY A 72 -12.79 -8.85 -7.28
C GLY A 72 -13.86 -7.75 -7.33
N GLN A 73 -13.50 -6.55 -6.88
CA GLN A 73 -14.38 -5.39 -6.81
C GLN A 73 -13.59 -4.17 -7.32
N LYS A 74 -14.09 -2.96 -7.04
CA LYS A 74 -13.46 -1.74 -7.52
C LYS A 74 -13.24 -0.74 -6.39
N MET A 75 -12.16 0.03 -6.48
CA MET A 75 -11.80 1.05 -5.50
C MET A 75 -11.76 2.42 -6.17
N ASN A 76 -12.94 2.97 -6.45
CA ASN A 76 -13.16 4.21 -7.21
C ASN A 76 -12.35 5.38 -6.66
N VAL A 77 -11.49 6.10 -7.45
CA VAL A 77 -10.99 7.33 -6.80
C VAL A 77 -11.13 8.63 -7.59
N CYS A 78 -11.27 9.73 -6.85
CA CYS A 78 -11.42 11.07 -7.37
C CYS A 78 -11.04 12.06 -6.25
N VAL A 79 -10.95 13.35 -6.56
CA VAL A 79 -10.61 14.36 -5.56
C VAL A 79 -11.74 14.63 -4.57
N SER A 80 -11.37 14.95 -3.32
CA SER A 80 -12.34 15.29 -2.28
C SER A 80 -12.77 16.74 -2.39
N LYS A 81 -13.95 17.07 -1.86
CA LYS A 81 -14.46 18.43 -1.87
C LYS A 81 -14.15 19.15 -0.56
N GLN A 82 -13.73 18.41 0.46
CA GLN A 82 -13.45 18.97 1.77
C GLN A 82 -12.04 19.56 1.85
N PRO A 83 -11.84 20.54 2.75
CA PRO A 83 -10.55 21.20 2.93
C PRO A 83 -9.57 20.34 3.71
N ALA A 84 -10.04 19.57 4.69
CA ALA A 84 -9.18 18.76 5.54
C ALA A 84 -9.98 17.75 6.36
N ILE A 85 -9.31 16.69 6.83
CA ILE A 85 -9.89 15.71 7.74
C ILE A 85 -9.78 16.24 9.17
N MET A 86 -10.72 15.87 10.05
CA MET A 86 -10.61 16.20 11.46
C MET A 86 -10.71 14.95 12.34
N PRO A 87 -9.77 14.77 13.27
CA PRO A 87 -9.77 13.66 14.22
C PRO A 87 -10.78 13.89 15.34
N GLY A 88 -11.09 12.82 16.09
CA GLY A 88 -11.98 12.91 17.23
C GLY A 88 -12.77 11.62 17.39
N GLN A 89 -14.07 11.67 17.09
CA GLN A 89 -14.95 10.52 17.22
C GLN A 89 -14.65 9.51 16.12
N SER A 90 -15.12 8.27 16.30
CA SER A 90 -14.90 7.19 15.35
C SER A 90 -15.89 6.06 15.59
N TYR A 91 -15.85 5.03 14.75
CA TYR A 91 -16.71 3.86 14.88
C TYR A 91 -15.87 2.65 14.44
N GLY A 92 -16.33 1.45 14.80
CA GLY A 92 -15.59 0.22 14.56
C GLY A 92 -15.61 -0.21 13.09
N LEU A 93 -14.68 -1.10 12.73
CA LEU A 93 -14.54 -1.63 11.38
C LEU A 93 -14.56 -3.16 11.41
N GLU A 94 -14.63 -3.79 10.23
CA GLU A 94 -14.63 -5.24 10.14
C GLU A 94 -13.27 -5.81 10.54
N ASP A 95 -12.20 -5.02 10.35
CA ASP A 95 -10.82 -5.41 10.66
C ASP A 95 -10.12 -4.52 11.69
N GLY A 96 -10.88 -3.66 12.37
CA GLY A 96 -10.33 -2.73 13.35
C GLY A 96 -11.39 -2.18 14.28
N SER A 97 -11.03 -1.19 15.09
CA SER A 97 -11.92 -0.61 16.08
C SER A 97 -12.05 0.91 15.93
N CYS A 98 -11.23 1.52 15.06
CA CYS A 98 -11.30 2.95 14.78
C CYS A 98 -11.43 3.19 13.28
N SER A 99 -12.28 4.15 12.89
CA SER A 99 -12.50 4.52 11.51
C SER A 99 -11.47 5.55 11.03
N TYR A 100 -10.44 5.80 11.84
CA TYR A 100 -9.42 6.79 11.56
C TYR A 100 -7.98 6.38 11.88
N LYS A 101 -7.01 6.93 11.16
CA LYS A 101 -5.60 6.62 11.36
C LYS A 101 -4.73 7.81 10.94
N ASP A 102 -3.62 8.02 11.64
CA ASP A 102 -2.72 9.13 11.41
C ASP A 102 -1.37 8.70 10.84
N PHE A 103 -0.83 9.48 9.89
CA PHE A 103 0.46 9.26 9.25
C PHE A 103 1.42 10.44 9.29
N SER A 104 1.04 11.52 9.98
CA SER A 104 1.85 12.73 10.07
C SER A 104 3.14 12.47 10.84
N GLU A 105 3.17 11.41 11.65
CA GLU A 105 4.36 11.03 12.41
C GLU A 105 4.93 9.69 11.94
N SER A 106 4.31 9.09 10.91
CA SER A 106 4.73 7.80 10.39
C SER A 106 5.96 7.94 9.51
N ARG A 107 6.83 6.91 9.52
CA ARG A 107 8.04 6.89 8.71
C ARG A 107 7.79 6.24 7.35
N ASN A 108 6.60 5.64 7.16
CA ASN A 108 6.24 4.95 5.93
C ASN A 108 6.28 5.88 4.72
N ASN A 109 6.18 7.20 4.95
CA ASN A 109 6.20 8.19 3.89
C ASN A 109 7.50 8.07 3.11
N ARG A 110 7.39 7.72 1.82
CA ARG A 110 8.55 7.40 0.99
C ARG A 110 9.31 8.66 0.58
N PHE A 111 8.61 9.77 0.38
CA PHE A 111 9.20 11.03 -0.05
C PHE A 111 9.53 12.02 1.07
N SER A 112 9.57 11.52 2.32
CA SER A 112 9.76 12.36 3.49
C SER A 112 11.17 12.94 3.62
N THR A 113 12.13 12.47 2.82
CA THR A 113 13.49 12.99 2.84
C THR A 113 14.14 13.21 1.48
N PRO A 114 15.05 14.18 1.35
CA PRO A 114 15.77 14.44 0.12
C PRO A 114 16.67 13.27 -0.26
N GLU A 115 17.09 12.47 0.73
CA GLU A 115 17.97 11.34 0.50
C GLU A 115 17.21 10.18 -0.12
N GLN A 116 15.91 10.08 0.17
CA GLN A 116 15.05 9.09 -0.46
C GLN A 116 14.60 9.55 -1.84
N ALA A 117 14.16 10.81 -1.95
CA ALA A 117 13.60 11.34 -3.18
C ALA A 117 14.63 11.36 -4.31
N ALA A 118 15.92 11.23 -3.98
CA ALA A 118 16.98 11.20 -4.98
C ALA A 118 17.09 9.82 -5.63
N LYS A 119 16.55 8.77 -4.98
CA LYS A 119 16.60 7.41 -5.50
C LYS A 119 15.23 6.77 -5.64
N ASN A 120 14.16 7.46 -5.25
CA ASN A 120 12.80 6.94 -5.41
C ASN A 120 12.47 6.82 -6.90
N ARG A 121 11.46 5.98 -7.21
CA ARG A 121 11.06 5.73 -8.58
C ARG A 121 9.58 5.37 -8.62
N ILE A 122 8.90 5.77 -9.69
CA ILE A 122 7.46 5.60 -9.85
C ILE A 122 7.15 5.21 -11.29
N GLN A 123 6.20 4.29 -11.47
CA GLN A 123 5.75 3.82 -12.77
C GLN A 123 4.29 3.40 -12.69
N HIS A 124 3.64 3.21 -13.84
CA HIS A 124 2.27 2.72 -13.88
C HIS A 124 2.22 1.32 -13.29
N PRO A 125 1.21 0.99 -12.49
CA PRO A 125 1.10 -0.28 -11.81
C PRO A 125 1.02 -1.44 -12.81
N SER A 126 1.51 -2.59 -12.37
CA SER A 126 1.63 -3.78 -13.20
C SER A 126 1.45 -5.02 -12.34
N ASN A 127 1.65 -6.20 -12.93
CA ASN A 127 1.51 -7.46 -12.22
C ASN A 127 2.79 -7.80 -11.47
N VAL A 128 3.78 -6.89 -11.47
CA VAL A 128 5.04 -7.07 -10.78
C VAL A 128 5.13 -6.27 -9.48
N LEU A 129 5.67 -6.88 -8.42
CA LEU A 129 5.91 -6.20 -7.15
C LEU A 129 7.39 -6.34 -6.77
N HIS A 130 7.87 -5.41 -5.96
CA HIS A 130 9.22 -5.39 -5.44
C HIS A 130 9.16 -5.39 -3.92
N PHE A 131 10.09 -6.07 -3.24
CA PHE A 131 10.07 -6.15 -1.79
C PHE A 131 11.46 -5.95 -1.21
N PHE A 132 11.49 -5.56 0.07
CA PHE A 132 12.72 -5.27 0.80
C PHE A 132 12.36 -5.58 2.25
N ASN A 133 13.37 -5.64 3.13
CA ASN A 133 13.18 -6.04 4.51
C ASN A 133 12.58 -7.43 4.61
N ALA A 134 13.24 -8.44 4.02
CA ALA A 134 12.76 -9.81 4.06
C ALA A 134 13.93 -10.80 4.21
N PRO A 135 13.96 -11.60 5.30
CA PRO A 135 14.95 -12.63 5.52
C PRO A 135 15.09 -13.62 4.35
N LEU A 136 16.21 -14.34 4.32
CA LEU A 136 16.53 -15.28 3.25
C LEU A 136 15.60 -16.49 3.27
N GLU A 137 14.89 -16.73 4.37
CA GLU A 137 14.08 -17.93 4.52
C GLU A 137 12.62 -17.73 4.11
N VAL A 138 12.24 -16.51 3.71
CA VAL A 138 10.84 -16.25 3.37
C VAL A 138 10.40 -16.73 1.99
N THR A 139 11.35 -17.12 1.13
CA THR A 139 11.09 -17.36 -0.29
C THR A 139 9.96 -18.37 -0.52
N GLU A 140 9.63 -18.65 -1.79
CA GLU A 140 8.67 -19.64 -2.25
C GLU A 140 7.78 -20.21 -1.13
N GLU A 141 8.38 -20.99 -0.23
CA GLU A 141 7.74 -21.58 0.93
C GLU A 141 7.02 -20.58 1.86
N ASN A 142 7.62 -19.44 2.27
CA ASN A 142 6.90 -18.61 3.22
C ASN A 142 6.03 -17.68 2.39
N PHE A 143 6.41 -17.43 1.13
CA PHE A 143 5.52 -16.65 0.28
C PHE A 143 4.17 -17.31 0.05
N PHE A 144 4.17 -18.64 -0.15
CA PHE A 144 2.96 -19.38 -0.39
C PHE A 144 2.05 -19.57 0.81
N GLU A 145 2.62 -19.92 1.98
CA GLU A 145 1.78 -20.18 3.15
C GLU A 145 1.30 -18.88 3.79
N ILE A 146 1.95 -17.74 3.50
CA ILE A 146 1.46 -16.45 3.96
C ILE A 146 0.26 -16.03 3.11
N CYS A 147 0.30 -16.29 1.80
CA CYS A 147 -0.83 -15.97 0.94
C CYS A 147 -2.04 -16.85 1.30
N ASP A 148 -1.80 -18.12 1.62
CA ASP A 148 -2.87 -19.04 1.99
C ASP A 148 -3.52 -18.72 3.34
N GLU A 149 -2.76 -18.12 4.27
CA GLU A 149 -3.29 -17.75 5.57
C GLU A 149 -4.18 -16.52 5.47
N LEU A 150 -3.94 -15.68 4.46
CA LEU A 150 -4.70 -14.45 4.23
C LEU A 150 -5.81 -14.67 3.19
N GLY A 151 -5.89 -15.89 2.63
CA GLY A 151 -6.90 -16.25 1.65
C GLY A 151 -6.64 -15.67 0.26
N VAL A 152 -5.55 -14.92 0.10
CA VAL A 152 -5.17 -14.33 -1.18
C VAL A 152 -4.55 -15.35 -2.13
N LYS A 153 -4.71 -15.14 -3.44
CA LYS A 153 -4.14 -16.05 -4.43
C LYS A 153 -2.61 -15.98 -4.40
N ARG A 154 -1.96 -17.10 -4.73
CA ARG A 154 -0.51 -17.19 -4.78
C ARG A 154 0.05 -16.45 -6.00
N PRO A 155 1.30 -15.97 -5.93
CA PRO A 155 1.99 -15.34 -7.03
C PRO A 155 2.34 -16.38 -8.10
N THR A 156 2.54 -15.92 -9.33
CA THR A 156 2.93 -16.77 -10.45
C THR A 156 4.44 -16.94 -10.62
N SER A 157 5.22 -16.05 -9.99
CA SER A 157 6.69 -16.17 -10.02
C SER A 157 7.31 -15.47 -8.81
N VAL A 158 8.56 -15.86 -8.49
CA VAL A 158 9.31 -15.36 -7.35
C VAL A 158 10.78 -15.22 -7.72
N LYS A 159 11.45 -14.20 -7.17
CA LYS A 159 12.89 -13.99 -7.37
C LYS A 159 13.48 -13.33 -6.14
N VAL A 160 14.70 -13.75 -5.75
CA VAL A 160 15.38 -13.22 -4.58
C VAL A 160 16.88 -13.02 -4.82
N PHE A 161 17.44 -11.96 -4.23
CA PHE A 161 18.85 -11.64 -4.36
C PHE A 161 19.42 -10.81 -3.21
N SER A 162 20.67 -10.35 -3.38
CA SER A 162 21.37 -9.56 -2.38
C SER A 162 22.20 -8.47 -3.08
N GLY A 163 23.04 -7.77 -2.30
CA GLY A 163 23.88 -6.69 -2.81
C GLY A 163 23.29 -5.31 -2.51
N LYS A 164 22.26 -5.25 -1.66
CA LYS A 164 21.61 -3.98 -1.31
C LYS A 164 21.54 -3.76 0.20
N SER A 165 21.71 -4.81 1.00
CA SER A 165 21.67 -4.71 2.45
C SER A 165 22.28 -5.94 3.10
N GLU A 166 22.83 -5.78 4.31
CA GLU A 166 23.37 -6.89 5.08
C GLU A 166 22.35 -7.39 6.10
N ARG A 167 21.22 -6.69 6.24
CA ARG A 167 20.16 -7.04 7.18
C ARG A 167 19.29 -8.18 6.65
N SER A 168 18.95 -8.11 5.36
CA SER A 168 18.01 -9.04 4.76
C SER A 168 18.09 -8.99 3.24
N SER A 169 17.36 -9.90 2.58
CA SER A 169 17.34 -10.01 1.13
C SER A 169 16.35 -9.02 0.52
N SER A 170 16.30 -9.01 -0.81
CA SER A 170 15.35 -8.22 -1.58
C SER A 170 15.08 -8.96 -2.89
N GLY A 171 14.00 -8.60 -3.60
CA GLY A 171 13.66 -9.29 -4.82
C GLY A 171 12.33 -8.84 -5.42
N LEU A 172 11.87 -9.58 -6.43
CA LEU A 172 10.65 -9.27 -7.16
C LEU A 172 9.65 -10.42 -7.04
N LEU A 173 8.38 -10.11 -7.30
CA LEU A 173 7.27 -11.06 -7.29
C LEU A 173 6.36 -10.74 -8.48
N GLU A 174 5.55 -11.70 -8.93
CA GLU A 174 4.70 -11.48 -10.09
C GLU A 174 3.40 -12.28 -10.01
N TRP A 175 2.34 -11.73 -10.59
CA TRP A 175 1.00 -12.31 -10.64
C TRP A 175 0.45 -12.40 -12.05
N ASP A 176 -0.73 -13.01 -12.22
CA ASP A 176 -1.35 -13.18 -13.53
C ASP A 176 -1.99 -11.87 -14.01
N SER A 177 -2.12 -10.88 -13.12
CA SER A 177 -2.73 -9.60 -13.46
C SER A 177 -2.29 -8.51 -12.49
N LYS A 178 -2.42 -7.24 -12.87
CA LYS A 178 -2.05 -6.13 -12.01
C LYS A 178 -3.09 -5.93 -10.91
N SER A 179 -4.33 -6.42 -11.11
CA SER A 179 -5.34 -6.38 -10.06
C SER A 179 -5.07 -7.49 -9.04
N ASP A 180 -4.39 -8.56 -9.47
CA ASP A 180 -3.95 -9.63 -8.58
C ASP A 180 -2.75 -9.20 -7.74
N ALA A 181 -1.88 -8.35 -8.31
CA ALA A 181 -0.75 -7.80 -7.59
C ALA A 181 -1.22 -6.70 -6.65
N LEU A 182 -2.30 -5.99 -7.01
CA LEU A 182 -2.81 -4.89 -6.20
C LEU A 182 -3.47 -5.41 -4.92
N GLU A 183 -4.21 -6.51 -5.00
CA GLU A 183 -4.88 -7.04 -3.82
C GLU A 183 -3.85 -7.68 -2.89
N THR A 184 -2.85 -8.38 -3.46
CA THR A 184 -1.79 -8.96 -2.66
C THR A 184 -0.82 -7.94 -2.07
N LEU A 185 -0.69 -6.78 -2.73
CA LEU A 185 0.07 -5.65 -2.22
C LEU A 185 -0.67 -5.10 -1.00
N GLY A 186 -2.01 -5.09 -1.07
CA GLY A 186 -2.84 -4.59 0.01
C GLY A 186 -2.76 -5.46 1.27
N PHE A 187 -2.51 -6.76 1.10
CA PHE A 187 -2.39 -7.69 2.22
C PHE A 187 -0.98 -8.08 2.70
N LEU A 188 0.08 -7.69 1.98
CA LEU A 188 1.44 -8.06 2.39
C LEU A 188 2.32 -6.85 2.69
N ASN A 189 1.89 -5.63 2.42
CA ASN A 189 2.72 -4.47 2.74
C ASN A 189 2.74 -4.28 4.25
N HIS A 190 3.87 -3.83 4.80
CA HIS A 190 4.05 -3.60 6.23
C HIS A 190 3.81 -4.87 7.05
N TYR A 191 3.94 -6.04 6.42
CA TYR A 191 3.74 -7.33 7.08
C TYR A 191 4.71 -7.62 8.22
N GLN A 192 4.20 -8.12 9.36
CA GLN A 192 5.04 -8.37 10.53
C GLN A 192 5.76 -9.71 10.39
N MET A 193 7.09 -9.68 10.42
CA MET A 193 7.92 -10.87 10.24
C MET A 193 8.34 -11.49 11.56
N LYS A 194 8.58 -12.81 11.54
CA LYS A 194 9.20 -13.53 12.64
C LYS A 194 10.65 -13.06 12.79
N ASN A 195 11.27 -13.32 13.94
CA ASN A 195 12.64 -12.89 14.19
C ASN A 195 13.34 -13.85 15.16
N PRO A 196 14.45 -14.47 14.76
CA PRO A 196 15.23 -15.35 15.62
C PRO A 196 16.14 -14.56 16.57
N ASN A 197 16.35 -13.27 16.30
CA ASN A 197 17.26 -12.44 17.09
C ASN A 197 16.59 -11.89 18.35
N GLY A 198 15.26 -11.99 18.45
CA GLY A 198 14.52 -11.48 19.58
C GLY A 198 13.01 -11.58 19.36
N PRO A 199 12.22 -11.26 20.39
CA PRO A 199 10.76 -11.35 20.34
C PRO A 199 10.16 -10.25 19.46
N TYR A 200 10.92 -9.18 19.19
CA TYR A 200 10.48 -8.08 18.36
C TYR A 200 10.53 -8.32 16.85
N PRO A 201 9.45 -8.03 16.12
CA PRO A 201 9.39 -8.18 14.67
C PRO A 201 9.99 -6.96 13.98
N TYR A 202 10.20 -7.09 12.66
CA TYR A 202 10.58 -5.97 11.79
C TYR A 202 9.58 -6.09 10.64
N THR A 203 9.11 -4.94 10.13
CA THR A 203 8.12 -4.93 9.06
C THR A 203 8.69 -5.13 7.66
N LEU A 204 8.07 -6.04 6.89
CA LEU A 204 8.37 -6.27 5.50
C LEU A 204 7.70 -5.17 4.68
N LYS A 205 8.29 -4.78 3.55
CA LYS A 205 7.68 -3.75 2.72
C LYS A 205 7.75 -4.14 1.24
N LEU A 206 6.73 -3.73 0.49
CA LEU A 206 6.68 -3.97 -0.94
C LEU A 206 5.77 -2.95 -1.62
N CYS A 207 5.96 -2.79 -2.93
CA CYS A 207 5.23 -1.84 -3.75
C CYS A 207 5.33 -2.23 -5.23
N PHE A 208 4.63 -1.51 -6.11
CA PHE A 208 4.66 -1.79 -7.54
C PHE A 208 6.07 -1.71 -8.14
N SER A 209 6.50 -2.80 -8.80
CA SER A 209 7.87 -2.89 -9.25
C SER A 209 8.15 -2.13 -10.55
N THR A 210 9.39 -1.64 -10.68
CA THR A 210 9.92 -1.08 -11.90
C THR A 210 11.01 -1.91 -12.58
N ALA A 211 11.20 -3.15 -12.09
CA ALA A 211 12.21 -4.08 -12.60
C ALA A 211 11.87 -4.54 -14.01
N GLN A 212 12.86 -5.14 -14.70
CA GLN A 212 12.70 -5.61 -16.06
C GLN A 212 12.27 -7.07 -16.12
N HIS A 213 12.17 -7.73 -14.96
CA HIS A 213 11.73 -9.12 -14.86
C HIS A 213 11.51 -9.49 -13.39
N ALA A 214 11.04 -10.72 -13.14
CA ALA A 214 10.77 -11.21 -11.79
C ALA A 214 11.07 -12.71 -11.68
N SER A 215 12.02 -13.20 -12.48
CA SER A 215 12.39 -14.61 -12.52
C SER A 215 13.90 -14.79 -12.44
N TYR A 1 7.85 21.13 -12.17
CA TYR A 1 6.96 20.07 -11.66
C TYR A 1 5.72 19.80 -12.49
N GLY A 2 5.15 18.60 -12.35
CA GLY A 2 3.94 18.20 -13.07
C GLY A 2 2.69 18.84 -12.47
N PRO A 3 1.51 18.49 -13.02
CA PRO A 3 0.21 18.97 -12.57
C PRO A 3 -0.05 18.67 -11.09
N HIS A 4 -1.12 19.25 -10.54
CA HIS A 4 -1.49 19.08 -9.14
C HIS A 4 -3.00 19.15 -8.97
N ALA A 5 -3.51 18.48 -7.94
CA ALA A 5 -4.93 18.46 -7.62
C ALA A 5 -5.34 19.75 -6.91
N ASP A 6 -6.65 20.04 -6.89
CA ASP A 6 -7.20 21.24 -6.27
C ASP A 6 -7.40 21.16 -4.75
N SER A 7 -7.08 20.01 -4.15
CA SER A 7 -7.21 19.82 -2.71
C SER A 7 -6.29 18.71 -2.22
N PRO A 8 -5.74 18.84 -1.01
CA PRO A 8 -4.91 17.81 -0.39
C PRO A 8 -5.76 16.61 0.01
N VAL A 9 -7.08 16.77 0.07
CA VAL A 9 -7.99 15.70 0.42
C VAL A 9 -8.45 14.89 -0.79
N LEU A 10 -8.76 13.61 -0.58
CA LEU A 10 -9.14 12.69 -1.64
C LEU A 10 -10.23 11.73 -1.14
N MET A 11 -11.06 11.22 -2.05
CA MET A 11 -12.17 10.33 -1.71
C MET A 11 -12.03 8.98 -2.39
N VAL A 12 -12.51 7.92 -1.73
CA VAL A 12 -12.51 6.58 -2.29
C VAL A 12 -13.83 5.91 -1.91
N TYR A 13 -14.33 5.05 -2.80
CA TYR A 13 -15.62 4.39 -2.61
C TYR A 13 -15.43 2.98 -3.18
N GLY A 14 -16.45 2.13 -2.99
CA GLY A 14 -16.41 0.75 -3.46
C GLY A 14 -15.81 -0.18 -2.41
N LEU A 15 -15.68 0.30 -1.18
CA LEU A 15 -15.15 -0.48 -0.06
C LEU A 15 -16.16 -1.49 0.46
N ASP A 16 -17.02 -2.01 -0.43
CA ASP A 16 -18.12 -2.90 -0.10
C ASP A 16 -17.74 -4.31 0.35
N GLN A 17 -16.47 -4.53 0.69
CA GLN A 17 -15.95 -5.84 1.07
C GLN A 17 -15.02 -5.73 2.27
N SER A 18 -14.99 -6.77 3.09
CA SER A 18 -14.21 -6.81 4.32
C SER A 18 -12.70 -6.86 4.05
N LYS A 19 -12.31 -7.14 2.80
CA LYS A 19 -10.92 -7.23 2.40
C LYS A 19 -10.21 -5.88 2.47
N MET A 20 -10.98 -4.78 2.44
CA MET A 20 -10.39 -3.44 2.45
C MET A 20 -10.33 -2.90 3.87
N ASN A 21 -9.32 -2.08 4.15
CA ASN A 21 -9.09 -1.49 5.46
C ASN A 21 -8.24 -0.23 5.29
N CYS A 22 -8.35 0.71 6.24
CA CYS A 22 -7.66 1.99 6.14
C CYS A 22 -6.15 1.81 6.06
N ASP A 23 -5.61 0.76 6.68
CA ASP A 23 -4.18 0.48 6.59
C ASP A 23 -3.77 0.00 5.20
N ARG A 24 -4.57 -0.88 4.60
CA ARG A 24 -4.23 -1.49 3.32
C ARG A 24 -4.45 -0.53 2.15
N VAL A 25 -5.56 0.22 2.18
CA VAL A 25 -5.92 1.11 1.10
C VAL A 25 -4.94 2.28 1.07
N PHE A 26 -4.61 2.82 2.25
CA PHE A 26 -3.83 4.04 2.32
C PHE A 26 -2.36 3.77 2.01
N ASN A 27 -1.83 2.58 2.31
CA ASN A 27 -0.43 2.30 1.99
C ASN A 27 -0.29 2.04 0.49
N VAL A 28 -1.33 1.47 -0.14
CA VAL A 28 -1.30 1.16 -1.56
C VAL A 28 -1.07 2.49 -2.28
N PHE A 29 -1.89 3.51 -2.05
CA PHE A 29 -1.59 4.81 -2.62
C PHE A 29 -0.51 5.65 -1.95
N CYS A 30 0.04 5.18 -0.81
CA CYS A 30 1.11 5.89 -0.12
C CYS A 30 2.41 5.78 -0.90
N LEU A 31 2.65 4.64 -1.55
CA LEU A 31 3.87 4.48 -2.34
C LEU A 31 3.97 5.51 -3.48
N TYR A 32 2.87 6.21 -3.79
CA TYR A 32 2.81 7.21 -4.83
C TYR A 32 3.14 8.66 -4.46
N GLY A 33 3.40 8.97 -3.17
CA GLY A 33 3.72 10.33 -2.77
C GLY A 33 3.70 10.53 -1.26
N ASN A 34 3.88 11.77 -0.82
CA ASN A 34 3.87 12.13 0.60
C ASN A 34 2.43 12.14 1.12
N VAL A 35 2.19 11.46 2.23
CA VAL A 35 0.87 11.28 2.83
C VAL A 35 0.66 11.95 4.18
N GLU A 36 -0.61 12.07 4.62
CA GLU A 36 -0.92 12.61 5.93
C GLU A 36 -1.89 11.71 6.71
N LYS A 37 -3.10 11.48 6.19
CA LYS A 37 -4.14 10.80 6.96
C LYS A 37 -5.09 9.98 6.09
N VAL A 38 -5.86 9.09 6.74
CA VAL A 38 -6.94 8.33 6.13
C VAL A 38 -8.06 8.18 7.15
N LYS A 39 -9.32 8.19 6.70
CA LYS A 39 -10.46 8.09 7.61
C LYS A 39 -11.68 7.49 6.92
N PHE A 40 -12.18 6.38 7.45
CA PHE A 40 -13.41 5.75 6.98
C PHE A 40 -14.68 6.46 7.45
N MET A 41 -15.84 6.14 6.88
CA MET A 41 -17.07 6.78 7.30
C MET A 41 -18.27 5.83 7.31
N LYS A 42 -19.09 5.95 8.36
CA LYS A 42 -20.32 5.20 8.55
C LYS A 42 -21.48 5.77 7.72
N SER A 43 -21.26 6.91 7.06
CA SER A 43 -22.29 7.60 6.28
C SER A 43 -22.53 6.92 4.94
N LYS A 44 -21.73 5.91 4.61
CA LYS A 44 -21.81 5.19 3.34
C LYS A 44 -21.57 3.70 3.57
N PRO A 45 -22.07 2.83 2.68
CA PRO A 45 -21.90 1.39 2.79
C PRO A 45 -20.45 0.97 2.56
N GLY A 46 -19.62 1.87 2.03
CA GLY A 46 -18.21 1.59 1.81
C GLY A 46 -17.52 2.79 1.17
N ALA A 47 -17.05 3.72 1.99
CA ALA A 47 -16.35 4.91 1.53
C ALA A 47 -15.36 5.42 2.58
N ALA A 48 -14.40 6.24 2.15
CA ALA A 48 -13.41 6.80 3.05
C ALA A 48 -12.81 8.07 2.44
N MET A 49 -12.03 8.79 3.25
CA MET A 49 -11.34 10.00 2.84
C MET A 49 -9.86 9.84 3.12
N VAL A 50 -9.04 10.61 2.41
CA VAL A 50 -7.58 10.56 2.52
C VAL A 50 -7.00 11.96 2.41
N GLU A 51 -5.84 12.20 3.03
CA GLU A 51 -5.16 13.48 2.92
C GLU A 51 -3.68 13.25 2.60
N MET A 52 -3.17 13.98 1.61
CA MET A 52 -1.84 13.76 1.07
C MET A 52 -1.33 15.07 0.45
N ALA A 53 -0.07 15.10 0.04
CA ALA A 53 0.45 16.22 -0.73
C ALA A 53 -0.30 16.18 -2.06
N ASP A 54 -0.92 17.30 -2.46
CA ASP A 54 -1.83 17.24 -3.59
C ASP A 54 -1.17 17.08 -4.94
N GLY A 55 0.00 17.69 -5.10
CA GLY A 55 0.74 17.65 -6.35
C GLY A 55 0.97 16.22 -6.81
N TYR A 56 2.07 15.62 -6.37
CA TYR A 56 2.41 14.28 -6.80
C TYR A 56 1.57 13.13 -6.26
N ALA A 57 0.97 13.28 -5.06
CA ALA A 57 0.27 12.15 -4.48
C ALA A 57 -1.19 12.09 -4.94
N VAL A 58 -1.87 13.23 -5.13
CA VAL A 58 -3.27 13.14 -5.53
C VAL A 58 -3.35 13.01 -7.04
N ASP A 59 -2.37 13.54 -7.77
CA ASP A 59 -2.34 13.39 -9.22
C ASP A 59 -2.06 11.94 -9.61
N ARG A 60 -0.99 11.35 -9.08
CA ARG A 60 -0.62 9.99 -9.48
C ARG A 60 -1.60 8.94 -8.98
N ALA A 61 -2.26 9.17 -7.84
CA ALA A 61 -3.25 8.23 -7.36
C ALA A 61 -4.47 8.24 -8.29
N ILE A 62 -4.82 9.42 -8.82
CA ILE A 62 -5.93 9.57 -9.76
C ILE A 62 -5.52 9.17 -11.17
N THR A 63 -4.22 8.93 -11.39
CA THR A 63 -3.71 8.50 -12.68
C THR A 63 -3.50 6.99 -12.79
N HIS A 64 -3.38 6.26 -11.66
CA HIS A 64 -2.95 4.87 -11.74
C HIS A 64 -3.85 3.84 -11.05
N LEU A 65 -4.62 4.18 -10.01
CA LEU A 65 -5.34 3.16 -9.26
C LEU A 65 -6.80 3.50 -8.95
N ASN A 66 -7.22 4.73 -9.22
CA ASN A 66 -8.50 5.24 -8.75
C ASN A 66 -9.76 4.65 -9.42
N ASN A 67 -10.52 3.70 -8.88
CA ASN A 67 -11.45 2.82 -9.64
C ASN A 67 -10.76 1.69 -10.41
N ASN A 68 -9.55 1.28 -10.01
CA ASN A 68 -8.98 0.05 -10.55
C ASN A 68 -9.63 -1.17 -9.88
N PHE A 69 -9.48 -2.34 -10.51
CA PHE A 69 -9.90 -3.60 -9.94
C PHE A 69 -9.10 -4.06 -8.73
N MET A 70 -9.77 -4.55 -7.68
CA MET A 70 -9.12 -5.03 -6.47
C MET A 70 -10.05 -5.99 -5.73
N PHE A 71 -9.47 -7.05 -5.14
CA PHE A 71 -10.22 -8.04 -4.38
C PHE A 71 -11.31 -8.81 -5.14
N GLY A 72 -11.29 -8.75 -6.48
CA GLY A 72 -12.31 -9.37 -7.32
C GLY A 72 -13.49 -8.44 -7.58
N GLN A 73 -13.35 -7.17 -7.18
CA GLN A 73 -14.36 -6.13 -7.38
C GLN A 73 -13.66 -4.86 -7.87
N LYS A 74 -14.38 -3.74 -7.94
CA LYS A 74 -13.79 -2.47 -8.35
C LYS A 74 -14.10 -1.37 -7.35
N MET A 75 -13.09 -0.56 -7.01
CA MET A 75 -13.24 0.57 -6.11
C MET A 75 -13.49 1.84 -6.93
N ASN A 76 -13.10 3.01 -6.42
CA ASN A 76 -13.21 4.25 -7.18
C ASN A 76 -12.28 5.31 -6.61
N VAL A 77 -11.41 6.00 -7.40
CA VAL A 77 -10.81 7.16 -6.71
C VAL A 77 -11.00 8.51 -7.42
N CYS A 78 -11.16 9.57 -6.62
CA CYS A 78 -11.44 10.92 -7.10
C CYS A 78 -11.10 11.94 -6.01
N VAL A 79 -10.99 13.22 -6.35
CA VAL A 79 -10.63 14.27 -5.40
C VAL A 79 -11.77 14.67 -4.45
N SER A 80 -11.41 15.13 -3.25
CA SER A 80 -12.36 15.53 -2.22
C SER A 80 -12.64 17.02 -2.26
N LYS A 81 -13.79 17.42 -1.70
CA LYS A 81 -14.16 18.83 -1.57
C LYS A 81 -13.80 19.36 -0.18
N GLN A 82 -13.38 18.47 0.73
CA GLN A 82 -13.02 18.82 2.09
C GLN A 82 -11.70 19.60 2.11
N PRO A 83 -11.53 20.53 3.06
CA PRO A 83 -10.30 21.28 3.22
C PRO A 83 -9.23 20.45 3.93
N ALA A 84 -9.65 19.57 4.84
CA ALA A 84 -8.74 18.72 5.61
C ALA A 84 -9.53 17.64 6.36
N ILE A 85 -8.85 16.54 6.73
CA ILE A 85 -9.46 15.52 7.57
C ILE A 85 -9.36 15.95 9.03
N MET A 86 -10.47 15.81 9.77
CA MET A 86 -10.50 16.15 11.18
C MET A 86 -10.33 14.90 12.06
N PRO A 87 -9.41 14.94 13.02
CA PRO A 87 -9.26 13.89 14.02
C PRO A 87 -10.37 14.01 15.05
N GLY A 88 -10.64 12.95 15.82
CA GLY A 88 -11.68 12.98 16.83
C GLY A 88 -12.26 11.60 17.08
N GLN A 89 -13.60 11.52 17.03
CA GLN A 89 -14.32 10.28 17.30
C GLN A 89 -14.15 9.28 16.15
N SER A 90 -14.62 8.05 16.37
CA SER A 90 -14.56 6.97 15.39
C SER A 90 -15.66 5.96 15.68
N TYR A 91 -15.87 5.01 14.77
CA TYR A 91 -16.90 3.99 14.93
C TYR A 91 -16.28 2.59 14.71
N GLY A 92 -14.96 2.52 14.53
CA GLY A 92 -14.27 1.26 14.33
C GLY A 92 -14.44 0.72 12.91
N LEU A 93 -13.98 -0.53 12.70
CA LEU A 93 -14.01 -1.20 11.41
C LEU A 93 -14.32 -2.68 11.62
N GLU A 94 -14.63 -3.39 10.52
CA GLU A 94 -14.87 -4.82 10.60
C GLU A 94 -13.55 -5.58 10.75
N ASP A 95 -12.45 -4.97 10.31
CA ASP A 95 -11.11 -5.54 10.42
C ASP A 95 -10.18 -4.65 11.24
N GLY A 96 -10.74 -3.76 12.07
CA GLY A 96 -9.94 -2.83 12.85
C GLY A 96 -10.72 -2.24 14.02
N SER A 97 -10.00 -1.59 14.94
CA SER A 97 -10.59 -1.03 16.15
C SER A 97 -10.99 0.44 15.97
N CYS A 98 -10.31 1.16 15.06
CA CYS A 98 -10.57 2.56 14.81
C CYS A 98 -10.80 2.79 13.31
N SER A 99 -11.65 3.76 12.96
CA SER A 99 -11.95 4.12 11.59
C SER A 99 -10.99 5.20 11.08
N TYR A 100 -9.96 5.53 11.87
CA TYR A 100 -8.99 6.58 11.56
C TYR A 100 -7.54 6.21 11.80
N LYS A 101 -6.64 6.74 10.95
CA LYS A 101 -5.21 6.44 11.04
C LYS A 101 -4.39 7.56 10.39
N ASP A 102 -3.16 7.76 10.87
CA ASP A 102 -2.24 8.75 10.35
C ASP A 102 -0.84 8.16 10.11
N PHE A 103 -0.29 8.39 8.91
CA PHE A 103 0.97 7.78 8.50
C PHE A 103 2.26 8.53 8.83
N SER A 104 2.15 9.79 9.24
CA SER A 104 3.31 10.61 9.55
C SER A 104 4.00 10.09 10.82
N GLU A 105 3.22 9.51 11.73
CA GLU A 105 3.74 8.92 12.95
C GLU A 105 4.33 7.53 12.68
N SER A 106 3.97 6.91 11.56
CA SER A 106 4.45 5.59 11.19
C SER A 106 5.68 5.66 10.29
N ARG A 107 6.09 6.88 9.89
CA ARG A 107 7.24 7.11 9.02
C ARG A 107 7.07 6.48 7.63
N ASN A 108 5.90 5.87 7.35
CA ASN A 108 5.66 5.16 6.11
C ASN A 108 5.79 6.05 4.87
N ASN A 109 5.77 7.37 5.06
CA ASN A 109 5.85 8.33 3.98
C ASN A 109 7.12 8.12 3.17
N ARG A 110 6.97 7.88 1.87
CA ARG A 110 8.11 7.63 0.99
C ARG A 110 8.79 8.92 0.55
N PHE A 111 8.00 10.00 0.37
CA PHE A 111 8.50 11.29 -0.08
C PHE A 111 8.78 12.35 1.00
N SER A 112 8.75 11.96 2.28
CA SER A 112 8.86 12.90 3.39
C SER A 112 10.26 13.50 3.55
N THR A 113 11.26 12.97 2.85
CA THR A 113 12.63 13.48 2.93
C THR A 113 13.36 13.64 1.61
N PRO A 114 14.27 14.61 1.49
CA PRO A 114 15.07 14.82 0.30
C PRO A 114 16.01 13.63 0.03
N GLU A 115 16.36 12.88 1.08
CA GLU A 115 17.26 11.75 0.96
C GLU A 115 16.55 10.56 0.30
N GLN A 116 15.23 10.48 0.44
CA GLN A 116 14.43 9.47 -0.23
C GLN A 116 14.01 9.95 -1.61
N ALA A 117 13.58 11.20 -1.71
CA ALA A 117 13.07 11.75 -2.96
C ALA A 117 14.13 11.78 -4.05
N ALA A 118 15.42 11.70 -3.68
CA ALA A 118 16.51 11.71 -4.63
C ALA A 118 16.75 10.32 -5.23
N LYS A 119 16.25 9.26 -4.59
CA LYS A 119 16.46 7.89 -5.06
C LYS A 119 15.14 7.14 -5.29
N ASN A 120 14.00 7.75 -4.94
CA ASN A 120 12.70 7.12 -5.17
C ASN A 120 12.45 6.94 -6.67
N ARG A 121 11.55 6.02 -7.00
CA ARG A 121 11.21 5.72 -8.38
C ARG A 121 9.75 5.27 -8.46
N ILE A 122 9.09 5.63 -9.56
CA ILE A 122 7.67 5.39 -9.78
C ILE A 122 7.47 4.90 -11.20
N GLN A 123 6.40 4.11 -11.43
CA GLN A 123 6.11 3.54 -12.73
C GLN A 123 4.61 3.25 -12.83
N HIS A 124 4.11 3.07 -14.05
CA HIS A 124 2.72 2.70 -14.29
C HIS A 124 2.41 1.39 -13.56
N PRO A 125 1.14 1.17 -13.18
CA PRO A 125 0.74 -0.01 -12.43
C PRO A 125 0.97 -1.26 -13.27
N SER A 126 1.39 -2.34 -12.62
CA SER A 126 1.79 -3.56 -13.30
C SER A 126 1.58 -4.77 -12.38
N ASN A 127 1.75 -5.97 -12.93
CA ASN A 127 1.56 -7.20 -12.15
C ASN A 127 2.84 -7.54 -11.37
N VAL A 128 3.87 -6.69 -11.46
CA VAL A 128 5.13 -6.87 -10.74
C VAL A 128 5.20 -6.04 -9.46
N LEU A 129 5.72 -6.64 -8.38
CA LEU A 129 5.96 -5.93 -7.13
C LEU A 129 7.42 -6.10 -6.71
N HIS A 130 7.91 -5.16 -5.90
CA HIS A 130 9.27 -5.17 -5.39
C HIS A 130 9.21 -5.08 -3.87
N PHE A 131 9.97 -5.94 -3.17
CA PHE A 131 9.96 -5.95 -1.72
C PHE A 131 11.35 -5.68 -1.15
N PHE A 132 11.39 -5.28 0.11
CA PHE A 132 12.64 -4.96 0.79
C PHE A 132 12.39 -5.34 2.25
N ASN A 133 13.48 -5.67 2.95
CA ASN A 133 13.45 -6.16 4.32
C ASN A 133 12.56 -7.40 4.45
N ALA A 134 12.88 -8.46 3.69
CA ALA A 134 12.17 -9.72 3.77
C ALA A 134 13.10 -10.82 4.31
N PRO A 135 12.56 -11.86 4.96
CA PRO A 135 13.36 -12.93 5.56
C PRO A 135 14.25 -13.64 4.54
N LEU A 136 15.36 -14.21 5.01
CA LEU A 136 16.36 -14.85 4.17
C LEU A 136 15.83 -16.14 3.54
N GLU A 137 14.73 -16.69 4.05
CA GLU A 137 14.13 -17.93 3.57
C GLU A 137 12.68 -17.72 3.14
N VAL A 138 12.34 -16.47 2.78
CA VAL A 138 10.97 -16.08 2.44
C VAL A 138 10.43 -16.70 1.15
N THR A 139 11.27 -17.37 0.36
CA THR A 139 10.98 -17.74 -1.03
C THR A 139 9.68 -18.52 -1.21
N GLU A 140 9.33 -18.96 -2.42
CA GLU A 140 8.00 -19.49 -2.72
C GLU A 140 7.30 -20.20 -1.55
N GLU A 141 8.04 -20.87 -0.66
CA GLU A 141 7.49 -21.40 0.57
C GLU A 141 6.90 -20.34 1.52
N ASN A 142 7.53 -19.19 1.81
CA ASN A 142 6.94 -18.34 2.83
C ASN A 142 5.93 -17.46 2.12
N PHE A 143 6.18 -17.13 0.85
CA PHE A 143 5.21 -16.35 0.09
C PHE A 143 3.87 -17.03 -0.08
N PHE A 144 3.88 -18.37 -0.19
CA PHE A 144 2.66 -19.14 -0.32
C PHE A 144 1.88 -19.32 0.97
N GLU A 145 2.55 -19.61 2.08
CA GLU A 145 1.85 -19.81 3.34
C GLU A 145 1.47 -18.47 3.99
N ILE A 146 2.13 -17.37 3.61
CA ILE A 146 1.75 -16.05 4.12
C ILE A 146 0.46 -15.58 3.43
N CYS A 147 0.36 -15.73 2.12
CA CYS A 147 -0.84 -15.33 1.40
C CYS A 147 -2.04 -16.15 1.85
N ASP A 148 -1.82 -17.43 2.17
CA ASP A 148 -2.87 -18.31 2.64
C ASP A 148 -3.41 -17.89 4.01
N GLU A 149 -2.51 -17.43 4.89
CA GLU A 149 -2.87 -16.99 6.22
C GLU A 149 -3.58 -15.65 6.19
N LEU A 150 -3.24 -14.79 5.22
CA LEU A 150 -3.85 -13.48 5.07
C LEU A 150 -5.17 -13.54 4.30
N GLY A 151 -5.54 -14.72 3.79
CA GLY A 151 -6.80 -14.90 3.08
C GLY A 151 -6.77 -14.23 1.71
N VAL A 152 -5.61 -14.21 1.07
CA VAL A 152 -5.39 -13.55 -0.21
C VAL A 152 -4.67 -14.45 -1.22
N LYS A 153 -4.80 -14.11 -2.51
CA LYS A 153 -4.20 -14.89 -3.60
C LYS A 153 -2.67 -14.84 -3.55
N ARG A 154 -2.04 -15.92 -4.00
CA ARG A 154 -0.58 -16.07 -4.00
C ARG A 154 0.02 -15.56 -5.32
N PRO A 155 1.31 -15.19 -5.32
CA PRO A 155 2.03 -14.79 -6.52
C PRO A 155 2.24 -15.98 -7.45
N THR A 156 2.53 -15.69 -8.72
CA THR A 156 2.83 -16.69 -9.74
C THR A 156 4.31 -16.91 -9.99
N SER A 157 5.14 -15.95 -9.57
CA SER A 157 6.59 -16.04 -9.69
C SER A 157 7.28 -15.29 -8.55
N VAL A 158 8.53 -15.68 -8.25
CA VAL A 158 9.29 -15.14 -7.14
C VAL A 158 10.77 -15.02 -7.50
N LYS A 159 11.44 -14.02 -6.93
CA LYS A 159 12.88 -13.82 -7.07
C LYS A 159 13.43 -13.21 -5.79
N VAL A 160 14.63 -13.63 -5.37
CA VAL A 160 15.26 -13.14 -4.15
C VAL A 160 16.76 -12.92 -4.32
N PHE A 161 17.29 -11.87 -3.69
CA PHE A 161 18.70 -11.52 -3.78
C PHE A 161 19.25 -10.69 -2.62
N SER A 162 20.52 -10.29 -2.73
CA SER A 162 21.22 -9.47 -1.75
C SER A 162 22.13 -8.48 -2.48
N GLY A 163 23.00 -7.80 -1.73
CA GLY A 163 23.95 -6.85 -2.30
C GLY A 163 23.41 -5.42 -2.31
N LYS A 164 22.26 -5.18 -1.64
CA LYS A 164 21.66 -3.86 -1.55
C LYS A 164 21.08 -3.60 -0.15
N SER A 165 21.39 -4.49 0.80
CA SER A 165 20.98 -4.35 2.19
C SER A 165 21.90 -5.19 3.07
N GLU A 166 21.99 -4.85 4.35
CA GLU A 166 22.81 -5.58 5.31
C GLU A 166 21.94 -6.20 6.41
N ARG A 167 20.64 -5.90 6.41
CA ARG A 167 19.70 -6.42 7.40
C ARG A 167 19.08 -7.74 6.98
N SER A 168 18.55 -7.80 5.75
CA SER A 168 17.88 -8.98 5.24
C SER A 168 17.70 -8.89 3.72
N SER A 169 17.11 -9.93 3.13
CA SER A 169 16.96 -10.07 1.69
C SER A 169 15.97 -9.09 1.07
N SER A 170 15.99 -9.03 -0.27
CA SER A 170 15.12 -8.21 -1.10
C SER A 170 14.86 -8.96 -2.41
N GLY A 171 13.85 -8.56 -3.18
CA GLY A 171 13.53 -9.27 -4.40
C GLY A 171 12.25 -8.77 -5.08
N LEU A 172 11.82 -9.49 -6.12
CA LEU A 172 10.65 -9.15 -6.92
C LEU A 172 9.61 -10.27 -6.85
N LEU A 173 8.36 -9.92 -7.18
CA LEU A 173 7.23 -10.84 -7.20
C LEU A 173 6.36 -10.52 -8.42
N GLU A 174 5.55 -11.48 -8.87
CA GLU A 174 4.67 -11.26 -10.01
C GLU A 174 3.39 -12.09 -9.89
N TRP A 175 2.30 -11.60 -10.50
CA TRP A 175 0.99 -12.21 -10.46
C TRP A 175 0.38 -12.40 -11.86
N ASP A 176 -0.71 -13.18 -11.94
CA ASP A 176 -1.41 -13.44 -13.19
C ASP A 176 -2.17 -12.26 -13.79
N SER A 177 -2.28 -11.15 -13.06
CA SER A 177 -3.00 -9.98 -13.52
C SER A 177 -2.54 -8.72 -12.77
N LYS A 178 -2.82 -7.55 -13.34
CA LYS A 178 -2.47 -6.27 -12.74
C LYS A 178 -3.26 -6.06 -11.45
N SER A 179 -4.51 -6.54 -11.42
CA SER A 179 -5.37 -6.40 -10.25
C SER A 179 -5.01 -7.44 -9.18
N ASP A 180 -4.42 -8.56 -9.60
CA ASP A 180 -3.96 -9.57 -8.65
C ASP A 180 -2.77 -9.10 -7.83
N ALA A 181 -1.89 -8.32 -8.44
CA ALA A 181 -0.74 -7.77 -7.75
C ALA A 181 -1.19 -6.64 -6.82
N LEU A 182 -2.17 -5.83 -7.25
CA LEU A 182 -2.67 -4.71 -6.45
C LEU A 182 -3.34 -5.20 -5.18
N GLU A 183 -4.09 -6.29 -5.29
CA GLU A 183 -4.75 -6.91 -4.15
C GLU A 183 -3.73 -7.46 -3.15
N THR A 184 -2.74 -8.18 -3.67
CA THR A 184 -1.69 -8.73 -2.84
C THR A 184 -0.70 -7.71 -2.29
N LEU A 185 -0.64 -6.53 -2.92
CA LEU A 185 0.15 -5.41 -2.43
C LEU A 185 -0.47 -4.95 -1.12
N GLY A 186 -1.81 -4.84 -1.09
CA GLY A 186 -2.53 -4.38 0.08
C GLY A 186 -2.29 -5.30 1.26
N PHE A 187 -2.37 -6.62 1.05
CA PHE A 187 -2.10 -7.56 2.14
C PHE A 187 -0.65 -7.84 2.55
N LEU A 188 0.32 -7.79 1.63
CA LEU A 188 1.70 -8.11 1.99
C LEU A 188 2.50 -6.89 2.43
N ASN A 189 2.06 -5.67 2.11
CA ASN A 189 2.83 -4.50 2.50
C ASN A 189 2.66 -4.25 4.00
N HIS A 190 3.73 -3.75 4.63
CA HIS A 190 3.79 -3.45 6.06
C HIS A 190 3.47 -4.66 6.94
N TYR A 191 3.44 -5.86 6.36
CA TYR A 191 3.19 -7.09 7.10
C TYR A 191 4.33 -7.55 8.01
N GLN A 192 4.01 -8.01 9.22
CA GLN A 192 5.02 -8.38 10.20
C GLN A 192 5.74 -9.67 9.80
N MET A 193 7.07 -9.66 9.89
CA MET A 193 7.89 -10.84 9.64
C MET A 193 7.99 -11.71 10.88
N LYS A 194 8.19 -13.02 10.70
CA LYS A 194 8.52 -13.89 11.81
C LYS A 194 9.97 -13.61 12.21
N ASN A 195 10.29 -13.73 13.49
CA ASN A 195 11.64 -13.44 13.96
C ASN A 195 11.93 -14.19 15.26
N PRO A 196 12.23 -15.49 15.19
CA PRO A 196 12.58 -16.30 16.35
C PRO A 196 13.97 -15.92 16.87
N ASN A 197 14.70 -15.09 16.13
CA ASN A 197 16.05 -14.67 16.48
C ASN A 197 16.07 -13.36 17.26
N GLY A 198 14.91 -12.82 17.62
CA GLY A 198 14.83 -11.56 18.36
C GLY A 198 13.56 -11.46 19.19
N PRO A 199 13.50 -10.46 20.09
CA PRO A 199 12.39 -10.24 20.99
C PRO A 199 11.16 -9.67 20.29
N TYR A 200 11.33 -9.10 19.09
CA TYR A 200 10.22 -8.53 18.33
C TYR A 200 10.37 -8.56 16.81
N PRO A 201 9.25 -8.62 16.08
CA PRO A 201 9.23 -8.64 14.63
C PRO A 201 9.52 -7.26 14.04
N TYR A 202 9.85 -7.23 12.75
CA TYR A 202 10.08 -6.00 12.00
C TYR A 202 9.21 -6.19 10.75
N THR A 203 8.57 -5.12 10.27
CA THR A 203 7.70 -5.21 9.11
C THR A 203 8.40 -5.30 7.75
N LEU A 204 7.82 -6.10 6.86
CA LEU A 204 8.25 -6.23 5.47
C LEU A 204 7.60 -5.10 4.66
N LYS A 205 8.26 -4.63 3.60
CA LYS A 205 7.68 -3.56 2.79
C LYS A 205 7.78 -3.87 1.31
N LEU A 206 6.85 -3.35 0.51
CA LEU A 206 6.86 -3.53 -0.93
C LEU A 206 6.02 -2.47 -1.63
N CYS A 207 6.17 -2.38 -2.95
CA CYS A 207 5.47 -1.42 -3.80
C CYS A 207 5.53 -1.87 -5.27
N PHE A 208 4.83 -1.16 -6.16
CA PHE A 208 4.87 -1.47 -7.58
C PHE A 208 6.27 -1.45 -8.19
N SER A 209 6.71 -2.56 -8.77
CA SER A 209 8.09 -2.70 -9.19
C SER A 209 8.41 -1.97 -10.49
N THR A 210 9.66 -1.52 -10.60
CA THR A 210 10.24 -1.00 -11.83
C THR A 210 11.34 -1.88 -12.44
N ALA A 211 11.50 -3.10 -11.90
CA ALA A 211 12.50 -4.06 -12.34
C ALA A 211 12.20 -4.59 -13.74
N GLN A 212 13.19 -5.25 -14.35
CA GLN A 212 13.07 -5.75 -15.71
C GLN A 212 12.58 -7.20 -15.76
N HIS A 213 12.38 -7.84 -14.60
CA HIS A 213 11.88 -9.20 -14.50
C HIS A 213 11.56 -9.54 -13.04
N ALA A 214 11.05 -10.76 -12.80
CA ALA A 214 10.71 -11.20 -11.46
C ALA A 214 10.99 -12.70 -11.28
N SER A 215 12.02 -13.21 -11.97
CA SER A 215 12.40 -14.61 -11.92
C SER A 215 13.92 -14.76 -11.84
N TYR A 1 7.61 22.27 -12.40
CA TYR A 1 6.89 21.23 -11.64
C TYR A 1 5.58 20.77 -12.29
N GLY A 2 5.12 19.56 -11.93
CA GLY A 2 3.89 19.01 -12.45
C GLY A 2 2.65 19.71 -11.88
N PRO A 3 1.46 19.31 -12.35
CA PRO A 3 0.19 19.84 -11.90
C PRO A 3 -0.12 19.37 -10.48
N HIS A 4 -1.22 19.88 -9.91
CA HIS A 4 -1.62 19.54 -8.55
C HIS A 4 -3.14 19.55 -8.42
N ALA A 5 -3.65 18.79 -7.46
CA ALA A 5 -5.08 18.71 -7.19
C ALA A 5 -5.59 19.97 -6.48
N ASP A 6 -6.89 20.20 -6.52
CA ASP A 6 -7.52 21.36 -5.90
C ASP A 6 -7.64 21.30 -4.38
N SER A 7 -7.29 20.17 -3.78
CA SER A 7 -7.38 19.96 -2.34
C SER A 7 -6.45 18.84 -1.89
N PRO A 8 -5.88 18.93 -0.68
CA PRO A 8 -5.07 17.87 -0.10
C PRO A 8 -5.95 16.66 0.26
N VAL A 9 -7.26 16.86 0.32
CA VAL A 9 -8.20 15.78 0.62
C VAL A 9 -8.58 14.99 -0.63
N LEU A 10 -8.86 13.70 -0.44
CA LEU A 10 -9.22 12.78 -1.50
C LEU A 10 -10.37 11.91 -0.99
N MET A 11 -11.21 11.42 -1.91
CA MET A 11 -12.43 10.70 -1.53
C MET A 11 -12.60 9.43 -2.35
N VAL A 12 -12.85 8.33 -1.67
CA VAL A 12 -12.93 7.01 -2.30
C VAL A 12 -14.27 6.36 -1.94
N TYR A 13 -14.76 5.48 -2.81
CA TYR A 13 -16.03 4.80 -2.62
C TYR A 13 -15.78 3.36 -3.09
N GLY A 14 -16.76 2.47 -2.87
CA GLY A 14 -16.67 1.08 -3.30
C GLY A 14 -15.95 0.19 -2.28
N LEU A 15 -15.68 0.73 -1.08
CA LEU A 15 -14.99 -0.01 -0.03
C LEU A 15 -15.92 -0.97 0.72
N ASP A 16 -16.96 -1.47 0.04
CA ASP A 16 -17.95 -2.34 0.65
C ASP A 16 -17.43 -3.71 1.11
N GLN A 17 -16.56 -4.32 0.31
CA GLN A 17 -16.00 -5.63 0.63
C GLN A 17 -15.08 -5.55 1.85
N SER A 18 -15.06 -6.62 2.65
CA SER A 18 -14.36 -6.66 3.93
C SER A 18 -12.84 -6.63 3.78
N LYS A 19 -12.33 -6.79 2.55
CA LYS A 19 -10.89 -6.77 2.30
C LYS A 19 -10.31 -5.36 2.42
N MET A 20 -11.16 -4.33 2.33
CA MET A 20 -10.68 -2.96 2.43
C MET A 20 -10.53 -2.55 3.89
N ASN A 21 -9.54 -1.70 4.16
CA ASN A 21 -9.26 -1.18 5.49
C ASN A 21 -8.41 0.08 5.34
N CYS A 22 -8.46 0.98 6.34
CA CYS A 22 -7.75 2.24 6.26
C CYS A 22 -6.24 2.03 6.09
N ASP A 23 -5.68 1.01 6.73
CA ASP A 23 -4.27 0.72 6.59
C ASP A 23 -3.91 0.22 5.19
N ARG A 24 -4.78 -0.62 4.60
CA ARG A 24 -4.48 -1.27 3.33
C ARG A 24 -4.63 -0.30 2.16
N VAL A 25 -5.74 0.45 2.12
CA VAL A 25 -5.99 1.36 1.01
C VAL A 25 -5.04 2.56 1.01
N PHE A 26 -4.72 3.07 2.20
CA PHE A 26 -3.95 4.29 2.32
C PHE A 26 -2.49 3.98 2.02
N ASN A 27 -1.99 2.77 2.34
CA ASN A 27 -0.59 2.46 2.03
C ASN A 27 -0.42 2.19 0.54
N VAL A 28 -1.46 1.67 -0.12
CA VAL A 28 -1.39 1.37 -1.55
C VAL A 28 -1.11 2.69 -2.26
N PHE A 29 -1.94 3.72 -2.05
CA PHE A 29 -1.62 5.02 -2.61
C PHE A 29 -0.55 5.85 -1.91
N CYS A 30 -0.01 5.36 -0.77
CA CYS A 30 1.05 6.06 -0.06
C CYS A 30 2.38 5.90 -0.79
N LEU A 31 2.61 4.73 -1.41
CA LEU A 31 3.86 4.47 -2.11
C LEU A 31 4.09 5.48 -3.25
N TYR A 32 3.05 6.20 -3.66
CA TYR A 32 3.13 7.19 -4.71
C TYR A 32 3.61 8.59 -4.34
N GLY A 33 3.80 8.85 -3.04
CA GLY A 33 4.20 10.18 -2.58
C GLY A 33 4.18 10.28 -1.06
N ASN A 34 3.79 11.44 -0.53
CA ASN A 34 3.69 11.66 0.91
C ASN A 34 2.23 11.86 1.33
N VAL A 35 1.82 11.16 2.39
CA VAL A 35 0.47 11.20 2.93
C VAL A 35 0.36 11.81 4.32
N GLU A 36 -0.85 12.14 4.74
CA GLU A 36 -1.09 12.74 6.06
C GLU A 36 -1.96 11.84 6.94
N LYS A 37 -3.24 11.65 6.59
CA LYS A 37 -4.18 10.89 7.41
C LYS A 37 -5.32 10.30 6.60
N VAL A 38 -6.11 9.43 7.22
CA VAL A 38 -7.23 8.73 6.58
C VAL A 38 -8.39 8.61 7.57
N LYS A 39 -9.62 8.61 7.05
CA LYS A 39 -10.82 8.62 7.88
C LYS A 39 -12.00 7.97 7.18
N PHE A 40 -12.39 6.77 7.62
CA PHE A 40 -13.57 6.08 7.12
C PHE A 40 -14.90 6.69 7.58
N MET A 41 -16.03 6.35 6.93
CA MET A 41 -17.30 6.93 7.31
C MET A 41 -18.46 5.95 7.24
N LYS A 42 -19.36 6.08 8.22
CA LYS A 42 -20.59 5.31 8.36
C LYS A 42 -21.71 5.80 7.44
N SER A 43 -21.49 6.90 6.72
CA SER A 43 -22.52 7.56 5.93
C SER A 43 -22.77 6.84 4.60
N LYS A 44 -21.95 5.85 4.27
CA LYS A 44 -22.03 5.10 3.01
C LYS A 44 -21.75 3.63 3.27
N PRO A 45 -22.20 2.73 2.39
CA PRO A 45 -21.96 1.30 2.52
C PRO A 45 -20.49 0.95 2.32
N GLY A 46 -19.69 1.91 1.83
CA GLY A 46 -18.26 1.72 1.68
C GLY A 46 -17.63 2.96 1.06
N ALA A 47 -17.11 3.87 1.90
CA ALA A 47 -16.46 5.08 1.46
C ALA A 47 -15.52 5.60 2.54
N ALA A 48 -14.57 6.46 2.17
CA ALA A 48 -13.63 7.01 3.11
C ALA A 48 -12.98 8.29 2.58
N MET A 49 -12.55 9.14 3.51
CA MET A 49 -11.76 10.33 3.23
C MET A 49 -10.29 10.00 3.43
N VAL A 50 -9.42 10.73 2.73
CA VAL A 50 -7.99 10.55 2.80
C VAL A 50 -7.38 11.95 2.63
N GLU A 51 -6.18 12.18 3.16
CA GLU A 51 -5.50 13.46 3.02
C GLU A 51 -4.01 13.22 2.76
N MET A 52 -3.47 13.94 1.77
CA MET A 52 -2.12 13.71 1.26
C MET A 52 -1.55 15.02 0.72
N ALA A 53 -0.28 15.03 0.33
CA ALA A 53 0.27 16.17 -0.39
C ALA A 53 -0.45 16.23 -1.73
N ASP A 54 -1.05 17.37 -2.08
CA ASP A 54 -1.96 17.35 -3.21
C ASP A 54 -1.30 17.24 -4.56
N GLY A 55 -0.11 17.83 -4.70
CA GLY A 55 0.61 17.85 -5.95
C GLY A 55 0.84 16.43 -6.46
N TYR A 56 1.96 15.84 -6.06
CA TYR A 56 2.30 14.52 -6.54
C TYR A 56 1.50 13.34 -5.98
N ALA A 57 0.89 13.49 -4.80
CA ALA A 57 0.22 12.34 -4.22
C ALA A 57 -1.25 12.27 -4.62
N VAL A 58 -1.95 13.40 -4.83
CA VAL A 58 -3.35 13.30 -5.22
C VAL A 58 -3.43 13.18 -6.74
N ASP A 59 -2.42 13.69 -7.46
CA ASP A 59 -2.38 13.50 -8.90
C ASP A 59 -2.11 12.03 -9.26
N ARG A 60 -1.08 11.42 -8.66
CA ARG A 60 -0.72 10.04 -8.97
C ARG A 60 -1.81 9.06 -8.55
N ALA A 61 -2.48 9.28 -7.43
CA ALA A 61 -3.54 8.37 -7.00
C ALA A 61 -4.73 8.43 -7.97
N ILE A 62 -5.00 9.62 -8.52
CA ILE A 62 -6.07 9.82 -9.50
C ILE A 62 -5.63 9.33 -10.88
N THR A 63 -4.34 9.06 -11.08
CA THR A 63 -3.83 8.56 -12.34
C THR A 63 -3.65 7.03 -12.38
N HIS A 64 -3.60 6.37 -11.23
CA HIS A 64 -3.22 4.96 -11.21
C HIS A 64 -4.15 4.01 -10.46
N LEU A 65 -4.90 4.47 -9.45
CA LEU A 65 -5.68 3.54 -8.63
C LEU A 65 -7.15 3.93 -8.49
N ASN A 66 -7.52 5.17 -8.84
CA ASN A 66 -8.86 5.65 -8.49
C ASN A 66 -10.04 5.04 -9.25
N ASN A 67 -10.82 4.08 -8.74
CA ASN A 67 -11.71 3.23 -9.57
C ASN A 67 -10.93 2.14 -10.32
N ASN A 68 -9.73 1.77 -9.86
CA ASN A 68 -9.04 0.61 -10.39
C ASN A 68 -9.56 -0.63 -9.65
N PHE A 69 -9.42 -1.81 -10.25
CA PHE A 69 -9.89 -3.07 -9.67
C PHE A 69 -9.00 -3.66 -8.57
N MET A 70 -9.61 -4.19 -7.51
CA MET A 70 -8.90 -4.77 -6.38
C MET A 70 -9.81 -5.73 -5.62
N PHE A 71 -9.29 -6.89 -5.20
CA PHE A 71 -10.07 -7.90 -4.49
C PHE A 71 -11.32 -8.43 -5.20
N GLY A 72 -11.33 -8.39 -6.53
CA GLY A 72 -12.46 -8.82 -7.32
C GLY A 72 -13.58 -7.78 -7.33
N GLN A 73 -13.27 -6.58 -6.81
CA GLN A 73 -14.19 -5.46 -6.71
C GLN A 73 -13.49 -4.19 -7.18
N LYS A 74 -14.08 -3.03 -6.91
CA LYS A 74 -13.52 -1.76 -7.36
C LYS A 74 -13.49 -0.74 -6.21
N MET A 75 -12.49 0.15 -6.23
CA MET A 75 -12.37 1.22 -5.26
C MET A 75 -12.25 2.55 -6.01
N ASN A 76 -13.40 3.14 -6.32
CA ASN A 76 -13.55 4.34 -7.12
C ASN A 76 -12.73 5.51 -6.56
N VAL A 77 -11.87 6.23 -7.33
CA VAL A 77 -11.38 7.46 -6.66
C VAL A 77 -11.55 8.77 -7.44
N CYS A 78 -11.64 9.86 -6.68
CA CYS A 78 -11.78 11.22 -7.18
C CYS A 78 -11.38 12.19 -6.06
N VAL A 79 -11.19 13.47 -6.36
CA VAL A 79 -10.83 14.46 -5.36
C VAL A 79 -11.98 14.78 -4.40
N SER A 80 -11.66 15.10 -3.14
CA SER A 80 -12.65 15.49 -2.15
C SER A 80 -13.06 16.95 -2.34
N LYS A 81 -14.16 17.38 -1.73
CA LYS A 81 -14.62 18.76 -1.84
C LYS A 81 -14.72 19.49 -0.51
N GLN A 82 -13.85 19.12 0.44
CA GLN A 82 -13.73 19.82 1.71
C GLN A 82 -12.23 19.98 2.05
N PRO A 83 -11.87 20.92 2.95
CA PRO A 83 -10.49 21.33 3.14
C PRO A 83 -9.59 20.35 3.88
N ALA A 84 -10.07 19.64 4.91
CA ALA A 84 -9.21 18.76 5.69
C ALA A 84 -9.99 17.79 6.58
N ILE A 85 -9.36 16.66 6.91
CA ILE A 85 -9.91 15.68 7.84
C ILE A 85 -9.71 16.18 9.27
N MET A 86 -10.61 15.79 10.19
CA MET A 86 -10.45 16.11 11.60
C MET A 86 -10.60 14.88 12.48
N PRO A 87 -9.72 14.72 13.49
CA PRO A 87 -9.76 13.61 14.43
C PRO A 87 -10.87 13.82 15.45
N GLY A 88 -11.17 12.78 16.23
CA GLY A 88 -12.20 12.83 17.25
C GLY A 88 -12.94 11.51 17.35
N GLN A 89 -14.24 11.53 17.01
CA GLN A 89 -15.10 10.36 17.11
C GLN A 89 -14.76 9.37 16.00
N SER A 90 -15.04 8.09 16.26
CA SER A 90 -14.78 6.99 15.33
C SER A 90 -15.76 5.85 15.58
N TYR A 91 -15.75 4.84 14.71
CA TYR A 91 -16.63 3.68 14.84
C TYR A 91 -15.82 2.48 14.34
N GLY A 92 -16.28 1.27 14.66
CA GLY A 92 -15.56 0.06 14.29
C GLY A 92 -15.87 -0.38 12.87
N LEU A 93 -14.81 -0.69 12.10
CA LEU A 93 -14.94 -1.25 10.77
C LEU A 93 -15.29 -2.74 10.87
N GLU A 94 -15.78 -3.32 9.78
CA GLU A 94 -16.14 -4.73 9.77
C GLU A 94 -14.91 -5.63 9.90
N ASP A 95 -13.71 -5.08 9.63
CA ASP A 95 -12.45 -5.80 9.74
C ASP A 95 -11.54 -5.11 10.75
N GLY A 96 -12.10 -4.32 11.68
CA GLY A 96 -11.31 -3.57 12.64
C GLY A 96 -12.14 -3.06 13.81
N SER A 97 -11.61 -2.07 14.54
CA SER A 97 -12.28 -1.46 15.67
C SER A 97 -12.23 0.06 15.62
N CYS A 98 -11.42 0.63 14.73
CA CYS A 98 -11.30 2.07 14.57
C CYS A 98 -11.52 2.45 13.10
N SER A 99 -11.93 3.71 12.86
CA SER A 99 -12.19 4.22 11.52
C SER A 99 -11.23 5.35 11.15
N TYR A 100 -10.21 5.58 11.98
CA TYR A 100 -9.22 6.63 11.75
C TYR A 100 -7.77 6.21 11.97
N LYS A 101 -6.84 6.78 11.18
CA LYS A 101 -5.43 6.43 11.29
C LYS A 101 -4.57 7.58 10.77
N ASP A 102 -3.31 7.61 11.21
CA ASP A 102 -2.39 8.70 10.92
C ASP A 102 -1.03 8.26 10.35
N PHE A 103 -0.52 9.00 9.37
CA PHE A 103 0.73 8.73 8.69
C PHE A 103 1.65 9.95 8.50
N SER A 104 1.26 11.09 9.05
CA SER A 104 1.96 12.35 8.87
C SER A 104 3.35 12.32 9.49
N GLU A 105 3.57 11.43 10.47
CA GLU A 105 4.86 11.29 11.14
C GLU A 105 5.50 9.93 10.84
N SER A 106 4.83 9.10 10.02
CA SER A 106 5.33 7.78 9.67
C SER A 106 6.41 7.85 8.60
N ARG A 107 7.30 6.86 8.58
CA ARG A 107 8.37 6.79 7.59
C ARG A 107 7.89 6.11 6.29
N ASN A 108 6.67 5.56 6.30
CA ASN A 108 6.13 4.87 5.13
C ASN A 108 6.03 5.78 3.91
N ASN A 109 6.01 7.09 4.13
CA ASN A 109 5.96 8.07 3.05
C ASN A 109 7.18 7.91 2.15
N ARG A 110 6.95 7.77 0.83
CA ARG A 110 8.02 7.40 -0.09
C ARG A 110 9.02 8.54 -0.27
N PHE A 111 8.55 9.79 -0.22
CA PHE A 111 9.38 10.97 -0.36
C PHE A 111 9.82 11.67 0.93
N SER A 112 9.73 10.96 2.06
CA SER A 112 9.96 11.53 3.38
C SER A 112 11.35 12.12 3.57
N THR A 113 12.37 11.60 2.86
CA THR A 113 13.75 12.07 3.01
C THR A 113 14.52 12.24 1.70
N PRO A 114 15.54 13.10 1.68
CA PRO A 114 16.39 13.32 0.53
C PRO A 114 17.15 12.05 0.13
N GLU A 115 17.38 11.14 1.09
CA GLU A 115 18.09 9.89 0.82
C GLU A 115 17.19 8.92 0.06
N GLN A 116 15.88 9.01 0.28
CA GLN A 116 14.92 8.21 -0.46
C GLN A 116 14.67 8.84 -1.82
N ALA A 117 14.47 10.16 -1.84
CA ALA A 117 14.11 10.89 -3.06
C ALA A 117 15.23 10.85 -4.09
N ALA A 118 16.47 10.56 -3.68
CA ALA A 118 17.59 10.50 -4.59
C ALA A 118 17.57 9.23 -5.43
N LYS A 119 16.94 8.16 -4.94
CA LYS A 119 16.87 6.88 -5.64
C LYS A 119 15.44 6.41 -5.87
N ASN A 120 14.43 7.19 -5.48
CA ASN A 120 13.05 6.82 -5.69
C ASN A 120 12.72 6.63 -7.17
N ARG A 121 11.70 5.81 -7.43
CA ARG A 121 11.24 5.51 -8.78
C ARG A 121 9.78 5.10 -8.70
N ILE A 122 8.99 5.52 -9.70
CA ILE A 122 7.55 5.31 -9.72
C ILE A 122 7.12 4.89 -11.13
N GLN A 123 6.07 4.07 -11.22
CA GLN A 123 5.54 3.58 -12.48
C GLN A 123 4.03 3.37 -12.38
N HIS A 124 3.40 3.12 -13.53
CA HIS A 124 2.01 2.72 -13.59
C HIS A 124 1.86 1.35 -12.91
N PRO A 125 0.65 1.00 -12.44
CA PRO A 125 0.42 -0.26 -11.76
C PRO A 125 0.64 -1.42 -12.72
N SER A 126 1.10 -2.54 -12.18
CA SER A 126 1.50 -3.70 -12.98
C SER A 126 1.36 -4.97 -12.15
N ASN A 127 1.55 -6.13 -12.79
CA ASN A 127 1.43 -7.40 -12.10
C ASN A 127 2.74 -7.75 -11.38
N VAL A 128 3.77 -6.91 -11.53
CA VAL A 128 5.05 -7.08 -10.84
C VAL A 128 5.16 -6.24 -9.58
N LEU A 129 5.71 -6.82 -8.50
CA LEU A 129 5.97 -6.11 -7.26
C LEU A 129 7.43 -6.25 -6.87
N HIS A 130 7.91 -5.29 -6.07
CA HIS A 130 9.28 -5.28 -5.55
C HIS A 130 9.20 -5.20 -4.04
N PHE A 131 10.12 -5.87 -3.33
CA PHE A 131 10.12 -5.84 -1.88
C PHE A 131 11.52 -5.57 -1.34
N PHE A 132 11.58 -5.13 -0.08
CA PHE A 132 12.84 -4.80 0.56
C PHE A 132 12.65 -5.21 2.02
N ASN A 133 13.79 -5.57 2.66
CA ASN A 133 13.84 -6.06 4.03
C ASN A 133 12.87 -7.21 4.28
N ALA A 134 13.00 -8.29 3.50
CA ALA A 134 12.23 -9.51 3.68
C ALA A 134 13.09 -10.59 4.35
N PRO A 135 12.48 -11.58 5.01
CA PRO A 135 13.19 -12.63 5.72
C PRO A 135 14.17 -13.39 4.81
N LEU A 136 15.22 -13.95 5.42
CA LEU A 136 16.28 -14.65 4.70
C LEU A 136 15.79 -15.96 4.09
N GLU A 137 14.64 -16.47 4.55
CA GLU A 137 14.07 -17.73 4.09
C GLU A 137 12.65 -17.52 3.53
N VAL A 138 12.33 -16.28 3.15
CA VAL A 138 10.99 -15.90 2.71
C VAL A 138 10.50 -16.56 1.43
N THR A 139 11.42 -17.16 0.65
CA THR A 139 11.15 -17.57 -0.73
C THR A 139 9.95 -18.48 -0.88
N GLU A 140 9.65 -18.96 -2.09
CA GLU A 140 8.41 -19.67 -2.43
C GLU A 140 7.69 -20.33 -1.24
N GLU A 141 8.42 -20.94 -0.31
CA GLU A 141 7.85 -21.46 0.92
C GLU A 141 7.15 -20.39 1.79
N ASN A 142 7.71 -19.20 2.07
CA ASN A 142 7.04 -18.34 3.02
C ASN A 142 6.03 -17.51 2.24
N PHE A 143 6.33 -17.27 0.95
CA PHE A 143 5.37 -16.55 0.13
C PHE A 143 4.07 -17.32 -0.10
N PHE A 144 4.16 -18.64 -0.26
CA PHE A 144 3.00 -19.47 -0.50
C PHE A 144 2.13 -19.75 0.72
N GLU A 145 2.75 -19.94 1.90
CA GLU A 145 1.95 -20.23 3.09
C GLU A 145 1.39 -18.96 3.71
N ILE A 146 2.00 -17.79 3.44
CA ILE A 146 1.45 -16.53 3.94
C ILE A 146 0.23 -16.13 3.13
N CYS A 147 0.27 -16.29 1.80
CA CYS A 147 -0.86 -15.92 0.97
C CYS A 147 -2.05 -16.83 1.22
N ASP A 148 -1.79 -18.11 1.49
CA ASP A 148 -2.85 -19.07 1.76
C ASP A 148 -3.55 -18.84 3.09
N GLU A 149 -2.80 -18.38 4.10
CA GLU A 149 -3.35 -18.08 5.41
C GLU A 149 -4.25 -16.85 5.36
N LEU A 150 -4.03 -15.97 4.38
CA LEU A 150 -4.81 -14.75 4.21
C LEU A 150 -5.90 -14.93 3.16
N GLY A 151 -5.93 -16.09 2.48
CA GLY A 151 -6.92 -16.41 1.46
C GLY A 151 -6.68 -15.67 0.14
N VAL A 152 -5.67 -14.80 0.09
CA VAL A 152 -5.30 -14.07 -1.11
C VAL A 152 -4.50 -14.91 -2.10
N LYS A 153 -4.39 -14.46 -3.36
CA LYS A 153 -3.73 -15.24 -4.40
C LYS A 153 -2.23 -15.40 -4.17
N ARG A 154 -1.71 -16.53 -4.63
CA ARG A 154 -0.27 -16.80 -4.63
C ARG A 154 0.37 -16.19 -5.87
N PRO A 155 1.65 -15.77 -5.78
CA PRO A 155 2.37 -15.20 -6.91
C PRO A 155 2.67 -16.28 -7.95
N THR A 156 2.75 -15.88 -9.22
CA THR A 156 3.10 -16.79 -10.31
C THR A 156 4.61 -16.95 -10.51
N SER A 157 5.39 -16.01 -9.96
CA SER A 157 6.85 -16.07 -10.00
C SER A 157 7.45 -15.37 -8.78
N VAL A 158 8.67 -15.76 -8.41
CA VAL A 158 9.37 -15.25 -7.24
C VAL A 158 10.87 -15.14 -7.52
N LYS A 159 11.52 -14.15 -6.91
CA LYS A 159 12.97 -13.96 -7.00
C LYS A 159 13.49 -13.33 -5.72
N VAL A 160 14.66 -13.76 -5.25
CA VAL A 160 15.28 -13.24 -4.04
C VAL A 160 16.78 -13.06 -4.19
N PHE A 161 17.33 -12.00 -3.60
CA PHE A 161 18.75 -11.69 -3.66
C PHE A 161 19.29 -10.84 -2.50
N SER A 162 20.56 -10.44 -2.62
CA SER A 162 21.24 -9.63 -1.63
C SER A 162 22.10 -8.56 -2.32
N GLY A 163 22.93 -7.87 -1.55
CA GLY A 163 23.80 -6.81 -2.05
C GLY A 163 23.19 -5.42 -1.88
N LYS A 164 22.06 -5.32 -1.16
CA LYS A 164 21.39 -4.05 -0.91
C LYS A 164 21.17 -3.81 0.58
N SER A 165 21.33 -4.84 1.41
CA SER A 165 21.17 -4.72 2.86
C SER A 165 21.82 -5.90 3.56
N GLU A 166 22.34 -5.67 4.77
CA GLU A 166 22.92 -6.72 5.60
C GLU A 166 21.91 -7.21 6.63
N ARG A 167 20.77 -6.53 6.73
CA ARG A 167 19.73 -6.86 7.70
C ARG A 167 18.79 -7.94 7.17
N SER A 168 18.46 -7.88 5.88
CA SER A 168 17.46 -8.75 5.27
C SER A 168 17.60 -8.80 3.75
N SER A 169 16.95 -9.77 3.13
CA SER A 169 16.97 -9.96 1.68
C SER A 169 16.00 -9.02 0.97
N SER A 170 16.09 -8.97 -0.35
CA SER A 170 15.22 -8.18 -1.22
C SER A 170 14.94 -8.97 -2.50
N GLY A 171 13.94 -8.57 -3.28
CA GLY A 171 13.62 -9.31 -4.49
C GLY A 171 12.35 -8.82 -5.17
N LEU A 172 11.89 -9.58 -6.17
CA LEU A 172 10.73 -9.26 -6.98
C LEU A 172 9.69 -10.38 -6.90
N LEU A 173 8.44 -10.04 -7.21
CA LEU A 173 7.31 -10.96 -7.23
C LEU A 173 6.43 -10.63 -8.44
N GLU A 174 5.61 -11.58 -8.89
CA GLU A 174 4.74 -11.37 -10.03
C GLU A 174 3.48 -12.21 -9.94
N TRP A 175 2.36 -11.70 -10.47
CA TRP A 175 1.06 -12.35 -10.49
C TRP A 175 0.51 -12.50 -11.90
N ASP A 176 -0.59 -13.25 -12.04
CA ASP A 176 -1.21 -13.51 -13.34
C ASP A 176 -1.97 -12.27 -13.84
N SER A 177 -2.16 -11.26 -12.99
CA SER A 177 -2.88 -10.05 -13.36
C SER A 177 -2.48 -8.87 -12.49
N LYS A 178 -2.73 -7.65 -12.96
CA LYS A 178 -2.39 -6.44 -12.22
C LYS A 178 -3.27 -6.28 -10.98
N SER A 179 -4.51 -6.78 -11.05
CA SER A 179 -5.43 -6.70 -9.92
C SER A 179 -5.04 -7.73 -8.86
N ASP A 180 -4.41 -8.82 -9.27
CA ASP A 180 -3.94 -9.86 -8.36
C ASP A 180 -2.71 -9.41 -7.59
N ALA A 181 -1.87 -8.58 -8.23
CA ALA A 181 -0.71 -8.01 -7.57
C ALA A 181 -1.14 -6.88 -6.63
N LEU A 182 -2.15 -6.10 -7.03
CA LEU A 182 -2.60 -4.97 -6.25
C LEU A 182 -3.33 -5.42 -4.98
N GLU A 183 -4.12 -6.50 -5.07
CA GLU A 183 -4.81 -6.98 -3.88
C GLU A 183 -3.80 -7.58 -2.91
N THR A 184 -2.80 -8.30 -3.44
CA THR A 184 -1.73 -8.82 -2.60
C THR A 184 -0.80 -7.75 -2.04
N LEU A 185 -0.78 -6.57 -2.67
CA LEU A 185 -0.05 -5.41 -2.16
C LEU A 185 -0.71 -4.97 -0.85
N GLY A 186 -2.05 -4.96 -0.83
CA GLY A 186 -2.80 -4.56 0.34
C GLY A 186 -2.64 -5.57 1.48
N PHE A 187 -2.42 -6.85 1.16
CA PHE A 187 -2.22 -7.89 2.17
C PHE A 187 -0.79 -8.29 2.55
N LEU A 188 0.25 -7.74 1.91
CA LEU A 188 1.62 -8.09 2.27
C LEU A 188 2.50 -6.88 2.57
N ASN A 189 2.06 -5.65 2.32
CA ASN A 189 2.89 -4.49 2.63
C ASN A 189 2.93 -4.29 4.15
N HIS A 190 4.06 -3.80 4.67
CA HIS A 190 4.27 -3.56 6.08
C HIS A 190 4.06 -4.82 6.92
N TYR A 191 4.19 -6.00 6.30
CA TYR A 191 4.03 -7.29 6.96
C TYR A 191 5.05 -7.57 8.08
N GLN A 192 4.58 -8.06 9.22
CA GLN A 192 5.45 -8.30 10.37
C GLN A 192 6.27 -9.57 10.17
N MET A 193 7.60 -9.45 10.15
CA MET A 193 8.48 -10.57 9.94
C MET A 193 8.75 -11.34 11.24
N LYS A 194 9.04 -12.63 11.09
CA LYS A 194 9.51 -13.48 12.18
C LYS A 194 10.96 -13.12 12.50
N ASN A 195 11.47 -13.59 13.64
CA ASN A 195 12.85 -13.37 14.03
C ASN A 195 13.40 -14.57 14.81
N PRO A 196 14.69 -14.90 14.64
CA PRO A 196 15.32 -16.02 15.30
C PRO A 196 15.61 -15.74 16.78
N ASN A 197 15.94 -14.49 17.13
CA ASN A 197 16.29 -14.12 18.49
C ASN A 197 15.97 -12.66 18.80
N GLY A 198 15.34 -11.93 17.86
CA GLY A 198 15.08 -10.51 18.04
C GLY A 198 14.04 -10.26 19.13
N PRO A 199 14.16 -9.15 19.87
CA PRO A 199 13.23 -8.76 20.92
C PRO A 199 11.92 -8.24 20.33
N TYR A 200 11.95 -7.84 19.06
CA TYR A 200 10.77 -7.35 18.33
C TYR A 200 10.81 -7.61 16.83
N PRO A 201 9.65 -7.75 16.18
CA PRO A 201 9.55 -7.96 14.74
C PRO A 201 9.96 -6.70 13.98
N TYR A 202 10.26 -6.87 12.69
CA TYR A 202 10.68 -5.79 11.81
C TYR A 202 9.76 -5.96 10.59
N THR A 203 9.31 -4.85 10.01
CA THR A 203 8.38 -4.91 8.89
C THR A 203 8.99 -5.09 7.50
N LEU A 204 8.35 -5.93 6.68
CA LEU A 204 8.66 -6.11 5.27
C LEU A 204 7.92 -5.03 4.48
N LYS A 205 8.51 -4.53 3.39
CA LYS A 205 7.82 -3.52 2.60
C LYS A 205 7.90 -3.84 1.11
N LEU A 206 6.89 -3.39 0.36
CA LEU A 206 6.82 -3.63 -1.06
C LEU A 206 5.99 -2.56 -1.78
N CYS A 207 6.11 -2.53 -3.11
CA CYS A 207 5.41 -1.57 -3.96
C CYS A 207 5.47 -2.05 -5.42
N PHE A 208 4.79 -1.32 -6.33
CA PHE A 208 4.84 -1.65 -7.75
C PHE A 208 6.24 -1.63 -8.35
N SER A 209 6.66 -2.72 -8.98
CA SER A 209 8.05 -2.85 -9.42
C SER A 209 8.34 -2.15 -10.74
N THR A 210 9.60 -1.74 -10.90
CA THR A 210 10.15 -1.26 -12.16
C THR A 210 11.31 -2.11 -12.70
N ALA A 211 11.50 -3.30 -12.12
CA ALA A 211 12.57 -4.21 -12.48
C ALA A 211 12.39 -4.77 -13.89
N GLN A 212 13.49 -5.29 -14.45
CA GLN A 212 13.49 -5.84 -15.81
C GLN A 212 13.19 -7.35 -15.79
N HIS A 213 13.05 -7.94 -14.59
CA HIS A 213 12.82 -9.37 -14.42
C HIS A 213 12.06 -9.62 -13.12
N ALA A 214 11.59 -10.86 -12.93
CA ALA A 214 10.91 -11.30 -11.73
C ALA A 214 11.19 -12.77 -11.46
N SER A 215 12.33 -13.27 -11.96
CA SER A 215 12.72 -14.67 -11.87
C SER A 215 14.23 -14.80 -11.71
N TYR A 1 8.06 19.04 -12.41
CA TYR A 1 6.74 19.65 -12.61
C TYR A 1 5.65 18.71 -13.10
N GLY A 2 4.40 18.94 -12.70
CA GLY A 2 3.28 18.11 -13.13
C GLY A 2 1.95 18.65 -12.59
N PRO A 3 0.83 18.05 -12.99
CA PRO A 3 -0.52 18.39 -12.57
C PRO A 3 -0.70 18.26 -11.05
N HIS A 4 -1.86 18.74 -10.57
CA HIS A 4 -2.20 18.68 -9.15
C HIS A 4 -3.72 18.57 -9.00
N ALA A 5 -4.17 18.03 -7.86
CA ALA A 5 -5.59 17.85 -7.59
C ALA A 5 -6.25 19.16 -7.15
N ASP A 6 -7.57 19.21 -7.26
CA ASP A 6 -8.35 20.40 -6.92
C ASP A 6 -8.63 20.60 -5.42
N SER A 7 -8.15 19.69 -4.57
CA SER A 7 -8.37 19.79 -3.13
C SER A 7 -7.28 19.05 -2.36
N PRO A 8 -6.92 19.51 -1.15
CA PRO A 8 -5.94 18.86 -0.28
C PRO A 8 -6.32 17.44 0.14
N VAL A 9 -7.50 16.96 -0.25
CA VAL A 9 -8.00 15.67 0.21
C VAL A 9 -8.68 14.95 -0.95
N LEU A 10 -8.76 13.62 -0.84
CA LEU A 10 -9.26 12.71 -1.86
C LEU A 10 -10.40 11.88 -1.26
N MET A 11 -11.24 11.27 -2.10
CA MET A 11 -12.41 10.51 -1.65
C MET A 11 -12.55 9.22 -2.43
N VAL A 12 -12.79 8.11 -1.71
CA VAL A 12 -12.87 6.77 -2.29
C VAL A 12 -14.18 6.12 -1.87
N TYR A 13 -14.67 5.20 -2.71
CA TYR A 13 -15.92 4.50 -2.48
C TYR A 13 -15.64 3.05 -2.92
N GLY A 14 -16.60 2.16 -2.69
CA GLY A 14 -16.49 0.77 -3.10
C GLY A 14 -15.76 -0.07 -2.06
N LEU A 15 -15.54 0.47 -0.85
CA LEU A 15 -14.89 -0.24 0.25
C LEU A 15 -15.87 -1.20 0.94
N ASP A 16 -16.92 -1.62 0.23
CA ASP A 16 -18.01 -2.42 0.77
C ASP A 16 -17.70 -3.90 1.03
N GLN A 17 -16.44 -4.24 1.30
CA GLN A 17 -16.02 -5.60 1.59
C GLN A 17 -14.93 -5.61 2.66
N SER A 18 -14.80 -6.73 3.37
CA SER A 18 -13.88 -6.86 4.50
C SER A 18 -12.42 -6.83 4.05
N LYS A 19 -12.16 -6.85 2.75
CA LYS A 19 -10.80 -6.82 2.21
C LYS A 19 -10.15 -5.45 2.38
N MET A 20 -10.93 -4.40 2.67
CA MET A 20 -10.39 -3.05 2.79
C MET A 20 -10.22 -2.66 4.27
N ASN A 21 -9.23 -1.81 4.53
CA ASN A 21 -8.93 -1.29 5.86
C ASN A 21 -8.16 0.02 5.73
N CYS A 22 -8.31 0.92 6.70
CA CYS A 22 -7.71 2.24 6.63
C CYS A 22 -6.19 2.19 6.50
N ASP A 23 -5.53 1.26 7.20
CA ASP A 23 -4.10 1.12 7.10
C ASP A 23 -3.69 0.50 5.76
N ARG A 24 -4.51 -0.41 5.24
CA ARG A 24 -4.19 -1.15 4.03
C ARG A 24 -4.38 -0.29 2.79
N VAL A 25 -5.52 0.38 2.69
CA VAL A 25 -5.80 1.23 1.53
C VAL A 25 -4.88 2.44 1.46
N PHE A 26 -4.56 3.02 2.62
CA PHE A 26 -3.86 4.28 2.67
C PHE A 26 -2.37 4.02 2.36
N ASN A 27 -1.81 2.86 2.72
CA ASN A 27 -0.41 2.63 2.42
C ASN A 27 -0.24 2.29 0.94
N VAL A 28 -1.23 1.62 0.33
CA VAL A 28 -1.16 1.26 -1.07
C VAL A 28 -0.97 2.55 -1.85
N PHE A 29 -1.85 3.55 -1.69
CA PHE A 29 -1.61 4.84 -2.31
C PHE A 29 -0.57 5.76 -1.66
N CYS A 30 -0.01 5.37 -0.51
CA CYS A 30 1.03 6.16 0.14
C CYS A 30 2.35 6.03 -0.61
N LEU A 31 2.60 4.87 -1.23
CA LEU A 31 3.84 4.68 -1.98
C LEU A 31 4.02 5.73 -3.08
N TYR A 32 2.94 6.40 -3.48
CA TYR A 32 2.98 7.41 -4.54
C TYR A 32 3.42 8.83 -4.16
N GLY A 33 3.54 9.13 -2.86
CA GLY A 33 3.91 10.47 -2.42
C GLY A 33 3.82 10.62 -0.90
N ASN A 34 3.65 11.85 -0.42
CA ASN A 34 3.51 12.13 1.00
C ASN A 34 2.05 12.25 1.40
N VAL A 35 1.68 11.55 2.48
CA VAL A 35 0.32 11.51 3.00
C VAL A 35 0.15 12.15 4.38
N GLU A 36 -1.10 12.41 4.78
CA GLU A 36 -1.39 13.03 6.06
C GLU A 36 -2.25 12.13 6.95
N LYS A 37 -3.54 11.93 6.61
CA LYS A 37 -4.45 11.12 7.42
C LYS A 37 -5.61 10.53 6.60
N VAL A 38 -6.34 9.58 7.20
CA VAL A 38 -7.43 8.86 6.55
C VAL A 38 -8.63 8.74 7.49
N LYS A 39 -9.86 8.70 6.93
CA LYS A 39 -11.09 8.68 7.71
C LYS A 39 -12.21 7.94 6.97
N PHE A 40 -12.75 6.89 7.59
CA PHE A 40 -13.86 6.10 7.05
C PHE A 40 -15.26 6.65 7.35
N MET A 41 -16.27 6.26 6.56
CA MET A 41 -17.62 6.80 6.69
C MET A 41 -18.64 5.74 7.09
N LYS A 42 -19.48 6.05 8.08
CA LYS A 42 -20.54 5.19 8.58
C LYS A 42 -21.77 5.21 7.66
N SER A 43 -21.93 6.30 6.90
CA SER A 43 -23.15 6.55 6.12
C SER A 43 -23.21 5.71 4.84
N LYS A 44 -22.07 5.21 4.37
CA LYS A 44 -21.99 4.43 3.15
C LYS A 44 -21.61 2.99 3.50
N PRO A 45 -21.94 2.02 2.64
CA PRO A 45 -21.56 0.63 2.84
C PRO A 45 -20.03 0.47 2.75
N GLY A 46 -19.33 1.48 2.22
CA GLY A 46 -17.89 1.50 2.17
C GLY A 46 -17.39 2.75 1.44
N ALA A 47 -16.85 3.71 2.21
CA ALA A 47 -16.31 4.95 1.67
C ALA A 47 -15.35 5.58 2.69
N ALA A 48 -14.44 6.42 2.22
CA ALA A 48 -13.48 7.09 3.08
C ALA A 48 -12.86 8.31 2.40
N MET A 49 -12.36 9.25 3.22
CA MET A 49 -11.57 10.37 2.74
C MET A 49 -10.09 10.12 3.04
N VAL A 50 -9.21 10.73 2.24
CA VAL A 50 -7.77 10.59 2.41
C VAL A 50 -7.07 11.92 2.18
N GLU A 51 -6.44 12.47 3.22
CA GLU A 51 -5.72 13.73 3.10
C GLU A 51 -4.25 13.45 2.80
N MET A 52 -3.70 14.17 1.82
CA MET A 52 -2.36 13.91 1.30
C MET A 52 -1.80 15.20 0.70
N ALA A 53 -0.52 15.20 0.31
CA ALA A 53 0.01 16.30 -0.48
C ALA A 53 -0.75 16.26 -1.80
N ASP A 54 -1.50 17.29 -2.15
CA ASP A 54 -2.42 17.16 -3.26
C ASP A 54 -1.76 17.11 -4.62
N GLY A 55 -0.65 17.82 -4.78
CA GLY A 55 0.07 17.89 -6.04
C GLY A 55 0.44 16.50 -6.52
N TYR A 56 1.61 16.01 -6.08
CA TYR A 56 2.09 14.72 -6.53
C TYR A 56 1.36 13.50 -6.03
N ALA A 57 0.79 13.55 -4.82
CA ALA A 57 0.21 12.35 -4.24
C ALA A 57 -1.26 12.16 -4.64
N VAL A 58 -2.05 13.22 -4.83
CA VAL A 58 -3.44 13.01 -5.21
C VAL A 58 -3.55 12.93 -6.73
N ASP A 59 -2.59 13.51 -7.46
CA ASP A 59 -2.56 13.35 -8.90
C ASP A 59 -2.26 11.89 -9.25
N ARG A 60 -1.20 11.32 -8.66
CA ARG A 60 -0.79 9.95 -8.94
C ARG A 60 -1.84 8.94 -8.50
N ALA A 61 -2.56 9.20 -7.40
CA ALA A 61 -3.59 8.29 -6.95
C ALA A 61 -4.76 8.26 -7.94
N ILE A 62 -5.10 9.44 -8.49
CA ILE A 62 -6.16 9.57 -9.47
C ILE A 62 -5.69 9.14 -10.86
N THR A 63 -4.38 8.87 -11.02
CA THR A 63 -3.83 8.41 -12.29
C THR A 63 -3.57 6.90 -12.33
N HIS A 64 -3.49 6.22 -11.18
CA HIS A 64 -3.03 4.84 -11.18
C HIS A 64 -3.95 3.80 -10.54
N LEU A 65 -4.76 4.16 -9.53
CA LEU A 65 -5.49 3.15 -8.78
C LEU A 65 -6.96 3.49 -8.53
N ASN A 66 -7.37 4.71 -8.84
CA ASN A 66 -8.67 5.21 -8.45
C ASN A 66 -9.86 4.60 -9.20
N ASN A 67 -10.64 3.64 -8.71
CA ASN A 67 -11.52 2.79 -9.54
C ASN A 67 -10.75 1.70 -10.29
N ASN A 68 -9.54 1.33 -9.83
CA ASN A 68 -8.85 0.17 -10.38
C ASN A 68 -9.45 -1.10 -9.74
N PHE A 69 -9.29 -2.25 -10.38
CA PHE A 69 -9.87 -3.53 -9.98
C PHE A 69 -9.31 -4.25 -8.76
N MET A 70 -9.02 -3.51 -7.67
CA MET A 70 -8.46 -4.11 -6.47
C MET A 70 -9.44 -5.16 -5.90
N PHE A 71 -8.87 -6.22 -5.31
CA PHE A 71 -9.64 -7.31 -4.71
C PHE A 71 -10.63 -8.03 -5.62
N GLY A 72 -10.60 -7.72 -6.93
CA GLY A 72 -11.57 -8.26 -7.87
C GLY A 72 -12.94 -7.61 -7.69
N GLN A 73 -13.01 -6.51 -6.94
CA GLN A 73 -14.28 -5.84 -6.64
C GLN A 73 -14.19 -4.32 -6.86
N LYS A 74 -12.99 -3.81 -7.18
CA LYS A 74 -12.73 -2.41 -7.46
C LYS A 74 -12.97 -1.47 -6.28
N MET A 75 -12.23 -0.36 -6.23
CA MET A 75 -12.47 0.72 -5.29
C MET A 75 -12.28 2.03 -6.05
N ASN A 76 -13.39 2.75 -6.26
CA ASN A 76 -13.49 3.92 -7.10
C ASN A 76 -12.67 5.09 -6.57
N VAL A 77 -11.80 5.79 -7.34
CA VAL A 77 -11.30 7.02 -6.69
C VAL A 77 -11.45 8.32 -7.49
N CYS A 78 -11.62 9.43 -6.77
CA CYS A 78 -11.78 10.77 -7.32
C CYS A 78 -11.47 11.78 -6.22
N VAL A 79 -11.40 13.07 -6.57
CA VAL A 79 -11.11 14.12 -5.60
C VAL A 79 -12.24 14.38 -4.60
N SER A 80 -11.89 14.75 -3.36
CA SER A 80 -12.86 15.07 -2.33
C SER A 80 -13.38 16.50 -2.50
N LYS A 81 -14.58 16.78 -1.97
CA LYS A 81 -15.16 18.12 -2.02
C LYS A 81 -15.05 18.82 -0.67
N GLN A 82 -14.54 18.12 0.35
CA GLN A 82 -14.29 18.69 1.66
C GLN A 82 -12.93 19.41 1.67
N PRO A 83 -12.74 20.37 2.58
CA PRO A 83 -11.49 21.10 2.69
C PRO A 83 -10.39 20.27 3.36
N ALA A 84 -10.74 19.45 4.36
CA ALA A 84 -9.77 18.64 5.09
C ALA A 84 -10.47 17.61 5.99
N ILE A 85 -9.71 16.60 6.43
CA ILE A 85 -10.21 15.62 7.39
C ILE A 85 -10.08 16.19 8.80
N MET A 86 -11.10 15.96 9.63
CA MET A 86 -11.07 16.36 11.03
C MET A 86 -10.79 15.16 11.93
N PRO A 87 -9.73 15.22 12.76
CA PRO A 87 -9.42 14.19 13.73
C PRO A 87 -10.42 14.27 14.88
N GLY A 88 -10.66 13.15 15.57
CA GLY A 88 -11.59 13.14 16.68
C GLY A 88 -12.16 11.75 16.92
N GLN A 89 -13.48 11.65 16.89
CA GLN A 89 -14.20 10.42 17.20
C GLN A 89 -14.04 9.40 16.07
N SER A 90 -14.37 8.14 16.36
CA SER A 90 -14.29 7.03 15.42
C SER A 90 -15.33 5.98 15.79
N TYR A 91 -15.44 4.92 14.98
CA TYR A 91 -16.41 3.85 15.23
C TYR A 91 -15.79 2.48 15.00
N GLY A 92 -14.48 2.42 14.75
CA GLY A 92 -13.78 1.17 14.51
C GLY A 92 -14.00 0.62 13.10
N LEU A 93 -13.51 -0.59 12.86
CA LEU A 93 -13.56 -1.26 11.57
C LEU A 93 -13.76 -2.77 11.79
N GLU A 94 -14.04 -3.51 10.71
CA GLU A 94 -14.24 -4.96 10.80
C GLU A 94 -12.92 -5.68 11.12
N ASP A 95 -11.79 -5.09 10.70
CA ASP A 95 -10.46 -5.62 10.98
C ASP A 95 -9.56 -4.65 11.74
N GLY A 96 -10.12 -3.55 12.25
CA GLY A 96 -9.35 -2.53 12.95
C GLY A 96 -10.14 -1.97 14.13
N SER A 97 -9.44 -1.27 15.03
CA SER A 97 -10.04 -0.74 16.25
C SER A 97 -10.50 0.71 16.08
N CYS A 98 -9.92 1.43 15.10
CA CYS A 98 -10.30 2.81 14.82
C CYS A 98 -10.64 2.97 13.35
N SER A 99 -11.58 3.87 13.05
CA SER A 99 -11.98 4.20 11.68
C SER A 99 -11.13 5.33 11.12
N TYR A 100 -10.06 5.68 11.85
CA TYR A 100 -9.14 6.76 11.51
C TYR A 100 -7.67 6.45 11.82
N LYS A 101 -6.74 7.03 11.07
CA LYS A 101 -5.33 6.80 11.32
C LYS A 101 -4.48 7.95 10.77
N ASP A 102 -3.37 8.22 11.45
CA ASP A 102 -2.42 9.26 11.07
C ASP A 102 -1.17 8.74 10.36
N PHE A 103 -0.65 9.52 9.42
CA PHE A 103 0.56 9.22 8.67
C PHE A 103 1.50 10.40 8.41
N SER A 104 1.13 11.57 8.92
CA SER A 104 1.89 12.80 8.71
C SER A 104 3.26 12.75 9.39
N GLU A 105 3.44 11.85 10.36
CA GLU A 105 4.70 11.65 11.06
C GLU A 105 5.29 10.27 10.76
N SER A 106 4.64 9.49 9.89
CA SER A 106 5.07 8.15 9.56
C SER A 106 6.28 8.16 8.62
N ARG A 107 7.12 7.13 8.73
CA ARG A 107 8.29 6.96 7.90
C ARG A 107 7.92 6.35 6.56
N ASN A 108 6.68 5.85 6.43
CA ASN A 108 6.23 5.15 5.23
C ASN A 108 6.15 6.08 4.02
N ASN A 109 6.12 7.39 4.24
CA ASN A 109 6.08 8.38 3.16
C ASN A 109 7.33 8.29 2.31
N ARG A 110 7.17 8.23 0.98
CA ARG A 110 8.29 7.99 0.08
C ARG A 110 9.10 9.27 -0.19
N PHE A 111 8.44 10.43 -0.24
CA PHE A 111 9.06 11.71 -0.54
C PHE A 111 9.44 12.61 0.63
N SER A 112 9.36 12.10 1.87
CA SER A 112 9.53 12.92 3.07
C SER A 112 10.97 13.30 3.38
N THR A 113 11.94 12.81 2.61
CA THR A 113 13.35 13.13 2.83
C THR A 113 14.14 13.45 1.56
N PRO A 114 15.14 14.34 1.65
CA PRO A 114 15.94 14.76 0.52
C PRO A 114 16.87 13.65 0.05
N GLU A 115 17.24 12.71 0.94
CA GLU A 115 18.11 11.61 0.58
C GLU A 115 17.31 10.48 -0.08
N GLN A 116 16.01 10.38 0.22
CA GLN A 116 15.15 9.42 -0.46
C GLN A 116 14.72 9.97 -1.82
N ALA A 117 14.34 11.25 -1.87
CA ALA A 117 13.87 11.87 -3.10
C ALA A 117 14.91 11.81 -4.21
N ALA A 118 16.18 11.58 -3.87
CA ALA A 118 17.26 11.49 -4.84
C ALA A 118 17.33 10.12 -5.52
N LYS A 119 16.73 9.10 -4.89
CA LYS A 119 16.72 7.73 -5.41
C LYS A 119 15.31 7.17 -5.60
N ASN A 120 14.27 7.99 -5.42
CA ASN A 120 12.90 7.56 -5.62
C ASN A 120 12.64 7.20 -7.08
N ARG A 121 11.65 6.32 -7.30
CA ARG A 121 11.25 5.89 -8.62
C ARG A 121 9.76 5.51 -8.58
N ILE A 122 9.00 5.93 -9.58
CA ILE A 122 7.56 5.71 -9.65
C ILE A 122 7.16 5.39 -11.08
N GLN A 123 6.21 4.45 -11.24
CA GLN A 123 5.70 4.02 -12.53
C GLN A 123 4.25 3.58 -12.38
N HIS A 124 3.57 3.37 -13.51
CA HIS A 124 2.21 2.84 -13.52
C HIS A 124 2.22 1.45 -12.86
N PRO A 125 1.08 1.03 -12.28
CA PRO A 125 0.98 -0.25 -11.61
C PRO A 125 1.16 -1.39 -12.62
N SER A 126 1.58 -2.55 -12.10
CA SER A 126 1.91 -3.70 -12.93
C SER A 126 1.73 -4.98 -12.12
N ASN A 127 1.92 -6.15 -12.75
CA ASN A 127 1.78 -7.41 -12.07
C ASN A 127 3.07 -7.78 -11.35
N VAL A 128 4.12 -6.97 -11.52
CA VAL A 128 5.38 -7.15 -10.82
C VAL A 128 5.48 -6.33 -9.53
N LEU A 129 6.01 -6.91 -8.47
CA LEU A 129 6.25 -6.22 -7.20
C LEU A 129 7.71 -6.39 -6.79
N HIS A 130 8.20 -5.42 -6.00
CA HIS A 130 9.56 -5.41 -5.49
C HIS A 130 9.48 -5.30 -3.98
N PHE A 131 10.20 -6.16 -3.25
CA PHE A 131 10.13 -6.16 -1.79
C PHE A 131 11.53 -5.97 -1.21
N PHE A 132 11.57 -5.52 0.04
CA PHE A 132 12.81 -5.18 0.71
C PHE A 132 12.65 -5.58 2.17
N ASN A 133 13.79 -5.92 2.79
CA ASN A 133 13.87 -6.40 4.16
C ASN A 133 12.91 -7.54 4.46
N ALA A 134 13.01 -8.62 3.69
CA ALA A 134 12.23 -9.83 3.89
C ALA A 134 13.10 -10.93 4.50
N PRO A 135 12.50 -11.96 5.12
CA PRO A 135 13.23 -13.06 5.73
C PRO A 135 14.20 -13.74 4.76
N LEU A 136 15.27 -14.32 5.28
CA LEU A 136 16.30 -14.96 4.47
C LEU A 136 15.79 -16.23 3.79
N GLU A 137 14.66 -16.77 4.26
CA GLU A 137 14.06 -17.99 3.74
C GLU A 137 12.62 -17.73 3.28
N VAL A 138 12.31 -16.47 2.92
CA VAL A 138 10.97 -16.05 2.56
C VAL A 138 10.39 -16.69 1.30
N THR A 139 11.24 -17.35 0.50
CA THR A 139 10.92 -17.76 -0.87
C THR A 139 9.64 -18.59 -0.98
N GLU A 140 9.27 -19.07 -2.17
CA GLU A 140 7.97 -19.68 -2.45
C GLU A 140 7.26 -20.28 -1.24
N GLU A 141 7.96 -20.95 -0.33
CA GLU A 141 7.40 -21.44 0.92
C GLU A 141 6.81 -20.32 1.82
N ASN A 142 7.46 -19.15 2.04
CA ASN A 142 6.89 -18.22 3.00
C ASN A 142 5.91 -17.35 2.24
N PHE A 143 6.15 -17.15 0.93
CA PHE A 143 5.19 -16.39 0.13
C PHE A 143 3.87 -17.11 -0.05
N PHE A 144 3.90 -18.44 -0.11
CA PHE A 144 2.69 -19.23 -0.28
C PHE A 144 1.85 -19.38 0.99
N GLU A 145 2.47 -19.61 2.14
CA GLU A 145 1.71 -19.79 3.37
C GLU A 145 1.13 -18.47 3.86
N ILE A 146 1.76 -17.34 3.52
CA ILE A 146 1.24 -16.03 3.93
C ILE A 146 0.06 -15.62 3.06
N CYS A 147 0.12 -15.86 1.74
CA CYS A 147 -0.98 -15.48 0.88
C CYS A 147 -2.23 -16.32 1.15
N ASP A 148 -2.03 -17.60 1.49
CA ASP A 148 -3.14 -18.50 1.78
C ASP A 148 -3.84 -18.16 3.09
N GLU A 149 -3.07 -17.74 4.10
CA GLU A 149 -3.62 -17.39 5.40
C GLU A 149 -4.40 -16.07 5.34
N LEU A 150 -4.03 -15.19 4.42
CA LEU A 150 -4.67 -13.88 4.27
C LEU A 150 -5.81 -13.92 3.25
N GLY A 151 -6.01 -15.05 2.57
CA GLY A 151 -7.13 -15.21 1.65
C GLY A 151 -6.91 -14.45 0.34
N VAL A 152 -5.66 -14.34 -0.11
CA VAL A 152 -5.30 -13.65 -1.35
C VAL A 152 -4.47 -14.53 -2.27
N LYS A 153 -4.35 -14.14 -3.54
CA LYS A 153 -3.63 -14.93 -4.53
C LYS A 153 -2.14 -15.01 -4.26
N ARG A 154 -1.56 -16.17 -4.55
CA ARG A 154 -0.13 -16.40 -4.44
C ARG A 154 0.54 -15.90 -5.73
N PRO A 155 1.82 -15.52 -5.67
CA PRO A 155 2.55 -15.05 -6.84
C PRO A 155 2.78 -16.20 -7.83
N THR A 156 2.78 -15.87 -9.12
CA THR A 156 3.05 -16.84 -10.18
C THR A 156 4.54 -17.03 -10.46
N SER A 157 5.37 -16.11 -9.96
CA SER A 157 6.82 -16.22 -10.05
C SER A 157 7.47 -15.52 -8.85
N VAL A 158 8.66 -15.97 -8.48
CA VAL A 158 9.39 -15.47 -7.32
C VAL A 158 10.88 -15.39 -7.63
N LYS A 159 11.55 -14.38 -7.07
CA LYS A 159 12.99 -14.20 -7.21
C LYS A 159 13.55 -13.60 -5.93
N VAL A 160 14.70 -14.10 -5.48
CA VAL A 160 15.35 -13.68 -4.24
C VAL A 160 16.86 -13.63 -4.43
N PHE A 161 17.52 -12.62 -3.86
CA PHE A 161 18.95 -12.45 -4.05
C PHE A 161 19.72 -11.68 -2.97
N SER A 162 21.05 -11.74 -3.05
CA SER A 162 21.94 -11.01 -2.16
C SER A 162 22.07 -9.55 -2.57
N GLY A 163 22.71 -8.75 -1.71
CA GLY A 163 22.92 -7.33 -1.95
C GLY A 163 21.70 -6.49 -1.58
N LYS A 164 21.77 -5.19 -1.89
CA LYS A 164 20.76 -4.17 -1.57
C LYS A 164 20.52 -3.97 -0.07
N SER A 165 20.90 -4.93 0.77
CA SER A 165 20.77 -4.82 2.22
C SER A 165 21.67 -5.84 2.91
N GLU A 166 22.01 -5.57 4.17
CA GLU A 166 22.80 -6.47 5.00
C GLU A 166 22.00 -6.95 6.19
N ARG A 167 20.81 -6.39 6.40
CA ARG A 167 19.93 -6.75 7.50
C ARG A 167 19.00 -7.91 7.13
N SER A 168 18.58 -7.96 5.87
CA SER A 168 17.59 -8.93 5.40
C SER A 168 17.63 -9.08 3.88
N SER A 169 16.92 -10.07 3.37
CA SER A 169 16.88 -10.39 1.94
C SER A 169 15.95 -9.45 1.17
N SER A 170 16.07 -9.44 -0.16
CA SER A 170 15.27 -8.63 -1.06
C SER A 170 15.07 -9.37 -2.38
N GLY A 171 14.07 -8.96 -3.17
CA GLY A 171 13.79 -9.64 -4.43
C GLY A 171 12.54 -9.11 -5.12
N LEU A 172 12.11 -9.82 -6.17
CA LEU A 172 10.97 -9.46 -6.99
C LEU A 172 9.91 -10.56 -6.94
N LEU A 173 8.66 -10.20 -7.28
CA LEU A 173 7.52 -11.10 -7.31
C LEU A 173 6.64 -10.76 -8.50
N GLU A 174 5.80 -11.69 -8.95
CA GLU A 174 4.94 -11.45 -10.10
C GLU A 174 3.64 -12.25 -9.99
N TRP A 175 2.56 -11.70 -10.55
CA TRP A 175 1.23 -12.29 -10.58
C TRP A 175 0.67 -12.42 -12.00
N ASP A 176 -0.46 -13.10 -12.14
CA ASP A 176 -1.08 -13.33 -13.44
C ASP A 176 -1.75 -12.03 -13.95
N SER A 177 -1.90 -11.03 -13.08
CA SER A 177 -2.53 -9.76 -13.44
C SER A 177 -2.10 -8.64 -12.50
N LYS A 178 -2.17 -7.39 -12.95
CA LYS A 178 -1.80 -6.24 -12.15
C LYS A 178 -2.80 -6.03 -11.01
N SER A 179 -4.03 -6.52 -11.18
CA SER A 179 -5.07 -6.41 -10.16
C SER A 179 -4.83 -7.45 -9.06
N ASP A 180 -4.15 -8.55 -9.40
CA ASP A 180 -3.80 -9.58 -8.42
C ASP A 180 -2.59 -9.15 -7.59
N ALA A 181 -1.69 -8.37 -8.19
CA ALA A 181 -0.55 -7.83 -7.48
C ALA A 181 -1.00 -6.66 -6.59
N LEU A 182 -2.10 -6.00 -6.94
CA LEU A 182 -2.60 -4.86 -6.17
C LEU A 182 -3.26 -5.33 -4.88
N GLU A 183 -4.04 -6.42 -4.92
CA GLU A 183 -4.68 -6.92 -3.72
C GLU A 183 -3.62 -7.52 -2.79
N THR A 184 -2.60 -8.16 -3.35
CA THR A 184 -1.52 -8.71 -2.56
C THR A 184 -0.53 -7.68 -2.03
N LEU A 185 -0.45 -6.52 -2.70
CA LEU A 185 0.36 -5.40 -2.23
C LEU A 185 -0.25 -4.88 -0.93
N GLY A 186 -1.58 -4.83 -0.85
CA GLY A 186 -2.25 -4.39 0.36
C GLY A 186 -2.05 -5.38 1.50
N PHE A 187 -2.05 -6.68 1.19
CA PHE A 187 -1.84 -7.72 2.19
C PHE A 187 -0.42 -8.10 2.57
N LEU A 188 0.60 -7.54 1.91
CA LEU A 188 1.99 -7.84 2.26
C LEU A 188 2.80 -6.61 2.64
N ASN A 189 2.39 -5.41 2.22
CA ASN A 189 3.21 -4.24 2.48
C ASN A 189 3.16 -3.89 3.97
N HIS A 190 4.31 -3.51 4.53
CA HIS A 190 4.47 -3.14 5.93
C HIS A 190 4.08 -4.25 6.90
N TYR A 191 3.88 -5.48 6.40
CA TYR A 191 3.55 -6.62 7.23
C TYR A 191 4.69 -7.13 8.12
N GLN A 192 4.39 -7.53 9.35
CA GLN A 192 5.40 -7.94 10.31
C GLN A 192 6.00 -9.30 9.93
N MET A 193 7.32 -9.44 10.05
CA MET A 193 8.01 -10.70 9.79
C MET A 193 7.96 -11.60 11.02
N LYS A 194 7.86 -12.92 10.80
CA LYS A 194 7.92 -13.89 11.87
C LYS A 194 9.38 -14.15 12.25
N ASN A 195 9.61 -14.79 13.40
CA ASN A 195 10.95 -15.14 13.85
C ASN A 195 10.92 -16.43 14.67
N PRO A 196 12.02 -17.21 14.63
CA PRO A 196 12.09 -18.49 15.31
C PRO A 196 12.25 -18.31 16.83
N ASN A 197 12.85 -17.20 17.27
CA ASN A 197 13.08 -16.95 18.69
C ASN A 197 13.33 -15.47 19.01
N GLY A 198 13.13 -14.57 18.03
CA GLY A 198 13.41 -13.16 18.23
C GLY A 198 12.45 -12.52 19.22
N PRO A 199 12.90 -11.49 19.95
CA PRO A 199 12.10 -10.80 20.95
C PRO A 199 11.05 -9.90 20.31
N TYR A 200 11.31 -9.43 19.09
CA TYR A 200 10.39 -8.57 18.34
C TYR A 200 10.53 -8.63 16.82
N PRO A 201 9.42 -8.45 16.08
CA PRO A 201 9.41 -8.46 14.63
C PRO A 201 9.92 -7.13 14.05
N TYR A 202 10.24 -7.16 12.75
CA TYR A 202 10.61 -5.97 11.99
C TYR A 202 9.71 -6.07 10.75
N THR A 203 9.20 -4.94 10.26
CA THR A 203 8.31 -4.94 9.12
C THR A 203 8.97 -5.18 7.76
N LEU A 204 8.31 -5.99 6.93
CA LEU A 204 8.67 -6.24 5.55
C LEU A 204 7.96 -5.20 4.69
N LYS A 205 8.56 -4.76 3.58
CA LYS A 205 7.91 -3.75 2.75
C LYS A 205 8.10 -4.03 1.27
N LEU A 206 7.22 -3.46 0.43
CA LEU A 206 7.27 -3.64 -1.00
C LEU A 206 6.49 -2.53 -1.72
N CYS A 207 6.65 -2.48 -3.04
CA CYS A 207 6.09 -1.44 -3.90
C CYS A 207 5.95 -1.98 -5.32
N PHE A 208 5.17 -1.31 -6.18
CA PHE A 208 5.09 -1.69 -7.58
C PHE A 208 6.44 -1.68 -8.29
N SER A 209 6.85 -2.82 -8.84
CA SER A 209 8.21 -2.96 -9.32
C SER A 209 8.47 -2.25 -10.65
N THR A 210 9.69 -1.72 -10.78
CA THR A 210 10.23 -1.20 -12.02
C THR A 210 11.40 -2.02 -12.57
N ALA A 211 11.59 -3.22 -12.03
CA ALA A 211 12.66 -4.13 -12.41
C ALA A 211 12.53 -4.60 -13.86
N GLN A 212 13.63 -5.13 -14.41
CA GLN A 212 13.67 -5.56 -15.80
C GLN A 212 13.19 -7.00 -15.98
N HIS A 213 12.86 -7.68 -14.88
CA HIS A 213 12.35 -9.05 -14.87
C HIS A 213 12.03 -9.49 -13.45
N ALA A 214 11.49 -10.70 -13.31
CA ALA A 214 11.13 -11.28 -12.02
C ALA A 214 11.56 -12.75 -11.93
N SER A 215 12.54 -13.13 -12.74
CA SER A 215 13.03 -14.50 -12.82
C SER A 215 14.56 -14.54 -12.94
N TYR A 1 9.20 19.16 -10.61
CA TYR A 1 7.94 19.91 -10.77
C TYR A 1 6.89 19.25 -11.65
N GLY A 2 5.62 19.54 -11.39
CA GLY A 2 4.51 18.96 -12.12
C GLY A 2 3.17 19.52 -11.63
N PRO A 3 2.06 18.99 -12.14
CA PRO A 3 0.72 19.39 -11.76
C PRO A 3 0.39 18.96 -10.32
N HIS A 4 -0.74 19.46 -9.80
CA HIS A 4 -1.19 19.17 -8.45
C HIS A 4 -2.71 19.24 -8.37
N ALA A 5 -3.28 18.55 -7.38
CA ALA A 5 -4.72 18.54 -7.15
C ALA A 5 -5.19 19.88 -6.56
N ASP A 6 -6.47 20.19 -6.75
CA ASP A 6 -7.08 21.43 -6.28
C ASP A 6 -7.50 21.45 -4.82
N SER A 7 -7.18 20.39 -4.07
CA SER A 7 -7.54 20.29 -2.67
C SER A 7 -6.56 19.37 -1.90
N PRO A 8 -6.26 19.68 -0.64
CA PRO A 8 -5.45 18.82 0.23
C PRO A 8 -6.09 17.46 0.49
N VAL A 9 -7.33 17.28 0.03
CA VAL A 9 -8.11 16.08 0.31
C VAL A 9 -8.51 15.30 -0.94
N LEU A 10 -8.73 14.00 -0.77
CA LEU A 10 -9.10 13.05 -1.81
C LEU A 10 -10.29 12.23 -1.31
N MET A 11 -11.10 11.70 -2.22
CA MET A 11 -12.32 11.00 -1.86
C MET A 11 -12.46 9.71 -2.65
N VAL A 12 -12.86 8.63 -1.96
CA VAL A 12 -12.94 7.29 -2.55
C VAL A 12 -14.32 6.70 -2.22
N TYR A 13 -14.81 5.82 -3.10
CA TYR A 13 -16.10 5.18 -2.96
C TYR A 13 -15.86 3.71 -3.33
N GLY A 14 -16.88 2.88 -3.14
CA GLY A 14 -16.82 1.47 -3.51
C GLY A 14 -16.16 0.60 -2.45
N LEU A 15 -15.91 1.15 -1.25
CA LEU A 15 -15.27 0.44 -0.16
C LEU A 15 -16.22 -0.53 0.55
N ASP A 16 -17.23 -1.03 -0.15
CA ASP A 16 -18.25 -1.89 0.42
C ASP A 16 -17.74 -3.24 0.92
N GLN A 17 -16.81 -3.86 0.18
CA GLN A 17 -16.27 -5.17 0.55
C GLN A 17 -15.45 -5.07 1.83
N SER A 18 -15.43 -6.16 2.61
CA SER A 18 -14.80 -6.22 3.92
C SER A 18 -13.27 -6.20 3.84
N LYS A 19 -12.71 -6.26 2.63
CA LYS A 19 -11.27 -6.32 2.44
C LYS A 19 -10.63 -4.94 2.59
N MET A 20 -11.43 -3.87 2.58
CA MET A 20 -10.91 -2.52 2.70
C MET A 20 -10.70 -2.13 4.16
N ASN A 21 -9.70 -1.28 4.40
CA ASN A 21 -9.37 -0.79 5.73
C ASN A 21 -8.50 0.46 5.59
N CYS A 22 -8.39 1.27 6.65
CA CYS A 22 -7.56 2.47 6.61
C CYS A 22 -6.10 2.13 6.31
N ASP A 23 -5.65 0.96 6.76
CA ASP A 23 -4.31 0.47 6.46
C ASP A 23 -4.16 -0.02 5.02
N ARG A 24 -5.26 -0.52 4.45
CA ARG A 24 -5.25 -1.09 3.11
C ARG A 24 -5.17 0.03 2.07
N VAL A 25 -6.07 1.01 2.20
CA VAL A 25 -6.15 2.10 1.25
C VAL A 25 -4.87 2.93 1.31
N PHE A 26 -4.32 3.15 2.51
CA PHE A 26 -3.06 3.87 2.57
C PHE A 26 -1.84 3.17 2.01
N ASN A 27 -1.54 1.93 2.41
CA ASN A 27 -0.26 1.36 1.96
C ASN A 27 -0.24 1.35 0.42
N VAL A 28 -1.41 1.10 -0.20
CA VAL A 28 -1.49 1.05 -1.65
C VAL A 28 -1.08 2.41 -2.23
N PHE A 29 -1.82 3.49 -1.96
CA PHE A 29 -1.43 4.80 -2.46
C PHE A 29 -0.29 5.53 -1.74
N CYS A 30 0.21 4.98 -0.63
CA CYS A 30 1.31 5.56 0.11
C CYS A 30 2.63 5.26 -0.59
N LEU A 31 2.73 4.12 -1.26
CA LEU A 31 3.94 3.85 -2.06
C LEU A 31 4.12 4.93 -3.15
N TYR A 32 3.06 5.69 -3.45
CA TYR A 32 3.08 6.75 -4.45
C TYR A 32 3.44 8.16 -3.95
N GLY A 33 3.36 8.41 -2.64
CA GLY A 33 3.63 9.74 -2.10
C GLY A 33 3.35 9.85 -0.61
N ASN A 34 3.58 11.04 -0.03
CA ASN A 34 3.43 11.28 1.40
C ASN A 34 1.97 11.38 1.83
N VAL A 35 1.71 10.92 3.06
CA VAL A 35 0.37 10.76 3.62
C VAL A 35 0.11 11.69 4.80
N GLU A 36 -1.16 11.89 5.18
CA GLU A 36 -1.54 12.65 6.36
C GLU A 36 -2.58 11.92 7.20
N LYS A 37 -3.81 11.75 6.69
CA LYS A 37 -4.91 11.13 7.46
C LYS A 37 -5.95 10.45 6.57
N VAL A 38 -6.70 9.50 7.14
CA VAL A 38 -7.80 8.83 6.44
C VAL A 38 -8.93 8.60 7.44
N LYS A 39 -10.17 8.64 6.95
CA LYS A 39 -11.33 8.45 7.80
C LYS A 39 -12.51 7.90 7.01
N PHE A 40 -13.05 6.76 7.46
CA PHE A 40 -14.21 6.14 6.86
C PHE A 40 -15.53 6.83 7.18
N MET A 41 -16.60 6.56 6.40
CA MET A 41 -17.88 7.20 6.62
C MET A 41 -19.03 6.21 6.55
N LYS A 42 -19.86 6.21 7.61
CA LYS A 42 -21.05 5.39 7.72
C LYS A 42 -22.23 6.00 6.95
N SER A 43 -22.04 7.21 6.39
CA SER A 43 -23.08 7.88 5.62
C SER A 43 -23.20 7.31 4.21
N LYS A 44 -22.33 6.37 3.86
CA LYS A 44 -22.32 5.69 2.57
C LYS A 44 -22.05 4.19 2.77
N PRO A 45 -22.42 3.34 1.81
CA PRO A 45 -22.19 1.90 1.90
C PRO A 45 -20.70 1.57 1.84
N GLY A 46 -19.86 2.54 1.46
CA GLY A 46 -18.41 2.38 1.47
C GLY A 46 -17.74 3.62 0.89
N ALA A 47 -17.26 4.49 1.78
CA ALA A 47 -16.59 5.72 1.39
C ALA A 47 -15.66 6.20 2.49
N ALA A 48 -14.66 7.00 2.13
CA ALA A 48 -13.69 7.52 3.09
C ALA A 48 -13.06 8.81 2.58
N MET A 49 -12.75 9.71 3.52
CA MET A 49 -12.01 10.94 3.24
C MET A 49 -10.52 10.64 3.39
N VAL A 50 -9.67 11.31 2.60
CA VAL A 50 -8.25 11.08 2.62
C VAL A 50 -7.42 12.35 2.47
N GLU A 51 -6.61 12.69 3.46
CA GLU A 51 -5.73 13.84 3.41
C GLU A 51 -4.30 13.36 3.12
N MET A 52 -3.63 14.03 2.18
CA MET A 52 -2.29 13.65 1.73
C MET A 52 -1.58 14.89 1.21
N ALA A 53 -0.29 14.76 0.86
CA ALA A 53 0.39 15.82 0.15
C ALA A 53 -0.29 15.90 -1.22
N ASP A 54 -0.92 17.03 -1.54
CA ASP A 54 -1.80 17.03 -2.70
C ASP A 54 -1.10 16.97 -4.04
N GLY A 55 0.08 17.58 -4.15
CA GLY A 55 0.83 17.62 -5.39
C GLY A 55 1.05 16.22 -5.94
N TYR A 56 2.13 15.57 -5.49
CA TYR A 56 2.49 14.27 -6.00
C TYR A 56 1.64 13.08 -5.54
N ALA A 57 0.99 13.16 -4.38
CA ALA A 57 0.26 12.00 -3.89
C ALA A 57 -1.18 11.98 -4.41
N VAL A 58 -1.85 13.13 -4.58
CA VAL A 58 -3.22 13.07 -5.07
C VAL A 58 -3.20 13.02 -6.60
N ASP A 59 -2.13 13.51 -7.22
CA ASP A 59 -1.98 13.37 -8.67
C ASP A 59 -1.78 11.92 -9.08
N ARG A 60 -0.78 11.24 -8.49
CA ARG A 60 -0.44 9.87 -8.85
C ARG A 60 -1.57 8.90 -8.53
N ALA A 61 -2.28 9.09 -7.42
CA ALA A 61 -3.37 8.19 -7.07
C ALA A 61 -4.53 8.33 -8.04
N ILE A 62 -4.78 9.55 -8.52
CA ILE A 62 -5.84 9.80 -9.50
C ILE A 62 -5.38 9.40 -10.91
N THR A 63 -4.08 9.13 -11.09
CA THR A 63 -3.53 8.71 -12.38
C THR A 63 -3.40 7.20 -12.50
N HIS A 64 -3.38 6.45 -11.39
CA HIS A 64 -3.03 5.03 -11.47
C HIS A 64 -4.02 4.02 -10.88
N LEU A 65 -4.78 4.36 -9.82
CA LEU A 65 -5.55 3.34 -9.11
C LEU A 65 -7.00 3.75 -8.81
N ASN A 66 -7.34 5.02 -9.07
CA ASN A 66 -8.61 5.57 -8.63
C ASN A 66 -9.85 5.03 -9.39
N ASN A 67 -10.66 4.11 -8.91
CA ASN A 67 -11.60 3.32 -9.74
C ASN A 67 -10.88 2.21 -10.52
N ASN A 68 -9.70 1.80 -10.07
CA ASN A 68 -9.05 0.60 -10.59
C ASN A 68 -9.58 -0.63 -9.85
N PHE A 69 -9.44 -1.81 -10.45
CA PHE A 69 -9.90 -3.05 -9.85
C PHE A 69 -9.03 -3.61 -8.72
N MET A 70 -9.66 -4.12 -7.66
CA MET A 70 -8.97 -4.69 -6.51
C MET A 70 -9.93 -5.60 -5.75
N PHE A 71 -9.42 -6.69 -5.17
CA PHE A 71 -10.22 -7.65 -4.43
C PHE A 71 -11.35 -8.35 -5.21
N GLY A 72 -11.31 -8.28 -6.55
CA GLY A 72 -12.38 -8.77 -7.39
C GLY A 72 -13.53 -7.75 -7.46
N GLN A 73 -13.28 -6.53 -6.96
CA GLN A 73 -14.22 -5.43 -6.92
C GLN A 73 -13.51 -4.17 -7.40
N LYS A 74 -14.05 -2.99 -7.08
CA LYS A 74 -13.47 -1.71 -7.53
C LYS A 74 -13.45 -0.71 -6.38
N MET A 75 -12.48 0.21 -6.42
CA MET A 75 -12.35 1.29 -5.43
C MET A 75 -12.19 2.62 -6.18
N ASN A 76 -13.31 3.27 -6.45
CA ASN A 76 -13.42 4.47 -7.26
C ASN A 76 -12.57 5.61 -6.71
N VAL A 77 -11.68 6.30 -7.48
CA VAL A 77 -11.14 7.50 -6.81
C VAL A 77 -11.23 8.82 -7.59
N CYS A 78 -11.34 9.93 -6.85
CA CYS A 78 -11.46 11.28 -7.37
C CYS A 78 -11.07 12.27 -6.27
N VAL A 79 -10.87 13.54 -6.61
CA VAL A 79 -10.54 14.55 -5.61
C VAL A 79 -11.72 14.89 -4.69
N SER A 80 -11.42 15.26 -3.45
CA SER A 80 -12.43 15.61 -2.46
C SER A 80 -12.86 17.07 -2.57
N LYS A 81 -14.05 17.41 -2.06
CA LYS A 81 -14.54 18.77 -2.05
C LYS A 81 -14.52 19.36 -0.63
N GLN A 82 -14.11 18.57 0.36
CA GLN A 82 -13.96 19.03 1.73
C GLN A 82 -12.59 19.69 1.93
N PRO A 83 -12.48 20.68 2.83
CA PRO A 83 -11.24 21.39 3.07
C PRO A 83 -10.26 20.58 3.93
N ALA A 84 -10.77 19.76 4.86
CA ALA A 84 -9.93 18.99 5.76
C ALA A 84 -10.73 17.92 6.51
N ILE A 85 -10.04 16.88 6.99
CA ILE A 85 -10.62 15.87 7.84
C ILE A 85 -10.62 16.36 9.29
N MET A 86 -11.64 16.00 10.06
CA MET A 86 -11.68 16.30 11.48
C MET A 86 -11.64 15.01 12.31
N PRO A 87 -10.69 14.90 13.26
CA PRO A 87 -10.57 13.78 14.18
C PRO A 87 -11.63 13.88 15.27
N GLY A 88 -11.72 12.84 16.12
CA GLY A 88 -12.67 12.82 17.22
C GLY A 88 -13.36 11.47 17.32
N GLN A 89 -14.64 11.44 16.96
CA GLN A 89 -15.47 10.25 17.06
C GLN A 89 -15.08 9.22 15.99
N SER A 90 -15.43 7.97 16.24
CA SER A 90 -15.15 6.84 15.34
C SER A 90 -16.06 5.67 15.69
N TYR A 91 -16.19 4.70 14.77
CA TYR A 91 -17.05 3.55 14.97
C TYR A 91 -16.39 2.20 14.70
N GLY A 92 -15.11 2.22 14.34
CA GLY A 92 -14.35 1.01 14.03
C GLY A 92 -14.62 0.50 12.62
N LEU A 93 -14.01 -0.64 12.28
CA LEU A 93 -14.13 -1.29 10.98
C LEU A 93 -14.14 -2.80 11.16
N GLU A 94 -14.68 -3.53 10.20
CA GLU A 94 -14.75 -4.99 10.23
C GLU A 94 -13.38 -5.63 10.03
N ASP A 95 -12.37 -4.85 9.63
CA ASP A 95 -11.01 -5.34 9.41
C ASP A 95 -10.02 -4.61 10.34
N GLY A 96 -10.54 -4.00 11.42
CA GLY A 96 -9.72 -3.24 12.35
C GLY A 96 -10.49 -2.92 13.63
N SER A 97 -10.14 -1.80 14.28
CA SER A 97 -10.80 -1.36 15.49
C SER A 97 -11.16 0.13 15.45
N CYS A 98 -10.56 0.88 14.52
CA CYS A 98 -10.83 2.30 14.33
C CYS A 98 -11.18 2.62 12.89
N SER A 99 -12.06 3.60 12.68
CA SER A 99 -12.44 4.07 11.35
C SER A 99 -11.54 5.25 10.94
N TYR A 100 -10.62 5.64 11.81
CA TYR A 100 -9.68 6.73 11.60
C TYR A 100 -8.22 6.37 11.80
N LYS A 101 -7.32 6.96 11.00
CA LYS A 101 -5.90 6.65 11.08
C LYS A 101 -5.08 7.82 10.56
N ASP A 102 -3.81 7.90 10.98
CA ASP A 102 -2.91 8.97 10.60
C ASP A 102 -1.49 8.50 10.25
N PHE A 103 -0.88 9.13 9.24
CA PHE A 103 0.45 8.79 8.76
C PHE A 103 1.39 9.99 8.64
N SER A 104 0.99 11.13 9.22
CA SER A 104 1.70 12.39 9.09
C SER A 104 3.09 12.33 9.71
N GLU A 105 3.29 11.43 10.69
CA GLU A 105 4.57 11.25 11.37
C GLU A 105 5.18 9.88 11.08
N SER A 106 4.54 9.09 10.22
CA SER A 106 4.98 7.75 9.90
C SER A 106 6.19 7.75 8.97
N ARG A 107 7.00 6.69 9.04
CA ARG A 107 8.15 6.50 8.16
C ARG A 107 7.72 5.88 6.83
N ASN A 108 6.50 5.33 6.78
CA ASN A 108 6.00 4.60 5.63
C ASN A 108 5.90 5.48 4.38
N ASN A 109 5.82 6.80 4.56
CA ASN A 109 5.72 7.74 3.46
C ASN A 109 6.92 7.57 2.54
N ARG A 110 6.68 7.47 1.23
CA ARG A 110 7.72 7.11 0.28
C ARG A 110 8.76 8.23 0.13
N PHE A 111 8.32 9.49 0.22
CA PHE A 111 9.19 10.65 0.12
C PHE A 111 9.66 11.30 1.42
N SER A 112 9.56 10.56 2.53
CA SER A 112 9.81 11.09 3.87
C SER A 112 11.24 11.59 4.07
N THR A 113 12.19 11.06 3.31
CA THR A 113 13.60 11.42 3.44
C THR A 113 14.31 11.68 2.13
N PRO A 114 15.36 12.53 2.13
CA PRO A 114 16.17 12.78 0.96
C PRO A 114 17.01 11.54 0.63
N GLU A 115 17.10 10.60 1.57
CA GLU A 115 17.82 9.36 1.38
C GLU A 115 16.98 8.42 0.51
N GLN A 116 15.65 8.51 0.64
CA GLN A 116 14.73 7.77 -0.20
C GLN A 116 14.57 8.49 -1.55
N ALA A 117 14.36 9.81 -1.49
CA ALA A 117 14.03 10.60 -2.66
C ALA A 117 15.15 10.61 -3.70
N ALA A 118 16.38 10.30 -3.29
CA ALA A 118 17.52 10.27 -4.20
C ALA A 118 17.50 9.00 -5.08
N LYS A 119 16.82 7.94 -4.63
CA LYS A 119 16.76 6.69 -5.37
C LYS A 119 15.32 6.24 -5.66
N ASN A 120 14.32 6.98 -5.19
CA ASN A 120 12.93 6.62 -5.42
C ASN A 120 12.60 6.57 -6.92
N ARG A 121 11.60 5.75 -7.25
CA ARG A 121 11.15 5.55 -8.62
C ARG A 121 9.67 5.17 -8.59
N ILE A 122 8.94 5.59 -9.63
CA ILE A 122 7.49 5.39 -9.71
C ILE A 122 7.12 4.91 -11.11
N GLN A 123 6.07 4.08 -11.20
CA GLN A 123 5.61 3.54 -12.47
C GLN A 123 4.13 3.14 -12.35
N HIS A 124 3.44 3.01 -13.49
CA HIS A 124 2.05 2.56 -13.52
C HIS A 124 1.95 1.15 -12.93
N PRO A 125 0.76 0.77 -12.42
CA PRO A 125 0.56 -0.52 -11.79
C PRO A 125 0.71 -1.65 -12.81
N SER A 126 1.22 -2.79 -12.34
CA SER A 126 1.52 -3.94 -13.17
C SER A 126 1.39 -5.22 -12.35
N ASN A 127 1.58 -6.37 -12.99
CA ASN A 127 1.50 -7.65 -12.30
C ASN A 127 2.85 -7.98 -11.64
N VAL A 128 3.85 -7.12 -11.82
CA VAL A 128 5.14 -7.24 -11.16
C VAL A 128 5.19 -6.48 -9.85
N LEU A 129 5.88 -7.04 -8.85
CA LEU A 129 5.97 -6.42 -7.54
C LEU A 129 7.40 -6.54 -7.01
N HIS A 130 7.80 -5.58 -6.16
CA HIS A 130 9.14 -5.52 -5.60
C HIS A 130 9.04 -5.50 -4.08
N PHE A 131 10.05 -6.03 -3.39
CA PHE A 131 10.04 -6.04 -1.94
C PHE A 131 11.44 -5.80 -1.38
N PHE A 132 11.47 -5.38 -0.12
CA PHE A 132 12.70 -5.04 0.60
C PHE A 132 12.34 -5.40 2.05
N ASN A 133 13.36 -5.59 2.89
CA ASN A 133 13.16 -6.04 4.26
C ASN A 133 12.42 -7.38 4.31
N ALA A 134 12.98 -8.41 3.67
CA ALA A 134 12.42 -9.75 3.70
C ALA A 134 13.44 -10.77 4.22
N PRO A 135 12.99 -11.83 4.91
CA PRO A 135 13.86 -12.85 5.48
C PRO A 135 14.75 -13.52 4.44
N LEU A 136 15.88 -14.06 4.89
CA LEU A 136 16.87 -14.70 4.04
C LEU A 136 16.34 -16.00 3.42
N GLU A 137 15.26 -16.55 3.99
CA GLU A 137 14.66 -17.80 3.55
C GLU A 137 13.21 -17.61 3.09
N VAL A 138 12.85 -16.36 2.76
CA VAL A 138 11.48 -15.99 2.43
C VAL A 138 10.90 -16.64 1.18
N THR A 139 11.75 -17.25 0.34
CA THR A 139 11.39 -17.65 -1.02
C THR A 139 10.15 -18.53 -1.09
N GLU A 140 9.75 -19.00 -2.28
CA GLU A 140 8.47 -19.67 -2.53
C GLU A 140 7.83 -20.31 -1.30
N GLU A 141 8.60 -20.96 -0.43
CA GLU A 141 8.11 -21.48 0.83
C GLU A 141 7.50 -20.41 1.76
N ASN A 142 8.10 -19.23 2.00
CA ASN A 142 7.50 -18.36 3.00
C ASN A 142 6.47 -17.51 2.27
N PHE A 143 6.69 -17.27 0.97
CA PHE A 143 5.70 -16.53 0.20
C PHE A 143 4.36 -17.25 0.09
N PHE A 144 4.40 -18.58 -0.06
CA PHE A 144 3.18 -19.36 -0.18
C PHE A 144 2.41 -19.59 1.12
N GLU A 145 3.11 -19.89 2.22
CA GLU A 145 2.42 -20.16 3.47
C GLU A 145 1.90 -18.86 4.10
N ILE A 146 2.47 -17.71 3.73
CA ILE A 146 1.97 -16.43 4.21
C ILE A 146 0.70 -16.05 3.45
N CYS A 147 0.66 -16.30 2.15
CA CYS A 147 -0.53 -15.99 1.36
C CYS A 147 -1.68 -16.92 1.73
N ASP A 148 -1.37 -18.16 2.12
CA ASP A 148 -2.38 -19.13 2.52
C ASP A 148 -2.96 -18.76 3.89
N GLU A 149 -2.14 -18.17 4.76
CA GLU A 149 -2.57 -17.79 6.10
C GLU A 149 -3.52 -16.60 6.07
N LEU A 150 -3.40 -15.73 5.05
CA LEU A 150 -4.25 -14.55 4.93
C LEU A 150 -5.43 -14.80 4.00
N GLY A 151 -5.47 -15.96 3.35
CA GLY A 151 -6.57 -16.34 2.46
C GLY A 151 -6.55 -15.59 1.13
N VAL A 152 -5.69 -14.57 0.97
CA VAL A 152 -5.57 -13.82 -0.26
C VAL A 152 -4.77 -14.56 -1.34
N LYS A 153 -4.70 -13.99 -2.54
CA LYS A 153 -4.03 -14.59 -3.68
C LYS A 153 -2.54 -14.81 -3.41
N ARG A 154 -1.92 -15.64 -4.26
CA ARG A 154 -0.51 -15.96 -4.17
C ARG A 154 0.15 -15.71 -5.52
N PRO A 155 1.45 -15.36 -5.54
CA PRO A 155 2.16 -15.01 -6.75
C PRO A 155 2.37 -16.23 -7.65
N THR A 156 2.52 -15.98 -8.95
CA THR A 156 2.80 -17.01 -9.93
C THR A 156 4.29 -17.27 -10.15
N SER A 157 5.13 -16.33 -9.70
CA SER A 157 6.58 -16.48 -9.78
C SER A 157 7.26 -15.61 -8.72
N VAL A 158 8.47 -15.99 -8.31
CA VAL A 158 9.23 -15.28 -7.29
C VAL A 158 10.72 -15.22 -7.59
N LYS A 159 11.41 -14.22 -7.03
CA LYS A 159 12.84 -14.05 -7.15
C LYS A 159 13.39 -13.41 -5.88
N VAL A 160 14.56 -13.86 -5.43
CA VAL A 160 15.20 -13.35 -4.22
C VAL A 160 16.71 -13.23 -4.38
N PHE A 161 17.31 -12.18 -3.82
CA PHE A 161 18.74 -11.95 -3.92
C PHE A 161 19.39 -11.10 -2.82
N SER A 162 20.72 -11.12 -2.80
CA SER A 162 21.52 -10.34 -1.86
C SER A 162 21.87 -8.98 -2.45
N GLY A 163 22.52 -8.13 -1.64
CA GLY A 163 22.92 -6.79 -2.04
C GLY A 163 21.90 -5.74 -1.62
N LYS A 164 22.22 -4.48 -1.90
CA LYS A 164 21.42 -3.29 -1.60
C LYS A 164 20.90 -3.20 -0.17
N SER A 165 21.42 -4.04 0.73
CA SER A 165 21.07 -4.04 2.15
C SER A 165 22.15 -4.75 2.95
N GLU A 166 22.22 -4.44 4.25
CA GLU A 166 23.24 -5.00 5.13
C GLU A 166 22.63 -5.86 6.25
N ARG A 167 21.31 -6.10 6.23
CA ARG A 167 20.66 -6.92 7.26
C ARG A 167 19.57 -7.83 6.70
N SER A 168 19.17 -7.64 5.43
CA SER A 168 18.00 -8.33 4.91
C SER A 168 18.08 -8.49 3.39
N SER A 169 17.25 -9.38 2.83
CA SER A 169 17.22 -9.65 1.40
C SER A 169 16.24 -8.73 0.68
N SER A 170 16.24 -8.81 -0.65
CA SER A 170 15.33 -8.09 -1.53
C SER A 170 15.02 -8.96 -2.75
N GLY A 171 14.00 -8.60 -3.51
CA GLY A 171 13.64 -9.39 -4.68
C GLY A 171 12.36 -8.93 -5.35
N LEU A 172 11.91 -9.69 -6.36
CA LEU A 172 10.74 -9.39 -7.15
C LEU A 172 9.73 -10.53 -7.06
N LEU A 173 8.47 -10.22 -7.41
CA LEU A 173 7.36 -11.17 -7.41
C LEU A 173 6.49 -10.89 -8.64
N GLU A 174 5.65 -11.86 -9.03
CA GLU A 174 4.77 -11.67 -10.18
C GLU A 174 3.46 -12.44 -10.01
N TRP A 175 2.39 -11.91 -10.61
CA TRP A 175 1.03 -12.46 -10.60
C TRP A 175 0.45 -12.60 -12.00
N ASP A 176 -0.72 -13.25 -12.11
CA ASP A 176 -1.41 -13.39 -13.38
C ASP A 176 -2.10 -12.12 -13.88
N SER A 177 -2.17 -11.09 -13.04
CA SER A 177 -2.79 -9.82 -13.38
C SER A 177 -2.32 -8.72 -12.43
N LYS A 178 -2.43 -7.46 -12.85
CA LYS A 178 -2.01 -6.33 -12.02
C LYS A 178 -2.99 -6.09 -10.88
N SER A 179 -4.22 -6.59 -11.00
CA SER A 179 -5.21 -6.48 -9.92
C SER A 179 -4.94 -7.54 -8.86
N ASP A 180 -4.31 -8.65 -9.24
CA ASP A 180 -3.93 -9.70 -8.30
C ASP A 180 -2.70 -9.30 -7.49
N ALA A 181 -1.77 -8.59 -8.13
CA ALA A 181 -0.59 -8.08 -7.46
C ALA A 181 -0.96 -6.92 -6.54
N LEU A 182 -2.02 -6.19 -6.89
CA LEU A 182 -2.51 -5.07 -6.10
C LEU A 182 -3.21 -5.57 -4.85
N GLU A 183 -4.01 -6.63 -5.00
CA GLU A 183 -4.72 -7.23 -3.88
C GLU A 183 -3.73 -7.79 -2.85
N THR A 184 -2.73 -8.53 -3.34
CA THR A 184 -1.70 -9.07 -2.47
C THR A 184 -0.75 -8.02 -1.90
N LEU A 185 -0.59 -6.90 -2.60
CA LEU A 185 0.15 -5.75 -2.11
C LEU A 185 -0.59 -5.15 -0.93
N GLY A 186 -1.92 -5.12 -0.98
CA GLY A 186 -2.71 -4.55 0.10
C GLY A 186 -2.55 -5.36 1.39
N PHE A 187 -2.51 -6.69 1.28
CA PHE A 187 -2.34 -7.56 2.43
C PHE A 187 -0.93 -7.98 2.86
N LEU A 188 0.12 -7.60 2.12
CA LEU A 188 1.49 -7.96 2.50
C LEU A 188 2.39 -6.75 2.73
N ASN A 189 1.93 -5.53 2.49
CA ASN A 189 2.76 -4.37 2.74
C ASN A 189 2.81 -4.13 4.25
N HIS A 190 3.97 -3.70 4.75
CA HIS A 190 4.20 -3.46 6.17
C HIS A 190 3.95 -4.72 7.03
N TYR A 191 3.97 -5.89 6.40
CA TYR A 191 3.71 -7.16 7.07
C TYR A 191 4.83 -7.61 8.02
N GLN A 192 4.50 -8.43 9.02
CA GLN A 192 5.45 -8.86 10.04
C GLN A 192 6.51 -9.82 9.50
N MET A 193 7.65 -9.90 10.21
CA MET A 193 8.70 -10.87 9.93
C MET A 193 9.08 -11.68 11.16
N LYS A 194 9.57 -12.91 10.93
CA LYS A 194 10.18 -13.69 11.99
C LYS A 194 11.57 -13.11 12.26
N ASN A 195 12.16 -13.41 13.42
CA ASN A 195 13.46 -12.87 13.77
C ASN A 195 14.19 -13.80 14.75
N PRO A 196 15.35 -14.35 14.36
CA PRO A 196 16.18 -15.17 15.24
C PRO A 196 17.03 -14.32 16.18
N ASN A 197 17.18 -13.02 15.89
CA ASN A 197 18.04 -12.14 16.67
C ASN A 197 17.33 -11.57 17.90
N GLY A 198 16.02 -11.79 18.02
CA GLY A 198 15.25 -11.30 19.16
C GLY A 198 13.76 -11.56 18.98
N PRO A 199 12.96 -11.31 20.03
CA PRO A 199 11.53 -11.55 20.03
C PRO A 199 10.79 -10.51 19.19
N TYR A 200 11.41 -9.35 18.96
CA TYR A 200 10.83 -8.28 18.16
C TYR A 200 10.98 -8.41 16.65
N PRO A 201 9.89 -8.24 15.89
CA PRO A 201 9.91 -8.29 14.44
C PRO A 201 10.33 -6.94 13.84
N TYR A 202 10.61 -6.94 12.53
CA TYR A 202 10.88 -5.74 11.76
C TYR A 202 9.94 -5.88 10.56
N THR A 203 9.36 -4.77 10.10
CA THR A 203 8.38 -4.82 9.02
C THR A 203 8.93 -5.01 7.61
N LEU A 204 8.25 -5.86 6.84
CA LEU A 204 8.53 -6.10 5.43
C LEU A 204 7.73 -5.09 4.61
N LYS A 205 8.24 -4.67 3.44
CA LYS A 205 7.50 -3.74 2.60
C LYS A 205 7.63 -4.11 1.13
N LEU A 206 6.64 -3.73 0.33
CA LEU A 206 6.63 -4.01 -1.09
C LEU A 206 5.77 -3.00 -1.85
N CYS A 207 5.98 -2.91 -3.17
CA CYS A 207 5.31 -1.94 -4.02
C CYS A 207 5.42 -2.33 -5.51
N PHE A 208 4.69 -1.61 -6.37
CA PHE A 208 4.72 -1.86 -7.80
C PHE A 208 6.13 -1.82 -8.42
N SER A 209 6.55 -2.91 -9.06
CA SER A 209 7.93 -3.04 -9.47
C SER A 209 8.26 -2.30 -10.77
N THR A 210 9.52 -1.84 -10.85
CA THR A 210 10.12 -1.31 -12.07
C THR A 210 11.24 -2.17 -12.66
N ALA A 211 11.40 -3.39 -12.13
CA ALA A 211 12.41 -4.35 -12.57
C ALA A 211 12.10 -4.92 -13.95
N GLN A 212 13.07 -5.62 -14.54
CA GLN A 212 12.92 -6.15 -15.90
C GLN A 212 12.44 -7.60 -15.92
N HIS A 213 12.27 -8.23 -14.75
CA HIS A 213 11.80 -9.60 -14.64
C HIS A 213 11.48 -9.93 -13.18
N ALA A 214 11.00 -11.15 -12.93
CA ALA A 214 10.63 -11.60 -11.59
C ALA A 214 10.97 -13.08 -11.38
N SER A 215 12.03 -13.56 -12.04
CA SER A 215 12.47 -14.95 -11.95
C SER A 215 13.98 -15.06 -11.90
N TYR A 1 6.47 16.90 -12.85
CA TYR A 1 5.84 16.48 -14.12
C TYR A 1 4.35 16.73 -14.23
N GLY A 2 3.53 15.92 -13.54
CA GLY A 2 2.09 16.08 -13.59
C GLY A 2 1.62 17.24 -12.72
N PRO A 3 0.48 17.87 -13.06
CA PRO A 3 -0.11 18.94 -12.28
C PRO A 3 -0.50 18.49 -10.88
N HIS A 4 -0.50 19.41 -9.91
CA HIS A 4 -0.92 19.15 -8.55
C HIS A 4 -2.44 19.12 -8.47
N ALA A 5 -2.99 18.42 -7.47
CA ALA A 5 -4.43 18.35 -7.26
C ALA A 5 -4.96 19.69 -6.73
N ASP A 6 -6.24 19.96 -6.95
CA ASP A 6 -6.89 21.19 -6.54
C ASP A 6 -7.40 21.21 -5.10
N SER A 7 -7.09 20.19 -4.30
CA SER A 7 -7.53 20.13 -2.92
C SER A 7 -6.55 19.33 -2.07
N PRO A 8 -6.32 19.72 -0.81
CA PRO A 8 -5.45 19.03 0.14
C PRO A 8 -5.91 17.62 0.48
N VAL A 9 -7.05 17.16 -0.06
CA VAL A 9 -7.63 15.89 0.31
C VAL A 9 -8.25 15.22 -0.92
N LEU A 10 -8.37 13.90 -0.85
CA LEU A 10 -8.86 13.02 -1.91
C LEU A 10 -9.94 12.12 -1.30
N MET A 11 -10.76 11.46 -2.11
CA MET A 11 -11.81 10.60 -1.58
C MET A 11 -12.02 9.36 -2.46
N VAL A 12 -12.21 8.22 -1.80
CA VAL A 12 -12.33 6.92 -2.45
C VAL A 12 -13.71 6.35 -2.13
N TYR A 13 -14.21 5.47 -3.01
CA TYR A 13 -15.51 4.84 -2.88
C TYR A 13 -15.32 3.40 -3.36
N GLY A 14 -16.34 2.56 -3.18
CA GLY A 14 -16.30 1.17 -3.60
C GLY A 14 -15.66 0.27 -2.54
N LEU A 15 -15.44 0.79 -1.33
CA LEU A 15 -14.83 0.05 -0.23
C LEU A 15 -15.85 -0.87 0.45
N ASP A 16 -16.87 -1.32 -0.28
CA ASP A 16 -17.95 -2.13 0.27
C ASP A 16 -17.51 -3.50 0.82
N GLN A 17 -16.53 -4.13 0.16
CA GLN A 17 -16.02 -5.42 0.57
C GLN A 17 -15.30 -5.33 1.91
N SER A 18 -15.34 -6.43 2.68
CA SER A 18 -14.75 -6.51 4.01
C SER A 18 -13.22 -6.48 3.98
N LYS A 19 -12.63 -6.53 2.78
CA LYS A 19 -11.19 -6.62 2.60
C LYS A 19 -10.51 -5.25 2.76
N MET A 20 -11.27 -4.17 2.89
CA MET A 20 -10.68 -2.83 3.01
C MET A 20 -10.47 -2.46 4.47
N ASN A 21 -9.46 -1.61 4.71
CA ASN A 21 -9.13 -1.11 6.04
C ASN A 21 -8.32 0.18 5.93
N CYS A 22 -8.36 1.01 6.97
CA CYS A 22 -7.69 2.31 6.94
C CYS A 22 -6.17 2.18 6.74
N ASP A 23 -5.54 1.16 7.34
CA ASP A 23 -4.12 0.93 7.15
C ASP A 23 -3.80 0.35 5.77
N ARG A 24 -4.74 -0.42 5.22
CA ARG A 24 -4.55 -1.09 3.93
C ARG A 24 -4.69 -0.10 2.78
N VAL A 25 -5.70 0.78 2.88
CA VAL A 25 -5.98 1.77 1.86
C VAL A 25 -4.77 2.70 1.79
N PHE A 26 -4.24 3.11 2.94
CA PHE A 26 -3.05 3.94 2.94
C PHE A 26 -1.79 3.34 2.33
N ASN A 27 -1.33 2.16 2.76
CA ASN A 27 -0.05 1.70 2.27
C ASN A 27 -0.09 1.56 0.75
N VAL A 28 -1.26 1.20 0.21
CA VAL A 28 -1.43 1.01 -1.23
C VAL A 28 -1.12 2.33 -1.91
N PHE A 29 -1.88 3.41 -1.66
CA PHE A 29 -1.50 4.69 -2.26
C PHE A 29 -0.32 5.46 -1.65
N CYS A 30 0.19 5.01 -0.51
CA CYS A 30 1.32 5.65 0.15
C CYS A 30 2.60 5.39 -0.62
N LEU A 31 2.69 4.23 -1.30
CA LEU A 31 3.84 3.99 -2.17
C LEU A 31 3.93 5.05 -3.27
N TYR A 32 2.84 5.79 -3.52
CA TYR A 32 2.79 6.88 -4.48
C TYR A 32 3.06 8.30 -3.96
N GLY A 33 3.18 8.47 -2.64
CA GLY A 33 3.43 9.79 -2.07
C GLY A 33 3.08 9.87 -0.58
N ASN A 34 3.37 11.02 0.04
CA ASN A 34 3.15 11.22 1.47
C ASN A 34 1.66 11.30 1.81
N VAL A 35 1.29 10.64 2.90
CA VAL A 35 -0.09 10.52 3.37
C VAL A 35 -0.24 11.25 4.70
N GLU A 36 -1.48 11.51 5.14
CA GLU A 36 -1.71 12.19 6.41
C GLU A 36 -2.88 11.62 7.22
N LYS A 37 -4.10 11.51 6.66
CA LYS A 37 -5.26 11.03 7.42
C LYS A 37 -6.30 10.34 6.55
N VAL A 38 -7.05 9.41 7.15
CA VAL A 38 -8.14 8.70 6.47
C VAL A 38 -9.31 8.51 7.42
N LYS A 39 -10.54 8.57 6.90
CA LYS A 39 -11.75 8.44 7.70
C LYS A 39 -12.91 7.90 6.84
N PHE A 40 -13.56 6.84 7.33
CA PHE A 40 -14.64 6.16 6.61
C PHE A 40 -16.03 6.80 6.69
N MET A 41 -16.83 6.66 5.62
CA MET A 41 -18.18 7.20 5.55
C MET A 41 -19.19 6.26 6.22
N LYS A 42 -20.01 6.79 7.14
CA LYS A 42 -21.10 6.03 7.75
C LYS A 42 -22.31 5.95 6.82
N SER A 43 -22.49 6.99 5.99
CA SER A 43 -23.64 7.14 5.10
C SER A 43 -23.54 6.29 3.84
N LYS A 44 -22.32 5.87 3.47
CA LYS A 44 -22.08 5.13 2.25
C LYS A 44 -21.76 3.67 2.55
N PRO A 45 -22.02 2.76 1.61
CA PRO A 45 -21.77 1.33 1.79
C PRO A 45 -20.26 1.04 1.86
N GLY A 46 -19.44 1.98 1.41
CA GLY A 46 -17.99 1.85 1.47
C GLY A 46 -17.31 3.02 0.78
N ALA A 47 -16.78 3.96 1.57
CA ALA A 47 -16.08 5.13 1.08
C ALA A 47 -15.27 5.76 2.20
N ALA A 48 -14.28 6.59 1.87
CA ALA A 48 -13.46 7.23 2.88
C ALA A 48 -12.77 8.49 2.35
N MET A 49 -12.66 9.51 3.19
CA MET A 49 -11.90 10.72 2.89
C MET A 49 -10.43 10.43 3.16
N VAL A 50 -9.52 11.08 2.42
CA VAL A 50 -8.09 10.83 2.52
C VAL A 50 -7.25 12.09 2.37
N GLU A 51 -6.75 12.63 3.50
CA GLU A 51 -5.89 13.80 3.46
C GLU A 51 -4.45 13.36 3.20
N MET A 52 -3.76 14.05 2.29
CA MET A 52 -2.44 13.65 1.80
C MET A 52 -1.69 14.89 1.32
N ALA A 53 -0.39 14.73 1.00
CA ALA A 53 0.33 15.77 0.31
C ALA A 53 -0.28 15.86 -1.08
N ASP A 54 -0.91 16.98 -1.41
CA ASP A 54 -1.76 16.99 -2.60
C ASP A 54 -1.00 16.97 -3.92
N GLY A 55 0.18 17.61 -3.96
CA GLY A 55 0.98 17.69 -5.17
C GLY A 55 1.21 16.31 -5.76
N TYR A 56 2.29 15.65 -5.33
CA TYR A 56 2.64 14.36 -5.89
C TYR A 56 1.85 13.15 -5.40
N ALA A 57 1.19 13.24 -4.24
CA ALA A 57 0.49 12.06 -3.73
C ALA A 57 -0.94 12.01 -4.25
N VAL A 58 -1.63 13.14 -4.41
CA VAL A 58 -3.01 13.07 -4.90
C VAL A 58 -2.96 13.02 -6.43
N ASP A 59 -1.91 13.58 -7.04
CA ASP A 59 -1.73 13.44 -8.48
C ASP A 59 -1.55 11.98 -8.89
N ARG A 60 -0.48 11.34 -8.42
CA ARG A 60 -0.14 9.99 -8.86
C ARG A 60 -1.18 8.97 -8.42
N ALA A 61 -1.88 9.18 -7.30
CA ALA A 61 -2.91 8.25 -6.90
C ALA A 61 -4.09 8.31 -7.87
N ILE A 62 -4.40 9.51 -8.39
CA ILE A 62 -5.45 9.70 -9.38
C ILE A 62 -4.97 9.26 -10.77
N THR A 63 -3.67 9.01 -10.93
CA THR A 63 -3.11 8.50 -12.18
C THR A 63 -2.95 6.98 -12.27
N HIS A 64 -2.89 6.26 -11.14
CA HIS A 64 -2.49 4.85 -11.19
C HIS A 64 -3.38 3.85 -10.46
N LEU A 65 -4.22 4.26 -9.50
CA LEU A 65 -4.99 3.28 -8.73
C LEU A 65 -6.47 3.63 -8.55
N ASN A 66 -6.85 4.86 -8.85
CA ASN A 66 -8.16 5.40 -8.52
C ASN A 66 -9.35 4.83 -9.30
N ASN A 67 -10.18 3.90 -8.82
CA ASN A 67 -11.08 3.08 -9.66
C ASN A 67 -10.35 1.94 -10.39
N ASN A 68 -9.18 1.50 -9.90
CA ASN A 68 -8.58 0.28 -10.39
C ASN A 68 -9.23 -0.93 -9.70
N PHE A 69 -9.13 -2.11 -10.31
CA PHE A 69 -9.66 -3.34 -9.75
C PHE A 69 -8.85 -3.93 -8.59
N MET A 70 -9.54 -4.41 -7.54
CA MET A 70 -8.90 -4.94 -6.34
C MET A 70 -9.88 -5.87 -5.62
N PHE A 71 -9.39 -6.98 -5.07
CA PHE A 71 -10.21 -7.96 -4.36
C PHE A 71 -11.35 -8.59 -5.17
N GLY A 72 -11.31 -8.47 -6.50
CA GLY A 72 -12.40 -8.91 -7.36
C GLY A 72 -13.51 -7.85 -7.42
N GLN A 73 -13.22 -6.65 -6.91
CA GLN A 73 -14.11 -5.52 -6.86
C GLN A 73 -13.36 -4.28 -7.37
N LYS A 74 -13.85 -3.07 -7.06
CA LYS A 74 -13.23 -1.84 -7.53
C LYS A 74 -13.17 -0.81 -6.40
N MET A 75 -12.14 0.04 -6.42
CA MET A 75 -11.95 1.09 -5.43
C MET A 75 -11.80 2.43 -6.15
N ASN A 76 -12.92 3.05 -6.52
CA ASN A 76 -13.01 4.26 -7.32
C ASN A 76 -12.19 5.42 -6.74
N VAL A 77 -11.28 6.11 -7.49
CA VAL A 77 -10.79 7.34 -6.82
C VAL A 77 -10.87 8.64 -7.63
N CYS A 78 -11.06 9.74 -6.91
CA CYS A 78 -11.17 11.09 -7.45
C CYS A 78 -10.87 12.08 -6.31
N VAL A 79 -10.69 13.35 -6.63
CA VAL A 79 -10.39 14.38 -5.63
C VAL A 79 -11.57 14.73 -4.74
N SER A 80 -11.28 15.14 -3.49
CA SER A 80 -12.30 15.51 -2.52
C SER A 80 -12.66 16.98 -2.62
N LYS A 81 -13.85 17.37 -2.14
CA LYS A 81 -14.28 18.77 -2.14
C LYS A 81 -14.21 19.37 -0.73
N GLN A 82 -13.85 18.55 0.26
CA GLN A 82 -13.66 19.01 1.64
C GLN A 82 -12.34 19.78 1.77
N PRO A 83 -12.22 20.65 2.78
CA PRO A 83 -10.99 21.39 3.02
C PRO A 83 -9.94 20.55 3.74
N ALA A 84 -10.37 19.65 4.64
CA ALA A 84 -9.48 18.85 5.47
C ALA A 84 -10.25 17.77 6.21
N ILE A 85 -9.56 16.80 6.82
CA ILE A 85 -10.17 15.81 7.68
C ILE A 85 -10.08 16.28 9.13
N MET A 86 -11.18 16.14 9.89
CA MET A 86 -11.17 16.47 11.30
C MET A 86 -10.67 15.28 12.13
N PRO A 87 -9.70 15.50 13.04
CA PRO A 87 -9.15 14.50 13.93
C PRO A 87 -10.09 14.19 15.10
N GLY A 88 -11.40 14.37 14.89
CA GLY A 88 -12.41 14.22 15.92
C GLY A 88 -12.70 12.76 16.28
N GLN A 89 -13.98 12.47 16.55
CA GLN A 89 -14.43 11.18 17.02
C GLN A 89 -14.39 10.13 15.89
N SER A 90 -14.52 8.85 16.26
CA SER A 90 -14.49 7.73 15.33
C SER A 90 -15.42 6.62 15.79
N TYR A 91 -15.55 5.57 14.98
CA TYR A 91 -16.41 4.42 15.25
C TYR A 91 -15.70 3.15 14.78
N GLY A 92 -16.35 1.99 14.93
CA GLY A 92 -15.75 0.71 14.57
C GLY A 92 -15.68 0.49 13.06
N LEU A 93 -15.09 -0.64 12.65
CA LEU A 93 -15.00 -1.07 11.26
C LEU A 93 -15.21 -2.57 11.16
N GLU A 94 -15.38 -3.05 9.94
CA GLU A 94 -15.52 -4.47 9.66
C GLU A 94 -14.18 -5.20 9.85
N ASP A 95 -13.06 -4.52 9.57
CA ASP A 95 -11.73 -5.12 9.67
C ASP A 95 -10.88 -4.36 10.69
N GLY A 96 -11.49 -3.57 11.58
CA GLY A 96 -10.74 -2.78 12.54
C GLY A 96 -11.63 -2.22 13.65
N SER A 97 -11.00 -1.60 14.65
CA SER A 97 -11.71 -1.04 15.79
C SER A 97 -11.90 0.48 15.67
N CYS A 98 -11.16 1.14 14.79
CA CYS A 98 -11.28 2.57 14.58
C CYS A 98 -11.49 2.90 13.11
N SER A 99 -12.41 3.83 12.83
CA SER A 99 -12.74 4.28 11.48
C SER A 99 -11.78 5.35 11.00
N TYR A 100 -10.81 5.73 11.83
CA TYR A 100 -9.85 6.78 11.55
C TYR A 100 -8.40 6.42 11.81
N LYS A 101 -7.49 7.01 11.02
CA LYS A 101 -6.06 6.72 11.14
C LYS A 101 -5.24 7.89 10.63
N ASP A 102 -4.04 8.06 11.18
CA ASP A 102 -3.13 9.11 10.77
C ASP A 102 -1.72 8.61 10.48
N PHE A 103 -1.10 9.17 9.43
CA PHE A 103 0.24 8.81 8.97
C PHE A 103 1.26 9.94 8.95
N SER A 104 0.89 11.10 9.50
CA SER A 104 1.72 12.30 9.45
C SER A 104 3.02 12.11 10.25
N GLU A 105 3.04 11.14 11.16
CA GLU A 105 4.21 10.84 11.98
C GLU A 105 4.80 9.46 11.66
N SER A 106 4.21 8.77 10.68
CA SER A 106 4.66 7.44 10.28
C SER A 106 5.88 7.50 9.37
N ARG A 107 6.70 6.45 9.41
CA ARG A 107 7.87 6.35 8.54
C ARG A 107 7.49 5.84 7.15
N ASN A 108 6.26 5.31 7.00
CA ASN A 108 5.82 4.71 5.75
C ASN A 108 5.86 5.72 4.59
N ASN A 109 5.80 7.01 4.90
CA ASN A 109 5.87 8.08 3.91
C ASN A 109 7.15 7.96 3.10
N ARG A 110 7.01 7.64 1.81
CA ARG A 110 8.16 7.34 0.96
C ARG A 110 8.93 8.60 0.57
N PHE A 111 8.26 9.74 0.47
CA PHE A 111 8.86 11.03 0.14
C PHE A 111 9.20 11.94 1.32
N SER A 112 9.19 11.39 2.53
CA SER A 112 9.36 12.17 3.76
C SER A 112 10.79 12.70 3.94
N THR A 113 11.77 12.12 3.24
CA THR A 113 13.17 12.49 3.41
C THR A 113 13.94 12.74 2.12
N PRO A 114 14.97 13.61 2.16
CA PRO A 114 15.77 13.95 0.99
C PRO A 114 16.55 12.76 0.45
N GLU A 115 16.98 11.84 1.32
CA GLU A 115 17.76 10.69 0.87
C GLU A 115 16.85 9.63 0.25
N GLN A 116 15.58 9.58 0.67
CA GLN A 116 14.62 8.68 0.05
C GLN A 116 14.21 9.23 -1.32
N ALA A 117 14.00 10.54 -1.41
CA ALA A 117 13.61 11.18 -2.66
C ALA A 117 14.70 11.03 -3.73
N ALA A 118 15.93 10.68 -3.32
CA ALA A 118 17.05 10.50 -4.23
C ALA A 118 17.11 9.07 -4.78
N LYS A 119 16.33 8.14 -4.22
CA LYS A 119 16.32 6.74 -4.66
C LYS A 119 14.93 6.27 -5.06
N ASN A 120 13.89 7.07 -4.77
CA ASN A 120 12.53 6.70 -5.13
C ASN A 120 12.36 6.61 -6.64
N ARG A 121 11.36 5.82 -7.07
CA ARG A 121 11.08 5.61 -8.47
C ARG A 121 9.59 5.28 -8.63
N ILE A 122 9.01 5.71 -9.75
CA ILE A 122 7.58 5.58 -10.01
C ILE A 122 7.37 4.82 -11.32
N GLN A 123 6.26 4.08 -11.40
CA GLN A 123 5.94 3.28 -12.57
C GLN A 123 4.42 3.06 -12.64
N HIS A 124 3.92 2.80 -13.85
CA HIS A 124 2.50 2.48 -14.06
C HIS A 124 2.12 1.24 -13.27
N PRO A 125 0.83 1.06 -12.95
CA PRO A 125 0.38 -0.11 -12.20
C PRO A 125 0.65 -1.36 -13.03
N SER A 126 1.04 -2.44 -12.34
CA SER A 126 1.50 -3.65 -13.01
C SER A 126 1.28 -4.87 -12.13
N ASN A 127 1.41 -6.06 -12.71
CA ASN A 127 1.24 -7.31 -11.99
C ASN A 127 2.54 -7.70 -11.28
N VAL A 128 3.60 -6.92 -11.46
CA VAL A 128 4.88 -7.11 -10.79
C VAL A 128 5.00 -6.31 -9.50
N LEU A 129 5.59 -6.91 -8.47
CA LEU A 129 5.85 -6.24 -7.20
C LEU A 129 7.31 -6.42 -6.79
N HIS A 130 7.79 -5.48 -5.97
CA HIS A 130 9.12 -5.52 -5.40
C HIS A 130 8.99 -5.67 -3.88
N PHE A 131 9.96 -6.29 -3.23
CA PHE A 131 9.92 -6.47 -1.78
C PHE A 131 11.30 -6.20 -1.23
N PHE A 132 11.32 -5.81 0.05
CA PHE A 132 12.52 -5.44 0.79
C PHE A 132 12.16 -5.79 2.23
N ASN A 133 13.15 -5.81 3.13
CA ASN A 133 12.93 -6.25 4.51
C ASN A 133 12.35 -7.66 4.57
N ALA A 134 13.04 -8.64 3.98
CA ALA A 134 12.61 -10.02 4.00
C ALA A 134 13.77 -10.94 4.37
N PRO A 135 13.50 -12.07 5.04
CA PRO A 135 14.52 -13.03 5.44
C PRO A 135 15.09 -13.76 4.22
N LEU A 136 16.27 -14.36 4.37
CA LEU A 136 16.94 -15.05 3.29
C LEU A 136 16.19 -16.33 2.90
N GLU A 137 15.28 -16.80 3.76
CA GLU A 137 14.50 -18.01 3.52
C GLU A 137 13.08 -17.67 3.04
N VAL A 138 12.84 -16.42 2.66
CA VAL A 138 11.50 -15.97 2.28
C VAL A 138 10.94 -16.62 1.01
N THR A 139 11.80 -17.21 0.18
CA THR A 139 11.46 -17.61 -1.19
C THR A 139 10.23 -18.52 -1.26
N GLU A 140 9.86 -19.01 -2.45
CA GLU A 140 8.59 -19.70 -2.71
C GLU A 140 7.95 -20.35 -1.48
N GLU A 141 8.72 -20.98 -0.60
CA GLU A 141 8.23 -21.49 0.67
C GLU A 141 7.58 -20.43 1.59
N ASN A 142 8.18 -19.23 1.83
CA ASN A 142 7.56 -18.38 2.83
C ASN A 142 6.53 -17.54 2.08
N PHE A 143 6.76 -17.30 0.79
CA PHE A 143 5.75 -16.58 0.02
C PHE A 143 4.42 -17.31 -0.11
N PHE A 144 4.49 -18.65 -0.26
CA PHE A 144 3.27 -19.44 -0.38
C PHE A 144 2.50 -19.66 0.91
N GLU A 145 3.21 -19.93 2.02
CA GLU A 145 2.51 -20.20 3.27
C GLU A 145 2.02 -18.90 3.91
N ILE A 146 2.65 -17.76 3.61
CA ILE A 146 2.17 -16.48 4.14
C ILE A 146 0.90 -16.06 3.41
N CYS A 147 0.85 -16.25 2.09
CA CYS A 147 -0.34 -15.89 1.32
C CYS A 147 -1.52 -16.78 1.71
N ASP A 148 -1.23 -18.00 2.17
CA ASP A 148 -2.27 -18.92 2.61
C ASP A 148 -2.92 -18.46 3.92
N GLU A 149 -2.10 -17.97 4.87
CA GLU A 149 -2.60 -17.47 6.14
C GLU A 149 -3.35 -16.16 5.98
N LEU A 150 -3.05 -15.39 4.92
CA LEU A 150 -3.73 -14.14 4.64
C LEU A 150 -4.97 -14.36 3.77
N GLY A 151 -5.17 -15.60 3.30
CA GLY A 151 -6.32 -15.96 2.47
C GLY A 151 -6.28 -15.36 1.06
N VAL A 152 -5.34 -14.46 0.79
CA VAL A 152 -5.21 -13.83 -0.53
C VAL A 152 -4.44 -14.68 -1.54
N LYS A 153 -4.43 -14.22 -2.79
CA LYS A 153 -3.83 -14.92 -3.92
C LYS A 153 -2.33 -15.15 -3.76
N ARG A 154 -1.85 -16.23 -4.39
CA ARG A 154 -0.43 -16.57 -4.40
C ARG A 154 0.23 -16.03 -5.67
N PRO A 155 1.53 -15.70 -5.62
CA PRO A 155 2.25 -15.19 -6.77
C PRO A 155 2.46 -16.30 -7.80
N THR A 156 2.54 -15.92 -9.09
CA THR A 156 2.80 -16.84 -10.17
C THR A 156 4.28 -16.98 -10.52
N SER A 157 5.11 -16.06 -10.03
CA SER A 157 6.55 -16.13 -10.21
C SER A 157 7.29 -15.43 -9.07
N VAL A 158 8.54 -15.83 -8.83
CA VAL A 158 9.34 -15.32 -7.72
C VAL A 158 10.82 -15.21 -8.11
N LYS A 159 11.51 -14.20 -7.57
CA LYS A 159 12.95 -14.04 -7.71
C LYS A 159 13.51 -13.38 -6.45
N VAL A 160 14.70 -13.81 -6.03
CA VAL A 160 15.32 -13.35 -4.79
C VAL A 160 16.83 -13.12 -4.99
N PHE A 161 17.37 -12.09 -4.34
CA PHE A 161 18.77 -11.74 -4.45
C PHE A 161 19.36 -10.95 -3.29
N SER A 162 20.65 -10.60 -3.39
CA SER A 162 21.37 -9.86 -2.38
C SER A 162 22.13 -8.68 -2.98
N GLY A 163 22.79 -7.91 -2.12
CA GLY A 163 23.61 -6.76 -2.52
C GLY A 163 22.86 -5.44 -2.35
N LYS A 164 21.57 -5.48 -2.00
CA LYS A 164 20.77 -4.27 -1.79
C LYS A 164 20.79 -3.84 -0.33
N SER A 165 21.12 -4.76 0.57
CA SER A 165 21.20 -4.48 2.00
C SER A 165 21.95 -5.59 2.72
N GLU A 166 22.53 -5.27 3.87
CA GLU A 166 23.21 -6.26 4.71
C GLU A 166 22.27 -6.74 5.83
N ARG A 167 21.11 -6.10 5.97
CA ARG A 167 20.14 -6.47 6.99
C ARG A 167 19.15 -7.52 6.52
N SER A 168 18.84 -7.55 5.23
CA SER A 168 17.78 -8.42 4.72
C SER A 168 17.88 -8.63 3.22
N SER A 169 17.11 -9.60 2.72
CA SER A 169 17.03 -9.95 1.31
C SER A 169 16.08 -9.01 0.56
N SER A 170 16.13 -9.08 -0.77
CA SER A 170 15.31 -8.28 -1.67
C SER A 170 14.99 -9.09 -2.92
N GLY A 171 13.93 -8.71 -3.65
CA GLY A 171 13.57 -9.43 -4.86
C GLY A 171 12.25 -8.96 -5.47
N LEU A 172 11.81 -9.66 -6.51
CA LEU A 172 10.59 -9.34 -7.24
C LEU A 172 9.59 -10.49 -7.16
N LEU A 173 8.31 -10.16 -7.41
CA LEU A 173 7.20 -11.10 -7.41
C LEU A 173 6.27 -10.73 -8.57
N GLU A 174 5.43 -11.67 -9.01
CA GLU A 174 4.52 -11.41 -10.12
C GLU A 174 3.25 -12.25 -10.01
N TRP A 175 2.13 -11.72 -10.51
CA TRP A 175 0.82 -12.35 -10.50
C TRP A 175 0.21 -12.46 -11.89
N ASP A 176 -0.90 -13.20 -12.01
CA ASP A 176 -1.56 -13.42 -13.29
C ASP A 176 -2.30 -12.16 -13.77
N SER A 177 -2.47 -11.16 -12.90
CA SER A 177 -3.15 -9.92 -13.23
C SER A 177 -2.73 -8.79 -12.31
N LYS A 178 -2.95 -7.54 -12.72
CA LYS A 178 -2.60 -6.37 -11.94
C LYS A 178 -3.49 -6.27 -10.69
N SER A 179 -4.73 -6.75 -10.79
CA SER A 179 -5.66 -6.71 -9.68
C SER A 179 -5.33 -7.78 -8.65
N ASP A 180 -4.68 -8.87 -9.10
CA ASP A 180 -4.22 -9.92 -8.20
C ASP A 180 -3.00 -9.48 -7.41
N ALA A 181 -2.13 -8.69 -8.05
CA ALA A 181 -0.95 -8.17 -7.39
C ALA A 181 -1.34 -7.06 -6.42
N LEU A 182 -2.33 -6.25 -6.77
CA LEU A 182 -2.79 -5.18 -5.89
C LEU A 182 -3.50 -5.77 -4.67
N GLU A 183 -4.26 -6.85 -4.86
CA GLU A 183 -4.92 -7.53 -3.76
C GLU A 183 -3.89 -8.08 -2.78
N THR A 184 -2.83 -8.71 -3.30
CA THR A 184 -1.76 -9.20 -2.45
C THR A 184 -0.90 -8.10 -1.85
N LEU A 185 -0.80 -6.95 -2.50
CA LEU A 185 -0.11 -5.80 -1.95
C LEU A 185 -0.89 -5.31 -0.72
N GLY A 186 -2.22 -5.41 -0.75
CA GLY A 186 -3.06 -4.95 0.33
C GLY A 186 -2.87 -5.78 1.60
N PHE A 187 -2.82 -7.11 1.48
CA PHE A 187 -2.59 -7.97 2.63
C PHE A 187 -1.15 -8.32 3.00
N LEU A 188 -0.22 -8.28 2.05
CA LEU A 188 1.14 -8.75 2.29
C LEU A 188 2.10 -7.62 2.68
N ASN A 189 1.75 -6.37 2.39
CA ASN A 189 2.62 -5.24 2.72
C ASN A 189 2.59 -4.97 4.23
N HIS A 190 3.69 -4.42 4.75
CA HIS A 190 3.85 -4.07 6.16
C HIS A 190 3.69 -5.27 7.11
N TYR A 191 3.78 -6.49 6.57
CA TYR A 191 3.70 -7.71 7.37
C TYR A 191 4.91 -7.96 8.28
N GLN A 192 4.67 -8.43 9.51
CA GLN A 192 5.74 -8.62 10.48
C GLN A 192 6.57 -9.87 10.18
N MET A 193 7.89 -9.76 10.33
CA MET A 193 8.80 -10.88 10.12
C MET A 193 8.90 -11.76 11.36
N LYS A 194 9.20 -13.05 11.13
CA LYS A 194 9.31 -14.06 12.17
C LYS A 194 10.73 -14.20 12.72
N ASN A 195 11.55 -13.15 12.64
CA ASN A 195 12.93 -13.19 13.08
C ASN A 195 13.05 -13.62 14.56
N PRO A 196 13.62 -14.81 14.82
CA PRO A 196 13.75 -15.34 16.17
C PRO A 196 14.96 -14.79 16.90
N ASN A 197 15.93 -14.24 16.16
CA ASN A 197 17.17 -13.73 16.74
C ASN A 197 17.01 -12.30 17.27
N GLY A 198 15.91 -11.63 16.91
CA GLY A 198 15.66 -10.26 17.35
C GLY A 198 14.77 -10.21 18.58
N PRO A 199 14.85 -9.13 19.36
CA PRO A 199 14.02 -8.89 20.52
C PRO A 199 12.58 -8.58 20.10
N TYR A 200 12.41 -8.13 18.85
CA TYR A 200 11.12 -7.81 18.25
C TYR A 200 11.10 -7.93 16.74
N PRO A 201 9.92 -8.14 16.13
CA PRO A 201 9.80 -8.23 14.68
C PRO A 201 10.03 -6.87 14.02
N TYR A 202 10.35 -6.89 12.72
CA TYR A 202 10.55 -5.69 11.92
C TYR A 202 9.67 -5.97 10.70
N THR A 203 9.00 -4.93 10.18
CA THR A 203 8.07 -5.10 9.08
C THR A 203 8.68 -5.25 7.69
N LEU A 204 8.11 -6.18 6.91
CA LEU A 204 8.41 -6.39 5.51
C LEU A 204 7.61 -5.40 4.69
N LYS A 205 8.11 -4.99 3.52
CA LYS A 205 7.41 -4.00 2.71
C LYS A 205 7.47 -4.33 1.23
N LEU A 206 6.45 -3.87 0.49
CA LEU A 206 6.33 -4.08 -0.94
C LEU A 206 5.98 -2.78 -1.65
N CYS A 207 6.16 -2.78 -2.99
CA CYS A 207 5.86 -1.63 -3.83
C CYS A 207 5.68 -2.12 -5.28
N PHE A 208 4.91 -1.38 -6.09
CA PHE A 208 4.78 -1.71 -7.51
C PHE A 208 6.11 -1.70 -8.26
N SER A 209 6.52 -2.85 -8.80
CA SER A 209 7.87 -2.98 -9.33
C SER A 209 8.08 -2.25 -10.64
N THR A 210 9.31 -1.75 -10.83
CA THR A 210 9.79 -1.21 -12.09
C THR A 210 10.90 -2.05 -12.74
N ALA A 211 11.13 -3.25 -12.21
CA ALA A 211 12.15 -4.17 -12.69
C ALA A 211 11.83 -4.65 -14.11
N GLN A 212 12.85 -5.19 -14.80
CA GLN A 212 12.71 -5.60 -16.19
C GLN A 212 12.16 -7.03 -16.31
N HIS A 213 11.96 -7.71 -15.18
CA HIS A 213 11.41 -9.06 -15.11
C HIS A 213 11.25 -9.48 -13.65
N ALA A 214 10.72 -10.68 -13.42
CA ALA A 214 10.53 -11.21 -12.08
C ALA A 214 11.01 -12.66 -11.97
N SER A 215 11.83 -13.10 -12.95
CA SER A 215 12.37 -14.44 -12.98
C SER A 215 13.67 -14.47 -13.78
N TYR A 1 7.39 23.48 -10.98
CA TYR A 1 7.16 22.43 -9.97
C TYR A 1 6.46 21.17 -10.48
N GLY A 2 5.16 21.27 -10.78
CA GLY A 2 4.39 20.17 -11.34
C GLY A 2 2.89 20.37 -11.12
N PRO A 3 2.06 19.52 -11.75
CA PRO A 3 0.62 19.53 -11.58
C PRO A 3 0.22 19.27 -10.13
N HIS A 4 -1.01 19.66 -9.75
CA HIS A 4 -1.49 19.45 -8.40
C HIS A 4 -3.02 19.42 -8.38
N ALA A 5 -3.57 18.72 -7.37
CA ALA A 5 -5.01 18.61 -7.18
C ALA A 5 -5.57 19.87 -6.53
N ASP A 6 -6.89 20.05 -6.61
CA ASP A 6 -7.57 21.20 -6.02
C ASP A 6 -7.70 21.18 -4.51
N SER A 7 -7.31 20.06 -3.87
CA SER A 7 -7.39 19.91 -2.42
C SER A 7 -6.44 18.81 -1.95
N PRO A 8 -5.89 18.93 -0.73
CA PRO A 8 -5.08 17.88 -0.12
C PRO A 8 -5.94 16.66 0.22
N VAL A 9 -7.26 16.82 0.20
CA VAL A 9 -8.18 15.73 0.46
C VAL A 9 -8.51 14.91 -0.79
N LEU A 10 -8.79 13.63 -0.60
CA LEU A 10 -9.10 12.69 -1.65
C LEU A 10 -10.28 11.82 -1.20
N MET A 11 -11.07 11.30 -2.13
CA MET A 11 -12.28 10.57 -1.80
C MET A 11 -12.36 9.28 -2.61
N VAL A 12 -12.68 8.17 -1.94
CA VAL A 12 -12.70 6.84 -2.55
C VAL A 12 -14.04 6.18 -2.21
N TYR A 13 -14.50 5.27 -3.08
CA TYR A 13 -15.77 4.60 -2.93
C TYR A 13 -15.52 3.16 -3.36
N GLY A 14 -16.53 2.30 -3.18
CA GLY A 14 -16.46 0.90 -3.56
C GLY A 14 -15.80 0.03 -2.50
N LEU A 15 -15.58 0.60 -1.30
CA LEU A 15 -14.92 -0.11 -0.20
C LEU A 15 -15.89 -1.03 0.56
N ASP A 16 -16.95 -1.50 -0.11
CA ASP A 16 -17.98 -2.31 0.51
C ASP A 16 -17.51 -3.68 1.00
N GLN A 17 -16.66 -4.35 0.21
CA GLN A 17 -16.16 -5.67 0.55
C GLN A 17 -15.26 -5.63 1.79
N SER A 18 -15.26 -6.72 2.56
CA SER A 18 -14.57 -6.82 3.84
C SER A 18 -13.04 -6.79 3.72
N LYS A 19 -12.51 -6.86 2.50
CA LYS A 19 -11.07 -6.88 2.28
C LYS A 19 -10.47 -5.49 2.42
N MET A 20 -11.29 -4.44 2.30
CA MET A 20 -10.79 -3.08 2.39
C MET A 20 -10.67 -2.66 3.85
N ASN A 21 -9.69 -1.80 4.14
CA ASN A 21 -9.46 -1.26 5.46
C ASN A 21 -8.63 0.01 5.33
N CYS A 22 -8.70 0.92 6.31
CA CYS A 22 -8.00 2.20 6.23
C CYS A 22 -6.49 2.02 6.11
N ASP A 23 -5.95 0.95 6.71
CA ASP A 23 -4.53 0.68 6.60
C ASP A 23 -4.14 0.20 5.20
N ARG A 24 -4.98 -0.63 4.58
CA ARG A 24 -4.66 -1.23 3.30
C ARG A 24 -4.84 -0.23 2.15
N VAL A 25 -5.90 0.56 2.21
CA VAL A 25 -6.22 1.51 1.15
C VAL A 25 -5.21 2.64 1.15
N PHE A 26 -4.87 3.14 2.35
CA PHE A 26 -4.08 4.35 2.45
C PHE A 26 -2.62 4.03 2.15
N ASN A 27 -2.13 2.82 2.42
CA ASN A 27 -0.74 2.51 2.12
C ASN A 27 -0.60 2.22 0.61
N VAL A 28 -1.65 1.67 -0.01
CA VAL A 28 -1.61 1.32 -1.43
C VAL A 28 -1.31 2.60 -2.19
N PHE A 29 -2.11 3.67 -1.99
CA PHE A 29 -1.75 4.95 -2.59
C PHE A 29 -0.63 5.75 -1.90
N CYS A 30 -0.17 5.30 -0.73
CA CYS A 30 0.96 5.94 -0.06
C CYS A 30 2.24 5.70 -0.86
N LEU A 31 2.29 4.59 -1.62
CA LEU A 31 3.42 4.29 -2.48
C LEU A 31 3.74 5.45 -3.44
N TYR A 32 2.73 6.28 -3.74
CA TYR A 32 2.86 7.33 -4.73
C TYR A 32 3.28 8.72 -4.25
N GLY A 33 3.29 8.96 -2.94
CA GLY A 33 3.66 10.25 -2.39
C GLY A 33 3.38 10.36 -0.89
N ASN A 34 3.74 11.49 -0.29
CA ASN A 34 3.58 11.71 1.14
C ASN A 34 2.10 11.82 1.52
N VAL A 35 1.73 11.16 2.62
CA VAL A 35 0.37 11.12 3.13
C VAL A 35 0.20 11.80 4.49
N GLU A 36 -1.04 12.08 4.89
CA GLU A 36 -1.34 12.71 6.17
C GLU A 36 -2.23 11.81 7.03
N LYS A 37 -3.50 11.64 6.67
CA LYS A 37 -4.44 10.85 7.46
C LYS A 37 -5.59 10.28 6.62
N VAL A 38 -6.39 9.39 7.23
CA VAL A 38 -7.48 8.68 6.57
C VAL A 38 -8.64 8.44 7.55
N LYS A 39 -9.87 8.39 7.03
CA LYS A 39 -11.06 8.17 7.84
C LYS A 39 -12.20 7.59 6.98
N PHE A 40 -12.92 6.60 7.52
CA PHE A 40 -14.02 5.94 6.82
C PHE A 40 -15.40 6.58 6.99
N MET A 41 -16.30 6.32 6.02
CA MET A 41 -17.65 6.87 6.04
C MET A 41 -18.66 5.85 6.58
N LYS A 42 -19.33 6.19 7.68
CA LYS A 42 -20.47 5.41 8.17
C LYS A 42 -21.73 5.75 7.38
N SER A 43 -21.70 6.84 6.62
CA SER A 43 -22.84 7.34 5.85
C SER A 43 -22.97 6.65 4.49
N LYS A 44 -22.07 5.71 4.19
CA LYS A 44 -22.03 5.00 2.91
C LYS A 44 -21.73 3.52 3.13
N PRO A 45 -22.13 2.65 2.20
CA PRO A 45 -21.89 1.22 2.29
C PRO A 45 -20.40 0.90 2.14
N GLY A 46 -19.60 1.85 1.63
CA GLY A 46 -18.16 1.67 1.49
C GLY A 46 -17.52 2.86 0.81
N ALA A 47 -17.03 3.81 1.62
CA ALA A 47 -16.34 5.00 1.13
C ALA A 47 -15.45 5.55 2.24
N ALA A 48 -14.47 6.38 1.89
CA ALA A 48 -13.56 6.94 2.87
C ALA A 48 -12.93 8.25 2.39
N MET A 49 -12.59 9.10 3.35
CA MET A 49 -11.87 10.35 3.12
C MET A 49 -10.39 10.08 3.35
N VAL A 50 -9.53 10.78 2.60
CA VAL A 50 -8.09 10.60 2.68
C VAL A 50 -7.46 11.97 2.54
N GLU A 51 -6.27 12.18 3.12
CA GLU A 51 -5.56 13.43 3.01
C GLU A 51 -4.07 13.16 2.78
N MET A 52 -3.50 13.88 1.82
CA MET A 52 -2.14 13.66 1.33
C MET A 52 -1.57 14.98 0.79
N ALA A 53 -0.30 15.01 0.41
CA ALA A 53 0.25 16.16 -0.28
C ALA A 53 -0.44 16.25 -1.64
N ASP A 54 -1.08 17.38 -1.97
CA ASP A 54 -1.97 17.37 -3.11
C ASP A 54 -1.27 17.28 -4.47
N GLY A 55 -0.08 17.86 -4.55
CA GLY A 55 0.68 17.92 -5.79
C GLY A 55 0.90 16.52 -6.34
N TYR A 56 2.02 15.92 -5.95
CA TYR A 56 2.36 14.60 -6.46
C TYR A 56 1.59 13.43 -5.89
N ALA A 57 0.96 13.55 -4.71
CA ALA A 57 0.30 12.39 -4.15
C ALA A 57 -1.16 12.29 -4.61
N VAL A 58 -1.87 13.42 -4.81
CA VAL A 58 -3.25 13.29 -5.24
C VAL A 58 -3.29 13.19 -6.76
N ASP A 59 -2.30 13.75 -7.46
CA ASP A 59 -2.22 13.59 -8.89
C ASP A 59 -1.91 12.14 -9.29
N ARG A 60 -0.87 11.55 -8.70
CA ARG A 60 -0.47 10.19 -9.03
C ARG A 60 -1.52 9.16 -8.64
N ALA A 61 -2.21 9.37 -7.51
CA ALA A 61 -3.25 8.43 -7.11
C ALA A 61 -4.41 8.44 -8.11
N ILE A 62 -4.72 9.61 -8.67
CA ILE A 62 -5.76 9.76 -9.67
C ILE A 62 -5.26 9.28 -11.04
N THR A 63 -3.95 9.09 -11.20
CA THR A 63 -3.37 8.62 -12.45
C THR A 63 -3.16 7.10 -12.52
N HIS A 64 -3.11 6.41 -11.37
CA HIS A 64 -2.67 5.01 -11.38
C HIS A 64 -3.62 4.00 -10.75
N LEU A 65 -4.45 4.38 -9.76
CA LEU A 65 -5.24 3.38 -9.04
C LEU A 65 -6.71 3.75 -8.83
N ASN A 66 -7.12 4.98 -9.14
CA ASN A 66 -8.44 5.48 -8.73
C ASN A 66 -9.61 4.81 -9.51
N ASN A 67 -10.41 3.89 -8.93
CA ASN A 67 -11.30 3.01 -9.72
C ASN A 67 -10.59 1.86 -10.45
N ASN A 68 -9.40 1.46 -10.02
CA ASN A 68 -8.80 0.23 -10.50
C ASN A 68 -9.47 -0.97 -9.81
N PHE A 69 -9.34 -2.17 -10.40
CA PHE A 69 -9.87 -3.39 -9.81
C PHE A 69 -9.04 -4.01 -8.68
N MET A 70 -9.71 -4.48 -7.63
CA MET A 70 -9.06 -5.04 -6.45
C MET A 70 -10.02 -5.93 -5.67
N PHE A 71 -9.57 -7.09 -5.21
CA PHE A 71 -10.40 -8.03 -4.47
C PHE A 71 -11.67 -8.54 -5.16
N GLY A 72 -11.68 -8.54 -6.50
CA GLY A 72 -12.84 -8.95 -7.28
C GLY A 72 -13.89 -7.83 -7.34
N GLN A 73 -13.51 -6.64 -6.86
CA GLN A 73 -14.35 -5.46 -6.81
C GLN A 73 -13.56 -4.25 -7.29
N LYS A 74 -14.04 -3.04 -7.03
CA LYS A 74 -13.39 -1.82 -7.50
C LYS A 74 -13.22 -0.82 -6.37
N MET A 75 -12.12 -0.04 -6.44
CA MET A 75 -11.78 1.00 -5.48
C MET A 75 -11.75 2.34 -6.19
N ASN A 76 -12.93 2.89 -6.48
CA ASN A 76 -13.12 4.11 -7.27
C ASN A 76 -12.32 5.29 -6.72
N VAL A 77 -11.48 6.03 -7.50
CA VAL A 77 -10.99 7.26 -6.84
C VAL A 77 -11.19 8.57 -7.61
N CYS A 78 -11.32 9.67 -6.86
CA CYS A 78 -11.52 11.01 -7.37
C CYS A 78 -11.12 12.01 -6.27
N VAL A 79 -10.95 13.28 -6.61
CA VAL A 79 -10.62 14.31 -5.61
C VAL A 79 -11.78 14.61 -4.67
N SER A 80 -11.47 14.96 -3.42
CA SER A 80 -12.47 15.30 -2.42
C SER A 80 -12.82 16.78 -2.47
N LYS A 81 -14.00 17.16 -1.97
CA LYS A 81 -14.42 18.55 -1.92
C LYS A 81 -14.15 19.16 -0.54
N GLN A 82 -13.70 18.33 0.41
CA GLN A 82 -13.44 18.73 1.78
C GLN A 82 -12.10 19.47 1.87
N PRO A 83 -11.94 20.37 2.85
CA PRO A 83 -10.70 21.11 3.08
C PRO A 83 -9.65 20.26 3.80
N ALA A 84 -10.08 19.40 4.73
CA ALA A 84 -9.19 18.55 5.51
C ALA A 84 -9.98 17.50 6.29
N ILE A 85 -9.32 16.42 6.70
CA ILE A 85 -9.93 15.42 7.58
C ILE A 85 -9.94 15.97 9.00
N MET A 86 -11.08 15.87 9.69
CA MET A 86 -11.20 16.27 11.07
C MET A 86 -11.13 15.06 12.01
N PRO A 87 -10.23 15.07 13.00
CA PRO A 87 -10.16 14.04 14.01
C PRO A 87 -11.32 14.22 15.00
N GLY A 88 -11.75 13.14 15.64
CA GLY A 88 -12.85 13.21 16.59
C GLY A 88 -13.35 11.83 16.98
N GLN A 89 -14.66 11.63 16.84
CA GLN A 89 -15.31 10.38 17.21
C GLN A 89 -14.98 9.27 16.21
N SER A 90 -15.41 8.04 16.53
CA SER A 90 -15.16 6.88 15.70
C SER A 90 -16.20 5.79 15.97
N TYR A 91 -16.19 4.74 15.16
CA TYR A 91 -17.12 3.62 15.30
C TYR A 91 -16.50 2.24 15.14
N GLY A 92 -15.17 2.20 14.99
CA GLY A 92 -14.44 0.96 14.75
C GLY A 92 -14.48 0.54 13.29
N LEU A 93 -13.91 -0.63 12.99
CA LEU A 93 -13.82 -1.17 11.64
C LEU A 93 -13.94 -2.69 11.68
N GLU A 94 -14.10 -3.30 10.51
CA GLU A 94 -14.17 -4.76 10.37
C GLU A 94 -12.83 -5.40 10.77
N ASP A 95 -11.73 -4.68 10.53
CA ASP A 95 -10.37 -5.14 10.81
C ASP A 95 -9.58 -4.26 11.78
N GLY A 96 -10.26 -3.31 12.43
CA GLY A 96 -9.60 -2.36 13.33
C GLY A 96 -10.55 -1.86 14.41
N SER A 97 -10.01 -1.11 15.38
CA SER A 97 -10.77 -0.64 16.52
C SER A 97 -11.18 0.83 16.38
N CYS A 98 -10.56 1.55 15.44
CA CYS A 98 -10.90 2.93 15.16
C CYS A 98 -11.21 3.12 13.68
N SER A 99 -12.14 4.02 13.36
CA SER A 99 -12.51 4.35 11.99
C SER A 99 -11.58 5.43 11.41
N TYR A 100 -10.49 5.74 12.13
CA TYR A 100 -9.52 6.76 11.77
C TYR A 100 -8.06 6.36 12.00
N LYS A 101 -7.14 6.89 11.20
CA LYS A 101 -5.73 6.55 11.31
C LYS A 101 -4.86 7.71 10.81
N ASP A 102 -3.66 7.84 11.37
CA ASP A 102 -2.71 8.90 11.06
C ASP A 102 -1.35 8.39 10.60
N PHE A 103 -0.78 9.04 9.58
CA PHE A 103 0.51 8.70 8.99
C PHE A 103 1.49 9.87 8.86
N SER A 104 1.09 11.05 9.32
CA SER A 104 1.89 12.26 9.18
C SER A 104 3.18 12.20 9.98
N GLU A 105 3.29 11.26 10.93
CA GLU A 105 4.49 11.05 11.74
C GLU A 105 5.15 9.70 11.43
N SER A 106 4.55 8.92 10.52
CA SER A 106 5.06 7.60 10.20
C SER A 106 6.24 7.68 9.22
N ARG A 107 7.13 6.69 9.30
CA ARG A 107 8.29 6.60 8.42
C ARG A 107 7.91 6.04 7.05
N ASN A 108 6.70 5.47 6.93
CA ASN A 108 6.24 4.83 5.71
C ASN A 108 6.17 5.80 4.54
N ASN A 109 6.14 7.11 4.81
CA ASN A 109 6.14 8.13 3.77
C ASN A 109 7.42 8.03 2.95
N ARG A 110 7.29 7.69 1.66
CA ARG A 110 8.43 7.41 0.81
C ARG A 110 9.18 8.70 0.44
N PHE A 111 8.45 9.81 0.34
CA PHE A 111 9.00 11.12 -0.02
C PHE A 111 9.31 12.07 1.13
N SER A 112 9.40 11.53 2.36
CA SER A 112 9.54 12.32 3.57
C SER A 112 10.88 13.09 3.61
N THR A 113 11.88 12.65 2.84
CA THR A 113 13.19 13.28 2.82
C THR A 113 13.79 13.43 1.42
N PRO A 114 14.64 14.44 1.21
CA PRO A 114 15.26 14.71 -0.08
C PRO A 114 16.29 13.66 -0.45
N GLU A 115 16.87 12.96 0.55
CA GLU A 115 17.83 11.91 0.26
C GLU A 115 17.13 10.61 -0.15
N GLN A 116 15.85 10.47 0.19
CA GLN A 116 15.05 9.35 -0.29
C GLN A 116 14.48 9.69 -1.67
N ALA A 117 14.03 10.94 -1.85
CA ALA A 117 13.43 11.39 -3.09
C ALA A 117 14.41 11.30 -4.26
N ALA A 118 15.72 11.26 -3.98
CA ALA A 118 16.73 11.17 -5.02
C ALA A 118 16.84 9.75 -5.58
N LYS A 119 16.39 8.74 -4.83
CA LYS A 119 16.46 7.35 -5.26
C LYS A 119 15.10 6.65 -5.26
N ASN A 120 14.01 7.39 -5.05
CA ASN A 120 12.68 6.80 -5.09
C ASN A 120 12.28 6.38 -6.50
N ARG A 121 11.34 5.43 -6.59
CA ARG A 121 10.79 4.95 -7.84
C ARG A 121 9.29 5.21 -7.92
N ILE A 122 8.81 5.49 -9.14
CA ILE A 122 7.40 5.65 -9.46
C ILE A 122 7.19 5.04 -10.84
N GLN A 123 6.09 4.30 -11.02
CA GLN A 123 5.84 3.61 -12.28
C GLN A 123 4.34 3.31 -12.41
N HIS A 124 3.88 3.09 -13.64
CA HIS A 124 2.51 2.68 -13.91
C HIS A 124 2.20 1.39 -13.16
N PRO A 125 0.93 1.12 -12.84
CA PRO A 125 0.56 -0.09 -12.12
C PRO A 125 0.84 -1.30 -13.00
N SER A 126 1.22 -2.42 -12.38
CA SER A 126 1.66 -3.60 -13.09
C SER A 126 1.46 -4.85 -12.24
N ASN A 127 1.64 -6.03 -12.84
CA ASN A 127 1.48 -7.29 -12.15
C ASN A 127 2.76 -7.66 -11.38
N VAL A 128 3.80 -6.84 -11.48
CA VAL A 128 5.07 -7.04 -10.79
C VAL A 128 5.22 -6.18 -9.53
N LEU A 129 5.73 -6.78 -8.45
CA LEU A 129 6.01 -6.07 -7.21
C LEU A 129 7.49 -6.24 -6.83
N HIS A 130 7.96 -5.35 -5.96
CA HIS A 130 9.33 -5.34 -5.46
C HIS A 130 9.28 -5.24 -3.94
N PHE A 131 10.21 -5.92 -3.24
CA PHE A 131 10.19 -5.91 -1.79
C PHE A 131 11.59 -5.71 -1.20
N PHE A 132 11.61 -5.35 0.09
CA PHE A 132 12.83 -5.08 0.84
C PHE A 132 12.47 -5.49 2.26
N ASN A 133 13.49 -5.69 3.11
CA ASN A 133 13.30 -6.16 4.47
C ASN A 133 12.55 -7.50 4.50
N ALA A 134 13.08 -8.53 3.83
CA ALA A 134 12.47 -9.84 3.79
C ALA A 134 13.42 -10.93 4.33
N PRO A 135 12.87 -12.03 4.90
CA PRO A 135 13.66 -13.15 5.40
C PRO A 135 14.56 -13.77 4.33
N LEU A 136 15.67 -14.37 4.76
CA LEU A 136 16.62 -15.01 3.86
C LEU A 136 16.04 -16.27 3.22
N GLU A 137 14.94 -16.80 3.77
CA GLU A 137 14.30 -18.01 3.28
C GLU A 137 12.84 -17.76 2.92
N VAL A 138 12.53 -16.49 2.59
CA VAL A 138 11.16 -16.05 2.31
C VAL A 138 10.54 -16.66 1.05
N THR A 139 11.35 -17.31 0.21
CA THR A 139 10.96 -17.69 -1.16
C THR A 139 9.69 -18.52 -1.23
N GLU A 140 9.26 -18.96 -2.42
CA GLU A 140 7.95 -19.56 -2.67
C GLU A 140 7.32 -20.24 -1.45
N GLU A 141 8.10 -20.90 -0.59
CA GLU A 141 7.62 -21.41 0.69
C GLU A 141 7.04 -20.34 1.62
N ASN A 142 7.65 -19.16 1.87
CA ASN A 142 7.06 -18.30 2.88
C ASN A 142 6.04 -17.41 2.18
N PHE A 143 6.25 -17.17 0.88
CA PHE A 143 5.25 -16.41 0.14
C PHE A 143 3.93 -17.14 -0.02
N PHE A 144 3.98 -18.46 -0.18
CA PHE A 144 2.78 -19.27 -0.33
C PHE A 144 1.99 -19.48 0.95
N GLU A 145 2.67 -19.76 2.07
CA GLU A 145 1.94 -20.03 3.31
C GLU A 145 1.41 -18.75 3.94
N ILE A 146 1.97 -17.59 3.61
CA ILE A 146 1.44 -16.32 4.11
C ILE A 146 0.20 -15.93 3.32
N CYS A 147 0.21 -16.12 2.00
CA CYS A 147 -0.96 -15.82 1.19
C CYS A 147 -2.10 -16.78 1.50
N ASP A 148 -1.78 -18.05 1.80
CA ASP A 148 -2.78 -19.05 2.14
C ASP A 148 -3.49 -18.75 3.46
N GLU A 149 -2.72 -18.25 4.45
CA GLU A 149 -3.28 -17.90 5.76
C GLU A 149 -4.17 -16.66 5.66
N LEU A 150 -3.88 -15.78 4.69
CA LEU A 150 -4.65 -14.56 4.48
C LEU A 150 -5.78 -14.77 3.46
N GLY A 151 -5.85 -15.96 2.87
CA GLY A 151 -6.88 -16.32 1.90
C GLY A 151 -6.65 -15.70 0.52
N VAL A 152 -5.59 -14.91 0.36
CA VAL A 152 -5.24 -14.29 -0.92
C VAL A 152 -4.59 -15.28 -1.89
N LYS A 153 -4.71 -15.05 -3.20
CA LYS A 153 -4.09 -15.92 -4.18
C LYS A 153 -2.57 -15.80 -4.13
N ARG A 154 -1.87 -16.87 -4.50
CA ARG A 154 -0.41 -16.90 -4.50
C ARG A 154 0.13 -16.17 -5.73
N PRO A 155 1.37 -15.67 -5.69
CA PRO A 155 2.03 -15.08 -6.83
C PRO A 155 2.35 -16.16 -7.87
N THR A 156 2.47 -15.75 -9.14
CA THR A 156 2.80 -16.65 -10.23
C THR A 156 4.30 -16.86 -10.41
N SER A 157 5.11 -15.96 -9.84
CA SER A 157 6.56 -16.09 -9.85
C SER A 157 7.17 -15.30 -8.70
N VAL A 158 8.35 -15.74 -8.24
CA VAL A 158 9.08 -15.10 -7.15
C VAL A 158 10.59 -15.13 -7.37
N LYS A 159 11.30 -14.18 -6.74
CA LYS A 159 12.74 -14.11 -6.80
C LYS A 159 13.27 -13.45 -5.53
N VAL A 160 14.44 -13.93 -5.04
CA VAL A 160 15.10 -13.38 -3.87
C VAL A 160 16.62 -13.26 -4.07
N PHE A 161 17.24 -12.29 -3.40
CA PHE A 161 18.66 -12.07 -3.49
C PHE A 161 19.33 -11.43 -2.29
N SER A 162 20.67 -11.33 -2.33
CA SER A 162 21.45 -10.72 -1.27
C SER A 162 22.62 -9.95 -1.90
N GLY A 163 23.31 -9.14 -1.07
CA GLY A 163 24.44 -8.33 -1.50
C GLY A 163 24.14 -6.84 -1.38
N LYS A 164 22.87 -6.46 -1.25
CA LYS A 164 22.48 -5.07 -1.03
C LYS A 164 22.63 -4.69 0.44
N SER A 165 22.53 -5.68 1.33
CA SER A 165 22.67 -5.48 2.77
C SER A 165 22.91 -6.83 3.44
N GLU A 166 23.50 -6.82 4.65
CA GLU A 166 23.73 -8.03 5.41
C GLU A 166 22.63 -8.22 6.46
N ARG A 167 21.74 -7.23 6.60
CA ARG A 167 20.64 -7.29 7.55
C ARG A 167 19.48 -8.15 7.07
N SER A 168 19.13 -8.04 5.78
CA SER A 168 17.92 -8.67 5.27
C SER A 168 17.95 -8.82 3.74
N SER A 169 17.07 -9.67 3.22
CA SER A 169 16.98 -9.98 1.80
C SER A 169 16.02 -9.03 1.06
N SER A 170 16.07 -9.06 -0.27
CA SER A 170 15.22 -8.27 -1.15
C SER A 170 14.91 -9.09 -2.40
N GLY A 171 13.93 -8.68 -3.20
CA GLY A 171 13.58 -9.44 -4.40
C GLY A 171 12.34 -8.91 -5.10
N LEU A 172 11.86 -9.67 -6.09
CA LEU A 172 10.72 -9.33 -6.92
C LEU A 172 9.63 -10.40 -6.81
N LEU A 173 8.40 -10.04 -7.16
CA LEU A 173 7.24 -10.92 -7.16
C LEU A 173 6.38 -10.60 -8.36
N GLU A 174 5.55 -11.56 -8.82
CA GLU A 174 4.70 -11.34 -9.98
C GLU A 174 3.39 -12.12 -9.87
N TRP A 175 2.32 -11.57 -10.46
CA TRP A 175 0.99 -12.16 -10.49
C TRP A 175 0.44 -12.28 -11.91
N ASP A 176 -0.71 -12.94 -12.07
CA ASP A 176 -1.32 -13.16 -13.37
C ASP A 176 -2.01 -11.87 -13.87
N SER A 177 -2.11 -10.84 -13.02
CA SER A 177 -2.76 -9.59 -13.39
C SER A 177 -2.32 -8.44 -12.49
N LYS A 178 -2.50 -7.20 -12.98
CA LYS A 178 -2.18 -6.01 -12.19
C LYS A 178 -3.17 -5.86 -11.04
N SER A 179 -4.38 -6.41 -11.19
CA SER A 179 -5.38 -6.37 -10.14
C SER A 179 -5.06 -7.42 -9.06
N ASP A 180 -4.37 -8.49 -9.47
CA ASP A 180 -3.90 -9.52 -8.55
C ASP A 180 -2.71 -9.07 -7.72
N ALA A 181 -1.86 -8.21 -8.30
CA ALA A 181 -0.73 -7.64 -7.57
C ALA A 181 -1.22 -6.51 -6.64
N LEU A 182 -2.34 -5.87 -6.98
CA LEU A 182 -2.87 -4.77 -6.21
C LEU A 182 -3.57 -5.26 -4.94
N GLU A 183 -4.28 -6.40 -5.03
CA GLU A 183 -4.96 -6.92 -3.85
C GLU A 183 -3.94 -7.57 -2.91
N THR A 184 -2.94 -8.26 -3.47
CA THR A 184 -1.89 -8.85 -2.66
C THR A 184 -0.92 -7.83 -2.07
N LEU A 185 -0.84 -6.64 -2.68
CA LEU A 185 -0.13 -5.50 -2.12
C LEU A 185 -0.88 -5.04 -0.87
N GLY A 186 -2.22 -5.08 -0.92
CA GLY A 186 -3.05 -4.68 0.20
C GLY A 186 -2.88 -5.62 1.39
N PHE A 187 -2.58 -6.90 1.12
CA PHE A 187 -2.37 -7.89 2.17
C PHE A 187 -0.94 -8.28 2.55
N LEU A 188 0.09 -7.75 1.87
CA LEU A 188 1.48 -8.08 2.18
C LEU A 188 2.34 -6.87 2.47
N ASN A 189 1.83 -5.64 2.35
CA ASN A 189 2.66 -4.49 2.68
C ASN A 189 2.70 -4.31 4.19
N HIS A 190 3.88 -3.97 4.72
CA HIS A 190 4.11 -3.65 6.12
C HIS A 190 3.69 -4.73 7.11
N TYR A 191 3.53 -5.99 6.67
CA TYR A 191 3.15 -7.05 7.60
C TYR A 191 4.47 -7.39 8.34
N GLN A 192 4.34 -7.83 9.60
CA GLN A 192 5.50 -8.08 10.45
C GLN A 192 6.16 -9.42 10.12
N MET A 193 7.49 -9.47 10.20
CA MET A 193 8.26 -10.70 10.01
C MET A 193 8.30 -11.52 11.30
N LYS A 194 8.44 -12.84 11.13
CA LYS A 194 8.55 -13.79 12.24
C LYS A 194 9.97 -13.85 12.78
N ASN A 195 10.64 -12.69 12.87
CA ASN A 195 12.06 -12.60 13.20
C ASN A 195 12.44 -13.44 14.42
N PRO A 196 13.19 -14.53 14.22
CA PRO A 196 13.69 -15.39 15.30
C PRO A 196 15.01 -14.86 15.86
N ASN A 197 15.65 -13.92 15.16
CA ASN A 197 16.98 -13.43 15.51
C ASN A 197 16.94 -12.33 16.58
N GLY A 198 15.76 -11.95 17.05
CA GLY A 198 15.65 -10.89 18.04
C GLY A 198 14.31 -10.93 18.79
N PRO A 199 14.19 -10.13 19.86
CA PRO A 199 13.03 -10.06 20.73
C PRO A 199 11.86 -9.34 20.05
N TYR A 200 12.10 -8.70 18.90
CA TYR A 200 11.07 -7.98 18.16
C TYR A 200 11.11 -8.11 16.65
N PRO A 201 9.96 -8.04 15.98
CA PRO A 201 9.86 -8.13 14.53
C PRO A 201 10.26 -6.82 13.86
N TYR A 202 10.51 -6.89 12.55
CA TYR A 202 10.74 -5.74 11.69
C TYR A 202 9.79 -6.01 10.53
N THR A 203 9.15 -4.97 9.99
CA THR A 203 8.18 -5.15 8.92
C THR A 203 8.76 -5.28 7.52
N LEU A 204 8.16 -6.16 6.71
CA LEU A 204 8.50 -6.28 5.30
C LEU A 204 7.76 -5.19 4.54
N LYS A 205 8.36 -4.64 3.48
CA LYS A 205 7.73 -3.58 2.71
C LYS A 205 7.87 -3.86 1.22
N LEU A 206 6.87 -3.43 0.44
CA LEU A 206 6.86 -3.66 -0.99
C LEU A 206 6.03 -2.61 -1.73
N CYS A 207 6.20 -2.56 -3.06
CA CYS A 207 5.54 -1.60 -3.93
C CYS A 207 5.55 -2.10 -5.36
N PHE A 208 4.88 -1.39 -6.27
CA PHE A 208 4.91 -1.73 -7.69
C PHE A 208 6.31 -1.67 -8.29
N SER A 209 6.76 -2.76 -8.94
CA SER A 209 8.13 -2.85 -9.40
C SER A 209 8.37 -2.19 -10.75
N THR A 210 9.63 -1.80 -10.99
CA THR A 210 10.11 -1.34 -12.28
C THR A 210 11.28 -2.16 -12.83
N ALA A 211 11.54 -3.32 -12.21
CA ALA A 211 12.61 -4.22 -12.59
C ALA A 211 12.39 -4.80 -14.00
N GLN A 212 13.46 -5.36 -14.58
CA GLN A 212 13.41 -5.87 -15.95
C GLN A 212 12.90 -7.30 -16.01
N HIS A 213 12.63 -7.93 -14.85
CA HIS A 213 12.08 -9.27 -14.76
C HIS A 213 11.72 -9.57 -13.30
N ALA A 214 11.16 -10.76 -13.05
CA ALA A 214 10.80 -11.20 -11.71
C ALA A 214 11.30 -12.62 -11.45
N SER A 215 12.24 -13.12 -12.28
CA SER A 215 12.80 -14.46 -12.14
C SER A 215 14.17 -14.53 -12.79
N TYR A 1 6.91 21.08 -11.40
CA TYR A 1 6.93 20.43 -12.72
C TYR A 1 5.62 19.78 -13.16
N GLY A 2 5.24 18.67 -12.53
CA GLY A 2 3.99 17.98 -12.82
C GLY A 2 2.78 18.75 -12.28
N PRO A 3 1.58 18.36 -12.69
CA PRO A 3 0.32 18.96 -12.26
C PRO A 3 0.03 18.59 -10.80
N HIS A 4 -1.06 19.15 -10.26
CA HIS A 4 -1.46 18.91 -8.88
C HIS A 4 -2.98 18.91 -8.76
N ALA A 5 -3.49 18.29 -7.69
CA ALA A 5 -4.91 18.19 -7.44
C ALA A 5 -5.50 19.53 -7.01
N ASP A 6 -6.82 19.67 -7.15
CA ASP A 6 -7.54 20.90 -6.85
C ASP A 6 -7.74 21.05 -5.34
N SER A 7 -7.33 20.06 -4.53
CA SER A 7 -7.53 20.10 -3.09
C SER A 7 -6.51 19.24 -2.35
N PRO A 8 -6.13 19.62 -1.12
CA PRO A 8 -5.29 18.83 -0.24
C PRO A 8 -5.91 17.47 0.13
N VAL A 9 -7.15 17.24 -0.27
CA VAL A 9 -7.91 16.04 0.11
C VAL A 9 -8.37 15.23 -1.10
N LEU A 10 -8.55 13.92 -0.89
CA LEU A 10 -8.96 12.95 -1.89
C LEU A 10 -10.16 12.17 -1.34
N MET A 11 -11.00 11.63 -2.23
CA MET A 11 -12.23 10.95 -1.82
C MET A 11 -12.43 9.66 -2.61
N VAL A 12 -12.76 8.57 -1.92
CA VAL A 12 -12.90 7.25 -2.50
C VAL A 12 -14.25 6.65 -2.09
N TYR A 13 -14.79 5.75 -2.92
CA TYR A 13 -16.08 5.12 -2.69
C TYR A 13 -15.94 3.70 -3.25
N GLY A 14 -16.94 2.85 -2.97
CA GLY A 14 -16.98 1.49 -3.49
C GLY A 14 -16.26 0.49 -2.59
N LEU A 15 -15.82 0.93 -1.41
CA LEU A 15 -15.11 0.10 -0.44
C LEU A 15 -16.06 -0.87 0.27
N ASP A 16 -16.93 -1.53 -0.49
CA ASP A 16 -17.98 -2.40 0.05
C ASP A 16 -17.51 -3.81 0.40
N GLN A 17 -16.32 -4.20 -0.05
CA GLN A 17 -15.78 -5.52 0.21
C GLN A 17 -15.09 -5.56 1.57
N SER A 18 -15.14 -6.71 2.25
CA SER A 18 -14.66 -6.86 3.61
C SER A 18 -13.13 -6.85 3.71
N LYS A 19 -12.44 -6.87 2.55
CA LYS A 19 -10.99 -6.93 2.51
C LYS A 19 -10.37 -5.54 2.72
N MET A 20 -11.16 -4.48 2.56
CA MET A 20 -10.68 -3.12 2.74
C MET A 20 -10.70 -2.70 4.20
N ASN A 21 -9.95 -1.64 4.50
CA ASN A 21 -9.87 -1.00 5.81
C ASN A 21 -9.15 0.33 5.60
N CYS A 22 -9.14 1.21 6.60
CA CYS A 22 -8.46 2.48 6.46
C CYS A 22 -6.96 2.28 6.23
N ASP A 23 -6.39 1.23 6.84
CA ASP A 23 -4.98 0.93 6.66
C ASP A 23 -4.75 0.31 5.29
N ARG A 24 -5.77 -0.39 4.75
CA ARG A 24 -5.63 -1.11 3.49
C ARG A 24 -5.64 -0.14 2.31
N VAL A 25 -6.64 0.75 2.26
CA VAL A 25 -6.80 1.65 1.14
C VAL A 25 -5.76 2.76 1.13
N PHE A 26 -5.42 3.26 2.32
CA PHE A 26 -4.51 4.38 2.43
C PHE A 26 -3.12 3.85 2.09
N ASN A 27 -2.82 2.58 2.40
CA ASN A 27 -1.53 1.99 2.06
C ASN A 27 -1.32 1.95 0.54
N VAL A 28 -2.33 1.46 -0.20
CA VAL A 28 -2.21 1.31 -1.64
C VAL A 28 -1.85 2.66 -2.25
N PHE A 29 -2.64 3.71 -2.01
CA PHE A 29 -2.26 5.03 -2.50
C PHE A 29 -1.16 5.79 -1.77
N CYS A 30 -0.68 5.26 -0.63
CA CYS A 30 0.38 5.92 0.12
C CYS A 30 1.74 5.69 -0.52
N LEU A 31 1.97 4.52 -1.13
CA LEU A 31 3.25 4.28 -1.79
C LEU A 31 3.48 5.26 -2.94
N TYR A 32 2.45 6.00 -3.35
CA TYR A 32 2.53 6.99 -4.42
C TYR A 32 3.01 8.39 -4.06
N GLY A 33 3.39 8.62 -2.80
CA GLY A 33 3.84 9.93 -2.36
C GLY A 33 3.98 10.02 -0.84
N ASN A 34 3.66 11.18 -0.27
CA ASN A 34 3.64 11.39 1.17
C ASN A 34 2.23 11.71 1.61
N VAL A 35 1.76 11.02 2.66
CA VAL A 35 0.40 11.13 3.16
C VAL A 35 0.27 11.74 4.55
N GLU A 36 -0.94 12.14 4.93
CA GLU A 36 -1.20 12.74 6.23
C GLU A 36 -2.17 11.91 7.06
N LYS A 37 -3.43 11.79 6.64
CA LYS A 37 -4.47 11.12 7.43
C LYS A 37 -5.54 10.47 6.53
N VAL A 38 -6.40 9.65 7.14
CA VAL A 38 -7.51 8.98 6.45
C VAL A 38 -8.68 8.85 7.42
N LYS A 39 -9.92 8.90 6.89
CA LYS A 39 -11.13 8.80 7.71
C LYS A 39 -12.30 8.27 6.89
N PHE A 40 -13.12 7.42 7.50
CA PHE A 40 -14.27 6.79 6.86
C PHE A 40 -15.63 7.47 7.02
N MET A 41 -16.55 7.21 6.09
CA MET A 41 -17.88 7.81 6.11
C MET A 41 -18.90 6.91 6.81
N LYS A 42 -19.58 7.48 7.81
CA LYS A 42 -20.65 6.81 8.55
C LYS A 42 -21.97 6.82 7.78
N SER A 43 -22.07 7.65 6.74
CA SER A 43 -23.28 7.81 5.95
C SER A 43 -23.28 6.95 4.68
N LYS A 44 -22.22 6.17 4.45
CA LYS A 44 -22.05 5.39 3.24
C LYS A 44 -21.67 3.94 3.58
N PRO A 45 -22.01 2.98 2.71
CA PRO A 45 -21.70 1.58 2.92
C PRO A 45 -20.21 1.30 2.75
N GLY A 46 -19.46 2.25 2.17
CA GLY A 46 -18.02 2.11 1.99
C GLY A 46 -17.45 3.29 1.22
N ALA A 47 -17.03 4.33 1.94
CA ALA A 47 -16.42 5.51 1.37
C ALA A 47 -15.50 6.16 2.41
N ALA A 48 -14.52 6.93 1.95
CA ALA A 48 -13.55 7.53 2.85
C ALA A 48 -12.89 8.76 2.25
N MET A 49 -12.44 9.66 3.12
CA MET A 49 -11.70 10.86 2.74
C MET A 49 -10.24 10.67 3.13
N VAL A 50 -9.33 11.30 2.39
CA VAL A 50 -7.90 11.10 2.56
C VAL A 50 -7.12 12.40 2.40
N GLU A 51 -6.24 12.71 3.35
CA GLU A 51 -5.40 13.91 3.26
C GLU A 51 -3.98 13.50 2.94
N MET A 52 -3.36 14.15 1.95
CA MET A 52 -2.06 13.76 1.41
C MET A 52 -1.37 14.99 0.83
N ALA A 53 -0.09 14.86 0.45
CA ALA A 53 0.56 15.90 -0.33
C ALA A 53 -0.16 15.91 -1.67
N ASP A 54 -0.82 17.01 -2.01
CA ASP A 54 -1.75 16.97 -3.14
C ASP A 54 -1.09 16.90 -4.51
N GLY A 55 0.08 17.54 -4.66
CA GLY A 55 0.79 17.57 -5.92
C GLY A 55 1.00 16.16 -6.45
N TYR A 56 2.11 15.52 -6.03
CA TYR A 56 2.45 14.21 -6.54
C TYR A 56 1.62 13.03 -6.02
N ALA A 57 1.04 13.12 -4.82
CA ALA A 57 0.35 11.97 -4.27
C ALA A 57 -1.11 11.92 -4.71
N VAL A 58 -1.81 13.06 -4.84
CA VAL A 58 -3.21 12.99 -5.24
C VAL A 58 -3.28 12.93 -6.77
N ASP A 59 -2.27 13.49 -7.46
CA ASP A 59 -2.20 13.36 -8.91
C ASP A 59 -2.02 11.91 -9.35
N ARG A 60 -1.00 11.23 -8.81
CA ARG A 60 -0.70 9.86 -9.24
C ARG A 60 -1.76 8.87 -8.77
N ALA A 61 -2.43 9.12 -7.65
CA ALA A 61 -3.50 8.24 -7.21
C ALA A 61 -4.69 8.33 -8.18
N ILE A 62 -4.94 9.52 -8.72
CA ILE A 62 -5.99 9.75 -9.70
C ILE A 62 -5.55 9.28 -11.09
N THR A 63 -4.24 9.07 -11.27
CA THR A 63 -3.71 8.62 -12.56
C THR A 63 -3.61 7.11 -12.66
N HIS A 64 -3.61 6.38 -11.53
CA HIS A 64 -3.30 4.96 -11.59
C HIS A 64 -4.23 4.00 -10.83
N LEU A 65 -4.95 4.43 -9.79
CA LEU A 65 -5.71 3.49 -8.96
C LEU A 65 -7.18 3.88 -8.77
N ASN A 66 -7.57 5.10 -9.12
CA ASN A 66 -8.87 5.63 -8.74
C ASN A 66 -10.09 5.04 -9.46
N ASN A 67 -10.90 4.12 -8.90
CA ASN A 67 -11.83 3.24 -9.67
C ASN A 67 -11.12 2.05 -10.34
N ASN A 68 -9.94 1.65 -9.86
CA ASN A 68 -9.37 0.37 -10.28
C ASN A 68 -10.03 -0.76 -9.48
N PHE A 69 -9.99 -1.98 -10.02
CA PHE A 69 -10.48 -3.15 -9.31
C PHE A 69 -9.55 -3.72 -8.23
N MET A 70 -10.10 -4.13 -7.09
CA MET A 70 -9.33 -4.70 -6.01
C MET A 70 -10.20 -5.62 -5.15
N PHE A 71 -9.69 -6.82 -4.83
CA PHE A 71 -10.45 -7.80 -4.09
C PHE A 71 -11.79 -8.25 -4.69
N GLY A 72 -11.95 -8.08 -6.00
CA GLY A 72 -13.18 -8.44 -6.71
C GLY A 72 -14.20 -7.31 -6.74
N GLN A 73 -13.80 -6.10 -6.34
CA GLN A 73 -14.71 -4.96 -6.26
C GLN A 73 -13.96 -3.66 -6.60
N LYS A 74 -14.68 -2.72 -7.24
CA LYS A 74 -14.10 -1.44 -7.65
C LYS A 74 -13.97 -0.48 -6.46
N MET A 75 -12.97 0.40 -6.52
CA MET A 75 -12.74 1.43 -5.52
C MET A 75 -12.53 2.78 -6.23
N ASN A 76 -13.63 3.45 -6.58
CA ASN A 76 -13.65 4.67 -7.37
C ASN A 76 -12.76 5.75 -6.79
N VAL A 77 -11.83 6.40 -7.55
CA VAL A 77 -11.27 7.60 -6.87
C VAL A 77 -11.40 8.93 -7.64
N CYS A 78 -11.48 10.03 -6.87
CA CYS A 78 -11.62 11.38 -7.39
C CYS A 78 -11.20 12.35 -6.28
N VAL A 79 -11.10 13.64 -6.61
CA VAL A 79 -10.72 14.66 -5.64
C VAL A 79 -11.83 14.98 -4.63
N SER A 80 -11.44 15.32 -3.40
CA SER A 80 -12.38 15.64 -2.33
C SER A 80 -12.76 17.13 -2.35
N LYS A 81 -13.92 17.47 -1.79
CA LYS A 81 -14.36 18.86 -1.70
C LYS A 81 -13.93 19.46 -0.35
N GLN A 82 -13.41 18.62 0.55
CA GLN A 82 -13.00 19.02 1.88
C GLN A 82 -11.64 19.74 1.83
N PRO A 83 -11.42 20.74 2.69
CA PRO A 83 -10.17 21.46 2.77
C PRO A 83 -9.10 20.65 3.50
N ALA A 84 -9.49 19.86 4.50
CA ALA A 84 -8.59 19.04 5.30
C ALA A 84 -9.38 18.06 6.15
N ILE A 85 -8.72 17.01 6.66
CA ILE A 85 -9.35 16.08 7.58
C ILE A 85 -9.25 16.64 8.99
N MET A 86 -10.38 16.70 9.71
CA MET A 86 -10.38 17.11 11.10
C MET A 86 -10.25 15.88 12.00
N PRO A 87 -9.23 15.82 12.87
CA PRO A 87 -9.07 14.76 13.84
C PRO A 87 -10.14 14.91 14.90
N GLY A 88 -10.67 13.79 15.41
CA GLY A 88 -11.74 13.85 16.41
C GLY A 88 -12.37 12.50 16.67
N GLN A 89 -13.71 12.47 16.71
CA GLN A 89 -14.47 11.29 17.06
C GLN A 89 -14.44 10.25 15.93
N SER A 90 -14.76 9.00 16.26
CA SER A 90 -14.77 7.87 15.34
C SER A 90 -15.91 6.92 15.72
N TYR A 91 -16.16 5.91 14.87
CA TYR A 91 -17.22 4.95 15.10
C TYR A 91 -16.78 3.50 14.88
N GLY A 92 -15.51 3.30 14.49
CA GLY A 92 -14.97 1.97 14.23
C GLY A 92 -15.39 1.43 12.87
N LEU A 93 -14.94 0.22 12.55
CA LEU A 93 -15.23 -0.44 11.28
C LEU A 93 -15.39 -1.94 11.53
N GLU A 94 -16.15 -2.61 10.67
CA GLU A 94 -16.35 -4.06 10.76
C GLU A 94 -15.12 -4.82 10.29
N ASP A 95 -14.11 -4.09 9.80
CA ASP A 95 -12.86 -4.65 9.29
C ASP A 95 -11.61 -4.16 10.03
N GLY A 96 -11.83 -3.49 11.16
CA GLY A 96 -10.77 -2.91 11.98
C GLY A 96 -11.30 -2.57 13.37
N SER A 97 -10.82 -1.48 13.96
CA SER A 97 -11.27 -1.04 15.27
C SER A 97 -11.58 0.45 15.30
N CYS A 98 -10.97 1.25 14.41
CA CYS A 98 -11.22 2.67 14.32
C CYS A 98 -11.60 3.06 12.89
N SER A 99 -12.41 4.10 12.75
CA SER A 99 -12.80 4.63 11.44
C SER A 99 -11.86 5.75 11.00
N TYR A 100 -10.75 5.92 11.73
CA TYR A 100 -9.76 6.95 11.48
C TYR A 100 -8.31 6.52 11.74
N LYS A 101 -7.34 7.11 11.03
CA LYS A 101 -5.94 6.76 11.20
C LYS A 101 -5.05 7.92 10.77
N ASP A 102 -3.82 7.96 11.28
CA ASP A 102 -2.87 9.03 11.04
C ASP A 102 -1.47 8.54 10.66
N PHE A 103 -0.89 9.14 9.62
CA PHE A 103 0.42 8.78 9.09
C PHE A 103 1.45 9.92 9.04
N SER A 104 1.05 11.10 9.52
CA SER A 104 1.91 12.29 9.55
C SER A 104 3.00 12.16 10.61
N GLU A 105 2.93 11.11 11.44
CA GLU A 105 3.87 10.88 12.53
C GLU A 105 4.71 9.63 12.28
N SER A 106 4.75 9.13 11.05
CA SER A 106 5.48 7.91 10.72
C SER A 106 6.23 8.03 9.40
N ARG A 107 7.34 7.29 9.29
CA ARG A 107 8.22 7.29 8.12
C ARG A 107 7.80 6.24 7.09
N ASN A 108 6.67 5.56 7.31
CA ASN A 108 6.19 4.51 6.43
C ASN A 108 5.87 5.04 5.03
N ASN A 109 5.52 6.33 4.91
CA ASN A 109 5.15 6.92 3.63
C ASN A 109 6.36 6.93 2.71
N ARG A 110 6.14 6.84 1.40
CA ARG A 110 7.25 6.63 0.48
C ARG A 110 8.15 7.86 0.37
N PHE A 111 7.56 9.06 0.48
CA PHE A 111 8.29 10.32 0.45
C PHE A 111 8.64 11.00 1.78
N SER A 112 8.44 10.29 2.90
CA SER A 112 8.57 10.89 4.23
C SER A 112 10.01 11.26 4.59
N THR A 113 11.00 10.65 3.96
CA THR A 113 12.40 10.86 4.29
C THR A 113 13.33 11.10 3.11
N PRO A 114 14.42 11.86 3.30
CA PRO A 114 15.34 12.22 2.25
C PRO A 114 16.16 11.01 1.77
N GLU A 115 16.32 9.98 2.61
CA GLU A 115 17.04 8.79 2.20
C GLU A 115 16.20 7.95 1.23
N GLN A 116 14.87 8.11 1.30
CA GLN A 116 13.96 7.46 0.36
C GLN A 116 13.87 8.28 -0.92
N ALA A 117 13.56 9.58 -0.77
CA ALA A 117 13.25 10.48 -1.87
C ALA A 117 14.42 10.64 -2.84
N ALA A 118 15.65 10.33 -2.40
CA ALA A 118 16.82 10.46 -3.24
C ALA A 118 16.90 9.34 -4.27
N LYS A 119 16.34 8.16 -3.96
CA LYS A 119 16.37 7.01 -4.85
C LYS A 119 14.98 6.45 -5.19
N ASN A 120 13.91 7.12 -4.76
CA ASN A 120 12.56 6.65 -5.03
C ASN A 120 12.27 6.54 -6.51
N ARG A 121 11.31 5.68 -6.85
CA ARG A 121 10.88 5.44 -8.22
C ARG A 121 9.42 4.97 -8.19
N ILE A 122 8.66 5.33 -9.23
CA ILE A 122 7.23 5.07 -9.29
C ILE A 122 6.86 4.56 -10.68
N GLN A 123 5.80 3.74 -10.76
CA GLN A 123 5.33 3.16 -12.00
C GLN A 123 3.85 2.82 -11.86
N HIS A 124 3.13 2.70 -12.98
CA HIS A 124 1.74 2.29 -12.96
C HIS A 124 1.62 0.88 -12.38
N PRO A 125 0.47 0.52 -11.80
CA PRO A 125 0.25 -0.78 -11.22
C PRO A 125 0.37 -1.87 -12.29
N SER A 126 0.93 -3.01 -11.90
CA SER A 126 1.25 -4.10 -12.80
C SER A 126 1.23 -5.41 -12.03
N ASN A 127 1.49 -6.53 -12.69
CA ASN A 127 1.46 -7.84 -12.04
C ASN A 127 2.80 -8.12 -11.34
N VAL A 128 3.75 -7.18 -11.42
CA VAL A 128 5.03 -7.29 -10.75
C VAL A 128 5.12 -6.48 -9.45
N LEU A 129 5.70 -7.07 -8.41
CA LEU A 129 5.95 -6.41 -7.14
C LEU A 129 7.43 -6.51 -6.79
N HIS A 130 7.90 -5.63 -5.90
CA HIS A 130 9.26 -5.60 -5.42
C HIS A 130 9.22 -5.58 -3.89
N PHE A 131 10.21 -6.19 -3.24
CA PHE A 131 10.26 -6.22 -1.80
C PHE A 131 11.63 -5.89 -1.20
N PHE A 132 11.65 -5.50 0.08
CA PHE A 132 12.86 -5.13 0.79
C PHE A 132 12.56 -5.50 2.25
N ASN A 133 13.60 -5.58 3.08
CA ASN A 133 13.47 -6.03 4.46
C ASN A 133 12.84 -7.44 4.53
N ALA A 134 13.27 -8.35 3.66
CA ALA A 134 12.75 -9.71 3.63
C ALA A 134 13.73 -10.71 4.23
N PRO A 135 13.23 -11.82 4.81
CA PRO A 135 14.06 -12.88 5.35
C PRO A 135 15.03 -13.46 4.32
N LEU A 136 16.15 -14.00 4.81
CA LEU A 136 17.19 -14.58 3.96
C LEU A 136 16.70 -15.87 3.27
N GLU A 137 15.61 -16.46 3.78
CA GLU A 137 15.06 -17.71 3.27
C GLU A 137 13.61 -17.54 2.84
N VAL A 138 13.22 -16.30 2.51
CA VAL A 138 11.84 -15.96 2.17
C VAL A 138 11.29 -16.62 0.91
N THR A 139 12.16 -17.22 0.08
CA THR A 139 11.84 -17.64 -1.29
C THR A 139 10.64 -18.55 -1.38
N GLU A 140 10.27 -19.04 -2.58
CA GLU A 140 9.02 -19.75 -2.85
C GLU A 140 8.39 -20.46 -1.64
N GLU A 141 9.20 -21.04 -0.75
CA GLU A 141 8.71 -21.57 0.52
C GLU A 141 8.01 -20.53 1.41
N ASN A 142 8.55 -19.32 1.68
CA ASN A 142 7.86 -18.49 2.64
C ASN A 142 6.80 -17.72 1.88
N PHE A 143 7.02 -17.49 0.58
CA PHE A 143 6.00 -16.85 -0.22
C PHE A 143 4.72 -17.66 -0.37
N PHE A 144 4.86 -18.98 -0.55
CA PHE A 144 3.70 -19.83 -0.70
C PHE A 144 2.90 -20.06 0.58
N GLU A 145 3.57 -20.28 1.70
CA GLU A 145 2.83 -20.53 2.93
C GLU A 145 2.23 -19.25 3.50
N ILE A 146 2.84 -18.09 3.23
CA ILE A 146 2.27 -16.83 3.72
C ILE A 146 0.98 -16.50 2.97
N CYS A 147 0.93 -16.74 1.66
CA CYS A 147 -0.28 -16.49 0.90
C CYS A 147 -1.41 -17.41 1.34
N ASP A 148 -1.08 -18.64 1.72
CA ASP A 148 -2.08 -19.60 2.18
C ASP A 148 -2.67 -19.28 3.54
N GLU A 149 -1.92 -18.58 4.39
CA GLU A 149 -2.41 -18.16 5.70
C GLU A 149 -3.28 -16.91 5.61
N LEU A 150 -3.34 -16.28 4.42
CA LEU A 150 -4.13 -15.08 4.21
C LEU A 150 -5.26 -15.32 3.22
N GLY A 151 -5.34 -16.53 2.65
CA GLY A 151 -6.37 -16.88 1.69
C GLY A 151 -6.12 -16.25 0.32
N VAL A 152 -5.02 -15.50 0.17
CA VAL A 152 -4.65 -14.87 -1.09
C VAL A 152 -4.04 -15.89 -2.05
N LYS A 153 -4.23 -15.72 -3.35
CA LYS A 153 -3.67 -16.64 -4.32
C LYS A 153 -2.15 -16.50 -4.38
N ARG A 154 -1.47 -17.63 -4.61
CA ARG A 154 -0.02 -17.68 -4.64
C ARG A 154 0.53 -16.99 -5.90
N PRO A 155 1.75 -16.44 -5.83
CA PRO A 155 2.40 -15.77 -6.93
C PRO A 155 2.81 -16.78 -8.01
N THR A 156 3.01 -16.29 -9.24
CA THR A 156 3.41 -17.10 -10.36
C THR A 156 4.92 -17.21 -10.56
N SER A 157 5.68 -16.24 -10.04
CA SER A 157 7.13 -16.25 -10.10
C SER A 157 7.74 -15.44 -8.96
N VAL A 158 8.95 -15.81 -8.53
CA VAL A 158 9.67 -15.15 -7.45
C VAL A 158 11.18 -15.05 -7.72
N LYS A 159 11.85 -14.08 -7.08
CA LYS A 159 13.29 -13.91 -7.19
C LYS A 159 13.82 -13.22 -5.93
N VAL A 160 15.02 -13.62 -5.49
CA VAL A 160 15.68 -13.05 -4.33
C VAL A 160 17.16 -12.82 -4.56
N PHE A 161 17.73 -11.80 -3.92
CA PHE A 161 19.14 -11.46 -4.05
C PHE A 161 19.73 -10.67 -2.87
N SER A 162 20.96 -10.20 -3.04
CA SER A 162 21.69 -9.44 -2.03
C SER A 162 22.47 -8.31 -2.69
N GLY A 163 23.24 -7.56 -1.89
CA GLY A 163 24.03 -6.43 -2.35
C GLY A 163 23.28 -5.11 -2.20
N LYS A 164 21.98 -5.17 -1.87
CA LYS A 164 21.17 -3.98 -1.64
C LYS A 164 21.09 -3.63 -0.16
N SER A 165 21.43 -4.60 0.70
CA SER A 165 21.45 -4.40 2.16
C SER A 165 22.24 -5.52 2.82
N GLU A 166 22.85 -5.22 3.97
CA GLU A 166 23.56 -6.22 4.77
C GLU A 166 22.66 -6.75 5.88
N ARG A 167 21.48 -6.15 6.06
CA ARG A 167 20.53 -6.52 7.11
C ARG A 167 19.60 -7.65 6.66
N SER A 168 19.24 -7.68 5.38
CA SER A 168 18.20 -8.57 4.90
C SER A 168 18.26 -8.74 3.38
N SER A 169 17.43 -9.64 2.86
CA SER A 169 17.33 -9.91 1.44
C SER A 169 16.30 -8.98 0.78
N SER A 170 16.32 -8.95 -0.55
CA SER A 170 15.38 -8.17 -1.36
C SER A 170 15.18 -8.90 -2.69
N GLY A 171 14.12 -8.56 -3.44
CA GLY A 171 13.86 -9.27 -4.69
C GLY A 171 12.55 -8.87 -5.33
N LEU A 172 12.19 -9.58 -6.41
CA LEU A 172 10.99 -9.32 -7.19
C LEU A 172 9.99 -10.47 -7.03
N LEU A 173 8.73 -10.17 -7.33
CA LEU A 173 7.62 -11.09 -7.17
C LEU A 173 6.60 -10.85 -8.28
N GLU A 174 5.83 -11.86 -8.69
CA GLU A 174 4.94 -11.69 -9.83
C GLU A 174 3.68 -12.55 -9.75
N TRP A 175 2.59 -12.03 -10.32
CA TRP A 175 1.29 -12.70 -10.40
C TRP A 175 0.79 -12.83 -11.83
N ASP A 176 -0.35 -13.51 -12.00
CA ASP A 176 -1.00 -13.70 -13.29
C ASP A 176 -1.84 -12.52 -13.78
N SER A 177 -2.01 -11.49 -12.94
CA SER A 177 -2.76 -10.29 -13.29
C SER A 177 -2.34 -9.12 -12.41
N LYS A 178 -2.53 -7.89 -12.89
CA LYS A 178 -2.16 -6.69 -12.16
C LYS A 178 -3.11 -6.45 -10.99
N SER A 179 -4.34 -6.97 -11.05
CA SER A 179 -5.29 -6.84 -9.95
C SER A 179 -4.98 -7.86 -8.86
N ASP A 180 -4.31 -8.97 -9.22
CA ASP A 180 -3.90 -9.97 -8.26
C ASP A 180 -2.68 -9.52 -7.46
N ALA A 181 -1.81 -8.73 -8.08
CA ALA A 181 -0.69 -8.12 -7.37
C ALA A 181 -1.18 -6.96 -6.51
N LEU A 182 -2.27 -6.30 -6.91
CA LEU A 182 -2.82 -5.16 -6.18
C LEU A 182 -3.51 -5.63 -4.90
N GLU A 183 -4.25 -6.74 -4.95
CA GLU A 183 -4.91 -7.23 -3.75
C GLU A 183 -3.85 -7.78 -2.78
N THR A 184 -2.79 -8.42 -3.28
CA THR A 184 -1.71 -8.87 -2.43
C THR A 184 -0.86 -7.75 -1.82
N LEU A 185 -0.78 -6.61 -2.52
CA LEU A 185 -0.10 -5.43 -1.99
C LEU A 185 -0.85 -4.96 -0.73
N GLY A 186 -2.18 -5.06 -0.77
CA GLY A 186 -3.01 -4.68 0.37
C GLY A 186 -2.78 -5.59 1.56
N PHE A 187 -2.60 -6.90 1.31
CA PHE A 187 -2.41 -7.88 2.38
C PHE A 187 -1.00 -8.23 2.84
N LEU A 188 0.05 -7.68 2.23
CA LEU A 188 1.41 -8.03 2.64
C LEU A 188 2.36 -6.84 2.82
N ASN A 189 1.96 -5.61 2.47
CA ASN A 189 2.87 -4.51 2.73
C ASN A 189 2.96 -4.29 4.25
N HIS A 190 4.15 -3.93 4.73
CA HIS A 190 4.40 -3.63 6.14
C HIS A 190 4.12 -4.82 7.06
N TYR A 191 4.06 -6.04 6.51
CA TYR A 191 3.86 -7.25 7.30
C TYR A 191 5.05 -7.63 8.18
N GLN A 192 4.81 -8.00 9.44
CA GLN A 192 5.89 -8.29 10.38
C GLN A 192 6.58 -9.61 10.07
N MET A 193 7.92 -9.62 10.18
CA MET A 193 8.70 -10.84 10.00
C MET A 193 8.74 -11.67 11.28
N LYS A 194 8.90 -12.99 11.13
CA LYS A 194 9.03 -13.93 12.23
C LYS A 194 10.48 -13.98 12.73
N ASN A 195 11.10 -12.80 12.91
CA ASN A 195 12.52 -12.68 13.24
C ASN A 195 12.92 -13.59 14.40
N PRO A 196 13.71 -14.65 14.15
CA PRO A 196 14.21 -15.55 15.17
C PRO A 196 15.50 -15.03 15.81
N ASN A 197 16.13 -14.03 15.18
CA ASN A 197 17.43 -13.54 15.60
C ASN A 197 17.33 -12.39 16.60
N GLY A 198 16.12 -12.05 17.08
CA GLY A 198 15.95 -10.97 18.04
C GLY A 198 14.61 -11.04 18.76
N PRO A 199 14.46 -10.25 19.83
CA PRO A 199 13.27 -10.19 20.66
C PRO A 199 12.12 -9.45 19.96
N TYR A 200 12.40 -8.80 18.84
CA TYR A 200 11.39 -8.05 18.09
C TYR A 200 11.47 -8.16 16.56
N PRO A 201 10.33 -8.08 15.87
CA PRO A 201 10.24 -8.17 14.43
C PRO A 201 10.63 -6.85 13.75
N TYR A 202 10.90 -6.92 12.45
CA TYR A 202 11.12 -5.78 11.58
C TYR A 202 10.18 -6.07 10.42
N THR A 203 9.53 -5.04 9.87
CA THR A 203 8.53 -5.25 8.83
C THR A 203 9.04 -5.44 7.41
N LEU A 204 8.43 -6.39 6.70
CA LEU A 204 8.64 -6.62 5.28
C LEU A 204 7.82 -5.58 4.53
N LYS A 205 8.42 -4.96 3.51
CA LYS A 205 7.74 -3.92 2.75
C LYS A 205 7.83 -4.24 1.26
N LEU A 206 6.83 -3.78 0.50
CA LEU A 206 6.78 -4.03 -0.93
C LEU A 206 6.03 -2.91 -1.65
N CYS A 207 6.17 -2.90 -2.97
CA CYS A 207 5.64 -1.85 -3.83
C CYS A 207 5.52 -2.38 -5.26
N PHE A 208 4.74 -1.69 -6.12
CA PHE A 208 4.72 -2.04 -7.53
C PHE A 208 6.09 -1.95 -8.19
N SER A 209 6.53 -3.04 -8.82
CA SER A 209 7.91 -3.11 -9.28
C SER A 209 8.18 -2.28 -10.52
N THR A 210 9.42 -1.78 -10.61
CA THR A 210 9.94 -1.11 -11.79
C THR A 210 11.13 -1.84 -12.44
N ALA A 211 11.41 -3.06 -11.98
CA ALA A 211 12.51 -3.88 -12.45
C ALA A 211 12.30 -4.34 -13.89
N GLN A 212 13.38 -4.79 -14.52
CA GLN A 212 13.36 -5.23 -15.91
C GLN A 212 13.10 -6.73 -16.02
N HIS A 213 13.00 -7.43 -14.89
CA HIS A 213 12.82 -8.88 -14.84
C HIS A 213 12.14 -9.30 -13.55
N ALA A 214 11.82 -10.59 -13.44
CA ALA A 214 11.26 -11.20 -12.24
C ALA A 214 11.81 -12.61 -12.06
N SER A 215 12.94 -12.90 -12.72
CA SER A 215 13.60 -14.20 -12.71
C SER A 215 15.11 -14.06 -12.80
N TYR A 1 8.01 22.72 -10.71
CA TYR A 1 6.62 23.08 -11.06
C TYR A 1 5.84 22.01 -11.80
N GLY A 2 4.52 21.94 -11.56
CA GLY A 2 3.66 20.96 -12.20
C GLY A 2 2.20 21.14 -11.75
N PRO A 3 1.27 20.37 -12.34
CA PRO A 3 -0.14 20.41 -12.02
C PRO A 3 -0.42 19.82 -10.63
N HIS A 4 -1.63 20.04 -10.12
CA HIS A 4 -2.04 19.53 -8.83
C HIS A 4 -3.56 19.42 -8.74
N ALA A 5 -4.05 18.60 -7.81
CA ALA A 5 -5.47 18.40 -7.59
C ALA A 5 -6.10 19.63 -6.93
N ASP A 6 -7.42 19.72 -6.99
CA ASP A 6 -8.16 20.85 -6.46
C ASP A 6 -8.22 20.96 -4.93
N SER A 7 -7.77 19.93 -4.22
CA SER A 7 -7.79 19.91 -2.76
C SER A 7 -6.82 18.86 -2.21
N PRO A 8 -6.21 19.10 -1.04
CA PRO A 8 -5.40 18.11 -0.33
C PRO A 8 -6.20 16.86 0.01
N VAL A 9 -7.53 16.96 -0.01
CA VAL A 9 -8.42 15.85 0.31
C VAL A 9 -8.74 14.99 -0.92
N LEU A 10 -9.05 13.71 -0.68
CA LEU A 10 -9.34 12.73 -1.71
C LEU A 10 -10.45 11.80 -1.21
N MET A 11 -11.22 11.22 -2.13
CA MET A 11 -12.32 10.31 -1.77
C MET A 11 -12.27 9.04 -2.59
N VAL A 12 -12.60 7.92 -1.93
CA VAL A 12 -12.58 6.59 -2.54
C VAL A 12 -13.88 5.90 -2.14
N TYR A 13 -14.36 5.00 -3.00
CA TYR A 13 -15.63 4.32 -2.79
C TYR A 13 -15.42 2.88 -3.26
N GLY A 14 -16.43 2.03 -3.04
CA GLY A 14 -16.38 0.63 -3.43
C GLY A 14 -15.71 -0.23 -2.37
N LEU A 15 -15.43 0.34 -1.19
CA LEU A 15 -14.75 -0.35 -0.10
C LEU A 15 -15.71 -1.27 0.68
N ASP A 16 -16.74 -1.79 0.02
CA ASP A 16 -17.75 -2.61 0.66
C ASP A 16 -17.25 -3.94 1.25
N GLN A 17 -16.30 -4.58 0.56
CA GLN A 17 -15.75 -5.86 0.99
C GLN A 17 -14.94 -5.69 2.28
N SER A 18 -14.91 -6.74 3.10
CA SER A 18 -14.28 -6.72 4.42
C SER A 18 -12.75 -6.66 4.33
N LYS A 19 -12.19 -6.84 3.12
CA LYS A 19 -10.74 -6.80 2.94
C LYS A 19 -10.19 -5.38 3.08
N MET A 20 -11.03 -4.37 2.91
CA MET A 20 -10.58 -2.99 2.97
C MET A 20 -10.48 -2.51 4.42
N ASN A 21 -9.49 -1.66 4.70
CA ASN A 21 -9.27 -1.07 6.00
C ASN A 21 -8.41 0.18 5.82
N CYS A 22 -8.49 1.13 6.77
CA CYS A 22 -7.77 2.39 6.65
C CYS A 22 -6.26 2.17 6.55
N ASP A 23 -5.74 1.10 7.15
CA ASP A 23 -4.32 0.79 7.06
C ASP A 23 -3.93 0.32 5.67
N ARG A 24 -4.77 -0.53 5.06
CA ARG A 24 -4.46 -1.13 3.77
C ARG A 24 -4.67 -0.14 2.63
N VAL A 25 -5.75 0.62 2.67
CA VAL A 25 -6.11 1.53 1.59
C VAL A 25 -5.11 2.69 1.57
N PHE A 26 -4.75 3.20 2.74
CA PHE A 26 -3.98 4.43 2.80
C PHE A 26 -2.53 4.10 2.45
N ASN A 27 -2.01 2.91 2.79
CA ASN A 27 -0.62 2.62 2.46
C ASN A 27 -0.50 2.35 0.95
N VAL A 28 -1.57 1.82 0.34
CA VAL A 28 -1.58 1.50 -1.09
C VAL A 28 -1.29 2.80 -1.83
N PHE A 29 -2.12 3.83 -1.66
CA PHE A 29 -1.82 5.12 -2.24
C PHE A 29 -0.75 5.99 -1.57
N CYS A 30 -0.21 5.55 -0.43
CA CYS A 30 0.84 6.29 0.26
C CYS A 30 2.17 6.16 -0.47
N LEU A 31 2.47 4.96 -1.01
CA LEU A 31 3.74 4.74 -1.69
C LEU A 31 3.90 5.65 -2.89
N TYR A 32 2.81 6.25 -3.37
CA TYR A 32 2.83 7.18 -4.50
C TYR A 32 3.26 8.62 -4.21
N GLY A 33 3.39 8.99 -2.93
CA GLY A 33 3.70 10.36 -2.57
C GLY A 33 3.95 10.54 -1.08
N ASN A 34 3.26 11.51 -0.48
CA ASN A 34 3.37 11.82 0.93
C ASN A 34 1.98 12.10 1.49
N VAL A 35 1.64 11.40 2.58
CA VAL A 35 0.31 11.47 3.19
C VAL A 35 0.28 12.07 4.58
N GLU A 36 -0.92 12.43 5.06
CA GLU A 36 -1.09 12.97 6.39
C GLU A 36 -2.05 12.14 7.24
N LYS A 37 -3.29 11.95 6.77
CA LYS A 37 -4.31 11.25 7.54
C LYS A 37 -5.38 10.61 6.65
N VAL A 38 -6.13 9.67 7.23
CA VAL A 38 -7.17 8.91 6.56
C VAL A 38 -8.33 8.67 7.52
N LYS A 39 -9.55 8.52 6.98
CA LYS A 39 -10.73 8.31 7.81
C LYS A 39 -11.86 7.64 7.02
N PHE A 40 -12.58 6.72 7.65
CA PHE A 40 -13.74 6.07 7.10
C PHE A 40 -15.08 6.77 7.38
N MET A 41 -16.15 6.38 6.69
CA MET A 41 -17.46 6.96 6.94
C MET A 41 -18.57 5.91 6.82
N LYS A 42 -19.48 5.92 7.80
CA LYS A 42 -20.63 5.03 7.88
C LYS A 42 -21.77 5.48 6.97
N SER A 43 -21.65 6.64 6.33
CA SER A 43 -22.71 7.22 5.54
C SER A 43 -22.85 6.57 4.16
N LYS A 44 -21.98 5.59 3.86
CA LYS A 44 -21.98 4.85 2.60
C LYS A 44 -21.68 3.38 2.89
N PRO A 45 -22.09 2.46 2.00
CA PRO A 45 -21.87 1.03 2.18
C PRO A 45 -20.38 0.68 2.08
N GLY A 46 -19.54 1.61 1.61
CA GLY A 46 -18.11 1.41 1.56
C GLY A 46 -17.44 2.61 0.91
N ALA A 47 -16.92 3.53 1.74
CA ALA A 47 -16.24 4.72 1.27
C ALA A 47 -15.30 5.27 2.35
N ALA A 48 -14.34 6.08 1.95
CA ALA A 48 -13.39 6.68 2.87
C ALA A 48 -12.83 7.99 2.32
N MET A 49 -12.37 8.84 3.24
CA MET A 49 -11.77 10.13 2.94
C MET A 49 -10.27 10.06 3.22
N VAL A 50 -9.47 10.82 2.47
CA VAL A 50 -8.03 10.79 2.57
C VAL A 50 -7.44 12.20 2.47
N GLU A 51 -6.26 12.44 3.07
CA GLU A 51 -5.61 13.73 2.96
C GLU A 51 -4.10 13.56 2.80
N MET A 52 -3.53 14.28 1.83
CA MET A 52 -2.16 14.15 1.41
C MET A 52 -1.72 15.38 0.62
N ALA A 53 -0.44 15.44 0.23
CA ALA A 53 0.06 16.50 -0.65
C ALA A 53 -0.67 16.37 -1.98
N ASP A 54 -1.39 17.41 -2.41
CA ASP A 54 -2.29 17.25 -3.53
C ASP A 54 -1.60 17.13 -4.88
N GLY A 55 -0.48 17.80 -5.05
CA GLY A 55 0.25 17.79 -6.31
C GLY A 55 0.55 16.38 -6.75
N TYR A 56 1.66 15.83 -6.26
CA TYR A 56 2.09 14.51 -6.69
C TYR A 56 1.31 13.32 -6.13
N ALA A 57 0.68 13.44 -4.96
CA ALA A 57 0.04 12.28 -4.39
C ALA A 57 -1.39 12.11 -4.89
N VAL A 58 -2.15 13.21 -5.11
CA VAL A 58 -3.52 13.04 -5.56
C VAL A 58 -3.52 12.83 -7.07
N ASP A 59 -2.59 13.45 -7.80
CA ASP A 59 -2.51 13.21 -9.23
C ASP A 59 -2.05 11.80 -9.60
N ARG A 60 -1.06 11.25 -8.90
CA ARG A 60 -0.58 9.91 -9.21
C ARG A 60 -1.61 8.84 -8.88
N ALA A 61 -2.35 9.01 -7.77
CA ALA A 61 -3.39 8.05 -7.41
C ALA A 61 -4.50 8.05 -8.46
N ILE A 62 -4.80 9.23 -9.02
CA ILE A 62 -5.81 9.38 -10.06
C ILE A 62 -5.30 8.91 -11.41
N THR A 63 -3.98 8.75 -11.56
CA THR A 63 -3.38 8.30 -12.80
C THR A 63 -3.17 6.79 -12.85
N HIS A 64 -3.14 6.10 -11.70
CA HIS A 64 -2.76 4.69 -11.71
C HIS A 64 -3.65 3.74 -10.91
N LEU A 65 -4.46 4.20 -9.95
CA LEU A 65 -5.18 3.26 -9.08
C LEU A 65 -6.66 3.60 -8.86
N ASN A 66 -7.10 4.80 -9.23
CA ASN A 66 -8.42 5.29 -8.84
C ASN A 66 -9.64 4.64 -9.50
N ASN A 67 -10.40 3.71 -8.92
CA ASN A 67 -11.32 2.81 -9.65
C ASN A 67 -10.63 1.63 -10.35
N ASN A 68 -9.43 1.25 -9.90
CA ASN A 68 -8.86 -0.02 -10.33
C ASN A 68 -9.57 -1.17 -9.63
N PHE A 69 -9.42 -2.39 -10.15
CA PHE A 69 -9.93 -3.59 -9.51
C PHE A 69 -9.05 -4.13 -8.38
N MET A 70 -9.67 -4.63 -7.31
CA MET A 70 -8.95 -5.13 -6.14
C MET A 70 -9.83 -6.11 -5.35
N PHE A 71 -9.27 -7.25 -4.95
CA PHE A 71 -9.99 -8.28 -4.22
C PHE A 71 -11.24 -8.89 -4.87
N GLY A 72 -11.45 -8.61 -6.15
CA GLY A 72 -12.64 -9.05 -6.87
C GLY A 72 -13.71 -7.97 -6.93
N GLN A 73 -13.40 -6.78 -6.40
CA GLN A 73 -14.28 -5.61 -6.43
C GLN A 73 -13.49 -4.42 -6.98
N LYS A 74 -14.02 -3.20 -6.79
CA LYS A 74 -13.40 -1.99 -7.32
C LYS A 74 -13.18 -0.96 -6.22
N MET A 75 -12.14 -0.15 -6.37
CA MET A 75 -11.77 0.90 -5.43
C MET A 75 -11.69 2.25 -6.15
N ASN A 76 -12.86 2.81 -6.46
CA ASN A 76 -13.07 4.01 -7.24
C ASN A 76 -12.23 5.19 -6.74
N VAL A 77 -11.41 5.91 -7.56
CA VAL A 77 -10.89 7.15 -6.93
C VAL A 77 -11.12 8.44 -7.72
N CYS A 78 -11.21 9.56 -7.00
CA CYS A 78 -11.44 10.90 -7.54
C CYS A 78 -11.13 11.95 -6.45
N VAL A 79 -11.04 13.22 -6.84
CA VAL A 79 -10.75 14.31 -5.91
C VAL A 79 -11.93 14.62 -4.97
N SER A 80 -11.62 15.04 -3.74
CA SER A 80 -12.62 15.40 -2.75
C SER A 80 -13.06 16.85 -2.87
N LYS A 81 -14.24 17.19 -2.33
CA LYS A 81 -14.71 18.57 -2.28
C LYS A 81 -14.47 19.18 -0.90
N GLN A 82 -14.05 18.35 0.07
CA GLN A 82 -13.83 18.77 1.44
C GLN A 82 -12.51 19.54 1.57
N PRO A 83 -12.41 20.47 2.52
CA PRO A 83 -11.22 21.25 2.77
C PRO A 83 -10.17 20.46 3.55
N ALA A 84 -10.60 19.61 4.49
CA ALA A 84 -9.70 18.82 5.32
C ALA A 84 -10.47 17.74 6.08
N ILE A 85 -9.78 16.68 6.50
CA ILE A 85 -10.36 15.66 7.37
C ILE A 85 -10.39 16.18 8.81
N MET A 86 -11.44 15.85 9.56
CA MET A 86 -11.51 16.18 10.98
C MET A 86 -11.52 14.93 11.85
N PRO A 87 -10.61 14.84 12.83
CA PRO A 87 -10.58 13.77 13.81
C PRO A 87 -11.68 14.00 14.86
N GLY A 88 -11.94 12.99 15.70
CA GLY A 88 -12.94 13.10 16.74
C GLY A 88 -13.53 11.75 17.10
N GLN A 89 -14.86 11.69 17.24
CA GLN A 89 -15.57 10.47 17.58
C GLN A 89 -15.56 9.51 16.39
N SER A 90 -15.74 8.21 16.66
CA SER A 90 -15.71 7.19 15.62
C SER A 90 -16.64 6.03 15.98
N TYR A 91 -16.74 5.05 15.08
CA TYR A 91 -17.61 3.89 15.26
C TYR A 91 -16.88 2.55 15.21
N GLY A 92 -15.55 2.59 15.11
CA GLY A 92 -14.72 1.40 14.99
C GLY A 92 -14.67 0.89 13.54
N LEU A 93 -13.97 -0.23 13.36
CA LEU A 93 -13.78 -0.85 12.05
C LEU A 93 -13.77 -2.37 12.19
N GLU A 94 -13.85 -3.08 11.07
CA GLU A 94 -13.80 -4.53 11.03
C GLU A 94 -12.42 -5.03 11.47
N ASP A 95 -11.37 -4.24 11.20
CA ASP A 95 -9.99 -4.56 11.53
C ASP A 95 -9.30 -3.56 12.46
N GLY A 96 -10.08 -2.66 13.06
CA GLY A 96 -9.53 -1.61 13.93
C GLY A 96 -10.57 -1.11 14.93
N SER A 97 -10.12 -0.27 15.88
CA SER A 97 -10.96 0.23 16.95
C SER A 97 -11.47 1.65 16.69
N CYS A 98 -10.82 2.37 15.77
CA CYS A 98 -11.22 3.71 15.38
C CYS A 98 -11.38 3.82 13.86
N SER A 99 -12.21 4.76 13.39
CA SER A 99 -12.43 4.99 11.97
C SER A 99 -11.35 5.90 11.38
N TYR A 100 -10.45 6.40 12.22
CA TYR A 100 -9.40 7.35 11.84
C TYR A 100 -7.97 6.90 12.09
N LYS A 101 -7.02 7.38 11.27
CA LYS A 101 -5.62 7.00 11.42
C LYS A 101 -4.70 8.10 10.88
N ASP A 102 -3.49 8.19 11.44
CA ASP A 102 -2.50 9.20 11.12
C ASP A 102 -1.19 8.65 10.57
N PHE A 103 -0.63 9.29 9.54
CA PHE A 103 0.62 8.92 8.89
C PHE A 103 1.62 10.05 8.67
N SER A 104 1.30 11.25 9.16
CA SER A 104 2.15 12.43 8.98
C SER A 104 3.48 12.28 9.70
N GLU A 105 3.50 11.52 10.80
CA GLU A 105 4.70 11.27 11.58
C GLU A 105 5.37 9.96 11.17
N SER A 106 4.72 9.18 10.30
CA SER A 106 5.23 7.89 9.87
C SER A 106 6.29 8.05 8.78
N ARG A 107 7.28 7.15 8.76
CA ARG A 107 8.32 7.15 7.75
C ARG A 107 7.92 6.26 6.56
N ASN A 108 6.71 5.70 6.58
CA ASN A 108 6.22 4.86 5.49
C ASN A 108 6.10 5.66 4.19
N ASN A 109 5.98 6.98 4.31
CA ASN A 109 5.85 7.88 3.17
C ASN A 109 7.09 7.79 2.27
N ARG A 110 6.88 7.69 0.96
CA ARG A 110 7.99 7.52 0.03
C ARG A 110 8.68 8.85 -0.27
N PHE A 111 7.92 9.95 -0.31
CA PHE A 111 8.42 11.28 -0.62
C PHE A 111 8.74 12.22 0.54
N SER A 112 8.78 11.69 1.77
CA SER A 112 8.93 12.50 2.97
C SER A 112 10.32 13.09 3.19
N THR A 113 11.32 12.65 2.41
CA THR A 113 12.69 13.17 2.57
C THR A 113 13.41 13.49 1.27
N PRO A 114 14.30 14.50 1.26
CA PRO A 114 15.06 14.88 0.08
C PRO A 114 16.02 13.78 -0.38
N GLU A 115 16.55 13.00 0.56
CA GLU A 115 17.50 11.94 0.25
C GLU A 115 16.79 10.71 -0.30
N GLN A 116 15.50 10.53 0.03
CA GLN A 116 14.71 9.45 -0.54
C GLN A 116 14.17 9.88 -1.90
N ALA A 117 13.70 11.14 -2.01
CA ALA A 117 13.11 11.65 -3.24
C ALA A 117 14.10 11.62 -4.40
N ALA A 118 15.40 11.56 -4.11
CA ALA A 118 16.44 11.52 -5.13
C ALA A 118 16.57 10.13 -5.75
N LYS A 119 16.03 9.09 -5.08
CA LYS A 119 16.11 7.72 -5.56
C LYS A 119 14.75 7.05 -5.70
N ASN A 120 13.65 7.81 -5.55
CA ASN A 120 12.31 7.26 -5.68
C ASN A 120 12.04 6.73 -7.08
N ARG A 121 11.14 5.74 -7.17
CA ARG A 121 10.82 5.05 -8.41
C ARG A 121 9.33 4.73 -8.39
N ILE A 122 8.60 5.15 -9.42
CA ILE A 122 7.15 5.01 -9.49
C ILE A 122 6.70 4.70 -10.93
N GLN A 123 7.55 5.02 -11.91
CA GLN A 123 7.24 4.86 -13.31
C GLN A 123 7.07 3.39 -13.69
N HIS A 124 6.41 3.14 -14.83
CA HIS A 124 6.17 1.82 -15.38
C HIS A 124 5.56 0.83 -14.38
N PRO A 125 4.48 1.19 -13.69
CA PRO A 125 3.81 0.29 -12.76
C PRO A 125 3.19 -0.87 -13.54
N SER A 126 3.16 -2.06 -12.93
CA SER A 126 2.70 -3.27 -13.60
C SER A 126 2.29 -4.32 -12.56
N ASN A 127 2.27 -5.59 -12.95
CA ASN A 127 1.90 -6.69 -12.07
C ASN A 127 3.10 -7.15 -11.23
N VAL A 128 4.25 -6.49 -11.40
CA VAL A 128 5.46 -6.76 -10.63
C VAL A 128 5.52 -5.93 -9.35
N LEU A 129 5.96 -6.54 -8.25
CA LEU A 129 6.18 -5.85 -6.98
C LEU A 129 7.64 -6.04 -6.55
N HIS A 130 8.14 -5.12 -5.73
CA HIS A 130 9.49 -5.14 -5.21
C HIS A 130 9.41 -5.14 -3.68
N PHE A 131 10.29 -5.89 -3.01
CA PHE A 131 10.22 -6.00 -1.56
C PHE A 131 11.61 -5.83 -0.94
N PHE A 132 11.61 -5.48 0.35
CA PHE A 132 12.81 -5.24 1.13
C PHE A 132 12.37 -5.60 2.55
N ASN A 133 13.33 -5.81 3.45
CA ASN A 133 13.05 -6.29 4.80
C ASN A 133 12.32 -7.62 4.78
N ALA A 134 12.89 -8.63 4.14
CA ALA A 134 12.29 -9.97 4.09
C ALA A 134 13.30 -11.04 4.52
N PRO A 135 12.83 -12.15 5.10
CA PRO A 135 13.68 -13.23 5.58
C PRO A 135 14.59 -13.81 4.48
N LEU A 136 15.74 -14.36 4.89
CA LEU A 136 16.73 -14.93 3.98
C LEU A 136 16.22 -16.20 3.28
N GLU A 137 15.16 -16.81 3.81
CA GLU A 137 14.58 -18.04 3.28
C GLU A 137 13.10 -17.85 2.93
N VAL A 138 12.70 -16.60 2.68
CA VAL A 138 11.31 -16.23 2.42
C VAL A 138 10.73 -16.80 1.13
N THR A 139 11.57 -17.36 0.26
CA THR A 139 11.19 -17.66 -1.13
C THR A 139 9.96 -18.54 -1.26
N GLU A 140 9.56 -18.93 -2.48
CA GLU A 140 8.28 -19.56 -2.79
C GLU A 140 7.59 -20.26 -1.60
N GLU A 141 8.35 -20.98 -0.77
CA GLU A 141 7.83 -21.57 0.46
C GLU A 141 7.21 -20.54 1.43
N ASN A 142 7.85 -19.39 1.76
CA ASN A 142 7.23 -18.58 2.80
C ASN A 142 6.25 -17.65 2.10
N PHE A 143 6.51 -17.33 0.82
CA PHE A 143 5.56 -16.52 0.08
C PHE A 143 4.21 -17.20 -0.11
N PHE A 144 4.22 -18.52 -0.34
CA PHE A 144 2.98 -19.27 -0.50
C PHE A 144 2.18 -19.49 0.77
N GLU A 145 2.85 -19.85 1.87
CA GLU A 145 2.13 -20.11 3.11
C GLU A 145 1.67 -18.82 3.79
N ILE A 146 2.31 -17.68 3.48
CA ILE A 146 1.86 -16.40 3.99
C ILE A 146 0.60 -15.96 3.24
N CYS A 147 0.53 -16.22 1.93
CA CYS A 147 -0.66 -15.90 1.17
C CYS A 147 -1.85 -16.75 1.63
N ASP A 148 -1.60 -18.01 1.97
CA ASP A 148 -2.64 -18.91 2.46
C ASP A 148 -3.15 -18.56 3.85
N GLU A 149 -2.30 -17.93 4.68
CA GLU A 149 -2.66 -17.54 6.02
C GLU A 149 -3.58 -16.31 6.00
N LEU A 150 -3.47 -15.50 4.95
CA LEU A 150 -4.27 -14.29 4.79
C LEU A 150 -5.47 -14.54 3.86
N GLY A 151 -5.56 -15.73 3.27
CA GLY A 151 -6.63 -16.10 2.37
C GLY A 151 -6.50 -15.45 0.98
N VAL A 152 -5.48 -14.62 0.78
CA VAL A 152 -5.25 -13.95 -0.49
C VAL A 152 -4.61 -14.87 -1.53
N LYS A 153 -4.74 -14.51 -2.80
CA LYS A 153 -4.22 -15.30 -3.92
C LYS A 153 -2.69 -15.28 -3.94
N ARG A 154 -2.10 -16.41 -4.36
CA ARG A 154 -0.66 -16.57 -4.46
C ARG A 154 -0.09 -15.82 -5.66
N PRO A 155 1.20 -15.43 -5.61
CA PRO A 155 1.91 -14.85 -6.74
C PRO A 155 2.14 -15.90 -7.82
N THR A 156 2.33 -15.45 -9.06
CA THR A 156 2.63 -16.34 -10.18
C THR A 156 4.11 -16.59 -10.40
N SER A 157 4.97 -15.74 -9.81
CA SER A 157 6.41 -15.90 -9.90
C SER A 157 7.10 -15.15 -8.76
N VAL A 158 8.31 -15.59 -8.40
CA VAL A 158 9.10 -14.98 -7.33
C VAL A 158 10.59 -14.96 -7.62
N LYS A 159 11.31 -14.00 -7.03
CA LYS A 159 12.76 -13.90 -7.13
C LYS A 159 13.32 -13.27 -5.86
N VAL A 160 14.49 -13.74 -5.42
CA VAL A 160 15.16 -13.22 -4.23
C VAL A 160 16.66 -13.11 -4.40
N PHE A 161 17.28 -12.15 -3.71
CA PHE A 161 18.71 -11.93 -3.75
C PHE A 161 19.31 -11.23 -2.53
N SER A 162 20.63 -11.04 -2.55
CA SER A 162 21.37 -10.37 -1.49
C SER A 162 22.47 -9.50 -2.07
N GLY A 163 23.08 -8.67 -1.21
CA GLY A 163 24.14 -7.75 -1.59
C GLY A 163 23.74 -6.29 -1.38
N LYS A 164 22.44 -6.03 -1.25
CA LYS A 164 21.92 -4.68 -0.98
C LYS A 164 21.93 -4.35 0.52
N SER A 165 21.89 -5.37 1.37
CA SER A 165 21.91 -5.19 2.81
C SER A 165 22.27 -6.50 3.50
N GLU A 166 22.81 -6.42 4.72
CA GLU A 166 23.13 -7.60 5.51
C GLU A 166 22.01 -7.90 6.51
N ARG A 167 21.03 -7.00 6.63
CA ARG A 167 19.93 -7.14 7.56
C ARG A 167 18.86 -8.10 7.05
N SER A 168 18.67 -8.17 5.73
CA SER A 168 17.59 -8.95 5.14
C SER A 168 17.78 -9.16 3.64
N SER A 169 16.95 -10.03 3.08
CA SER A 169 16.92 -10.29 1.64
C SER A 169 16.01 -9.28 0.94
N SER A 170 16.15 -9.18 -0.39
CA SER A 170 15.35 -8.31 -1.23
C SER A 170 15.05 -9.03 -2.53
N GLY A 171 14.03 -8.59 -3.28
CA GLY A 171 13.70 -9.25 -4.52
C GLY A 171 12.42 -8.74 -5.16
N LEU A 172 11.97 -9.45 -6.21
CA LEU A 172 10.79 -9.10 -6.98
C LEU A 172 9.75 -10.21 -6.88
N LEU A 173 8.48 -9.85 -7.13
CA LEU A 173 7.34 -10.76 -7.12
C LEU A 173 6.41 -10.41 -8.26
N GLU A 174 5.57 -11.34 -8.72
CA GLU A 174 4.67 -11.08 -9.83
C GLU A 174 3.35 -11.84 -9.69
N TRP A 175 2.27 -11.28 -10.23
CA TRP A 175 0.94 -11.86 -10.21
C TRP A 175 0.33 -11.95 -11.61
N ASP A 176 -0.74 -12.74 -11.76
CA ASP A 176 -1.36 -12.99 -13.06
C ASP A 176 -2.11 -11.77 -13.63
N SER A 177 -2.31 -10.72 -12.82
CA SER A 177 -3.04 -9.54 -13.25
C SER A 177 -2.65 -8.31 -12.43
N LYS A 178 -2.96 -7.12 -12.95
CA LYS A 178 -2.67 -5.86 -12.27
C LYS A 178 -3.49 -5.76 -10.99
N SER A 179 -4.69 -6.32 -10.98
CA SER A 179 -5.54 -6.31 -9.79
C SER A 179 -5.06 -7.32 -8.76
N ASP A 180 -4.41 -8.40 -9.22
CA ASP A 180 -3.89 -9.41 -8.34
C ASP A 180 -2.65 -8.94 -7.59
N ALA A 181 -1.83 -8.12 -8.24
CA ALA A 181 -0.67 -7.53 -7.60
C ALA A 181 -1.11 -6.42 -6.64
N LEU A 182 -2.22 -5.74 -6.96
CA LEU A 182 -2.70 -4.63 -6.16
C LEU A 182 -3.34 -5.11 -4.87
N GLU A 183 -4.09 -6.22 -4.91
CA GLU A 183 -4.75 -6.72 -3.71
C GLU A 183 -3.71 -7.35 -2.78
N THR A 184 -2.75 -8.09 -3.34
CA THR A 184 -1.70 -8.71 -2.55
C THR A 184 -0.70 -7.70 -1.98
N LEU A 185 -0.56 -6.55 -2.64
CA LEU A 185 0.22 -5.44 -2.14
C LEU A 185 -0.49 -4.87 -0.91
N GLY A 186 -1.82 -4.88 -0.92
CA GLY A 186 -2.62 -4.38 0.19
C GLY A 186 -2.50 -5.25 1.44
N PHE A 187 -2.32 -6.57 1.27
CA PHE A 187 -2.16 -7.49 2.38
C PHE A 187 -0.75 -7.87 2.84
N LEU A 188 0.29 -7.50 2.08
CA LEU A 188 1.66 -7.85 2.47
C LEU A 188 2.53 -6.63 2.78
N ASN A 189 2.09 -5.42 2.47
CA ASN A 189 2.88 -4.25 2.79
C ASN A 189 2.81 -3.98 4.29
N HIS A 190 3.95 -3.63 4.89
CA HIS A 190 4.05 -3.33 6.32
C HIS A 190 3.64 -4.51 7.20
N TYR A 191 3.71 -5.73 6.65
CA TYR A 191 3.48 -6.95 7.39
C TYR A 191 4.69 -7.45 8.20
N GLN A 192 4.46 -8.06 9.37
CA GLN A 192 5.55 -8.50 10.23
C GLN A 192 6.26 -9.74 9.68
N MET A 193 7.58 -9.82 9.89
CA MET A 193 8.36 -10.97 9.46
C MET A 193 8.31 -12.10 10.49
N LYS A 194 8.48 -13.33 10.00
CA LYS A 194 8.62 -14.50 10.86
C LYS A 194 10.10 -14.72 11.16
N ASN A 195 10.45 -14.78 12.44
CA ASN A 195 11.82 -15.00 12.89
C ASN A 195 11.79 -15.60 14.31
N PRO A 196 11.50 -16.91 14.43
CA PRO A 196 11.32 -17.56 15.71
C PRO A 196 12.61 -17.61 16.52
N ASN A 197 13.77 -17.39 15.89
CA ASN A 197 15.06 -17.37 16.56
C ASN A 197 15.38 -15.97 17.09
N GLY A 198 14.64 -14.95 16.65
CA GLY A 198 14.86 -13.57 17.06
C GLY A 198 13.98 -13.20 18.26
N PRO A 199 14.35 -12.13 18.98
CA PRO A 199 13.60 -11.64 20.13
C PRO A 199 12.32 -10.94 19.70
N TYR A 200 12.30 -10.36 18.50
CA TYR A 200 11.15 -9.67 17.94
C TYR A 200 11.16 -9.55 16.42
N PRO A 201 9.99 -9.48 15.77
CA PRO A 201 9.88 -9.30 14.33
C PRO A 201 10.27 -7.89 13.90
N TYR A 202 10.57 -7.72 12.62
CA TYR A 202 10.88 -6.41 12.04
C TYR A 202 9.97 -6.36 10.81
N THR A 203 9.42 -5.18 10.52
CA THR A 203 8.45 -5.03 9.45
C THR A 203 8.94 -5.19 8.01
N LEU A 204 8.23 -6.01 7.23
CA LEU A 204 8.49 -6.20 5.80
C LEU A 204 7.73 -5.16 5.00
N LYS A 205 8.28 -4.72 3.86
CA LYS A 205 7.60 -3.74 3.03
C LYS A 205 7.76 -4.07 1.56
N LEU A 206 6.80 -3.61 0.74
CA LEU A 206 6.84 -3.80 -0.69
C LEU A 206 5.96 -2.77 -1.40
N CYS A 207 6.21 -2.59 -2.69
CA CYS A 207 5.52 -1.60 -3.52
C CYS A 207 5.62 -1.98 -5.00
N PHE A 208 4.95 -1.22 -5.86
CA PHE A 208 4.99 -1.47 -7.30
C PHE A 208 6.39 -1.39 -7.91
N SER A 209 6.81 -2.45 -8.58
CA SER A 209 8.19 -2.55 -9.05
C SER A 209 8.43 -1.89 -10.41
N THR A 210 9.66 -1.40 -10.60
CA THR A 210 10.15 -0.93 -11.89
C THR A 210 11.22 -1.82 -12.52
N ALA A 211 11.44 -3.01 -11.94
CA ALA A 211 12.44 -3.96 -12.41
C ALA A 211 12.09 -4.51 -13.79
N GLN A 212 13.09 -5.11 -14.46
CA GLN A 212 12.94 -5.57 -15.83
C GLN A 212 12.43 -7.02 -15.90
N HIS A 213 12.24 -7.68 -14.75
CA HIS A 213 11.76 -9.05 -14.68
C HIS A 213 11.43 -9.42 -13.25
N ALA A 214 10.93 -10.64 -13.04
CA ALA A 214 10.60 -11.14 -11.71
C ALA A 214 11.07 -12.59 -11.52
N SER A 215 12.02 -13.04 -12.37
CA SER A 215 12.56 -14.39 -12.30
C SER A 215 13.95 -14.44 -12.94
N TYR A 1 6.73 24.09 -9.50
CA TYR A 1 6.97 22.65 -9.71
C TYR A 1 6.23 22.03 -10.89
N GLY A 2 4.90 21.96 -10.80
CA GLY A 2 4.07 21.37 -11.85
C GLY A 2 2.60 21.39 -11.44
N PRO A 3 1.74 20.75 -12.24
CA PRO A 3 0.30 20.64 -11.98
C PRO A 3 0.02 20.00 -10.63
N HIS A 4 -1.20 20.20 -10.12
CA HIS A 4 -1.62 19.63 -8.85
C HIS A 4 -3.14 19.49 -8.79
N ALA A 5 -3.62 18.63 -7.89
CA ALA A 5 -5.04 18.39 -7.71
C ALA A 5 -5.72 19.60 -7.07
N ASP A 6 -7.06 19.67 -7.19
CA ASP A 6 -7.85 20.77 -6.66
C ASP A 6 -7.96 20.85 -5.14
N SER A 7 -7.44 19.85 -4.43
CA SER A 7 -7.51 19.81 -2.97
C SER A 7 -6.46 18.87 -2.39
N PRO A 8 -5.90 19.18 -1.20
CA PRO A 8 -5.03 18.29 -0.46
C PRO A 8 -5.77 17.02 -0.04
N VAL A 9 -7.10 17.06 -0.06
CA VAL A 9 -7.95 15.94 0.32
C VAL A 9 -8.38 15.11 -0.90
N LEU A 10 -8.67 13.83 -0.68
CA LEU A 10 -9.04 12.88 -1.70
C LEU A 10 -10.13 11.97 -1.16
N MET A 11 -10.98 11.42 -2.04
CA MET A 11 -12.08 10.56 -1.64
C MET A 11 -12.10 9.27 -2.46
N VAL A 12 -12.28 8.15 -1.75
CA VAL A 12 -12.33 6.82 -2.35
C VAL A 12 -13.69 6.22 -1.99
N TYR A 13 -14.21 5.34 -2.85
CA TYR A 13 -15.51 4.72 -2.64
C TYR A 13 -15.36 3.29 -3.15
N GLY A 14 -16.44 2.51 -3.03
CA GLY A 14 -16.47 1.11 -3.48
C GLY A 14 -15.85 0.17 -2.46
N LEU A 15 -15.60 0.64 -1.24
CA LEU A 15 -14.99 -0.14 -0.18
C LEU A 15 -15.98 -1.10 0.48
N ASP A 16 -17.03 -1.52 -0.24
CA ASP A 16 -18.09 -2.36 0.30
C ASP A 16 -17.64 -3.76 0.73
N GLN A 17 -16.72 -4.37 -0.02
CA GLN A 17 -16.22 -5.70 0.28
C GLN A 17 -15.40 -5.69 1.58
N SER A 18 -15.41 -6.82 2.28
CA SER A 18 -14.78 -6.97 3.59
C SER A 18 -13.25 -6.94 3.53
N LYS A 19 -12.68 -6.97 2.32
CA LYS A 19 -11.24 -7.03 2.13
C LYS A 19 -10.60 -5.66 2.37
N MET A 20 -11.39 -4.59 2.42
CA MET A 20 -10.87 -3.24 2.57
C MET A 20 -10.64 -2.91 4.04
N ASN A 21 -9.68 -2.02 4.29
CA ASN A 21 -9.38 -1.50 5.62
C ASN A 21 -8.59 -0.21 5.48
N CYS A 22 -8.65 0.67 6.49
CA CYS A 22 -8.00 1.97 6.40
C CYS A 22 -6.51 1.86 6.13
N ASP A 23 -5.88 0.80 6.62
CA ASP A 23 -4.48 0.54 6.33
C ASP A 23 -4.24 0.15 4.87
N ARG A 24 -5.05 -0.79 4.37
CA ARG A 24 -4.81 -1.38 3.05
C ARG A 24 -5.09 -0.37 1.95
N VAL A 25 -6.15 0.44 2.11
CA VAL A 25 -6.52 1.42 1.11
C VAL A 25 -5.47 2.52 1.08
N PHE A 26 -5.09 3.01 2.27
CA PHE A 26 -4.24 4.17 2.35
C PHE A 26 -2.78 3.84 2.05
N ASN A 27 -2.32 2.61 2.32
CA ASN A 27 -0.94 2.27 1.99
C ASN A 27 -0.81 2.01 0.49
N VAL A 28 -1.89 1.53 -0.14
CA VAL A 28 -1.89 1.26 -1.58
C VAL A 28 -1.57 2.57 -2.25
N PHE A 29 -2.36 3.63 -2.01
CA PHE A 29 -1.98 4.94 -2.53
C PHE A 29 -0.86 5.71 -1.82
N CYS A 30 -0.33 5.17 -0.72
CA CYS A 30 0.77 5.81 -0.01
C CYS A 30 2.06 5.66 -0.79
N LEU A 31 2.26 4.50 -1.45
CA LEU A 31 3.47 4.28 -2.23
C LEU A 31 3.59 5.27 -3.40
N TYR A 32 2.51 6.01 -3.70
CA TYR A 32 2.47 6.98 -4.79
C TYR A 32 2.90 8.42 -4.49
N GLY A 33 3.21 8.75 -3.23
CA GLY A 33 3.61 10.12 -2.90
C GLY A 33 3.62 10.38 -1.40
N ASN A 34 3.77 11.65 -1.02
CA ASN A 34 3.77 12.06 0.38
C ASN A 34 2.33 12.11 0.89
N VAL A 35 2.02 11.23 1.84
CA VAL A 35 0.70 11.17 2.47
C VAL A 35 0.71 11.53 3.95
N GLU A 36 -0.47 11.79 4.52
CA GLU A 36 -0.59 12.16 5.93
C GLU A 36 -1.58 11.30 6.70
N LYS A 37 -2.86 11.28 6.30
CA LYS A 37 -3.89 10.61 7.11
C LYS A 37 -5.09 10.14 6.29
N VAL A 38 -5.93 9.31 6.93
CA VAL A 38 -7.11 8.68 6.33
C VAL A 38 -8.22 8.56 7.37
N LYS A 39 -9.49 8.61 6.94
CA LYS A 39 -10.65 8.51 7.81
C LYS A 39 -11.84 7.90 7.08
N PHE A 40 -12.46 6.87 7.66
CA PHE A 40 -13.59 6.18 7.03
C PHE A 40 -14.97 6.80 7.21
N MET A 41 -15.90 6.48 6.30
CA MET A 41 -17.28 6.94 6.38
C MET A 41 -18.14 5.91 7.12
N LYS A 42 -18.87 6.38 8.14
CA LYS A 42 -19.74 5.53 8.94
C LYS A 42 -21.08 5.24 8.26
N SER A 43 -21.57 6.15 7.41
CA SER A 43 -22.90 6.03 6.81
C SER A 43 -22.87 5.54 5.37
N LYS A 44 -21.74 5.64 4.67
CA LYS A 44 -21.63 5.14 3.30
C LYS A 44 -21.40 3.64 3.30
N PRO A 45 -21.79 2.94 2.23
CA PRO A 45 -21.60 1.50 2.11
C PRO A 45 -20.11 1.15 2.02
N GLY A 46 -19.27 2.13 1.73
CA GLY A 46 -17.82 1.94 1.70
C GLY A 46 -17.15 3.13 1.04
N ALA A 47 -16.63 4.05 1.85
CA ALA A 47 -15.95 5.25 1.38
C ALA A 47 -15.04 5.80 2.47
N ALA A 48 -14.07 6.64 2.09
CA ALA A 48 -13.14 7.21 3.06
C ALA A 48 -12.48 8.49 2.55
N MET A 49 -12.16 9.39 3.49
CA MET A 49 -11.40 10.60 3.24
C MET A 49 -9.91 10.27 3.31
N VAL A 50 -9.10 11.02 2.57
CA VAL A 50 -7.65 10.88 2.57
C VAL A 50 -6.99 12.25 2.44
N GLU A 51 -5.83 12.47 3.07
CA GLU A 51 -5.11 13.72 2.95
C GLU A 51 -3.66 13.44 2.58
N MET A 52 -3.19 14.13 1.53
CA MET A 52 -1.90 13.86 0.89
C MET A 52 -1.37 15.17 0.29
N ALA A 53 -0.09 15.17 -0.12
CA ALA A 53 0.44 16.29 -0.89
C ALA A 53 -0.27 16.27 -2.24
N ASP A 54 -0.94 17.37 -2.60
CA ASP A 54 -1.85 17.29 -3.73
C ASP A 54 -1.18 17.17 -5.09
N GLY A 55 -0.02 17.79 -5.24
CA GLY A 55 0.70 17.80 -6.50
C GLY A 55 0.97 16.37 -6.98
N TYR A 56 2.10 15.81 -6.56
CA TYR A 56 2.47 14.49 -7.02
C TYR A 56 1.68 13.32 -6.44
N ALA A 57 1.11 13.46 -5.24
CA ALA A 57 0.47 12.31 -4.63
C ALA A 57 -1.00 12.21 -5.02
N VAL A 58 -1.73 13.32 -5.20
CA VAL A 58 -3.13 13.19 -5.55
C VAL A 58 -3.27 13.04 -7.06
N ASP A 59 -2.30 13.58 -7.83
CA ASP A 59 -2.31 13.33 -9.27
C ASP A 59 -2.00 11.87 -9.62
N ARG A 60 -0.92 11.30 -9.07
CA ARG A 60 -0.55 9.93 -9.42
C ARG A 60 -1.59 8.91 -8.94
N ALA A 61 -2.24 9.15 -7.79
CA ALA A 61 -3.27 8.23 -7.33
C ALA A 61 -4.47 8.28 -8.28
N ILE A 62 -4.79 9.47 -8.80
CA ILE A 62 -5.89 9.67 -9.74
C ILE A 62 -5.50 9.24 -11.15
N THR A 63 -4.21 8.93 -11.38
CA THR A 63 -3.73 8.45 -12.67
C THR A 63 -3.54 6.94 -12.76
N HIS A 64 -3.40 6.23 -11.63
CA HIS A 64 -3.01 4.82 -11.69
C HIS A 64 -3.93 3.82 -10.99
N LEU A 65 -4.69 4.20 -9.96
CA LEU A 65 -5.46 3.21 -9.20
C LEU A 65 -6.91 3.63 -8.90
N ASN A 66 -7.27 4.88 -9.13
CA ASN A 66 -8.54 5.41 -8.65
C ASN A 66 -9.77 4.88 -9.39
N ASN A 67 -10.56 3.92 -8.91
CA ASN A 67 -11.53 3.14 -9.73
C ASN A 67 -10.84 2.07 -10.57
N ASN A 68 -9.64 1.62 -10.19
CA ASN A 68 -9.05 0.44 -10.83
C ASN A 68 -9.56 -0.79 -10.06
N PHE A 69 -9.46 -1.98 -10.69
CA PHE A 69 -9.94 -3.21 -10.07
C PHE A 69 -9.07 -3.79 -8.95
N MET A 70 -9.72 -4.27 -7.88
CA MET A 70 -9.04 -4.81 -6.72
C MET A 70 -9.98 -5.76 -5.97
N PHE A 71 -9.44 -6.85 -5.43
CA PHE A 71 -10.22 -7.85 -4.70
C PHE A 71 -11.35 -8.53 -5.48
N GLY A 72 -11.32 -8.44 -6.82
CA GLY A 72 -12.41 -8.94 -7.65
C GLY A 72 -13.55 -7.92 -7.71
N GLN A 73 -13.30 -6.72 -7.20
CA GLN A 73 -14.22 -5.60 -7.12
C GLN A 73 -13.51 -4.34 -7.60
N LYS A 74 -14.02 -3.16 -7.24
CA LYS A 74 -13.45 -1.89 -7.66
C LYS A 74 -13.20 -0.97 -6.47
N MET A 75 -12.20 -0.10 -6.59
CA MET A 75 -11.83 0.86 -5.55
C MET A 75 -11.73 2.25 -6.19
N ASN A 76 -12.89 2.89 -6.34
CA ASN A 76 -13.10 4.14 -7.07
C ASN A 76 -12.27 5.30 -6.53
N VAL A 77 -11.48 6.06 -7.33
CA VAL A 77 -10.95 7.28 -6.68
C VAL A 77 -11.14 8.59 -7.45
N CYS A 78 -11.25 9.70 -6.70
CA CYS A 78 -11.45 11.04 -7.25
C CYS A 78 -11.10 12.07 -6.18
N VAL A 79 -10.97 13.35 -6.56
CA VAL A 79 -10.61 14.42 -5.64
C VAL A 79 -11.74 14.80 -4.66
N SER A 80 -11.36 15.27 -3.47
CA SER A 80 -12.31 15.68 -2.44
C SER A 80 -12.66 17.16 -2.56
N LYS A 81 -13.72 17.59 -1.86
CA LYS A 81 -14.12 18.99 -1.81
C LYS A 81 -13.76 19.59 -0.45
N GLN A 82 -13.29 18.76 0.49
CA GLN A 82 -12.94 19.16 1.85
C GLN A 82 -11.59 19.86 1.89
N PRO A 83 -11.37 20.76 2.86
CA PRO A 83 -10.11 21.46 3.03
C PRO A 83 -9.04 20.58 3.69
N ALA A 84 -9.44 19.76 4.66
CA ALA A 84 -8.53 18.89 5.41
C ALA A 84 -9.32 17.90 6.26
N ILE A 85 -8.69 16.78 6.65
CA ILE A 85 -9.31 15.83 7.57
C ILE A 85 -9.16 16.34 8.99
N MET A 86 -10.27 16.40 9.73
CA MET A 86 -10.26 16.87 11.11
C MET A 86 -10.13 15.71 12.09
N PRO A 87 -9.35 15.88 13.18
CA PRO A 87 -9.27 14.93 14.26
C PRO A 87 -10.56 15.00 15.09
N GLY A 88 -10.87 13.94 15.83
CA GLY A 88 -12.09 13.93 16.62
C GLY A 88 -12.52 12.52 17.00
N GLN A 89 -13.82 12.25 16.83
CA GLN A 89 -14.44 10.98 17.22
C GLN A 89 -14.02 9.85 16.29
N SER A 90 -14.32 8.61 16.70
CA SER A 90 -13.99 7.41 15.95
C SER A 90 -14.96 6.29 16.32
N TYR A 91 -14.96 5.20 15.55
CA TYR A 91 -15.85 4.08 15.78
C TYR A 91 -15.27 2.70 15.49
N GLY A 92 -14.01 2.66 15.03
CA GLY A 92 -13.35 1.41 14.66
C GLY A 92 -13.86 0.87 13.32
N LEU A 93 -13.45 -0.36 12.99
CA LEU A 93 -13.83 -1.04 11.76
C LEU A 93 -14.04 -2.52 12.05
N GLU A 94 -14.77 -3.21 11.17
CA GLU A 94 -15.08 -4.62 11.38
C GLU A 94 -13.83 -5.50 11.20
N ASP A 95 -12.80 -4.99 10.53
CA ASP A 95 -11.56 -5.73 10.30
C ASP A 95 -10.39 -4.95 10.94
N GLY A 96 -10.68 -4.12 11.94
CA GLY A 96 -9.66 -3.30 12.59
C GLY A 96 -10.12 -2.83 13.97
N SER A 97 -9.52 -1.75 14.46
CA SER A 97 -9.86 -1.20 15.77
C SER A 97 -10.04 0.32 15.70
N CYS A 98 -9.55 0.95 14.64
CA CYS A 98 -9.65 2.40 14.47
C CYS A 98 -10.28 2.76 13.12
N SER A 99 -11.09 3.83 13.10
CA SER A 99 -11.69 4.35 11.89
C SER A 99 -10.83 5.48 11.30
N TYR A 100 -9.68 5.74 11.91
CA TYR A 100 -8.71 6.75 11.51
C TYR A 100 -7.25 6.33 11.70
N LYS A 101 -6.35 6.83 10.85
CA LYS A 101 -4.95 6.47 10.93
C LYS A 101 -4.05 7.56 10.35
N ASP A 102 -2.81 7.62 10.84
CA ASP A 102 -1.78 8.56 10.41
C ASP A 102 -0.50 7.85 9.97
N PHE A 103 0.00 8.19 8.77
CA PHE A 103 1.18 7.55 8.20
C PHE A 103 2.53 8.19 8.51
N SER A 104 2.54 9.35 9.16
CA SER A 104 3.78 10.02 9.52
C SER A 104 4.44 9.32 10.71
N GLU A 105 3.62 8.77 11.62
CA GLU A 105 4.11 8.03 12.76
C GLU A 105 4.46 6.59 12.37
N SER A 106 3.96 6.14 11.21
CA SER A 106 4.16 4.78 10.74
C SER A 106 5.40 4.64 9.86
N ARG A 107 6.08 5.76 9.58
CA ARG A 107 7.25 5.81 8.72
C ARG A 107 6.99 5.35 7.28
N ASN A 108 5.76 4.91 6.99
CA ASN A 108 5.39 4.37 5.68
C ASN A 108 5.50 5.42 4.58
N ASN A 109 5.43 6.71 4.96
CA ASN A 109 5.50 7.81 4.02
C ASN A 109 6.83 7.74 3.27
N ARG A 110 6.76 7.53 1.95
CA ARG A 110 7.93 7.30 1.13
C ARG A 110 8.63 8.61 0.75
N PHE A 111 7.88 9.72 0.76
CA PHE A 111 8.39 11.04 0.44
C PHE A 111 8.75 11.94 1.63
N SER A 112 8.93 11.33 2.81
CA SER A 112 9.12 12.07 4.05
C SER A 112 10.42 12.88 4.07
N THR A 113 11.39 12.56 3.21
CA THR A 113 12.64 13.31 3.10
C THR A 113 13.15 13.51 1.69
N PRO A 114 13.94 14.58 1.45
CA PRO A 114 14.54 14.84 0.14
C PRO A 114 15.53 13.75 -0.25
N GLU A 115 16.08 13.02 0.72
CA GLU A 115 17.04 11.97 0.46
C GLU A 115 16.34 10.72 -0.08
N GLN A 116 15.09 10.51 0.30
CA GLN A 116 14.29 9.41 -0.23
C GLN A 116 13.71 9.80 -1.57
N ALA A 117 13.27 11.07 -1.70
CA ALA A 117 12.65 11.56 -2.92
C ALA A 117 13.61 11.55 -4.10
N ALA A 118 14.92 11.51 -3.83
CA ALA A 118 15.93 11.48 -4.88
C ALA A 118 16.11 10.08 -5.48
N LYS A 119 15.62 9.04 -4.79
CA LYS A 119 15.76 7.67 -5.25
C LYS A 119 14.43 6.94 -5.38
N ASN A 120 13.30 7.61 -5.09
CA ASN A 120 11.99 7.00 -5.22
C ASN A 120 11.67 6.69 -6.68
N ARG A 121 10.75 5.73 -6.89
CA ARG A 121 10.42 5.22 -8.22
C ARG A 121 8.91 4.99 -8.25
N ILE A 122 8.21 5.70 -9.14
CA ILE A 122 6.75 5.73 -9.19
C ILE A 122 6.24 5.52 -10.62
N GLN A 123 6.86 4.60 -11.36
CA GLN A 123 6.37 4.26 -12.68
C GLN A 123 4.98 3.63 -12.61
N HIS A 124 4.31 3.50 -13.75
CA HIS A 124 2.96 2.97 -13.81
C HIS A 124 2.89 1.57 -13.20
N PRO A 125 1.74 1.18 -12.64
CA PRO A 125 1.53 -0.11 -12.02
C PRO A 125 1.61 -1.23 -13.05
N SER A 126 1.83 -2.45 -12.55
CA SER A 126 1.98 -3.63 -13.38
C SER A 126 1.64 -4.86 -12.54
N ASN A 127 1.80 -6.07 -13.10
CA ASN A 127 1.56 -7.29 -12.36
C ASN A 127 2.81 -7.65 -11.56
N VAL A 128 3.89 -6.88 -11.73
CA VAL A 128 5.12 -7.04 -10.97
C VAL A 128 5.12 -6.25 -9.66
N LEU A 129 5.77 -6.78 -8.63
CA LEU A 129 5.82 -6.16 -7.32
C LEU A 129 7.24 -6.25 -6.75
N HIS A 130 7.62 -5.31 -5.90
CA HIS A 130 8.95 -5.24 -5.31
C HIS A 130 8.82 -5.23 -3.79
N PHE A 131 9.79 -5.81 -3.07
CA PHE A 131 9.71 -5.88 -1.62
C PHE A 131 11.09 -5.67 -1.01
N PHE A 132 11.08 -5.34 0.28
CA PHE A 132 12.28 -5.09 1.08
C PHE A 132 11.83 -5.41 2.50
N ASN A 133 12.80 -5.55 3.41
CA ASN A 133 12.53 -5.97 4.78
C ASN A 133 11.84 -7.34 4.82
N ALA A 134 12.48 -8.35 4.24
CA ALA A 134 11.99 -9.72 4.23
C ALA A 134 13.06 -10.66 4.81
N PRO A 135 12.66 -11.82 5.36
CA PRO A 135 13.62 -12.77 5.89
C PRO A 135 14.45 -13.38 4.75
N LEU A 136 15.63 -13.89 5.08
CA LEU A 136 16.59 -14.38 4.10
C LEU A 136 16.12 -15.66 3.40
N GLU A 137 15.11 -16.34 3.97
CA GLU A 137 14.56 -17.57 3.42
C GLU A 137 13.09 -17.38 3.00
N VAL A 138 12.70 -16.14 2.69
CA VAL A 138 11.32 -15.80 2.35
C VAL A 138 10.78 -16.43 1.07
N THR A 139 11.66 -16.99 0.23
CA THR A 139 11.33 -17.33 -1.16
C THR A 139 10.12 -18.24 -1.31
N GLU A 140 9.77 -18.67 -2.53
CA GLU A 140 8.51 -19.36 -2.85
C GLU A 140 7.85 -20.09 -1.67
N GLU A 141 8.62 -20.75 -0.81
CA GLU A 141 8.11 -21.33 0.43
C GLU A 141 7.45 -20.33 1.38
N ASN A 142 8.01 -19.14 1.70
CA ASN A 142 7.36 -18.33 2.72
C ASN A 142 6.32 -17.48 2.00
N PHE A 143 6.56 -17.17 0.73
CA PHE A 143 5.56 -16.43 -0.02
C PHE A 143 4.27 -17.21 -0.23
N PHE A 144 4.38 -18.52 -0.43
CA PHE A 144 3.23 -19.37 -0.65
C PHE A 144 2.40 -19.64 0.60
N GLU A 145 3.04 -19.95 1.73
CA GLU A 145 2.30 -20.25 2.94
C GLU A 145 1.74 -18.99 3.60
N ILE A 146 2.36 -17.83 3.37
CA ILE A 146 1.83 -16.59 3.91
C ILE A 146 0.56 -16.19 3.16
N CYS A 147 0.54 -16.35 1.83
CA CYS A 147 -0.65 -16.03 1.06
C CYS A 147 -1.81 -16.96 1.42
N ASP A 148 -1.50 -18.20 1.82
CA ASP A 148 -2.52 -19.16 2.21
C ASP A 148 -3.23 -18.75 3.50
N GLU A 149 -2.46 -18.20 4.46
CA GLU A 149 -3.02 -17.73 5.72
C GLU A 149 -3.80 -16.42 5.57
N LEU A 150 -3.77 -15.81 4.37
CA LEU A 150 -4.44 -14.54 4.11
C LEU A 150 -5.57 -14.69 3.10
N GLY A 151 -5.74 -15.89 2.54
CA GLY A 151 -6.83 -16.20 1.61
C GLY A 151 -6.64 -15.62 0.21
N VAL A 152 -5.74 -14.65 0.04
CA VAL A 152 -5.44 -14.08 -1.27
C VAL A 152 -4.54 -15.05 -2.04
N LYS A 153 -4.54 -14.95 -3.37
CA LYS A 153 -3.79 -15.87 -4.20
C LYS A 153 -2.29 -15.65 -4.09
N ARG A 154 -1.51 -16.72 -4.27
CA ARG A 154 -0.05 -16.67 -4.24
C ARG A 154 0.48 -16.08 -5.55
N PRO A 155 1.70 -15.53 -5.54
CA PRO A 155 2.35 -15.03 -6.74
C PRO A 155 2.66 -16.19 -7.69
N THR A 156 2.69 -15.88 -8.99
CA THR A 156 3.03 -16.87 -10.02
C THR A 156 4.53 -17.03 -10.23
N SER A 157 5.31 -16.01 -9.86
CA SER A 157 6.75 -16.03 -9.96
C SER A 157 7.39 -15.19 -8.85
N VAL A 158 8.61 -15.57 -8.44
CA VAL A 158 9.34 -14.90 -7.38
C VAL A 158 10.85 -14.87 -7.62
N LYS A 159 11.53 -13.91 -7.01
CA LYS A 159 12.99 -13.78 -7.07
C LYS A 159 13.48 -13.03 -5.84
N VAL A 160 14.66 -13.42 -5.34
CA VAL A 160 15.28 -12.78 -4.17
C VAL A 160 16.76 -12.55 -4.34
N PHE A 161 17.30 -11.53 -3.66
CA PHE A 161 18.71 -11.17 -3.76
C PHE A 161 19.29 -10.43 -2.55
N SER A 162 20.57 -10.06 -2.66
CA SER A 162 21.29 -9.34 -1.63
C SER A 162 22.26 -8.33 -2.28
N GLY A 163 23.14 -7.75 -1.45
CA GLY A 163 24.13 -6.78 -1.88
C GLY A 163 23.68 -5.34 -1.63
N LYS A 164 22.42 -5.15 -1.24
CA LYS A 164 21.88 -3.83 -0.92
C LYS A 164 21.97 -3.53 0.58
N SER A 165 21.96 -4.58 1.41
CA SER A 165 22.05 -4.45 2.86
C SER A 165 22.39 -5.79 3.49
N GLU A 166 22.96 -5.76 4.69
CA GLU A 166 23.28 -6.96 5.46
C GLU A 166 22.18 -7.26 6.47
N ARG A 167 21.21 -6.35 6.64
CA ARG A 167 20.12 -6.51 7.58
C ARG A 167 19.00 -7.40 7.04
N SER A 168 18.75 -7.35 5.73
CA SER A 168 17.63 -8.05 5.13
C SER A 168 17.77 -8.16 3.62
N SER A 169 17.09 -9.15 3.03
CA SER A 169 17.08 -9.37 1.59
C SER A 169 16.06 -8.46 0.90
N SER A 170 16.04 -8.52 -0.43
CA SER A 170 15.11 -7.78 -1.27
C SER A 170 14.82 -8.61 -2.52
N GLY A 171 13.75 -8.30 -3.25
CA GLY A 171 13.43 -9.09 -4.44
C GLY A 171 12.14 -8.64 -5.11
N LEU A 172 11.73 -9.40 -6.13
CA LEU A 172 10.54 -9.11 -6.92
C LEU A 172 9.55 -10.27 -6.84
N LEU A 173 8.29 -9.98 -7.17
CA LEU A 173 7.20 -10.93 -7.21
C LEU A 173 6.33 -10.62 -8.43
N GLU A 174 5.51 -11.58 -8.86
CA GLU A 174 4.66 -11.38 -10.03
C GLU A 174 3.39 -12.21 -9.94
N TRP A 175 2.30 -11.68 -10.52
CA TRP A 175 0.98 -12.31 -10.55
C TRP A 175 0.41 -12.35 -11.97
N ASP A 176 -0.73 -13.02 -12.15
CA ASP A 176 -1.38 -13.13 -13.45
C ASP A 176 -2.10 -11.87 -13.95
N SER A 177 -2.21 -10.85 -13.10
CA SER A 177 -2.91 -9.61 -13.46
C SER A 177 -2.53 -8.47 -12.52
N LYS A 178 -2.85 -7.23 -12.92
CA LYS A 178 -2.61 -6.04 -12.10
C LYS A 178 -3.48 -6.09 -10.85
N SER A 179 -4.71 -6.58 -10.97
CA SER A 179 -5.63 -6.66 -9.84
C SER A 179 -5.20 -7.77 -8.89
N ASP A 180 -4.50 -8.79 -9.40
CA ASP A 180 -3.95 -9.85 -8.59
C ASP A 180 -2.75 -9.40 -7.76
N ALA A 181 -1.89 -8.57 -8.35
CA ALA A 181 -0.76 -8.02 -7.64
C ALA A 181 -1.21 -6.93 -6.67
N LEU A 182 -2.33 -6.27 -6.97
CA LEU A 182 -2.84 -5.19 -6.13
C LEU A 182 -3.54 -5.73 -4.88
N GLU A 183 -4.32 -6.81 -5.01
CA GLU A 183 -5.02 -7.34 -3.85
C GLU A 183 -4.01 -8.00 -2.90
N THR A 184 -2.98 -8.65 -3.46
CA THR A 184 -1.95 -9.25 -2.64
C THR A 184 -0.98 -8.25 -2.03
N LEU A 185 -0.87 -7.06 -2.65
CA LEU A 185 -0.10 -5.95 -2.10
C LEU A 185 -0.82 -5.47 -0.84
N GLY A 186 -2.15 -5.32 -0.90
CA GLY A 186 -2.92 -4.85 0.24
C GLY A 186 -2.80 -5.78 1.44
N PHE A 187 -2.75 -7.10 1.21
CA PHE A 187 -2.57 -8.06 2.29
C PHE A 187 -1.16 -8.38 2.77
N LEU A 188 -0.13 -7.98 2.01
CA LEU A 188 1.25 -8.25 2.43
C LEU A 188 2.01 -7.00 2.83
N ASN A 189 1.48 -5.80 2.60
CA ASN A 189 2.20 -4.60 2.98
C ASN A 189 2.17 -4.47 4.50
N HIS A 190 3.27 -3.97 5.08
CA HIS A 190 3.44 -3.82 6.52
C HIS A 190 3.29 -5.14 7.28
N TYR A 191 3.44 -6.26 6.57
CA TYR A 191 3.35 -7.58 7.18
C TYR A 191 4.40 -7.88 8.25
N GLN A 192 3.97 -8.40 9.41
CA GLN A 192 4.89 -8.66 10.51
C GLN A 192 5.70 -9.92 10.26
N MET A 193 7.04 -9.81 10.30
CA MET A 193 7.91 -10.94 10.08
C MET A 193 8.10 -11.75 11.37
N LYS A 194 8.39 -13.05 11.21
CA LYS A 194 8.79 -13.88 12.35
C LYS A 194 10.23 -13.53 12.72
N ASN A 195 10.56 -13.59 14.01
CA ASN A 195 11.89 -13.26 14.47
C ASN A 195 12.19 -13.94 15.81
N PRO A 196 12.53 -15.23 15.80
CA PRO A 196 12.89 -15.96 17.00
C PRO A 196 14.27 -15.54 17.51
N ASN A 197 15.00 -14.75 16.72
CA ASN A 197 16.34 -14.30 17.05
C ASN A 197 16.35 -12.94 17.76
N GLY A 198 15.18 -12.39 18.08
CA GLY A 198 15.08 -11.08 18.72
C GLY A 198 13.82 -10.94 19.57
N PRO A 199 13.77 -9.90 20.41
CA PRO A 199 12.67 -9.64 21.31
C PRO A 199 11.43 -9.11 20.59
N TYR A 200 11.59 -8.61 19.35
CA TYR A 200 10.48 -8.09 18.56
C TYR A 200 10.60 -8.23 17.05
N PRO A 201 9.47 -8.34 16.34
CA PRO A 201 9.43 -8.43 14.89
C PRO A 201 9.70 -7.07 14.24
N TYR A 202 9.96 -7.08 12.93
CA TYR A 202 10.15 -5.89 12.12
C TYR A 202 9.20 -6.09 10.95
N THR A 203 8.55 -5.02 10.48
CA THR A 203 7.59 -5.12 9.38
C THR A 203 8.18 -5.14 7.98
N LEU A 204 7.58 -5.97 7.12
CA LEU A 204 7.93 -6.10 5.71
C LEU A 204 7.18 -5.06 4.90
N LYS A 205 7.72 -4.63 3.76
CA LYS A 205 7.03 -3.66 2.92
C LYS A 205 7.22 -4.00 1.44
N LEU A 206 6.25 -3.59 0.61
CA LEU A 206 6.30 -3.82 -0.82
C LEU A 206 5.44 -2.82 -1.58
N CYS A 207 5.69 -2.69 -2.88
CA CYS A 207 5.03 -1.73 -3.75
C CYS A 207 5.19 -2.12 -5.23
N PHE A 208 4.49 -1.43 -6.13
CA PHE A 208 4.58 -1.71 -7.56
C PHE A 208 5.98 -1.64 -8.13
N SER A 209 6.43 -2.71 -8.79
CA SER A 209 7.82 -2.81 -9.21
C SER A 209 8.13 -2.06 -10.50
N THR A 210 9.37 -1.59 -10.61
CA THR A 210 9.93 -1.04 -11.84
C THR A 210 11.07 -1.87 -12.43
N ALA A 211 11.28 -3.08 -11.89
CA ALA A 211 12.33 -4.00 -12.32
C ALA A 211 12.07 -4.52 -13.74
N GLN A 212 13.09 -5.06 -14.38
CA GLN A 212 13.01 -5.54 -15.75
C GLN A 212 12.56 -7.00 -15.84
N HIS A 213 12.45 -7.67 -14.68
CA HIS A 213 11.96 -9.04 -14.58
C HIS A 213 11.79 -9.43 -13.11
N ALA A 214 11.19 -10.60 -12.88
CA ALA A 214 10.93 -11.11 -11.54
C ALA A 214 11.18 -12.63 -11.44
N SER A 215 11.95 -13.17 -12.38
CA SER A 215 12.26 -14.59 -12.42
C SER A 215 13.60 -14.83 -13.14
N TYR A 1 6.91 21.94 -11.64
CA TYR A 1 5.61 21.87 -10.96
C TYR A 1 4.69 20.75 -11.44
N GLY A 2 4.22 20.84 -12.69
CA GLY A 2 3.33 19.85 -13.28
C GLY A 2 1.91 19.99 -12.75
N PRO A 3 1.00 19.11 -13.19
CA PRO A 3 -0.39 19.07 -12.76
C PRO A 3 -0.55 18.87 -11.26
N HIS A 4 -1.70 19.27 -10.72
CA HIS A 4 -2.00 19.12 -9.30
C HIS A 4 -3.51 19.12 -9.07
N ALA A 5 -3.94 18.48 -7.97
CA ALA A 5 -5.33 18.47 -7.58
C ALA A 5 -5.72 19.79 -6.91
N ASP A 6 -7.01 20.12 -6.90
CA ASP A 6 -7.52 21.37 -6.35
C ASP A 6 -7.77 21.36 -4.83
N SER A 7 -7.38 20.28 -4.15
CA SER A 7 -7.56 20.17 -2.70
C SER A 7 -6.52 19.23 -2.09
N PRO A 8 -6.02 19.52 -0.87
CA PRO A 8 -5.09 18.68 -0.14
C PRO A 8 -5.65 17.29 0.21
N VAL A 9 -6.92 17.04 -0.13
CA VAL A 9 -7.60 15.81 0.24
C VAL A 9 -8.16 15.06 -0.96
N LEU A 10 -8.25 13.72 -0.83
CA LEU A 10 -8.75 12.81 -1.84
C LEU A 10 -9.91 12.02 -1.24
N MET A 11 -10.84 11.54 -2.07
CA MET A 11 -12.02 10.86 -1.59
C MET A 11 -12.29 9.60 -2.40
N VAL A 12 -12.47 8.47 -1.72
CA VAL A 12 -12.62 7.16 -2.34
C VAL A 12 -13.95 6.56 -1.90
N TYR A 13 -14.51 5.68 -2.74
CA TYR A 13 -15.77 5.00 -2.47
C TYR A 13 -15.57 3.60 -3.05
N GLY A 14 -16.56 2.73 -2.86
CA GLY A 14 -16.52 1.36 -3.38
C GLY A 14 -15.77 0.43 -2.43
N LEU A 15 -15.57 0.86 -1.17
CA LEU A 15 -14.88 0.07 -0.16
C LEU A 15 -15.86 -0.86 0.58
N ASP A 16 -17.02 -1.13 -0.04
CA ASP A 16 -18.11 -1.88 0.57
C ASP A 16 -17.92 -3.40 0.71
N GLN A 17 -16.69 -3.85 0.93
CA GLN A 17 -16.39 -5.26 1.18
C GLN A 17 -15.31 -5.39 2.25
N SER A 18 -15.30 -6.53 2.95
CA SER A 18 -14.45 -6.75 4.11
C SER A 18 -12.96 -6.78 3.79
N LYS A 19 -12.60 -6.83 2.50
CA LYS A 19 -11.20 -6.89 2.10
C LYS A 19 -10.53 -5.52 2.16
N MET A 20 -11.31 -4.46 2.38
CA MET A 20 -10.77 -3.10 2.44
C MET A 20 -10.55 -2.69 3.89
N ASN A 21 -9.56 -1.83 4.11
CA ASN A 21 -9.25 -1.29 5.43
C ASN A 21 -8.40 -0.04 5.28
N CYS A 22 -8.43 0.87 6.26
CA CYS A 22 -7.72 2.13 6.16
C CYS A 22 -6.22 1.93 5.96
N ASP A 23 -5.64 0.90 6.60
CA ASP A 23 -4.23 0.60 6.43
C ASP A 23 -3.91 0.08 5.03
N ARG A 24 -4.82 -0.74 4.48
CA ARG A 24 -4.58 -1.38 3.19
C ARG A 24 -4.73 -0.42 2.02
N VAL A 25 -5.85 0.32 1.95
CA VAL A 25 -6.05 1.23 0.84
C VAL A 25 -5.08 2.40 0.87
N PHE A 26 -4.71 2.86 2.07
CA PHE A 26 -3.89 4.05 2.17
C PHE A 26 -2.44 3.73 1.81
N ASN A 27 -1.95 2.51 2.06
CA ASN A 27 -0.59 2.19 1.68
C ASN A 27 -0.49 1.98 0.16
N VAL A 28 -1.56 1.47 -0.46
CA VAL A 28 -1.58 1.24 -1.90
C VAL A 28 -1.30 2.57 -2.58
N PHE A 29 -2.11 3.60 -2.32
CA PHE A 29 -1.82 4.93 -2.84
C PHE A 29 -0.73 5.74 -2.15
N CYS A 30 -0.16 5.23 -1.05
CA CYS A 30 0.92 5.93 -0.37
C CYS A 30 2.22 5.81 -1.15
N LEU A 31 2.44 4.67 -1.80
CA LEU A 31 3.64 4.53 -2.61
C LEU A 31 3.68 5.56 -3.74
N TYR A 32 2.52 6.17 -4.05
CA TYR A 32 2.39 7.17 -5.09
C TYR A 32 2.73 8.63 -4.77
N GLY A 33 3.03 8.95 -3.51
CA GLY A 33 3.38 10.32 -3.17
C GLY A 33 3.55 10.54 -1.67
N ASN A 34 3.61 11.82 -1.27
CA ASN A 34 3.77 12.23 0.12
C ASN A 34 2.42 12.26 0.81
N VAL A 35 2.25 11.46 1.86
CA VAL A 35 0.98 11.30 2.56
C VAL A 35 0.95 11.82 3.99
N GLU A 36 -0.26 11.96 4.54
CA GLU A 36 -0.45 12.42 5.91
C GLU A 36 -1.45 11.57 6.69
N LYS A 37 -2.69 11.43 6.20
CA LYS A 37 -3.76 10.80 6.99
C LYS A 37 -4.79 10.09 6.13
N VAL A 38 -5.60 9.23 6.77
CA VAL A 38 -6.75 8.56 6.16
C VAL A 38 -7.85 8.42 7.20
N LYS A 39 -9.12 8.49 6.77
CA LYS A 39 -10.25 8.35 7.69
C LYS A 39 -11.49 7.81 6.96
N PHE A 40 -12.11 6.78 7.53
CA PHE A 40 -13.29 6.13 6.98
C PHE A 40 -14.65 6.76 7.29
N MET A 41 -15.64 6.50 6.44
CA MET A 41 -16.99 7.04 6.58
C MET A 41 -17.92 6.06 7.28
N LYS A 42 -18.45 6.47 8.43
CA LYS A 42 -19.50 5.72 9.14
C LYS A 42 -20.86 5.98 8.51
N SER A 43 -20.98 7.00 7.67
CA SER A 43 -22.23 7.40 7.02
C SER A 43 -22.41 6.69 5.68
N LYS A 44 -21.46 5.83 5.29
CA LYS A 44 -21.46 5.15 3.99
C LYS A 44 -21.10 3.67 4.17
N PRO A 45 -21.53 2.81 3.23
CA PRO A 45 -21.22 1.40 3.26
C PRO A 45 -19.75 1.13 2.95
N GLY A 46 -19.04 2.12 2.40
CA GLY A 46 -17.62 2.00 2.12
C GLY A 46 -17.09 3.21 1.38
N ALA A 47 -16.53 4.16 2.13
CA ALA A 47 -15.94 5.38 1.59
C ALA A 47 -14.95 5.96 2.61
N ALA A 48 -14.02 6.80 2.15
CA ALA A 48 -13.01 7.36 3.04
C ALA A 48 -12.34 8.59 2.43
N MET A 49 -11.79 9.44 3.29
CA MET A 49 -10.96 10.58 2.89
C MET A 49 -9.49 10.26 3.09
N VAL A 50 -8.63 10.93 2.32
CA VAL A 50 -7.19 10.76 2.41
C VAL A 50 -6.46 12.09 2.23
N GLU A 51 -5.62 12.47 3.18
CA GLU A 51 -4.90 13.72 3.11
C GLU A 51 -3.45 13.48 2.70
N MET A 52 -2.99 14.19 1.67
CA MET A 52 -1.67 14.00 1.08
C MET A 52 -1.22 15.28 0.39
N ALA A 53 0.04 15.34 -0.05
CA ALA A 53 0.49 16.44 -0.90
C ALA A 53 -0.30 16.35 -2.20
N ASP A 54 -1.03 17.41 -2.55
CA ASP A 54 -2.00 17.29 -3.62
C ASP A 54 -1.42 17.17 -5.02
N GLY A 55 -0.28 17.83 -5.26
CA GLY A 55 0.37 17.81 -6.55
C GLY A 55 0.61 16.39 -7.03
N TYR A 56 1.75 15.81 -6.65
CA TYR A 56 2.10 14.48 -7.11
C TYR A 56 1.33 13.30 -6.52
N ALA A 57 0.79 13.43 -5.28
CA ALA A 57 0.16 12.28 -4.66
C ALA A 57 -1.30 12.16 -5.08
N VAL A 58 -2.05 13.26 -5.23
CA VAL A 58 -3.44 13.13 -5.60
C VAL A 58 -3.58 13.02 -7.11
N ASP A 59 -2.62 13.56 -7.87
CA ASP A 59 -2.63 13.39 -9.31
C ASP A 59 -2.39 11.94 -9.70
N ARG A 60 -1.34 11.32 -9.17
CA ARG A 60 -0.99 9.96 -9.57
C ARG A 60 -2.00 8.94 -9.04
N ALA A 61 -2.61 9.18 -7.88
CA ALA A 61 -3.63 8.25 -7.40
C ALA A 61 -4.87 8.28 -8.29
N ILE A 62 -5.16 9.45 -8.87
CA ILE A 62 -6.26 9.62 -9.83
C ILE A 62 -5.86 9.10 -11.21
N THR A 63 -4.56 8.87 -11.43
CA THR A 63 -4.06 8.35 -12.69
C THR A 63 -3.89 6.82 -12.70
N HIS A 64 -3.84 6.17 -11.53
CA HIS A 64 -3.47 4.75 -11.49
C HIS A 64 -4.39 3.82 -10.71
N LEU A 65 -5.22 4.30 -9.76
CA LEU A 65 -6.01 3.38 -8.93
C LEU A 65 -7.47 3.79 -8.75
N ASN A 66 -7.85 5.01 -9.12
CA ASN A 66 -9.16 5.53 -8.72
C ASN A 66 -10.39 4.91 -9.43
N ASN A 67 -11.16 3.97 -8.86
CA ASN A 67 -12.07 3.09 -9.64
C ASN A 67 -11.35 1.94 -10.36
N ASN A 68 -10.16 1.56 -9.94
CA ASN A 68 -9.54 0.33 -10.44
C ASN A 68 -10.13 -0.91 -9.74
N PHE A 69 -9.95 -2.08 -10.35
CA PHE A 69 -10.35 -3.35 -9.76
C PHE A 69 -9.50 -3.81 -8.58
N MET A 70 -10.11 -4.41 -7.57
CA MET A 70 -9.39 -4.96 -6.42
C MET A 70 -10.28 -5.94 -5.67
N PHE A 71 -9.73 -7.10 -5.31
CA PHE A 71 -10.45 -8.13 -4.57
C PHE A 71 -11.74 -8.66 -5.18
N GLY A 72 -11.86 -8.60 -6.51
CA GLY A 72 -13.04 -9.08 -7.23
C GLY A 72 -14.14 -8.02 -7.27
N GLN A 73 -13.84 -6.81 -6.84
CA GLN A 73 -14.75 -5.69 -6.82
C GLN A 73 -14.07 -4.46 -7.42
N LYS A 74 -14.79 -3.34 -7.52
CA LYS A 74 -14.21 -2.11 -8.05
C LYS A 74 -14.39 -0.95 -7.06
N MET A 75 -13.30 -0.20 -6.86
CA MET A 75 -13.27 0.98 -6.02
C MET A 75 -13.83 2.17 -6.81
N ASN A 76 -13.48 3.39 -6.40
CA ASN A 76 -13.75 4.58 -7.18
C ASN A 76 -12.87 5.70 -6.66
N VAL A 77 -12.01 6.37 -7.47
CA VAL A 77 -11.43 7.57 -6.81
C VAL A 77 -11.57 8.91 -7.55
N CYS A 78 -11.62 9.99 -6.78
CA CYS A 78 -11.76 11.35 -7.23
C CYS A 78 -11.30 12.29 -6.11
N VAL A 79 -11.26 13.60 -6.35
CA VAL A 79 -10.83 14.57 -5.34
C VAL A 79 -11.85 14.81 -4.25
N SER A 80 -11.38 15.13 -3.04
CA SER A 80 -12.24 15.44 -1.90
C SER A 80 -12.66 16.91 -1.93
N LYS A 81 -13.75 17.25 -1.25
CA LYS A 81 -14.19 18.64 -1.16
C LYS A 81 -13.89 19.21 0.23
N GLN A 82 -13.32 18.39 1.12
CA GLN A 82 -12.90 18.83 2.45
C GLN A 82 -11.48 19.39 2.39
N PRO A 83 -11.16 20.40 3.21
CA PRO A 83 -9.87 21.05 3.22
C PRO A 83 -8.79 20.22 3.91
N ALA A 84 -9.16 19.41 4.91
CA ALA A 84 -8.23 18.60 5.67
C ALA A 84 -8.98 17.57 6.52
N ILE A 85 -8.27 16.52 6.96
CA ILE A 85 -8.84 15.53 7.88
C ILE A 85 -8.63 15.99 9.32
N MET A 86 -9.66 15.84 10.15
CA MET A 86 -9.57 16.20 11.56
C MET A 86 -9.38 14.96 12.43
N PRO A 87 -8.40 14.98 13.33
CA PRO A 87 -8.16 13.90 14.27
C PRO A 87 -9.17 13.94 15.41
N GLY A 88 -9.18 12.90 16.25
CA GLY A 88 -10.07 12.84 17.40
C GLY A 88 -10.79 11.49 17.48
N GLN A 89 -12.13 11.53 17.53
CA GLN A 89 -12.93 10.32 17.68
C GLN A 89 -12.94 9.48 16.41
N SER A 90 -13.38 8.22 16.55
CA SER A 90 -13.43 7.25 15.48
C SER A 90 -14.44 6.16 15.82
N TYR A 91 -14.60 5.17 14.93
CA TYR A 91 -15.50 4.05 15.16
C TYR A 91 -14.78 2.80 14.63
N GLY A 92 -15.24 1.61 15.05
CA GLY A 92 -14.59 0.37 14.68
C GLY A 92 -14.98 -0.10 13.28
N LEU A 93 -13.98 -0.46 12.48
CA LEU A 93 -14.20 -1.03 11.16
C LEU A 93 -14.53 -2.52 11.31
N GLU A 94 -15.01 -3.14 10.23
CA GLU A 94 -15.36 -4.56 10.26
C GLU A 94 -14.11 -5.43 10.38
N ASP A 95 -12.95 -4.90 9.99
CA ASP A 95 -11.68 -5.62 10.06
C ASP A 95 -10.69 -4.83 10.95
N GLY A 96 -11.20 -4.02 11.87
CA GLY A 96 -10.36 -3.20 12.73
C GLY A 96 -11.08 -2.71 13.97
N SER A 97 -10.52 -1.69 14.63
CA SER A 97 -11.09 -1.10 15.83
C SER A 97 -11.11 0.42 15.75
N CYS A 98 -10.33 1.01 14.83
CA CYS A 98 -10.31 2.45 14.60
C CYS A 98 -10.55 2.76 13.12
N SER A 99 -11.23 3.86 12.84
CA SER A 99 -11.52 4.30 11.47
C SER A 99 -10.51 5.34 10.97
N TYR A 100 -9.43 5.55 11.73
CA TYR A 100 -8.43 6.56 11.42
C TYR A 100 -6.97 6.11 11.59
N LYS A 101 -6.07 6.65 10.75
CA LYS A 101 -4.67 6.31 10.80
C LYS A 101 -3.83 7.41 10.15
N ASP A 102 -2.57 7.53 10.57
CA ASP A 102 -1.63 8.51 10.03
C ASP A 102 -0.28 7.91 9.65
N PHE A 103 0.19 8.20 8.44
CA PHE A 103 1.40 7.63 7.87
C PHE A 103 2.71 8.40 8.07
N SER A 104 2.61 9.63 8.57
CA SER A 104 3.78 10.45 8.86
C SER A 104 4.27 10.16 10.28
N GLU A 105 3.34 9.82 11.18
CA GLU A 105 3.65 9.44 12.55
C GLU A 105 4.14 8.00 12.65
N SER A 106 4.28 7.32 11.51
CA SER A 106 4.75 5.94 11.45
C SER A 106 5.81 5.74 10.37
N ARG A 107 6.30 6.85 9.79
CA ARG A 107 7.37 6.86 8.80
C ARG A 107 7.04 6.11 7.50
N ASN A 108 5.84 5.52 7.39
CA ASN A 108 5.44 4.77 6.21
C ASN A 108 5.47 5.64 4.95
N ASN A 109 5.28 6.95 5.12
CA ASN A 109 5.26 7.93 4.05
C ASN A 109 6.55 7.84 3.24
N ARG A 110 6.43 7.62 1.92
CA ARG A 110 7.57 7.36 1.06
C ARG A 110 8.31 8.63 0.66
N PHE A 111 7.57 9.74 0.52
CA PHE A 111 8.12 11.03 0.11
C PHE A 111 8.43 12.01 1.24
N SER A 112 8.51 11.52 2.47
CA SER A 112 8.66 12.35 3.66
C SER A 112 10.01 13.04 3.76
N THR A 113 11.01 12.62 2.97
CA THR A 113 12.33 13.23 2.99
C THR A 113 12.96 13.45 1.61
N PRO A 114 13.84 14.46 1.49
CA PRO A 114 14.56 14.73 0.25
C PRO A 114 15.51 13.59 -0.11
N GLU A 115 15.93 12.81 0.90
CA GLU A 115 16.86 11.71 0.69
C GLU A 115 16.15 10.53 0.05
N GLN A 116 14.85 10.37 0.34
CA GLN A 116 14.03 9.34 -0.30
C GLN A 116 13.56 9.81 -1.67
N ALA A 117 13.15 11.08 -1.76
CA ALA A 117 12.61 11.63 -3.01
C ALA A 117 13.68 11.66 -4.11
N ALA A 118 14.96 11.58 -3.75
CA ALA A 118 16.04 11.58 -4.72
C ALA A 118 16.25 10.20 -5.35
N LYS A 119 15.75 9.13 -4.71
CA LYS A 119 15.93 7.76 -5.20
C LYS A 119 14.60 7.03 -5.41
N ASN A 120 13.47 7.64 -5.03
CA ASN A 120 12.17 7.03 -5.26
C ASN A 120 11.91 6.88 -6.76
N ARG A 121 11.03 5.95 -7.11
CA ARG A 121 10.69 5.64 -8.49
C ARG A 121 9.25 5.15 -8.56
N ILE A 122 8.56 5.50 -9.64
CA ILE A 122 7.13 5.27 -9.79
C ILE A 122 6.81 4.77 -11.20
N GLN A 123 5.77 3.93 -11.30
CA GLN A 123 5.30 3.37 -12.57
C GLN A 123 3.81 3.09 -12.49
N HIS A 124 3.20 2.79 -13.65
CA HIS A 124 1.83 2.32 -13.71
C HIS A 124 1.73 0.99 -12.99
N PRO A 125 0.55 0.60 -12.50
CA PRO A 125 0.36 -0.66 -11.81
C PRO A 125 0.66 -1.81 -12.78
N SER A 126 1.22 -2.89 -12.24
CA SER A 126 1.68 -4.02 -13.04
C SER A 126 1.66 -5.29 -12.20
N ASN A 127 1.93 -6.44 -12.81
CA ASN A 127 1.89 -7.72 -12.11
C ASN A 127 3.19 -7.97 -11.37
N VAL A 128 4.18 -7.08 -11.51
CA VAL A 128 5.45 -7.16 -10.79
C VAL A 128 5.50 -6.28 -9.56
N LEU A 129 6.01 -6.81 -8.44
CA LEU A 129 6.22 -6.05 -7.22
C LEU A 129 7.67 -6.18 -6.79
N HIS A 130 8.17 -5.16 -6.08
CA HIS A 130 9.48 -5.15 -5.47
C HIS A 130 9.30 -5.21 -3.96
N PHE A 131 10.18 -5.92 -3.24
CA PHE A 131 10.04 -6.03 -1.80
C PHE A 131 11.36 -5.73 -1.09
N PHE A 132 11.26 -5.35 0.19
CA PHE A 132 12.40 -5.00 1.02
C PHE A 132 11.94 -5.33 2.43
N ASN A 133 12.88 -5.34 3.39
CA ASN A 133 12.59 -5.73 4.76
C ASN A 133 11.93 -7.11 4.86
N ALA A 134 12.27 -8.03 3.93
CA ALA A 134 11.73 -9.38 3.95
C ALA A 134 12.68 -10.33 4.69
N PRO A 135 12.17 -11.45 5.22
CA PRO A 135 12.98 -12.47 5.87
C PRO A 135 14.06 -13.01 4.93
N LEU A 136 15.18 -13.46 5.50
CA LEU A 136 16.30 -13.98 4.74
C LEU A 136 15.99 -15.31 4.05
N GLU A 137 14.91 -15.98 4.46
CA GLU A 137 14.50 -17.27 3.90
C GLU A 137 13.07 -17.20 3.36
N VAL A 138 12.63 -16.00 2.98
CA VAL A 138 11.25 -15.74 2.57
C VAL A 138 10.81 -16.41 1.26
N THR A 139 11.77 -16.93 0.48
CA THR A 139 11.51 -17.31 -0.91
C THR A 139 10.36 -18.28 -1.11
N GLU A 140 10.11 -18.73 -2.34
CA GLU A 140 8.98 -19.58 -2.73
C GLU A 140 8.17 -20.17 -1.57
N GLU A 141 8.85 -20.84 -0.64
CA GLU A 141 8.23 -21.41 0.55
C GLU A 141 7.58 -20.39 1.51
N ASN A 142 8.13 -19.20 1.81
CA ASN A 142 7.46 -18.39 2.81
C ASN A 142 6.46 -17.52 2.06
N PHE A 143 6.74 -17.22 0.79
CA PHE A 143 5.75 -16.50 0.01
C PHE A 143 4.44 -17.26 -0.14
N PHE A 144 4.54 -18.57 -0.34
CA PHE A 144 3.38 -19.43 -0.52
C PHE A 144 2.55 -19.65 0.73
N GLU A 145 3.19 -19.94 1.87
CA GLU A 145 2.43 -20.21 3.10
C GLU A 145 1.93 -18.91 3.74
N ILE A 146 2.58 -17.78 3.49
CA ILE A 146 2.09 -16.51 4.03
C ILE A 146 0.81 -16.12 3.30
N CYS A 147 0.74 -16.33 1.98
CA CYS A 147 -0.48 -16.04 1.24
C CYS A 147 -1.63 -16.94 1.69
N ASP A 148 -1.32 -18.18 2.07
CA ASP A 148 -2.34 -19.10 2.55
C ASP A 148 -2.92 -18.75 3.92
N GLU A 149 -2.15 -18.06 4.76
CA GLU A 149 -2.62 -17.61 6.06
C GLU A 149 -3.46 -16.33 5.94
N LEU A 150 -3.48 -15.72 4.74
CA LEU A 150 -4.24 -14.50 4.49
C LEU A 150 -5.42 -14.77 3.56
N GLY A 151 -5.52 -15.99 3.03
CA GLY A 151 -6.61 -16.40 2.15
C GLY A 151 -6.48 -15.85 0.73
N VAL A 152 -5.55 -14.91 0.50
CA VAL A 152 -5.31 -14.33 -0.82
C VAL A 152 -4.45 -15.24 -1.70
N LYS A 153 -4.53 -15.05 -3.02
CA LYS A 153 -3.81 -15.88 -3.97
C LYS A 153 -2.30 -15.69 -3.86
N ARG A 154 -1.54 -16.75 -4.13
CA ARG A 154 -0.09 -16.75 -4.09
C ARG A 154 0.50 -16.16 -5.38
N PRO A 155 1.74 -15.68 -5.34
CA PRO A 155 2.48 -15.24 -6.52
C PRO A 155 2.80 -16.43 -7.42
N THR A 156 3.31 -16.15 -8.62
CA THR A 156 3.61 -17.19 -9.61
C THR A 156 5.08 -17.26 -10.03
N SER A 157 5.85 -16.21 -9.77
CA SER A 157 7.28 -16.16 -10.05
C SER A 157 7.99 -15.30 -9.01
N VAL A 158 9.23 -15.65 -8.66
CA VAL A 158 9.98 -14.97 -7.61
C VAL A 158 11.47 -14.79 -7.92
N LYS A 159 12.10 -13.80 -7.27
CA LYS A 159 13.53 -13.57 -7.37
C LYS A 159 14.03 -12.95 -6.09
N VAL A 160 15.23 -13.36 -5.64
CA VAL A 160 15.81 -12.89 -4.39
C VAL A 160 17.30 -12.61 -4.52
N PHE A 161 17.79 -11.55 -3.87
CA PHE A 161 19.19 -11.17 -3.92
C PHE A 161 19.71 -10.38 -2.72
N SER A 162 20.96 -9.90 -2.81
CA SER A 162 21.61 -9.15 -1.76
C SER A 162 22.34 -7.93 -2.35
N GLY A 163 23.09 -7.21 -1.51
CA GLY A 163 23.83 -6.02 -1.90
C GLY A 163 23.00 -4.75 -1.66
N LYS A 164 21.69 -4.90 -1.46
CA LYS A 164 20.81 -3.77 -1.13
C LYS A 164 20.75 -3.56 0.38
N SER A 165 20.94 -4.65 1.15
CA SER A 165 20.95 -4.61 2.60
C SER A 165 21.53 -5.91 3.16
N GLU A 166 21.98 -5.86 4.40
CA GLU A 166 22.46 -7.04 5.12
C GLU A 166 21.58 -7.29 6.35
N ARG A 167 20.63 -6.40 6.60
CA ARG A 167 19.72 -6.49 7.73
C ARG A 167 18.46 -7.28 7.36
N SER A 168 18.14 -7.33 6.07
CA SER A 168 16.97 -8.03 5.54
C SER A 168 17.13 -8.34 4.06
N SER A 169 16.26 -9.21 3.55
CA SER A 169 16.26 -9.63 2.16
C SER A 169 15.61 -8.58 1.25
N SER A 170 15.85 -8.71 -0.06
CA SER A 170 15.30 -7.84 -1.09
C SER A 170 15.19 -8.61 -2.39
N GLY A 171 14.22 -8.24 -3.24
CA GLY A 171 14.02 -8.96 -4.49
C GLY A 171 12.73 -8.54 -5.21
N LEU A 172 12.42 -9.25 -6.29
CA LEU A 172 11.21 -9.01 -7.09
C LEU A 172 10.26 -10.19 -6.96
N LEU A 173 8.97 -9.92 -7.23
CA LEU A 173 7.91 -10.90 -7.08
C LEU A 173 6.85 -10.65 -8.17
N GLU A 174 6.13 -11.69 -8.60
CA GLU A 174 5.23 -11.53 -9.74
C GLU A 174 3.97 -12.40 -9.64
N TRP A 175 2.87 -11.90 -10.23
CA TRP A 175 1.58 -12.55 -10.31
C TRP A 175 1.10 -12.77 -11.74
N ASP A 176 0.01 -13.51 -11.91
CA ASP A 176 -0.53 -13.82 -13.23
C ASP A 176 -1.24 -12.60 -13.84
N SER A 177 -1.48 -11.55 -13.04
CA SER A 177 -2.16 -10.35 -13.51
C SER A 177 -1.81 -9.14 -12.66
N LYS A 178 -2.00 -7.94 -13.21
CA LYS A 178 -1.72 -6.70 -12.51
C LYS A 178 -2.74 -6.45 -11.39
N SER A 179 -3.95 -7.00 -11.53
CA SER A 179 -4.96 -6.87 -10.49
C SER A 179 -4.67 -7.88 -9.37
N ASP A 180 -3.98 -8.97 -9.70
CA ASP A 180 -3.56 -9.96 -8.72
C ASP A 180 -2.44 -9.43 -7.83
N ALA A 181 -1.55 -8.63 -8.41
CA ALA A 181 -0.48 -8.00 -7.65
C ALA A 181 -1.02 -6.84 -6.81
N LEU A 182 -2.08 -6.19 -7.26
CA LEU A 182 -2.66 -5.05 -6.55
C LEU A 182 -3.39 -5.52 -5.29
N GLU A 183 -4.18 -6.59 -5.37
CA GLU A 183 -4.90 -7.08 -4.20
C GLU A 183 -3.92 -7.75 -3.24
N THR A 184 -2.94 -8.50 -3.76
CA THR A 184 -1.94 -9.10 -2.90
C THR A 184 -1.00 -8.09 -2.26
N LEU A 185 -0.80 -6.93 -2.89
CA LEU A 185 -0.03 -5.86 -2.27
C LEU A 185 -0.85 -5.30 -1.10
N GLY A 186 -2.18 -5.32 -1.22
CA GLY A 186 -3.05 -4.83 -0.17
C GLY A 186 -2.87 -5.66 1.10
N PHE A 187 -2.75 -6.98 0.97
CA PHE A 187 -2.56 -7.86 2.12
C PHE A 187 -1.13 -8.14 2.58
N LEU A 188 -0.12 -7.93 1.73
CA LEU A 188 1.26 -8.24 2.08
C LEU A 188 2.07 -6.99 2.45
N ASN A 189 1.62 -5.79 2.09
CA ASN A 189 2.38 -4.60 2.41
C ASN A 189 2.25 -4.32 3.91
N HIS A 190 3.33 -3.85 4.52
CA HIS A 190 3.41 -3.55 5.95
C HIS A 190 3.07 -4.77 6.82
N TYR A 191 3.11 -5.97 6.26
CA TYR A 191 2.84 -7.18 7.02
C TYR A 191 3.94 -7.59 7.99
N GLN A 192 3.57 -8.04 9.20
CA GLN A 192 4.54 -8.36 10.24
C GLN A 192 5.28 -9.66 9.95
N MET A 193 6.61 -9.64 10.12
CA MET A 193 7.44 -10.83 9.95
C MET A 193 7.49 -11.66 11.23
N LYS A 194 7.70 -12.97 11.09
CA LYS A 194 7.97 -13.86 12.20
C LYS A 194 9.45 -13.75 12.57
N ASN A 195 9.84 -14.31 13.71
CA ASN A 195 11.23 -14.32 14.14
C ASN A 195 11.53 -15.56 14.99
N PRO A 196 12.78 -16.06 14.93
CA PRO A 196 13.19 -17.25 15.68
C PRO A 196 13.36 -16.99 17.17
N ASN A 197 13.73 -15.76 17.55
CA ASN A 197 13.94 -15.41 18.95
C ASN A 197 13.88 -13.91 19.21
N GLY A 198 13.49 -13.10 18.21
CA GLY A 198 13.46 -11.65 18.37
C GLY A 198 12.39 -11.20 19.37
N PRO A 199 12.64 -10.09 20.08
CA PRO A 199 11.72 -9.57 21.08
C PRO A 199 10.50 -8.92 20.43
N TYR A 200 10.64 -8.48 19.17
CA TYR A 200 9.56 -7.89 18.40
C TYR A 200 9.70 -8.02 16.89
N PRO A 201 8.57 -8.09 16.16
CA PRO A 201 8.56 -8.20 14.71
C PRO A 201 8.92 -6.88 14.05
N TYR A 202 9.28 -6.95 12.76
CA TYR A 202 9.55 -5.78 11.93
C TYR A 202 8.69 -6.04 10.70
N THR A 203 8.11 -4.99 10.14
CA THR A 203 7.22 -5.14 8.98
C THR A 203 7.91 -5.23 7.63
N LEU A 204 7.40 -6.14 6.78
CA LEU A 204 7.82 -6.29 5.40
C LEU A 204 7.14 -5.20 4.57
N LYS A 205 7.76 -4.79 3.46
CA LYS A 205 7.17 -3.77 2.60
C LYS A 205 7.41 -4.09 1.13
N LEU A 206 6.51 -3.61 0.28
CA LEU A 206 6.61 -3.81 -1.16
C LEU A 206 5.90 -2.69 -1.92
N CYS A 207 6.17 -2.62 -3.22
CA CYS A 207 5.71 -1.55 -4.09
C CYS A 207 5.65 -2.03 -5.53
N PHE A 208 4.88 -1.36 -6.40
CA PHE A 208 4.87 -1.69 -7.81
C PHE A 208 6.25 -1.61 -8.47
N SER A 209 6.73 -2.74 -9.01
CA SER A 209 8.12 -2.81 -9.44
C SER A 209 8.40 -2.09 -10.75
N THR A 210 9.62 -1.55 -10.86
CA THR A 210 10.17 -1.02 -12.11
C THR A 210 11.37 -1.82 -12.65
N ALA A 211 11.61 -3.00 -12.08
CA ALA A 211 12.72 -3.86 -12.44
C ALA A 211 12.56 -4.42 -13.85
N GLN A 212 13.66 -4.94 -14.42
CA GLN A 212 13.68 -5.47 -15.77
C GLN A 212 13.44 -6.98 -15.78
N HIS A 213 13.32 -7.60 -14.60
CA HIS A 213 13.14 -9.04 -14.46
C HIS A 213 12.40 -9.38 -13.17
N ALA A 214 12.00 -10.63 -13.03
CA ALA A 214 11.35 -11.16 -11.84
C ALA A 214 11.71 -12.63 -11.63
N SER A 215 12.86 -13.04 -12.19
CA SER A 215 13.34 -14.41 -12.17
C SER A 215 14.85 -14.46 -11.97
N TYR A 1 6.06 24.82 -12.72
CA TYR A 1 5.72 23.69 -11.85
C TYR A 1 4.80 22.64 -12.45
N GLY A 2 4.84 21.41 -11.93
CA GLY A 2 3.99 20.33 -12.41
C GLY A 2 2.55 20.52 -11.96
N PRO A 3 1.63 19.69 -12.48
CA PRO A 3 0.21 19.74 -12.16
C PRO A 3 -0.04 19.30 -10.71
N HIS A 4 -1.22 19.63 -10.19
CA HIS A 4 -1.61 19.29 -8.83
C HIS A 4 -3.12 19.25 -8.70
N ALA A 5 -3.62 18.50 -7.69
CA ALA A 5 -5.04 18.39 -7.42
C ALA A 5 -5.58 19.67 -6.78
N ASP A 6 -6.90 19.86 -6.84
CA ASP A 6 -7.55 21.04 -6.30
C ASP A 6 -7.64 21.08 -4.77
N SER A 7 -7.27 20.00 -4.10
CA SER A 7 -7.33 19.91 -2.64
C SER A 7 -6.40 18.80 -2.13
N PRO A 8 -5.83 18.96 -0.93
CA PRO A 8 -5.03 17.93 -0.29
C PRO A 8 -5.90 16.74 0.10
N VAL A 9 -7.23 16.93 0.13
CA VAL A 9 -8.16 15.87 0.44
C VAL A 9 -8.53 15.02 -0.78
N LEU A 10 -8.84 13.74 -0.54
CA LEU A 10 -9.18 12.78 -1.57
C LEU A 10 -10.32 11.90 -1.05
N MET A 11 -11.10 11.30 -1.96
CA MET A 11 -12.25 10.50 -1.57
C MET A 11 -12.33 9.22 -2.41
N VAL A 12 -12.61 8.09 -1.73
CA VAL A 12 -12.65 6.78 -2.34
C VAL A 12 -13.99 6.13 -1.99
N TYR A 13 -14.48 5.25 -2.86
CA TYR A 13 -15.75 4.56 -2.68
C TYR A 13 -15.51 3.11 -3.11
N GLY A 14 -16.54 2.27 -2.98
CA GLY A 14 -16.49 0.88 -3.39
C GLY A 14 -15.88 -0.01 -2.31
N LEU A 15 -15.67 0.53 -1.10
CA LEU A 15 -15.06 -0.18 0.01
C LEU A 15 -16.05 -1.13 0.69
N ASP A 16 -17.04 -1.63 -0.05
CA ASP A 16 -18.11 -2.46 0.50
C ASP A 16 -17.62 -3.81 1.04
N GLN A 17 -16.52 -4.33 0.50
CA GLN A 17 -15.97 -5.61 0.93
C GLN A 17 -15.17 -5.45 2.23
N SER A 18 -15.12 -6.53 3.03
CA SER A 18 -14.46 -6.54 4.32
C SER A 18 -12.94 -6.49 4.21
N LYS A 19 -12.39 -6.56 2.99
CA LYS A 19 -10.95 -6.51 2.76
C LYS A 19 -10.40 -5.10 2.97
N MET A 20 -11.25 -4.08 3.00
CA MET A 20 -10.81 -2.70 3.12
C MET A 20 -10.82 -2.23 4.58
N ASN A 21 -9.87 -1.35 4.91
CA ASN A 21 -9.75 -0.75 6.23
C ASN A 21 -8.94 0.54 6.09
N CYS A 22 -8.98 1.42 7.11
CA CYS A 22 -8.24 2.67 7.06
C CYS A 22 -6.75 2.41 6.80
N ASP A 23 -6.19 1.42 7.49
CA ASP A 23 -4.80 1.05 7.30
C ASP A 23 -4.54 0.44 5.93
N ARG A 24 -5.49 -0.36 5.43
CA ARG A 24 -5.31 -1.11 4.21
C ARG A 24 -5.38 -0.23 2.97
N VAL A 25 -6.40 0.63 2.89
CA VAL A 25 -6.63 1.45 1.71
C VAL A 25 -5.65 2.62 1.61
N PHE A 26 -5.36 3.24 2.76
CA PHE A 26 -4.56 4.45 2.80
C PHE A 26 -3.10 4.08 2.58
N ASN A 27 -2.68 2.88 3.03
CA ASN A 27 -1.32 2.42 2.80
C ASN A 27 -1.12 2.08 1.33
N VAL A 28 -2.13 1.47 0.69
CA VAL A 28 -1.97 1.06 -0.69
C VAL A 28 -1.71 2.24 -1.63
N PHE A 29 -2.50 3.32 -1.55
CA PHE A 29 -2.15 4.54 -2.25
C PHE A 29 -1.04 5.40 -1.63
N CYS A 30 -0.64 5.12 -0.39
CA CYS A 30 0.48 5.82 0.23
C CYS A 30 1.77 5.43 -0.50
N LEU A 31 1.74 4.26 -1.14
CA LEU A 31 2.83 3.81 -2.00
C LEU A 31 3.20 4.90 -3.02
N TYR A 32 2.21 5.63 -3.52
CA TYR A 32 2.40 6.65 -4.55
C TYR A 32 2.95 8.02 -4.15
N GLY A 33 2.95 8.36 -2.86
CA GLY A 33 3.41 9.67 -2.42
C GLY A 33 3.19 9.93 -0.94
N ASN A 34 3.48 11.16 -0.49
CA ASN A 34 3.35 11.52 0.91
C ASN A 34 1.89 11.69 1.33
N VAL A 35 1.48 10.96 2.37
CA VAL A 35 0.14 11.01 2.94
C VAL A 35 0.08 11.57 4.35
N GLU A 36 -1.13 11.91 4.81
CA GLU A 36 -1.33 12.47 6.15
C GLU A 36 -2.38 11.71 6.97
N LYS A 37 -3.64 11.62 6.49
CA LYS A 37 -4.73 11.06 7.29
C LYS A 37 -5.76 10.31 6.43
N VAL A 38 -6.62 9.53 7.09
CA VAL A 38 -7.74 8.81 6.46
C VAL A 38 -8.88 8.68 7.46
N LYS A 39 -10.12 8.68 6.98
CA LYS A 39 -11.31 8.57 7.81
C LYS A 39 -12.50 8.03 7.00
N PHE A 40 -13.13 6.96 7.49
CA PHE A 40 -14.26 6.33 6.81
C PHE A 40 -15.61 7.05 6.88
N MET A 41 -16.47 6.81 5.88
CA MET A 41 -17.82 7.34 5.85
C MET A 41 -18.78 6.41 6.60
N LYS A 42 -19.39 6.89 7.68
CA LYS A 42 -20.45 6.15 8.36
C LYS A 42 -21.78 6.29 7.63
N SER A 43 -21.89 7.27 6.73
CA SER A 43 -23.13 7.54 6.01
C SER A 43 -23.22 6.75 4.70
N LYS A 44 -22.15 6.04 4.33
CA LYS A 44 -22.07 5.32 3.06
C LYS A 44 -21.76 3.84 3.34
N PRO A 45 -22.13 2.93 2.42
CA PRO A 45 -21.91 1.51 2.57
C PRO A 45 -20.42 1.15 2.46
N GLY A 46 -19.60 2.06 1.92
CA GLY A 46 -18.17 1.84 1.80
C GLY A 46 -17.51 3.00 1.08
N ALA A 47 -16.99 3.96 1.85
CA ALA A 47 -16.31 5.13 1.34
C ALA A 47 -15.42 5.73 2.42
N ALA A 48 -14.47 6.59 2.05
CA ALA A 48 -13.58 7.20 3.03
C ALA A 48 -12.91 8.46 2.50
N MET A 49 -12.75 9.45 3.38
CA MET A 49 -11.95 10.63 3.13
C MET A 49 -10.48 10.30 3.40
N VAL A 50 -9.58 10.99 2.71
CA VAL A 50 -8.15 10.76 2.81
C VAL A 50 -7.49 12.12 2.63
N GLU A 51 -6.28 12.31 3.17
CA GLU A 51 -5.54 13.55 3.01
C GLU A 51 -4.09 13.24 2.68
N MET A 52 -3.55 13.93 1.67
CA MET A 52 -2.24 13.65 1.11
C MET A 52 -1.64 14.94 0.55
N ALA A 53 -0.37 14.94 0.19
CA ALA A 53 0.22 16.06 -0.53
C ALA A 53 -0.45 16.12 -1.90
N ASP A 54 -1.06 17.25 -2.25
CA ASP A 54 -1.95 17.23 -3.40
C ASP A 54 -1.23 17.12 -4.74
N GLY A 55 -0.05 17.71 -4.84
CA GLY A 55 0.71 17.74 -6.08
C GLY A 55 0.98 16.33 -6.57
N TYR A 56 2.09 15.74 -6.13
CA TYR A 56 2.46 14.42 -6.59
C TYR A 56 1.64 13.26 -6.03
N ALA A 57 1.04 13.40 -4.85
CA ALA A 57 0.36 12.25 -4.27
C ALA A 57 -1.11 12.17 -4.68
N VAL A 58 -1.80 13.30 -4.90
CA VAL A 58 -3.20 13.17 -5.28
C VAL A 58 -3.29 13.08 -6.80
N ASP A 59 -2.29 13.61 -7.52
CA ASP A 59 -2.26 13.45 -8.96
C ASP A 59 -1.98 11.98 -9.31
N ARG A 60 -0.97 11.36 -8.68
CA ARG A 60 -0.63 9.98 -8.97
C ARG A 60 -1.75 9.01 -8.62
N ALA A 61 -2.44 9.21 -7.49
CA ALA A 61 -3.50 8.31 -7.10
C ALA A 61 -4.65 8.38 -8.10
N ILE A 62 -4.94 9.57 -8.63
CA ILE A 62 -6.02 9.79 -9.57
C ILE A 62 -5.61 9.41 -11.01
N THR A 63 -4.31 9.16 -11.23
CA THR A 63 -3.81 8.78 -12.55
C THR A 63 -3.53 7.29 -12.68
N HIS A 64 -3.43 6.54 -11.57
CA HIS A 64 -2.95 5.16 -11.65
C HIS A 64 -3.74 4.13 -10.85
N LEU A 65 -4.53 4.52 -9.85
CA LEU A 65 -5.13 3.51 -8.96
C LEU A 65 -6.62 3.73 -8.65
N ASN A 66 -7.12 4.92 -8.94
CA ASN A 66 -8.44 5.39 -8.52
C ASN A 66 -9.65 4.73 -9.21
N ASN A 67 -10.39 3.77 -8.66
CA ASN A 67 -11.30 2.87 -9.41
C ASN A 67 -10.57 1.73 -10.14
N ASN A 68 -9.35 1.37 -9.72
CA ASN A 68 -8.75 0.14 -10.21
C ASN A 68 -9.38 -1.08 -9.53
N PHE A 69 -9.24 -2.25 -10.16
CA PHE A 69 -9.69 -3.51 -9.59
C PHE A 69 -8.78 -4.10 -8.51
N MET A 70 -9.36 -4.63 -7.44
CA MET A 70 -8.61 -5.17 -6.32
C MET A 70 -9.48 -6.13 -5.52
N PHE A 71 -8.93 -7.29 -5.13
CA PHE A 71 -9.68 -8.33 -4.44
C PHE A 71 -10.92 -8.88 -5.14
N GLY A 72 -10.99 -8.73 -6.47
CA GLY A 72 -12.16 -9.12 -7.24
C GLY A 72 -13.26 -8.05 -7.12
N GLN A 73 -12.93 -6.93 -6.49
CA GLN A 73 -13.81 -5.79 -6.26
C GLN A 73 -13.16 -4.54 -6.85
N LYS A 74 -13.67 -3.36 -6.54
CA LYS A 74 -13.14 -2.10 -7.05
C LYS A 74 -13.11 -1.05 -5.94
N MET A 75 -12.17 -0.12 -6.04
CA MET A 75 -12.03 0.99 -5.10
C MET A 75 -11.92 2.29 -5.88
N ASN A 76 -13.07 2.89 -6.20
CA ASN A 76 -13.22 4.07 -7.04
C ASN A 76 -12.39 5.24 -6.52
N VAL A 77 -11.54 5.95 -7.31
CA VAL A 77 -11.04 7.20 -6.66
C VAL A 77 -11.25 8.50 -7.46
N CYS A 78 -11.41 9.59 -6.71
CA CYS A 78 -11.63 10.93 -7.24
C CYS A 78 -11.26 11.94 -6.15
N VAL A 79 -11.12 13.22 -6.51
CA VAL A 79 -10.77 14.26 -5.55
C VAL A 79 -11.91 14.60 -4.58
N SER A 80 -11.54 14.99 -3.35
CA SER A 80 -12.50 15.39 -2.33
C SER A 80 -12.86 16.87 -2.49
N LYS A 81 -13.98 17.30 -1.89
CA LYS A 81 -14.39 18.71 -1.93
C LYS A 81 -14.16 19.38 -0.57
N GLN A 82 -13.65 18.62 0.41
CA GLN A 82 -13.33 19.14 1.74
C GLN A 82 -11.96 19.82 1.72
N PRO A 83 -11.74 20.81 2.60
CA PRO A 83 -10.47 21.52 2.70
C PRO A 83 -9.41 20.71 3.43
N ALA A 84 -9.81 19.95 4.46
CA ALA A 84 -8.90 19.13 5.25
C ALA A 84 -9.68 18.17 6.15
N ILE A 85 -9.03 17.09 6.59
CA ILE A 85 -9.61 16.18 7.58
C ILE A 85 -9.47 16.78 8.96
N MET A 86 -10.44 16.52 9.85
CA MET A 86 -10.34 16.95 11.24
C MET A 86 -10.39 15.73 12.17
N PRO A 87 -9.45 15.64 13.13
CA PRO A 87 -9.42 14.58 14.11
C PRO A 87 -10.49 14.82 15.17
N GLY A 88 -10.81 13.78 15.95
CA GLY A 88 -11.82 13.90 16.99
C GLY A 88 -12.48 12.56 17.28
N GLN A 89 -13.81 12.53 17.19
CA GLN A 89 -14.60 11.35 17.49
C GLN A 89 -14.44 10.29 16.39
N SER A 90 -14.89 9.07 16.71
CA SER A 90 -14.83 7.93 15.79
C SER A 90 -15.88 6.88 16.19
N TYR A 91 -16.14 5.92 15.31
CA TYR A 91 -17.16 4.91 15.53
C TYR A 91 -16.66 3.47 15.39
N GLY A 92 -15.38 3.30 15.03
CA GLY A 92 -14.78 1.99 14.82
C GLY A 92 -15.14 1.40 13.47
N LEU A 93 -14.65 0.18 13.21
CA LEU A 93 -14.87 -0.54 11.95
C LEU A 93 -15.02 -2.03 12.24
N GLU A 94 -15.61 -2.77 11.30
CA GLU A 94 -15.80 -4.20 11.43
C GLU A 94 -14.47 -4.97 11.30
N ASP A 95 -13.41 -4.29 10.85
CA ASP A 95 -12.10 -4.90 10.67
C ASP A 95 -11.06 -4.18 11.54
N GLY A 96 -11.50 -3.47 12.58
CA GLY A 96 -10.61 -2.71 13.43
C GLY A 96 -11.33 -2.20 14.67
N SER A 97 -10.85 -1.10 15.24
CA SER A 97 -11.47 -0.49 16.42
C SER A 97 -11.65 1.02 16.26
N CYS A 98 -10.96 1.63 15.28
CA CYS A 98 -11.11 3.05 14.98
C CYS A 98 -11.44 3.25 13.50
N SER A 99 -12.24 4.26 13.18
CA SER A 99 -12.59 4.62 11.81
C SER A 99 -11.64 5.70 11.28
N TYR A 100 -10.56 5.98 12.03
CA TYR A 100 -9.57 6.99 11.71
C TYR A 100 -8.12 6.55 11.90
N LYS A 101 -7.20 7.07 11.07
CA LYS A 101 -5.79 6.72 11.16
C LYS A 101 -4.93 7.82 10.54
N ASP A 102 -3.67 7.92 11.00
CA ASP A 102 -2.71 8.90 10.53
C ASP A 102 -1.35 8.30 10.20
N PHE A 103 -0.73 8.76 9.11
CA PHE A 103 0.52 8.22 8.59
C PHE A 103 1.76 9.09 8.69
N SER A 104 1.68 10.21 9.41
CA SER A 104 2.81 11.11 9.57
C SER A 104 3.83 10.47 10.50
N GLU A 105 3.33 9.63 11.41
CA GLU A 105 4.13 8.89 12.36
C GLU A 105 4.53 7.51 11.82
N SER A 106 3.81 7.02 10.81
CA SER A 106 4.04 5.70 10.26
C SER A 106 5.29 5.66 9.36
N ARG A 107 5.75 6.84 8.91
CA ARG A 107 6.96 7.00 8.09
C ARG A 107 6.87 6.31 6.71
N ASN A 108 5.74 5.69 6.37
CA ASN A 108 5.59 4.98 5.10
C ASN A 108 5.73 5.91 3.88
N ASN A 109 5.63 7.22 4.09
CA ASN A 109 5.71 8.20 3.02
C ASN A 109 6.99 8.02 2.20
N ARG A 110 6.84 7.84 0.89
CA ARG A 110 7.96 7.52 0.00
C ARG A 110 8.87 8.74 -0.20
N PHE A 111 8.28 9.93 -0.23
CA PHE A 111 8.98 11.19 -0.44
C PHE A 111 9.35 12.00 0.81
N SER A 112 9.32 11.34 1.97
CA SER A 112 9.49 11.97 3.27
C SER A 112 10.85 12.66 3.43
N THR A 113 11.86 12.25 2.65
CA THR A 113 13.21 12.80 2.76
C THR A 113 13.90 13.12 1.43
N PRO A 114 14.81 14.10 1.40
CA PRO A 114 15.54 14.48 0.21
C PRO A 114 16.43 13.36 -0.31
N GLU A 115 16.97 12.51 0.59
CA GLU A 115 17.85 11.42 0.19
C GLU A 115 17.05 10.24 -0.35
N GLN A 116 15.76 10.14 -0.01
CA GLN A 116 14.90 9.14 -0.60
C GLN A 116 14.41 9.62 -1.97
N ALA A 117 14.06 10.91 -2.07
CA ALA A 117 13.55 11.49 -3.30
C ALA A 117 14.58 11.44 -4.43
N ALA A 118 15.87 11.29 -4.09
CA ALA A 118 16.92 11.21 -5.09
C ALA A 118 17.02 9.82 -5.72
N LYS A 119 16.48 8.79 -5.05
CA LYS A 119 16.55 7.42 -5.53
C LYS A 119 15.17 6.76 -5.68
N ASN A 120 14.09 7.50 -5.41
CA ASN A 120 12.75 6.94 -5.51
C ASN A 120 12.42 6.48 -6.93
N ARG A 121 11.46 5.55 -7.02
CA ARG A 121 11.07 4.94 -8.28
C ARG A 121 9.56 4.74 -8.24
N ILE A 122 8.87 5.14 -9.31
CA ILE A 122 7.42 5.08 -9.40
C ILE A 122 7.03 4.65 -10.81
N GLN A 123 5.95 3.87 -10.92
CA GLN A 123 5.48 3.35 -12.19
C GLN A 123 4.00 2.99 -12.07
N HIS A 124 3.29 2.90 -13.20
CA HIS A 124 1.90 2.48 -13.23
C HIS A 124 1.79 1.05 -12.67
N PRO A 125 0.59 0.65 -12.21
CA PRO A 125 0.40 -0.67 -11.64
C PRO A 125 0.71 -1.74 -12.67
N SER A 126 1.24 -2.87 -12.20
CA SER A 126 1.69 -3.96 -13.05
C SER A 126 1.63 -5.26 -12.27
N ASN A 127 1.83 -6.40 -12.93
CA ASN A 127 1.78 -7.68 -12.25
C ASN A 127 3.14 -7.98 -11.61
N VAL A 128 4.15 -7.16 -11.88
CA VAL A 128 5.45 -7.25 -11.24
C VAL A 128 5.51 -6.53 -9.90
N LEU A 129 6.21 -7.10 -8.91
CA LEU A 129 6.28 -6.53 -7.57
C LEU A 129 7.70 -6.67 -7.02
N HIS A 130 8.10 -5.75 -6.14
CA HIS A 130 9.43 -5.71 -5.55
C HIS A 130 9.29 -5.71 -4.03
N PHE A 131 10.27 -6.27 -3.31
CA PHE A 131 10.19 -6.31 -1.86
C PHE A 131 11.54 -6.02 -1.21
N PHE A 132 11.49 -5.62 0.06
CA PHE A 132 12.65 -5.25 0.86
C PHE A 132 12.24 -5.60 2.29
N ASN A 133 13.20 -5.62 3.21
CA ASN A 133 12.96 -6.04 4.59
C ASN A 133 12.30 -7.42 4.65
N ALA A 134 12.97 -8.42 4.06
CA ALA A 134 12.47 -9.79 4.05
C ALA A 134 13.54 -10.77 4.53
N PRO A 135 13.14 -11.89 5.14
CA PRO A 135 14.06 -12.93 5.62
C PRO A 135 14.98 -13.46 4.53
N LEU A 136 16.12 -14.01 4.95
CA LEU A 136 17.12 -14.58 4.05
C LEU A 136 16.60 -15.84 3.37
N GLU A 137 15.54 -16.44 3.92
CA GLU A 137 14.95 -17.67 3.42
C GLU A 137 13.47 -17.46 3.06
N VAL A 138 13.09 -16.22 2.77
CA VAL A 138 11.70 -15.85 2.48
C VAL A 138 11.12 -16.51 1.23
N THR A 139 11.97 -17.11 0.39
CA THR A 139 11.62 -17.52 -0.96
C THR A 139 10.39 -18.43 -1.02
N GLU A 140 10.00 -18.90 -2.21
CA GLU A 140 8.74 -19.60 -2.46
C GLU A 140 8.09 -20.23 -1.21
N GLU A 141 8.86 -20.86 -0.33
CA GLU A 141 8.36 -21.34 0.95
C GLU A 141 7.71 -20.27 1.83
N ASN A 142 8.28 -19.06 2.06
CA ASN A 142 7.63 -18.18 3.02
C ASN A 142 6.61 -17.37 2.24
N PHE A 143 6.85 -17.19 0.93
CA PHE A 143 5.87 -16.51 0.12
C PHE A 143 4.56 -17.27 -0.05
N PHE A 144 4.64 -18.60 -0.18
CA PHE A 144 3.45 -19.42 -0.32
C PHE A 144 2.64 -19.61 0.96
N GLU A 145 3.31 -19.81 2.11
CA GLU A 145 2.56 -20.04 3.33
C GLU A 145 1.94 -18.74 3.87
N ILE A 146 2.49 -17.58 3.51
CA ILE A 146 1.95 -16.30 3.95
C ILE A 146 0.70 -15.95 3.15
N CYS A 147 0.73 -16.10 1.83
CA CYS A 147 -0.43 -15.74 1.01
C CYS A 147 -1.56 -16.74 1.22
N ASP A 148 -1.23 -18.00 1.56
CA ASP A 148 -2.22 -19.02 1.83
C ASP A 148 -2.95 -18.76 3.15
N GLU A 149 -2.22 -18.27 4.15
CA GLU A 149 -2.79 -17.96 5.46
C GLU A 149 -3.73 -16.76 5.39
N LEU A 150 -3.49 -15.84 4.45
CA LEU A 150 -4.31 -14.65 4.28
C LEU A 150 -5.39 -14.86 3.21
N GLY A 151 -5.36 -16.01 2.53
CA GLY A 151 -6.35 -16.35 1.52
C GLY A 151 -6.14 -15.58 0.20
N VAL A 152 -5.11 -14.74 0.11
CA VAL A 152 -4.82 -13.99 -1.10
C VAL A 152 -4.16 -14.83 -2.19
N LYS A 153 -4.16 -14.33 -3.43
CA LYS A 153 -3.62 -15.06 -4.57
C LYS A 153 -2.14 -15.38 -4.43
N ARG A 154 -1.75 -16.55 -4.95
CA ARG A 154 -0.37 -17.01 -4.92
C ARG A 154 0.41 -16.42 -6.09
N PRO A 155 1.69 -16.09 -5.89
CA PRO A 155 2.55 -15.55 -6.94
C PRO A 155 2.87 -16.61 -7.98
N THR A 156 3.11 -16.17 -9.22
CA THR A 156 3.50 -17.04 -10.32
C THR A 156 5.00 -17.12 -10.55
N SER A 157 5.76 -16.17 -10.01
CA SER A 157 7.22 -16.20 -10.09
C SER A 157 7.85 -15.46 -8.91
N VAL A 158 9.12 -15.77 -8.63
CA VAL A 158 9.86 -15.17 -7.52
C VAL A 158 11.36 -15.21 -7.81
N LYS A 159 12.08 -14.23 -7.27
CA LYS A 159 13.54 -14.14 -7.31
C LYS A 159 14.03 -13.40 -6.08
N VAL A 160 15.18 -13.81 -5.54
CA VAL A 160 15.77 -13.19 -4.36
C VAL A 160 17.27 -12.94 -4.50
N PHE A 161 17.77 -11.92 -3.80
CA PHE A 161 19.18 -11.55 -3.85
C PHE A 161 19.70 -10.77 -2.64
N SER A 162 20.94 -10.30 -2.73
CA SER A 162 21.60 -9.54 -1.69
C SER A 162 22.42 -8.40 -2.29
N GLY A 163 23.12 -7.66 -1.44
CA GLY A 163 23.97 -6.53 -1.83
C GLY A 163 23.26 -5.19 -1.66
N LYS A 164 21.95 -5.21 -1.37
CA LYS A 164 21.19 -3.99 -1.14
C LYS A 164 21.24 -3.56 0.33
N SER A 165 21.41 -4.52 1.24
CA SER A 165 21.50 -4.25 2.67
C SER A 165 22.02 -5.49 3.39
N GLU A 166 22.55 -5.31 4.61
CA GLU A 166 22.99 -6.41 5.44
C GLU A 166 21.90 -6.78 6.45
N ARG A 167 20.84 -5.98 6.54
CA ARG A 167 19.73 -6.21 7.45
C ARG A 167 18.76 -7.27 6.95
N SER A 168 18.60 -7.40 5.64
CA SER A 168 17.59 -8.28 5.06
C SER A 168 17.84 -8.55 3.59
N SER A 169 17.09 -9.52 3.05
CA SER A 169 17.12 -9.86 1.63
C SER A 169 16.19 -8.93 0.85
N SER A 170 16.32 -8.96 -0.48
CA SER A 170 15.51 -8.17 -1.40
C SER A 170 15.23 -9.01 -2.64
N GLY A 171 14.19 -8.69 -3.41
CA GLY A 171 13.89 -9.48 -4.59
C GLY A 171 12.61 -9.04 -5.30
N LEU A 172 12.21 -9.81 -6.32
CA LEU A 172 11.05 -9.54 -7.14
C LEU A 172 10.03 -10.67 -7.04
N LEU A 173 8.79 -10.36 -7.41
CA LEU A 173 7.66 -11.28 -7.42
C LEU A 173 6.80 -10.95 -8.65
N GLU A 174 5.93 -11.88 -9.05
CA GLU A 174 5.06 -11.64 -10.20
C GLU A 174 3.78 -12.46 -10.06
N TRP A 175 2.68 -11.92 -10.61
CA TRP A 175 1.35 -12.51 -10.60
C TRP A 175 0.75 -12.62 -12.01
N ASP A 176 -0.43 -13.25 -12.11
CA ASP A 176 -1.12 -13.40 -13.37
C ASP A 176 -1.82 -12.13 -13.89
N SER A 177 -1.90 -11.09 -13.05
CA SER A 177 -2.52 -9.83 -13.42
C SER A 177 -2.08 -8.71 -12.48
N LYS A 178 -2.19 -7.45 -12.92
CA LYS A 178 -1.79 -6.30 -12.13
C LYS A 178 -2.75 -6.09 -10.95
N SER A 179 -3.97 -6.64 -11.03
CA SER A 179 -4.93 -6.53 -9.94
C SER A 179 -4.63 -7.58 -8.87
N ASP A 180 -3.98 -8.67 -9.24
CA ASP A 180 -3.59 -9.71 -8.30
C ASP A 180 -2.38 -9.24 -7.50
N ALA A 181 -1.49 -8.47 -8.13
CA ALA A 181 -0.34 -7.89 -7.44
C ALA A 181 -0.79 -6.72 -6.56
N LEU A 182 -1.90 -6.07 -6.92
CA LEU A 182 -2.44 -4.94 -6.17
C LEU A 182 -3.17 -5.43 -4.92
N GLU A 183 -3.86 -6.58 -5.00
CA GLU A 183 -4.54 -7.11 -3.83
C GLU A 183 -3.49 -7.60 -2.82
N THR A 184 -2.40 -8.19 -3.34
CA THR A 184 -1.31 -8.65 -2.49
C THR A 184 -0.46 -7.51 -1.92
N LEU A 185 -0.35 -6.40 -2.66
CA LEU A 185 0.31 -5.21 -2.19
C LEU A 185 -0.45 -4.67 -0.97
N GLY A 186 -1.79 -4.83 -0.99
CA GLY A 186 -2.64 -4.38 0.10
C GLY A 186 -2.34 -5.12 1.39
N PHE A 187 -2.42 -6.46 1.36
CA PHE A 187 -2.23 -7.27 2.56
C PHE A 187 -0.82 -7.60 3.01
N LEU A 188 0.19 -7.46 2.14
CA LEU A 188 1.56 -7.80 2.52
C LEU A 188 2.46 -6.58 2.72
N ASN A 189 2.06 -5.37 2.29
CA ASN A 189 2.91 -4.22 2.54
C ASN A 189 2.81 -3.85 4.03
N HIS A 190 3.93 -3.44 4.61
CA HIS A 190 4.05 -3.05 6.01
C HIS A 190 3.69 -4.19 6.98
N TYR A 191 3.54 -5.42 6.47
CA TYR A 191 3.24 -6.57 7.29
C TYR A 191 4.40 -7.09 8.14
N GLN A 192 4.13 -7.53 9.38
CA GLN A 192 5.19 -7.95 10.29
C GLN A 192 5.78 -9.30 9.89
N MET A 193 7.10 -9.45 10.06
CA MET A 193 7.77 -10.72 9.83
C MET A 193 7.67 -11.62 11.06
N LYS A 194 7.70 -12.94 10.84
CA LYS A 194 7.54 -13.90 11.92
C LYS A 194 8.80 -14.03 12.79
N ASN A 195 9.96 -13.63 12.26
CA ASN A 195 11.24 -13.62 12.97
C ASN A 195 11.41 -14.84 13.90
N PRO A 196 11.74 -16.00 13.34
CA PRO A 196 11.82 -17.26 14.08
C PRO A 196 13.02 -17.31 15.03
N ASN A 197 13.83 -16.25 15.07
CA ASN A 197 15.00 -16.19 15.93
C ASN A 197 15.25 -14.79 16.50
N GLY A 198 14.40 -13.82 16.17
CA GLY A 198 14.54 -12.46 16.65
C GLY A 198 13.78 -12.26 17.97
N PRO A 199 14.20 -11.29 18.79
CA PRO A 199 13.54 -10.95 20.05
C PRO A 199 12.21 -10.24 19.79
N TYR A 200 12.09 -9.61 18.61
CA TYR A 200 10.87 -8.93 18.17
C TYR A 200 10.72 -8.84 16.64
N PRO A 201 9.49 -8.76 16.11
CA PRO A 201 9.24 -8.67 14.69
C PRO A 201 9.69 -7.32 14.12
N TYR A 202 10.00 -7.29 12.82
CA TYR A 202 10.34 -6.07 12.10
C TYR A 202 9.44 -6.16 10.87
N THR A 203 8.91 -5.02 10.42
CA THR A 203 8.03 -4.99 9.27
C THR A 203 8.69 -5.24 7.91
N LEU A 204 7.94 -5.89 7.02
CA LEU A 204 8.32 -6.15 5.64
C LEU A 204 7.62 -5.13 4.75
N LYS A 205 8.19 -4.82 3.58
CA LYS A 205 7.57 -3.86 2.67
C LYS A 205 7.76 -4.27 1.23
N LEU A 206 6.86 -3.80 0.37
CA LEU A 206 6.90 -4.11 -1.06
C LEU A 206 6.14 -3.05 -1.84
N CYS A 207 6.39 -3.00 -3.16
CA CYS A 207 5.88 -1.96 -4.03
C CYS A 207 5.88 -2.42 -5.49
N PHE A 208 5.16 -1.71 -6.37
CA PHE A 208 5.17 -2.00 -7.79
C PHE A 208 6.57 -1.98 -8.40
N SER A 209 6.99 -3.08 -9.02
CA SER A 209 8.37 -3.19 -9.45
C SER A 209 8.68 -2.41 -10.73
N THR A 210 9.91 -1.88 -10.77
CA THR A 210 10.49 -1.28 -11.97
C THR A 210 11.63 -2.07 -12.57
N ALA A 211 11.84 -3.30 -12.08
CA ALA A 211 12.90 -4.19 -12.54
C ALA A 211 12.64 -4.66 -13.97
N GLN A 212 13.69 -5.20 -14.59
CA GLN A 212 13.61 -5.63 -15.99
C GLN A 212 13.17 -7.08 -16.13
N HIS A 213 12.90 -7.76 -15.00
CA HIS A 213 12.37 -9.11 -14.96
C HIS A 213 12.12 -9.53 -13.51
N ALA A 214 11.57 -10.74 -13.30
CA ALA A 214 11.30 -11.27 -11.99
C ALA A 214 11.65 -12.75 -11.89
N SER A 215 12.51 -13.23 -12.81
CA SER A 215 12.93 -14.63 -12.87
C SER A 215 14.33 -14.71 -13.48
N TYR A 1 8.46 19.51 -11.06
CA TYR A 1 7.19 20.24 -11.17
C TYR A 1 6.15 19.59 -12.09
N GLY A 2 4.86 19.89 -11.85
CA GLY A 2 3.77 19.33 -12.63
C GLY A 2 2.42 19.83 -12.11
N PRO A 3 1.32 19.29 -12.67
CA PRO A 3 -0.03 19.63 -12.27
C PRO A 3 -0.33 19.13 -10.86
N HIS A 4 -1.45 19.57 -10.29
CA HIS A 4 -1.84 19.19 -8.94
C HIS A 4 -3.36 19.16 -8.79
N ALA A 5 -3.86 18.40 -7.81
CA ALA A 5 -5.28 18.27 -7.55
C ALA A 5 -5.83 19.54 -6.91
N ASP A 6 -7.16 19.70 -6.95
CA ASP A 6 -7.83 20.88 -6.41
C ASP A 6 -7.87 20.97 -4.88
N SER A 7 -7.46 19.92 -4.18
CA SER A 7 -7.45 19.89 -2.72
C SER A 7 -6.49 18.83 -2.20
N PRO A 8 -5.87 19.04 -1.03
CA PRO A 8 -5.06 18.04 -0.36
C PRO A 8 -5.86 16.79 -0.04
N VAL A 9 -7.19 16.90 -0.03
CA VAL A 9 -8.09 15.80 0.26
C VAL A 9 -8.47 14.98 -0.96
N LEU A 10 -8.70 13.68 -0.76
CA LEU A 10 -9.06 12.72 -1.80
C LEU A 10 -10.24 11.89 -1.31
N MET A 11 -11.06 11.38 -2.23
CA MET A 11 -12.28 10.67 -1.87
C MET A 11 -12.42 9.40 -2.71
N VAL A 12 -12.71 8.28 -2.05
CA VAL A 12 -12.80 6.97 -2.69
C VAL A 12 -14.13 6.34 -2.33
N TYR A 13 -14.63 5.44 -3.19
CA TYR A 13 -15.90 4.77 -3.02
C TYR A 13 -15.69 3.37 -3.56
N GLY A 14 -16.62 2.44 -3.26
CA GLY A 14 -16.54 1.07 -3.72
C GLY A 14 -15.82 0.16 -2.71
N LEU A 15 -15.58 0.67 -1.50
CA LEU A 15 -14.94 -0.07 -0.42
C LEU A 15 -15.95 -0.98 0.29
N ASP A 16 -16.91 -1.54 -0.47
CA ASP A 16 -18.06 -2.27 0.07
C ASP A 16 -17.82 -3.73 0.45
N GLN A 17 -16.57 -4.08 0.77
CA GLN A 17 -16.20 -5.44 1.14
C GLN A 17 -15.29 -5.43 2.37
N SER A 18 -15.26 -6.56 3.09
CA SER A 18 -14.55 -6.71 4.35
C SER A 18 -13.02 -6.66 4.18
N LYS A 19 -12.52 -6.74 2.94
CA LYS A 19 -11.10 -6.73 2.67
C LYS A 19 -10.53 -5.31 2.70
N MET A 20 -11.38 -4.29 2.77
CA MET A 20 -10.93 -2.91 2.75
C MET A 20 -10.81 -2.37 4.17
N ASN A 21 -9.80 -1.52 4.41
CA ASN A 21 -9.55 -0.90 5.69
C ASN A 21 -8.69 0.35 5.48
N CYS A 22 -8.80 1.32 6.38
CA CYS A 22 -8.08 2.58 6.23
C CYS A 22 -6.57 2.39 6.14
N ASP A 23 -6.05 1.34 6.79
CA ASP A 23 -4.63 1.03 6.72
C ASP A 23 -4.20 0.47 5.36
N ARG A 24 -5.03 -0.43 4.80
CA ARG A 24 -4.70 -1.10 3.55
C ARG A 24 -4.89 -0.17 2.35
N VAL A 25 -6.01 0.56 2.34
CA VAL A 25 -6.40 1.41 1.23
C VAL A 25 -5.40 2.56 1.14
N PHE A 26 -5.02 3.13 2.29
CA PHE A 26 -4.18 4.30 2.27
C PHE A 26 -2.73 4.00 1.91
N ASN A 27 -2.15 2.91 2.41
CA ASN A 27 -0.76 2.62 2.11
C ASN A 27 -0.64 2.30 0.61
N VAL A 28 -1.68 1.71 0.03
CA VAL A 28 -1.71 1.34 -1.37
C VAL A 28 -1.52 2.60 -2.18
N PHE A 29 -2.41 3.59 -2.09
CA PHE A 29 -2.20 4.83 -2.84
C PHE A 29 -1.16 5.83 -2.32
N CYS A 30 -0.78 5.78 -1.04
CA CYS A 30 0.10 6.81 -0.50
C CYS A 30 1.56 6.50 -0.84
N LEU A 31 1.90 5.25 -1.19
CA LEU A 31 3.28 4.94 -1.57
C LEU A 31 3.70 5.73 -2.81
N TYR A 32 2.73 6.31 -3.52
CA TYR A 32 2.99 7.16 -4.69
C TYR A 32 3.49 8.57 -4.38
N GLY A 33 3.48 8.98 -3.11
CA GLY A 33 3.84 10.33 -2.72
C GLY A 33 3.97 10.48 -1.21
N ASN A 34 3.63 11.67 -0.69
CA ASN A 34 3.71 11.95 0.74
C ASN A 34 2.41 11.56 1.44
N VAL A 35 2.47 11.37 2.77
CA VAL A 35 1.36 10.92 3.59
C VAL A 35 0.84 11.95 4.59
N GLU A 36 -0.44 11.85 4.98
CA GLU A 36 -0.99 12.63 6.08
C GLU A 36 -2.04 11.83 6.87
N LYS A 37 -3.24 11.62 6.31
CA LYS A 37 -4.35 11.01 7.04
C LYS A 37 -5.30 10.22 6.13
N VAL A 38 -6.18 9.43 6.76
CA VAL A 38 -7.24 8.67 6.10
C VAL A 38 -8.37 8.42 7.11
N LYS A 39 -9.62 8.38 6.64
CA LYS A 39 -10.77 8.18 7.50
C LYS A 39 -11.97 7.61 6.75
N PHE A 40 -12.62 6.60 7.31
CA PHE A 40 -13.81 5.98 6.75
C PHE A 40 -15.13 6.70 7.03
N MET A 41 -16.20 6.30 6.34
CA MET A 41 -17.52 6.90 6.52
C MET A 41 -18.60 5.85 6.71
N LYS A 42 -19.38 5.99 7.78
CA LYS A 42 -20.52 5.13 8.07
C LYS A 42 -21.75 5.51 7.25
N SER A 43 -21.69 6.62 6.49
CA SER A 43 -22.81 7.14 5.72
C SER A 43 -22.97 6.44 4.38
N LYS A 44 -22.02 5.59 4.00
CA LYS A 44 -22.02 4.87 2.73
C LYS A 44 -21.69 3.40 2.97
N PRO A 45 -22.08 2.49 2.06
CA PRO A 45 -21.77 1.07 2.16
C PRO A 45 -20.27 0.82 2.01
N GLY A 46 -19.51 1.82 1.54
CA GLY A 46 -18.06 1.72 1.45
C GLY A 46 -17.48 2.96 0.78
N ALA A 47 -16.98 3.90 1.60
CA ALA A 47 -16.36 5.12 1.12
C ALA A 47 -15.42 5.66 2.20
N ALA A 48 -14.45 6.49 1.80
CA ALA A 48 -13.48 7.03 2.74
C ALA A 48 -12.84 8.32 2.22
N MET A 49 -12.46 9.18 3.16
CA MET A 49 -11.73 10.41 2.91
C MET A 49 -10.24 10.14 3.12
N VAL A 50 -9.38 10.88 2.43
CA VAL A 50 -7.93 10.70 2.50
C VAL A 50 -7.29 12.08 2.37
N GLU A 51 -6.09 12.25 2.91
CA GLU A 51 -5.38 13.52 2.80
C GLU A 51 -3.89 13.26 2.60
N MET A 52 -3.28 14.00 1.68
CA MET A 52 -1.87 13.91 1.30
C MET A 52 -1.46 15.19 0.59
N ALA A 53 -0.18 15.31 0.22
CA ALA A 53 0.26 16.41 -0.62
C ALA A 53 -0.44 16.29 -1.97
N ASP A 54 -1.14 17.33 -2.42
CA ASP A 54 -2.04 17.19 -3.55
C ASP A 54 -1.36 17.02 -4.89
N GLY A 55 -0.21 17.66 -5.08
CA GLY A 55 0.52 17.62 -6.33
C GLY A 55 0.82 16.18 -6.73
N TYR A 56 1.91 15.63 -6.20
CA TYR A 56 2.33 14.31 -6.59
C TYR A 56 1.51 13.14 -6.05
N ALA A 57 0.88 13.28 -4.87
CA ALA A 57 0.20 12.14 -4.30
C ALA A 57 -1.24 12.02 -4.79
N VAL A 58 -1.95 13.13 -5.03
CA VAL A 58 -3.34 13.02 -5.46
C VAL A 58 -3.40 12.88 -6.98
N ASP A 59 -2.38 13.39 -7.69
CA ASP A 59 -2.32 13.21 -9.13
C ASP A 59 -2.01 11.75 -9.46
N ARG A 60 -0.97 11.18 -8.86
CA ARG A 60 -0.58 9.80 -9.16
C ARG A 60 -1.67 8.81 -8.76
N ALA A 61 -2.37 9.05 -7.65
CA ALA A 61 -3.44 8.17 -7.23
C ALA A 61 -4.57 8.20 -8.26
N ILE A 62 -4.81 9.37 -8.86
CA ILE A 62 -5.83 9.57 -9.89
C ILE A 62 -5.32 9.09 -11.26
N THR A 63 -4.04 8.75 -11.36
CA THR A 63 -3.47 8.21 -12.59
C THR A 63 -3.30 6.70 -12.63
N HIS A 64 -3.30 6.01 -11.47
CA HIS A 64 -2.94 4.59 -11.46
C HIS A 64 -3.88 3.66 -10.69
N LEU A 65 -4.68 4.16 -9.75
CA LEU A 65 -5.46 3.26 -8.91
C LEU A 65 -6.93 3.66 -8.73
N ASN A 66 -7.28 4.89 -9.08
CA ASN A 66 -8.60 5.44 -8.78
C ASN A 66 -9.75 4.86 -9.57
N ASN A 67 -10.60 3.93 -9.10
CA ASN A 67 -11.44 3.06 -9.96
C ASN A 67 -10.63 1.91 -10.59
N ASN A 68 -9.50 1.53 -10.03
CA ASN A 68 -8.85 0.30 -10.44
C ASN A 68 -9.43 -0.84 -9.59
N PHE A 69 -9.39 -2.07 -10.10
CA PHE A 69 -9.93 -3.23 -9.39
C PHE A 69 -9.07 -3.80 -8.27
N MET A 70 -9.69 -4.22 -7.17
CA MET A 70 -8.99 -4.78 -6.02
C MET A 70 -9.93 -5.69 -5.22
N PHE A 71 -9.45 -6.88 -4.83
CA PHE A 71 -10.24 -7.87 -4.13
C PHE A 71 -11.50 -8.38 -4.83
N GLY A 72 -11.56 -8.22 -6.16
CA GLY A 72 -12.71 -8.66 -6.95
C GLY A 72 -13.77 -7.57 -7.10
N GLN A 73 -13.44 -6.32 -6.70
CA GLN A 73 -14.37 -5.21 -6.75
C GLN A 73 -13.62 -3.91 -7.04
N LYS A 74 -14.29 -2.96 -7.70
CA LYS A 74 -13.67 -1.70 -8.09
C LYS A 74 -13.71 -0.70 -6.94
N MET A 75 -12.72 0.19 -6.86
CA MET A 75 -12.68 1.25 -5.86
C MET A 75 -12.38 2.58 -6.54
N ASN A 76 -13.44 3.31 -6.91
CA ASN A 76 -13.39 4.51 -7.72
C ASN A 76 -12.54 5.60 -7.08
N VAL A 77 -11.59 6.27 -7.77
CA VAL A 77 -11.05 7.46 -7.06
C VAL A 77 -11.12 8.79 -7.82
N CYS A 78 -11.25 9.88 -7.05
CA CYS A 78 -11.36 11.24 -7.53
C CYS A 78 -11.03 12.20 -6.38
N VAL A 79 -10.93 13.50 -6.65
CA VAL A 79 -10.64 14.51 -5.64
C VAL A 79 -11.80 14.76 -4.67
N SER A 80 -11.49 15.04 -3.41
CA SER A 80 -12.49 15.34 -2.39
C SER A 80 -12.85 16.83 -2.42
N LYS A 81 -14.04 17.19 -1.91
CA LYS A 81 -14.46 18.58 -1.84
C LYS A 81 -14.15 19.18 -0.47
N GLN A 82 -13.66 18.35 0.45
CA GLN A 82 -13.35 18.76 1.82
C GLN A 82 -12.02 19.51 1.88
N PRO A 83 -11.85 20.41 2.86
CA PRO A 83 -10.61 21.14 3.05
C PRO A 83 -9.56 20.31 3.78
N ALA A 84 -9.98 19.43 4.71
CA ALA A 84 -9.07 18.60 5.49
C ALA A 84 -9.83 17.52 6.25
N ILE A 85 -9.14 16.46 6.66
CA ILE A 85 -9.71 15.43 7.53
C ILE A 85 -9.74 15.93 8.96
N MET A 86 -10.85 15.70 9.67
CA MET A 86 -10.98 16.07 11.07
C MET A 86 -10.84 14.84 11.97
N PRO A 87 -9.91 14.86 12.93
CA PRO A 87 -9.74 13.82 13.92
C PRO A 87 -10.81 13.93 15.01
N GLY A 88 -10.87 12.96 15.91
CA GLY A 88 -11.78 12.99 17.04
C GLY A 88 -12.60 11.70 17.14
N GLN A 89 -13.88 11.79 16.82
CA GLN A 89 -14.82 10.67 16.91
C GLN A 89 -14.55 9.65 15.80
N SER A 90 -14.89 8.39 16.07
CA SER A 90 -14.68 7.30 15.12
C SER A 90 -15.61 6.13 15.47
N TYR A 91 -15.60 5.09 14.62
CA TYR A 91 -16.41 3.90 14.84
C TYR A 91 -15.58 2.71 14.37
N GLY A 92 -15.97 1.50 14.77
CA GLY A 92 -15.20 0.29 14.48
C GLY A 92 -15.41 -0.22 13.06
N LEU A 93 -14.31 -0.57 12.40
CA LEU A 93 -14.34 -1.18 11.08
C LEU A 93 -14.42 -2.70 11.22
N GLU A 94 -14.75 -3.40 10.13
CA GLU A 94 -14.85 -4.85 10.16
C GLU A 94 -13.47 -5.51 10.24
N ASP A 95 -12.41 -4.78 9.88
CA ASP A 95 -11.04 -5.29 9.91
C ASP A 95 -10.19 -4.42 10.84
N GLY A 96 -10.81 -3.76 11.82
CA GLY A 96 -10.10 -2.88 12.73
C GLY A 96 -10.96 -2.48 13.93
N SER A 97 -10.59 -1.38 14.59
CA SER A 97 -11.32 -0.89 15.75
C SER A 97 -11.58 0.62 15.67
N CYS A 98 -10.85 1.34 14.80
CA CYS A 98 -11.04 2.76 14.60
C CYS A 98 -11.22 3.05 13.11
N SER A 99 -12.10 4.02 12.78
CA SER A 99 -12.35 4.43 11.41
C SER A 99 -11.36 5.49 10.94
N TYR A 100 -10.41 5.87 11.79
CA TYR A 100 -9.41 6.88 11.49
C TYR A 100 -7.97 6.49 11.74
N LYS A 101 -7.05 6.98 10.91
CA LYS A 101 -5.63 6.66 11.01
C LYS A 101 -4.80 7.80 10.43
N ASP A 102 -3.60 7.98 10.96
CA ASP A 102 -2.66 9.00 10.51
C ASP A 102 -1.26 8.46 10.25
N PHE A 103 -0.62 8.95 9.19
CA PHE A 103 0.72 8.51 8.80
C PHE A 103 1.84 9.52 8.96
N SER A 104 1.51 10.74 9.40
CA SER A 104 2.50 11.78 9.66
C SER A 104 3.25 11.47 10.94
N GLU A 105 2.61 10.72 11.86
CA GLU A 105 3.22 10.24 13.08
C GLU A 105 4.05 8.98 12.83
N SER A 106 4.36 8.70 11.55
CA SER A 106 5.11 7.52 11.15
C SER A 106 6.15 7.88 10.10
N ARG A 107 7.05 6.94 9.79
CA ARG A 107 8.14 7.16 8.85
C ARG A 107 7.90 6.45 7.52
N ASN A 108 6.72 5.87 7.35
CA ASN A 108 6.37 5.12 6.14
C ASN A 108 6.39 6.00 4.89
N ASN A 109 6.33 7.33 5.07
CA ASN A 109 6.30 8.29 3.97
C ASN A 109 7.53 8.16 3.08
N ARG A 110 7.31 7.82 1.81
CA ARG A 110 8.41 7.56 0.89
C ARG A 110 9.00 8.83 0.30
N PHE A 111 8.18 9.86 0.10
CA PHE A 111 8.61 11.11 -0.51
C PHE A 111 8.94 12.27 0.41
N SER A 112 8.89 12.05 1.73
CA SER A 112 9.04 13.11 2.71
C SER A 112 10.48 13.39 3.10
N THR A 113 11.46 12.77 2.43
CA THR A 113 12.87 13.01 2.69
C THR A 113 13.72 13.24 1.44
N PRO A 114 14.73 14.12 1.51
CA PRO A 114 15.58 14.45 0.37
C PRO A 114 16.40 13.25 -0.09
N GLU A 115 16.75 12.34 0.84
CA GLU A 115 17.57 11.20 0.50
C GLU A 115 16.74 10.08 -0.14
N GLN A 116 15.44 10.01 0.17
CA GLN A 116 14.56 9.04 -0.48
C GLN A 116 14.10 9.54 -1.84
N ALA A 117 13.74 10.82 -1.93
CA ALA A 117 13.21 11.39 -3.16
C ALA A 117 14.23 11.33 -4.31
N ALA A 118 15.52 11.12 -3.99
CA ALA A 118 16.56 11.02 -4.98
C ALA A 118 16.65 9.62 -5.61
N LYS A 119 16.14 8.59 -4.91
CA LYS A 119 16.20 7.21 -5.39
C LYS A 119 14.83 6.54 -5.48
N ASN A 120 13.73 7.27 -5.22
CA ASN A 120 12.39 6.71 -5.33
C ASN A 120 12.07 6.30 -6.77
N ARG A 121 11.15 5.34 -6.91
CA ARG A 121 10.82 4.75 -8.21
C ARG A 121 9.32 4.46 -8.25
N ILE A 122 8.64 4.98 -9.27
CA ILE A 122 7.20 4.82 -9.47
C ILE A 122 6.93 4.81 -10.98
N GLN A 123 6.29 3.75 -11.48
CA GLN A 123 5.96 3.66 -12.90
C GLN A 123 4.87 2.60 -13.13
N HIS A 124 3.62 3.07 -13.24
CA HIS A 124 2.39 2.30 -13.48
C HIS A 124 2.16 1.14 -12.49
N PRO A 125 0.90 0.73 -12.31
CA PRO A 125 0.53 -0.40 -11.46
C PRO A 125 0.87 -1.71 -12.17
N SER A 126 2.16 -2.05 -12.20
CA SER A 126 2.64 -3.29 -12.82
C SER A 126 2.12 -4.51 -12.07
N ASN A 127 2.14 -5.68 -12.72
CA ASN A 127 1.76 -6.92 -12.04
C ASN A 127 2.98 -7.46 -11.27
N VAL A 128 4.14 -6.83 -11.48
CA VAL A 128 5.36 -7.12 -10.75
C VAL A 128 5.40 -6.32 -9.44
N LEU A 129 6.03 -6.88 -8.40
CA LEU A 129 6.11 -6.23 -7.10
C LEU A 129 7.53 -6.38 -6.55
N HIS A 130 7.96 -5.43 -5.72
CA HIS A 130 9.29 -5.41 -5.13
C HIS A 130 9.16 -5.38 -3.62
N PHE A 131 10.09 -6.01 -2.89
CA PHE A 131 10.02 -6.04 -1.45
C PHE A 131 11.42 -5.87 -0.88
N PHE A 132 11.47 -5.38 0.36
CA PHE A 132 12.70 -5.03 1.06
C PHE A 132 12.39 -5.29 2.54
N ASN A 133 13.44 -5.38 3.37
CA ASN A 133 13.33 -5.77 4.76
C ASN A 133 12.76 -7.17 4.93
N ALA A 134 13.42 -8.17 4.32
CA ALA A 134 13.01 -9.56 4.46
C ALA A 134 14.23 -10.46 4.65
N PRO A 135 14.17 -11.44 5.57
CA PRO A 135 15.20 -12.44 5.76
C PRO A 135 15.60 -13.13 4.45
N LEU A 136 16.79 -13.74 4.47
CA LEU A 136 17.43 -14.33 3.31
C LEU A 136 16.71 -15.58 2.78
N GLU A 137 15.83 -16.19 3.58
CA GLU A 137 15.23 -17.48 3.25
C GLU A 137 13.71 -17.45 3.17
N VAL A 138 13.11 -16.27 3.00
CA VAL A 138 11.65 -16.14 2.93
C VAL A 138 11.05 -16.68 1.62
N THR A 139 11.86 -17.30 0.76
CA THR A 139 11.48 -17.64 -0.61
C THR A 139 10.20 -18.46 -0.71
N GLU A 140 9.77 -18.89 -1.89
CA GLU A 140 8.48 -19.53 -2.14
C GLU A 140 7.84 -20.22 -0.92
N GLU A 141 8.62 -20.86 -0.05
CA GLU A 141 8.14 -21.36 1.22
C GLU A 141 7.50 -20.29 2.12
N ASN A 142 8.10 -19.11 2.39
CA ASN A 142 7.46 -18.22 3.34
C ASN A 142 6.43 -17.42 2.55
N PHE A 143 6.66 -17.25 1.25
CA PHE A 143 5.67 -16.58 0.43
C PHE A 143 4.35 -17.32 0.28
N PHE A 144 4.41 -18.64 0.16
CA PHE A 144 3.21 -19.44 0.03
C PHE A 144 2.40 -19.61 1.32
N GLU A 145 3.06 -19.84 2.45
CA GLU A 145 2.33 -20.06 3.70
C GLU A 145 1.76 -18.75 4.23
N ILE A 146 2.35 -17.61 3.88
CA ILE A 146 1.82 -16.31 4.28
C ILE A 146 0.57 -15.99 3.47
N CYS A 147 0.57 -16.31 2.17
CA CYS A 147 -0.60 -16.06 1.34
C CYS A 147 -1.76 -16.95 1.77
N ASP A 148 -1.48 -18.19 2.17
CA ASP A 148 -2.51 -19.12 2.62
C ASP A 148 -3.14 -18.74 3.96
N GLU A 149 -2.37 -18.07 4.82
CA GLU A 149 -2.86 -17.65 6.13
C GLU A 149 -3.77 -16.43 6.01
N LEU A 150 -3.57 -15.61 4.97
CA LEU A 150 -4.34 -14.40 4.76
C LEU A 150 -5.50 -14.63 3.79
N GLY A 151 -5.57 -15.82 3.19
CA GLY A 151 -6.64 -16.20 2.28
C GLY A 151 -6.50 -15.57 0.89
N VAL A 152 -5.56 -14.65 0.71
CA VAL A 152 -5.29 -14.04 -0.59
C VAL A 152 -4.50 -14.97 -1.52
N LYS A 153 -4.62 -14.78 -2.84
CA LYS A 153 -4.01 -15.70 -3.79
C LYS A 153 -2.49 -15.62 -3.77
N ARG A 154 -1.85 -16.75 -4.09
CA ARG A 154 -0.40 -16.87 -4.18
C ARG A 154 0.15 -16.12 -5.40
N PRO A 155 1.42 -15.70 -5.36
CA PRO A 155 2.09 -15.08 -6.49
C PRO A 155 2.36 -16.10 -7.59
N THR A 156 2.47 -15.61 -8.83
CA THR A 156 2.77 -16.44 -9.99
C THR A 156 4.27 -16.63 -10.25
N SER A 157 5.10 -15.72 -9.71
CA SER A 157 6.54 -15.85 -9.84
C SER A 157 7.26 -15.14 -8.68
N VAL A 158 8.55 -15.45 -8.48
CA VAL A 158 9.34 -14.91 -7.38
C VAL A 158 10.82 -15.05 -7.70
N LYS A 159 11.62 -14.09 -7.23
CA LYS A 159 13.07 -14.15 -7.25
C LYS A 159 13.61 -13.50 -5.98
N VAL A 160 14.62 -14.12 -5.36
CA VAL A 160 15.24 -13.64 -4.14
C VAL A 160 16.76 -13.73 -4.23
N PHE A 161 17.45 -12.78 -3.58
CA PHE A 161 18.89 -12.65 -3.70
C PHE A 161 19.59 -11.96 -2.53
N SER A 162 20.92 -11.93 -2.56
CA SER A 162 21.70 -11.26 -1.53
C SER A 162 21.40 -9.77 -1.51
N GLY A 163 21.20 -9.23 -0.31
CA GLY A 163 20.79 -7.85 -0.12
C GLY A 163 21.91 -6.86 -0.45
N LYS A 164 21.52 -5.60 -0.62
CA LYS A 164 22.42 -4.49 -0.90
C LYS A 164 23.09 -3.97 0.38
N SER A 165 22.97 -4.74 1.48
CA SER A 165 23.49 -4.37 2.79
C SER A 165 23.71 -5.66 3.60
N GLU A 166 24.04 -5.53 4.88
CA GLU A 166 24.19 -6.67 5.77
C GLU A 166 22.89 -6.85 6.55
N ARG A 167 21.97 -5.88 6.41
CA ARG A 167 20.63 -5.97 6.96
C ARG A 167 19.69 -6.63 5.95
N SER A 168 19.25 -7.84 6.28
CA SER A 168 18.25 -8.58 5.50
C SER A 168 18.60 -8.69 4.01
N SER A 169 17.60 -9.03 3.20
CA SER A 169 17.73 -9.19 1.76
C SER A 169 16.50 -8.63 1.04
N SER A 170 16.52 -8.70 -0.30
CA SER A 170 15.46 -8.14 -1.14
C SER A 170 15.10 -9.09 -2.28
N GLY A 171 14.00 -8.81 -2.98
CA GLY A 171 13.58 -9.65 -4.08
C GLY A 171 12.37 -9.08 -4.82
N LEU A 172 11.93 -9.80 -5.86
CA LEU A 172 10.81 -9.42 -6.70
C LEU A 172 9.75 -10.51 -6.68
N LEU A 173 8.50 -10.13 -7.02
CA LEU A 173 7.34 -11.01 -7.04
C LEU A 173 6.47 -10.66 -8.24
N GLU A 174 5.51 -11.53 -8.58
CA GLU A 174 4.63 -11.30 -9.71
C GLU A 174 3.30 -12.02 -9.51
N TRP A 175 2.23 -11.46 -10.09
CA TRP A 175 0.89 -12.04 -10.11
C TRP A 175 0.30 -12.05 -11.51
N ASP A 176 -0.78 -12.81 -11.71
CA ASP A 176 -1.43 -12.92 -13.01
C ASP A 176 -2.14 -11.67 -13.52
N SER A 177 -2.23 -10.63 -12.68
CA SER A 177 -2.89 -9.38 -13.03
C SER A 177 -2.44 -8.25 -12.12
N LYS A 178 -2.66 -7.00 -12.56
CA LYS A 178 -2.30 -5.84 -11.77
C LYS A 178 -3.20 -5.75 -10.54
N SER A 179 -4.42 -6.28 -10.62
CA SER A 179 -5.34 -6.29 -9.50
C SER A 179 -4.96 -7.37 -8.48
N ASP A 180 -4.29 -8.42 -8.94
CA ASP A 180 -3.81 -9.49 -8.08
C ASP A 180 -2.61 -9.05 -7.23
N ALA A 181 -1.73 -8.23 -7.82
CA ALA A 181 -0.60 -7.68 -7.09
C ALA A 181 -1.06 -6.54 -6.20
N LEU A 182 -2.18 -5.89 -6.55
CA LEU A 182 -2.71 -4.77 -5.80
C LEU A 182 -3.44 -5.22 -4.54
N GLU A 183 -4.17 -6.34 -4.60
CA GLU A 183 -4.87 -6.84 -3.43
C GLU A 183 -3.86 -7.45 -2.46
N THR A 184 -2.87 -8.16 -2.98
CA THR A 184 -1.81 -8.71 -2.15
C THR A 184 -0.91 -7.64 -1.55
N LEU A 185 -0.83 -6.47 -2.19
CA LEU A 185 -0.14 -5.32 -1.65
C LEU A 185 -0.93 -4.78 -0.45
N GLY A 186 -2.26 -4.89 -0.51
CA GLY A 186 -3.12 -4.45 0.59
C GLY A 186 -2.99 -5.37 1.80
N PHE A 187 -2.62 -6.63 1.58
CA PHE A 187 -2.41 -7.58 2.67
C PHE A 187 -0.99 -7.89 3.12
N LEU A 188 0.04 -7.37 2.44
CA LEU A 188 1.42 -7.66 2.84
C LEU A 188 2.26 -6.41 3.11
N ASN A 189 1.79 -5.20 2.80
CA ASN A 189 2.61 -4.03 3.05
C ASN A 189 2.65 -3.76 4.55
N HIS A 190 3.84 -3.38 5.06
CA HIS A 190 4.09 -3.11 6.47
C HIS A 190 3.73 -4.29 7.37
N TYR A 191 3.59 -5.49 6.80
CA TYR A 191 3.26 -6.69 7.55
C TYR A 191 4.38 -7.20 8.47
N GLN A 192 4.03 -7.64 9.68
CA GLN A 192 5.01 -8.10 10.65
C GLN A 192 5.56 -9.47 10.27
N MET A 193 6.90 -9.61 10.25
CA MET A 193 7.53 -10.88 9.93
C MET A 193 7.63 -11.77 11.16
N LYS A 194 7.65 -13.09 10.95
CA LYS A 194 7.77 -14.05 12.03
C LYS A 194 9.19 -14.09 12.59
N ASN A 195 10.15 -13.54 11.83
CA ASN A 195 11.55 -13.42 12.18
C ASN A 195 12.08 -14.68 12.88
N PRO A 196 12.42 -15.72 12.12
CA PRO A 196 12.91 -17.00 12.64
C PRO A 196 14.35 -16.90 13.15
N ASN A 197 14.90 -15.69 13.25
CA ASN A 197 16.29 -15.48 13.64
C ASN A 197 16.46 -14.28 14.58
N GLY A 198 15.39 -13.86 15.28
CA GLY A 198 15.47 -12.76 16.21
C GLY A 198 14.36 -12.78 17.26
N PRO A 199 14.57 -12.08 18.38
CA PRO A 199 13.66 -12.05 19.52
C PRO A 199 12.41 -11.19 19.26
N TYR A 200 12.45 -10.33 18.24
CA TYR A 200 11.32 -9.48 17.88
C TYR A 200 11.13 -9.24 16.38
N PRO A 201 9.89 -9.04 15.92
CA PRO A 201 9.57 -8.89 14.51
C PRO A 201 10.04 -7.53 13.96
N TYR A 202 10.23 -7.48 12.64
CA TYR A 202 10.54 -6.26 11.91
C TYR A 202 9.53 -6.28 10.77
N THR A 203 9.00 -5.11 10.39
CA THR A 203 8.03 -5.03 9.31
C THR A 203 8.60 -5.22 7.90
N LEU A 204 7.87 -5.98 7.08
CA LEU A 204 8.18 -6.23 5.68
C LEU A 204 7.55 -5.10 4.86
N LYS A 205 8.27 -4.57 3.85
CA LYS A 205 7.70 -3.50 3.03
C LYS A 205 7.80 -3.86 1.56
N LEU A 206 6.81 -3.42 0.77
CA LEU A 206 6.78 -3.69 -0.66
C LEU A 206 5.92 -2.66 -1.39
N CYS A 207 6.12 -2.56 -2.71
CA CYS A 207 5.44 -1.61 -3.56
C CYS A 207 5.58 -2.03 -5.04
N PHE A 208 4.87 -1.35 -5.94
CA PHE A 208 4.91 -1.64 -7.36
C PHE A 208 6.31 -1.63 -7.97
N SER A 209 6.73 -2.74 -8.57
CA SER A 209 8.11 -2.89 -9.01
C SER A 209 8.38 -2.17 -10.34
N THR A 210 9.64 -1.77 -10.51
CA THR A 210 10.15 -1.24 -11.78
C THR A 210 11.29 -2.06 -12.39
N ALA A 211 11.53 -3.26 -11.83
CA ALA A 211 12.60 -4.14 -12.26
C ALA A 211 12.41 -4.61 -13.70
N GLN A 212 13.50 -5.11 -14.29
CA GLN A 212 13.55 -5.51 -15.70
C GLN A 212 13.01 -6.92 -15.93
N HIS A 213 12.41 -7.55 -14.91
CA HIS A 213 12.05 -8.95 -14.98
C HIS A 213 10.98 -9.30 -13.95
N ALA A 214 10.55 -10.57 -13.96
CA ALA A 214 9.70 -11.16 -12.94
C ALA A 214 10.13 -12.61 -12.69
N SER A 215 11.29 -13.02 -13.20
CA SER A 215 11.79 -14.38 -13.11
C SER A 215 13.30 -14.40 -13.23
N TYR A 1 8.42 17.90 -12.84
CA TYR A 1 7.25 18.75 -13.07
C TYR A 1 5.97 18.02 -13.43
N GLY A 2 4.82 18.56 -13.01
CA GLY A 2 3.52 17.97 -13.32
C GLY A 2 2.39 18.82 -12.73
N PRO A 3 1.14 18.46 -13.06
CA PRO A 3 -0.06 19.12 -12.56
C PRO A 3 -0.28 18.82 -11.08
N HIS A 4 -1.30 19.43 -10.48
CA HIS A 4 -1.63 19.23 -9.08
C HIS A 4 -3.14 19.33 -8.85
N ALA A 5 -3.62 18.67 -7.80
CA ALA A 5 -5.03 18.68 -7.44
C ALA A 5 -5.42 19.99 -6.78
N ASP A 6 -6.72 20.31 -6.80
CA ASP A 6 -7.25 21.53 -6.20
C ASP A 6 -7.49 21.47 -4.69
N SER A 7 -7.16 20.34 -4.07
CA SER A 7 -7.33 20.16 -2.63
C SER A 7 -6.41 19.05 -2.13
N PRO A 8 -5.88 19.18 -0.89
CA PRO A 8 -5.08 18.15 -0.25
C PRO A 8 -5.94 16.94 0.10
N VAL A 9 -7.26 17.10 0.07
CA VAL A 9 -8.20 16.03 0.37
C VAL A 9 -8.57 15.22 -0.87
N LEU A 10 -8.86 13.93 -0.67
CA LEU A 10 -9.23 13.00 -1.73
C LEU A 10 -10.37 12.11 -1.22
N MET A 11 -11.18 11.56 -2.13
CA MET A 11 -12.36 10.80 -1.74
C MET A 11 -12.51 9.55 -2.63
N VAL A 12 -12.78 8.41 -1.99
CA VAL A 12 -12.86 7.12 -2.66
C VAL A 12 -14.18 6.45 -2.30
N TYR A 13 -14.68 5.59 -3.19
CA TYR A 13 -15.94 4.89 -3.00
C TYR A 13 -15.70 3.46 -3.49
N GLY A 14 -16.62 2.55 -3.17
CA GLY A 14 -16.55 1.16 -3.60
C GLY A 14 -15.81 0.27 -2.59
N LEU A 15 -15.51 0.80 -1.40
CA LEU A 15 -14.78 0.08 -0.36
C LEU A 15 -15.67 -0.91 0.40
N ASP A 16 -16.74 -1.40 -0.24
CA ASP A 16 -17.73 -2.27 0.41
C ASP A 16 -17.21 -3.66 0.78
N GLN A 17 -16.07 -4.08 0.24
CA GLN A 17 -15.53 -5.41 0.50
C GLN A 17 -14.96 -5.53 1.91
N SER A 18 -14.92 -6.76 2.41
CA SER A 18 -14.35 -7.09 3.71
C SER A 18 -12.83 -6.91 3.70
N LYS A 19 -12.26 -6.68 2.52
CA LYS A 19 -10.81 -6.61 2.32
C LYS A 19 -10.32 -5.17 2.35
N MET A 20 -11.20 -4.22 2.66
CA MET A 20 -10.84 -2.81 2.67
C MET A 20 -10.74 -2.30 4.11
N ASN A 21 -9.73 -1.50 4.39
CA ASN A 21 -9.49 -0.94 5.72
C ASN A 21 -8.59 0.29 5.61
N CYS A 22 -8.64 1.17 6.61
CA CYS A 22 -7.87 2.41 6.61
C CYS A 22 -6.39 2.16 6.32
N ASP A 23 -5.82 1.12 6.92
CA ASP A 23 -4.40 0.83 6.76
C ASP A 23 -4.06 0.29 5.36
N ARG A 24 -4.95 -0.52 4.78
CA ARG A 24 -4.66 -1.17 3.50
C ARG A 24 -4.80 -0.20 2.34
N VAL A 25 -5.89 0.57 2.33
CA VAL A 25 -6.20 1.45 1.22
C VAL A 25 -5.20 2.61 1.20
N PHE A 26 -4.87 3.13 2.39
CA PHE A 26 -4.11 4.35 2.48
C PHE A 26 -2.63 4.03 2.21
N ASN A 27 -2.13 2.84 2.55
CA ASN A 27 -0.73 2.55 2.27
C ASN A 27 -0.54 2.28 0.78
N VAL A 28 -1.57 1.73 0.12
CA VAL A 28 -1.50 1.38 -1.30
C VAL A 28 -1.24 2.68 -2.05
N PHE A 29 -2.09 3.70 -1.88
CA PHE A 29 -1.80 4.99 -2.50
C PHE A 29 -0.75 5.87 -1.82
N CYS A 30 -0.21 5.44 -0.67
CA CYS A 30 0.83 6.18 0.03
C CYS A 30 2.18 6.01 -0.67
N LEU A 31 2.45 4.83 -1.24
CA LEU A 31 3.71 4.59 -1.92
C LEU A 31 3.90 5.53 -3.11
N TYR A 32 2.83 6.20 -3.56
CA TYR A 32 2.88 7.15 -4.66
C TYR A 32 3.37 8.57 -4.31
N GLY A 33 3.57 8.88 -3.04
CA GLY A 33 3.93 10.23 -2.63
C GLY A 33 4.11 10.33 -1.11
N ASN A 34 3.48 11.34 -0.52
CA ASN A 34 3.54 11.59 0.92
C ASN A 34 2.13 11.92 1.41
N VAL A 35 1.65 11.16 2.40
CA VAL A 35 0.30 11.25 2.93
C VAL A 35 0.21 11.74 4.38
N GLU A 36 -0.98 12.13 4.82
CA GLU A 36 -1.19 12.60 6.18
C GLU A 36 -2.16 11.73 6.97
N LYS A 37 -3.43 11.62 6.52
CA LYS A 37 -4.45 10.88 7.28
C LYS A 37 -5.57 10.34 6.39
N VAL A 38 -6.38 9.43 6.94
CA VAL A 38 -7.46 8.75 6.24
C VAL A 38 -8.62 8.50 7.21
N LYS A 39 -9.86 8.43 6.68
CA LYS A 39 -11.04 8.21 7.51
C LYS A 39 -12.18 7.59 6.71
N PHE A 40 -12.79 6.54 7.25
CA PHE A 40 -13.90 5.82 6.62
C PHE A 40 -15.30 6.42 6.78
N MET A 41 -16.24 5.97 5.96
CA MET A 41 -17.62 6.44 5.98
C MET A 41 -18.57 5.41 6.56
N LYS A 42 -19.26 5.78 7.65
CA LYS A 42 -20.35 5.00 8.22
C LYS A 42 -21.65 5.23 7.45
N SER A 43 -21.73 6.33 6.68
CA SER A 43 -22.95 6.71 5.96
C SER A 43 -23.10 5.95 4.64
N LYS A 44 -21.99 5.40 4.13
CA LYS A 44 -21.97 4.72 2.83
C LYS A 44 -21.65 3.24 3.03
N PRO A 45 -22.00 2.38 2.07
CA PRO A 45 -21.68 0.96 2.12
C PRO A 45 -20.18 0.74 2.03
N GLY A 46 -19.44 1.74 1.54
CA GLY A 46 -17.98 1.69 1.46
C GLY A 46 -17.43 2.93 0.79
N ALA A 47 -16.88 3.84 1.57
CA ALA A 47 -16.27 5.07 1.09
C ALA A 47 -15.34 5.63 2.16
N ALA A 48 -14.42 6.53 1.78
CA ALA A 48 -13.49 7.10 2.73
C ALA A 48 -12.89 8.42 2.24
N MET A 49 -12.61 9.32 3.17
CA MET A 49 -11.86 10.53 2.92
C MET A 49 -10.38 10.27 3.13
N VAL A 50 -9.54 11.03 2.44
CA VAL A 50 -8.09 10.91 2.51
C VAL A 50 -7.44 12.29 2.47
N GLU A 51 -6.26 12.45 3.05
CA GLU A 51 -5.53 13.71 2.97
C GLU A 51 -4.06 13.44 2.69
N MET A 52 -3.51 14.14 1.68
CA MET A 52 -2.19 13.86 1.15
C MET A 52 -1.59 15.14 0.60
N ALA A 53 -0.31 15.13 0.22
CA ALA A 53 0.27 16.24 -0.52
C ALA A 53 -0.44 16.30 -1.87
N ASP A 54 -1.04 17.42 -2.22
CA ASP A 54 -1.94 17.39 -3.37
C ASP A 54 -1.25 17.28 -4.71
N GLY A 55 -0.06 17.87 -4.83
CA GLY A 55 0.67 17.89 -6.08
C GLY A 55 0.92 16.48 -6.57
N TYR A 56 2.03 15.89 -6.12
CA TYR A 56 2.40 14.57 -6.59
C TYR A 56 1.55 13.40 -6.09
N ALA A 57 0.94 13.52 -4.91
CA ALA A 57 0.24 12.37 -4.36
C ALA A 57 -1.22 12.30 -4.80
N VAL A 58 -1.91 13.44 -4.97
CA VAL A 58 -3.31 13.34 -5.39
C VAL A 58 -3.37 13.25 -6.91
N ASP A 59 -2.35 13.75 -7.61
CA ASP A 59 -2.26 13.57 -9.05
C ASP A 59 -2.03 12.11 -9.42
N ARG A 60 -1.03 11.47 -8.79
CA ARG A 60 -0.68 10.09 -9.13
C ARG A 60 -1.79 9.10 -8.79
N ALA A 61 -2.48 9.28 -7.66
CA ALA A 61 -3.55 8.37 -7.30
C ALA A 61 -4.70 8.51 -8.30
N ILE A 62 -4.98 9.73 -8.75
CA ILE A 62 -6.04 10.01 -9.73
C ILE A 62 -5.59 9.64 -11.16
N THR A 63 -4.31 9.31 -11.34
CA THR A 63 -3.78 8.89 -12.63
C THR A 63 -3.56 7.38 -12.73
N HIS A 64 -3.55 6.65 -11.61
CA HIS A 64 -3.13 5.24 -11.66
C HIS A 64 -4.02 4.23 -10.94
N LEU A 65 -4.81 4.62 -9.92
CA LEU A 65 -5.55 3.64 -9.13
C LEU A 65 -7.01 4.02 -8.89
N ASN A 66 -7.39 5.25 -9.20
CA ASN A 66 -8.69 5.79 -8.82
C ASN A 66 -9.90 5.23 -9.58
N ASN A 67 -10.72 4.31 -9.10
CA ASN A 67 -11.63 3.50 -9.94
C ASN A 67 -10.92 2.36 -10.69
N ASN A 68 -9.75 1.92 -10.20
CA ASN A 68 -9.16 0.67 -10.69
C ASN A 68 -9.79 -0.49 -9.91
N PHE A 69 -9.66 -1.72 -10.43
CA PHE A 69 -10.15 -2.91 -9.74
C PHE A 69 -9.25 -3.46 -8.65
N MET A 70 -9.83 -3.88 -7.52
CA MET A 70 -9.10 -4.45 -6.40
C MET A 70 -10.01 -5.38 -5.61
N PHE A 71 -9.50 -6.54 -5.19
CA PHE A 71 -10.33 -7.52 -4.48
C PHE A 71 -11.58 -8.02 -5.20
N GLY A 72 -11.60 -7.90 -6.54
CA GLY A 72 -12.71 -8.35 -7.36
C GLY A 72 -13.76 -7.27 -7.59
N GLN A 73 -13.51 -6.03 -7.16
CA GLN A 73 -14.46 -4.95 -7.30
C GLN A 73 -13.73 -3.61 -7.46
N LYS A 74 -14.39 -2.65 -8.09
CA LYS A 74 -13.81 -1.34 -8.36
C LYS A 74 -13.74 -0.48 -7.10
N MET A 75 -12.71 0.35 -7.00
CA MET A 75 -12.53 1.32 -5.92
C MET A 75 -12.34 2.71 -6.53
N ASN A 76 -13.47 3.36 -6.82
CA ASN A 76 -13.56 4.61 -7.57
C ASN A 76 -12.69 5.72 -6.96
N VAL A 77 -11.80 6.43 -7.70
CA VAL A 77 -11.27 7.63 -7.01
C VAL A 77 -11.39 8.95 -7.76
N CYS A 78 -11.55 10.03 -6.99
CA CYS A 78 -11.69 11.39 -7.45
C CYS A 78 -11.34 12.33 -6.29
N VAL A 79 -11.23 13.63 -6.55
CA VAL A 79 -10.88 14.60 -5.51
C VAL A 79 -12.03 14.87 -4.52
N SER A 80 -11.68 15.18 -3.27
CA SER A 80 -12.64 15.52 -2.24
C SER A 80 -13.03 16.99 -2.31
N LYS A 81 -14.09 17.40 -1.62
CA LYS A 81 -14.50 18.79 -1.57
C LYS A 81 -14.54 19.33 -0.14
N GLN A 82 -13.99 18.56 0.81
CA GLN A 82 -13.81 19.01 2.19
C GLN A 82 -12.51 19.79 2.33
N PRO A 83 -12.42 20.71 3.30
CA PRO A 83 -11.22 21.49 3.56
C PRO A 83 -10.06 20.61 4.03
N ALA A 84 -10.32 19.73 5.00
CA ALA A 84 -9.33 18.83 5.57
C ALA A 84 -10.03 17.79 6.46
N ILE A 85 -9.36 16.67 6.74
CA ILE A 85 -9.88 15.67 7.66
C ILE A 85 -9.66 16.15 9.09
N MET A 86 -10.61 15.88 9.99
CA MET A 86 -10.46 16.18 11.40
C MET A 86 -10.41 14.91 12.24
N PRO A 87 -9.45 14.81 13.18
CA PRO A 87 -9.36 13.71 14.12
C PRO A 87 -10.46 13.86 15.18
N GLY A 88 -10.77 12.77 15.89
CA GLY A 88 -11.81 12.82 16.91
C GLY A 88 -12.34 11.43 17.23
N GLN A 89 -13.67 11.31 17.27
CA GLN A 89 -14.34 10.07 17.60
C GLN A 89 -14.20 9.08 16.43
N SER A 90 -14.42 7.79 16.70
CA SER A 90 -14.31 6.73 15.71
C SER A 90 -15.28 5.60 16.03
N TYR A 91 -15.46 4.66 15.09
CA TYR A 91 -16.39 3.56 15.27
C TYR A 91 -15.77 2.18 14.98
N GLY A 92 -14.50 2.15 14.58
CA GLY A 92 -13.81 0.91 14.25
C GLY A 92 -14.24 0.36 12.89
N LEU A 93 -13.66 -0.78 12.51
CA LEU A 93 -13.95 -1.45 11.24
C LEU A 93 -13.91 -2.96 11.45
N GLU A 94 -14.53 -3.73 10.55
CA GLU A 94 -14.57 -5.18 10.64
C GLU A 94 -13.24 -5.81 10.21
N ASP A 95 -12.33 -5.01 9.64
CA ASP A 95 -11.02 -5.47 9.20
C ASP A 95 -9.91 -4.70 9.93
N GLY A 96 -10.23 -4.19 11.13
CA GLY A 96 -9.30 -3.41 11.93
C GLY A 96 -9.91 -3.10 13.30
N SER A 97 -9.47 -1.99 13.91
CA SER A 97 -10.00 -1.56 15.21
C SER A 97 -10.34 -0.07 15.21
N CYS A 98 -9.89 0.68 14.19
CA CYS A 98 -10.16 2.11 14.08
C CYS A 98 -10.76 2.46 12.71
N SER A 99 -11.57 3.53 12.68
CA SER A 99 -12.14 4.05 11.44
C SER A 99 -11.35 5.27 10.96
N TYR A 100 -10.25 5.58 11.65
CA TYR A 100 -9.33 6.66 11.33
C TYR A 100 -7.87 6.32 11.57
N LYS A 101 -6.95 6.88 10.78
CA LYS A 101 -5.54 6.54 10.88
C LYS A 101 -4.65 7.71 10.47
N ASP A 102 -3.41 7.71 10.96
CA ASP A 102 -2.43 8.77 10.74
C ASP A 102 -1.09 8.27 10.21
N PHE A 103 -0.53 8.97 9.22
CA PHE A 103 0.75 8.67 8.59
C PHE A 103 1.73 9.83 8.49
N SER A 104 1.32 11.01 8.94
CA SER A 104 2.11 12.23 8.81
C SER A 104 3.38 12.17 9.67
N GLU A 105 3.32 11.47 10.80
CA GLU A 105 4.46 11.33 11.70
C GLU A 105 5.28 10.09 11.36
N SER A 106 4.84 9.30 10.37
CA SER A 106 5.49 8.05 10.00
C SER A 106 6.45 8.24 8.82
N ARG A 107 7.50 7.40 8.77
CA ARG A 107 8.45 7.41 7.66
C ARG A 107 8.02 6.43 6.56
N ASN A 108 6.84 5.82 6.69
CA ASN A 108 6.33 4.87 5.71
C ASN A 108 6.14 5.53 4.33
N ASN A 109 6.00 6.86 4.31
CA ASN A 109 5.83 7.61 3.07
C ASN A 109 7.05 7.42 2.17
N ARG A 110 6.83 7.22 0.86
CA ARG A 110 7.94 6.94 -0.04
C ARG A 110 8.79 8.18 -0.27
N PHE A 111 8.20 9.36 -0.09
CA PHE A 111 8.87 10.66 -0.19
C PHE A 111 9.30 11.28 1.14
N SER A 112 9.36 10.47 2.21
CA SER A 112 9.55 10.94 3.57
C SER A 112 10.86 11.69 3.79
N THR A 113 11.88 11.48 2.95
CA THR A 113 13.16 12.16 3.07
C THR A 113 13.78 12.58 1.74
N PRO A 114 14.68 13.58 1.75
CA PRO A 114 15.40 14.00 0.56
C PRO A 114 16.28 12.88 0.01
N GLU A 115 16.66 11.92 0.87
CA GLU A 115 17.49 10.79 0.48
C GLU A 115 16.62 9.72 -0.19
N GLN A 116 15.36 9.60 0.24
CA GLN A 116 14.42 8.68 -0.37
C GLN A 116 13.91 9.24 -1.69
N ALA A 117 13.87 10.57 -1.82
CA ALA A 117 13.48 11.23 -3.06
C ALA A 117 14.58 11.12 -4.11
N ALA A 118 15.82 10.86 -3.68
CA ALA A 118 16.96 10.73 -4.58
C ALA A 118 17.04 9.32 -5.19
N LYS A 119 16.28 8.37 -4.64
CA LYS A 119 16.24 7.00 -5.15
C LYS A 119 14.82 6.59 -5.50
N ASN A 120 13.91 7.57 -5.63
CA ASN A 120 12.50 7.28 -5.84
C ASN A 120 12.26 6.71 -7.24
N ARG A 121 11.24 5.86 -7.34
CA ARG A 121 10.87 5.18 -8.57
C ARG A 121 9.34 5.05 -8.57
N ILE A 122 8.70 5.43 -9.66
CA ILE A 122 7.24 5.45 -9.76
C ILE A 122 6.80 4.97 -11.14
N GLN A 123 5.75 4.14 -11.17
CA GLN A 123 5.16 3.59 -12.38
C GLN A 123 3.69 3.29 -12.15
N HIS A 124 2.95 3.03 -13.22
CA HIS A 124 1.57 2.58 -13.14
C HIS A 124 1.53 1.20 -12.48
N PRO A 125 0.40 0.79 -11.88
CA PRO A 125 0.27 -0.50 -11.26
C PRO A 125 0.48 -1.60 -12.30
N SER A 126 1.03 -2.73 -11.87
CA SER A 126 1.38 -3.83 -12.74
C SER A 126 1.32 -5.14 -11.95
N ASN A 127 1.50 -6.27 -12.63
CA ASN A 127 1.44 -7.56 -11.95
C ASN A 127 2.80 -7.87 -11.29
N VAL A 128 3.82 -7.06 -11.57
CA VAL A 128 5.12 -7.15 -10.90
C VAL A 128 5.16 -6.38 -9.59
N LEU A 129 5.80 -6.94 -8.57
CA LEU A 129 5.85 -6.32 -7.25
C LEU A 129 7.26 -6.44 -6.67
N HIS A 130 7.70 -5.40 -5.96
CA HIS A 130 9.03 -5.35 -5.35
C HIS A 130 8.88 -5.38 -3.84
N PHE A 131 9.88 -5.92 -3.13
CA PHE A 131 9.84 -5.98 -1.68
C PHE A 131 11.25 -5.82 -1.10
N PHE A 132 11.31 -5.44 0.17
CA PHE A 132 12.56 -5.21 0.87
C PHE A 132 12.21 -5.53 2.33
N ASN A 133 13.23 -5.65 3.18
CA ASN A 133 13.06 -6.04 4.57
C ASN A 133 12.27 -7.35 4.68
N ALA A 134 12.75 -8.41 4.02
CA ALA A 134 12.12 -9.72 4.10
C ALA A 134 13.11 -10.75 4.68
N PRO A 135 12.60 -11.81 5.32
CA PRO A 135 13.43 -12.84 5.92
C PRO A 135 14.38 -13.47 4.89
N LEU A 136 15.52 -13.98 5.36
CA LEU A 136 16.54 -14.56 4.50
C LEU A 136 16.08 -15.89 3.87
N GLU A 137 15.03 -16.49 4.41
CA GLU A 137 14.47 -17.75 3.92
C GLU A 137 13.01 -17.59 3.53
N VAL A 138 12.61 -16.36 3.20
CA VAL A 138 11.23 -16.04 2.87
C VAL A 138 10.69 -16.65 1.57
N THR A 139 11.59 -17.18 0.73
CA THR A 139 11.28 -17.54 -0.65
C THR A 139 10.10 -18.46 -0.81
N GLU A 140 9.75 -18.88 -2.03
CA GLU A 140 8.51 -19.59 -2.35
C GLU A 140 7.82 -20.30 -1.18
N GLU A 141 8.56 -20.97 -0.30
CA GLU A 141 8.03 -21.52 0.93
C GLU A 141 7.33 -20.51 1.84
N ASN A 142 7.91 -19.32 2.17
CA ASN A 142 7.23 -18.49 3.16
C ASN A 142 6.24 -17.63 2.40
N PHE A 143 6.51 -17.35 1.12
CA PHE A 143 5.55 -16.62 0.33
C PHE A 143 4.24 -17.37 0.11
N PHE A 144 4.33 -18.69 -0.13
CA PHE A 144 3.15 -19.49 -0.34
C PHE A 144 2.29 -19.72 0.88
N GLU A 145 2.91 -20.04 2.03
CA GLU A 145 2.12 -20.31 3.23
C GLU A 145 1.55 -19.04 3.84
N ILE A 146 2.20 -17.88 3.63
CA ILE A 146 1.65 -16.63 4.14
C ILE A 146 0.43 -16.22 3.33
N CYS A 147 0.43 -16.46 2.01
CA CYS A 147 -0.73 -16.15 1.19
C CYS A 147 -1.91 -17.04 1.55
N ASP A 148 -1.64 -18.27 1.99
CA ASP A 148 -2.69 -19.20 2.40
C ASP A 148 -3.35 -18.86 3.73
N GLU A 149 -2.60 -18.22 4.64
CA GLU A 149 -3.15 -17.78 5.92
C GLU A 149 -3.98 -16.50 5.77
N LEU A 150 -3.90 -15.85 4.62
CA LEU A 150 -4.63 -14.61 4.35
C LEU A 150 -5.68 -14.80 3.25
N GLY A 151 -5.71 -15.98 2.62
CA GLY A 151 -6.68 -16.31 1.59
C GLY A 151 -6.38 -15.61 0.26
N VAL A 152 -5.28 -14.86 0.18
CA VAL A 152 -4.89 -14.14 -1.03
C VAL A 152 -4.28 -15.04 -2.09
N LYS A 153 -4.33 -14.61 -3.36
CA LYS A 153 -3.77 -15.38 -4.46
C LYS A 153 -2.27 -15.56 -4.31
N ARG A 154 -1.77 -16.73 -4.73
CA ARG A 154 -0.34 -17.01 -4.69
C ARG A 154 0.34 -16.37 -5.89
N PRO A 155 1.61 -15.97 -5.76
CA PRO A 155 2.37 -15.40 -6.84
C PRO A 155 2.69 -16.47 -7.89
N THR A 156 2.78 -16.06 -9.15
CA THR A 156 3.14 -16.95 -10.25
C THR A 156 4.64 -17.09 -10.44
N SER A 157 5.41 -16.12 -9.93
CA SER A 157 6.87 -16.15 -9.97
C SER A 157 7.46 -15.48 -8.74
N VAL A 158 8.68 -15.87 -8.37
CA VAL A 158 9.37 -15.38 -7.19
C VAL A 158 10.87 -15.26 -7.47
N LYS A 159 11.53 -14.27 -6.88
CA LYS A 159 12.97 -14.08 -7.00
C LYS A 159 13.50 -13.34 -5.77
N VAL A 160 14.71 -13.72 -5.33
CA VAL A 160 15.37 -13.09 -4.20
C VAL A 160 16.86 -12.88 -4.44
N PHE A 161 17.43 -11.84 -3.82
CA PHE A 161 18.84 -11.51 -3.99
C PHE A 161 19.50 -10.75 -2.85
N SER A 162 20.79 -10.42 -3.04
CA SER A 162 21.59 -9.68 -2.08
C SER A 162 22.37 -8.59 -2.80
N GLY A 163 23.20 -7.85 -2.06
CA GLY A 163 23.98 -6.74 -2.60
C GLY A 163 23.33 -5.39 -2.31
N LYS A 164 22.29 -5.37 -1.46
CA LYS A 164 21.57 -4.15 -1.10
C LYS A 164 21.51 -3.92 0.41
N SER A 165 21.58 -5.00 1.19
CA SER A 165 21.56 -4.91 2.65
C SER A 165 22.04 -6.23 3.27
N GLU A 166 22.55 -6.15 4.49
CA GLU A 166 22.96 -7.33 5.25
C GLU A 166 21.93 -7.67 6.33
N ARG A 167 20.94 -6.78 6.52
CA ARG A 167 19.90 -6.96 7.54
C ARG A 167 18.83 -7.95 7.08
N SER A 168 18.47 -7.90 5.80
CA SER A 168 17.35 -8.65 5.26
C SER A 168 17.50 -8.90 3.77
N SER A 169 16.66 -9.80 3.24
CA SER A 169 16.61 -10.11 1.83
C SER A 169 15.74 -9.10 1.07
N SER A 170 15.81 -9.14 -0.26
CA SER A 170 15.03 -8.29 -1.15
C SER A 170 14.83 -9.02 -2.47
N GLY A 171 13.83 -8.63 -3.26
CA GLY A 171 13.57 -9.33 -4.51
C GLY A 171 12.27 -8.88 -5.16
N LEU A 172 11.84 -9.63 -6.19
CA LEU A 172 10.63 -9.35 -6.94
C LEU A 172 9.63 -10.50 -6.83
N LEU A 173 8.37 -10.19 -7.12
CA LEU A 173 7.26 -11.13 -7.15
C LEU A 173 6.40 -10.81 -8.36
N GLU A 174 5.56 -11.76 -8.79
CA GLU A 174 4.69 -11.53 -9.94
C GLU A 174 3.42 -12.37 -9.83
N TRP A 175 2.30 -11.82 -10.34
CA TRP A 175 1.00 -12.46 -10.34
C TRP A 175 0.39 -12.57 -11.74
N ASP A 176 -0.75 -13.26 -11.86
CA ASP A 176 -1.44 -13.42 -13.12
C ASP A 176 -2.20 -12.19 -13.62
N SER A 177 -2.28 -11.15 -12.80
CA SER A 177 -2.98 -9.92 -13.15
C SER A 177 -2.50 -8.74 -12.30
N LYS A 178 -2.70 -7.52 -12.80
CA LYS A 178 -2.31 -6.31 -12.09
C LYS A 178 -3.16 -6.12 -10.84
N SER A 179 -4.39 -6.63 -10.85
CA SER A 179 -5.28 -6.53 -9.71
C SER A 179 -4.90 -7.55 -8.63
N ASP A 180 -4.21 -8.62 -9.02
CA ASP A 180 -3.78 -9.65 -8.08
C ASP A 180 -2.57 -9.18 -7.29
N ALA A 181 -1.67 -8.43 -7.94
CA ALA A 181 -0.54 -7.85 -7.24
C ALA A 181 -0.99 -6.67 -6.37
N LEU A 182 -2.07 -6.00 -6.76
CA LEU A 182 -2.60 -4.86 -6.03
C LEU A 182 -3.29 -5.30 -4.74
N GLU A 183 -4.08 -6.38 -4.79
CA GLU A 183 -4.80 -6.83 -3.61
C GLU A 183 -3.81 -7.41 -2.59
N THR A 184 -2.75 -8.08 -3.09
CA THR A 184 -1.69 -8.56 -2.20
C THR A 184 -0.84 -7.45 -1.59
N LEU A 185 -0.83 -6.29 -2.24
CA LEU A 185 -0.18 -5.11 -1.69
C LEU A 185 -0.96 -4.67 -0.45
N GLY A 186 -2.29 -4.77 -0.51
CA GLY A 186 -3.16 -4.42 0.61
C GLY A 186 -3.05 -5.41 1.77
N PHE A 187 -2.69 -6.66 1.48
CA PHE A 187 -2.53 -7.69 2.49
C PHE A 187 -1.12 -8.08 2.97
N LEU A 188 -0.05 -7.49 2.43
CA LEU A 188 1.29 -7.83 2.88
C LEU A 188 2.21 -6.64 3.09
N ASN A 189 1.78 -5.41 2.77
CA ASN A 189 2.65 -4.27 3.04
C ASN A 189 2.70 -4.01 4.54
N HIS A 190 3.86 -3.60 5.05
CA HIS A 190 4.09 -3.30 6.45
C HIS A 190 3.82 -4.49 7.39
N TYR A 191 3.72 -5.70 6.82
CA TYR A 191 3.51 -6.91 7.60
C TYR A 191 4.70 -7.35 8.45
N GLN A 192 4.47 -7.79 9.69
CA GLN A 192 5.58 -8.12 10.59
C GLN A 192 6.25 -9.44 10.20
N MET A 193 7.58 -9.46 10.24
CA MET A 193 8.38 -10.66 10.00
C MET A 193 8.48 -11.49 11.27
N LYS A 194 8.64 -12.81 11.12
CA LYS A 194 8.97 -13.67 12.25
C LYS A 194 10.42 -13.40 12.66
N ASN A 195 10.83 -13.90 13.82
CA ASN A 195 12.20 -13.75 14.29
C ASN A 195 12.56 -15.00 15.08
N PRO A 196 13.62 -15.72 14.66
CA PRO A 196 13.98 -17.01 15.25
C PRO A 196 14.52 -16.89 16.67
N ASN A 197 15.04 -15.73 17.07
CA ASN A 197 15.60 -15.57 18.41
C ASN A 197 15.68 -14.12 18.91
N GLY A 198 15.37 -13.14 18.06
CA GLY A 198 15.43 -11.73 18.45
C GLY A 198 14.26 -11.35 19.37
N PRO A 199 14.42 -10.26 20.13
CA PRO A 199 13.44 -9.80 21.10
C PRO A 199 12.21 -9.18 20.44
N TYR A 200 12.33 -8.74 19.18
CA TYR A 200 11.23 -8.13 18.46
C TYR A 200 11.27 -8.27 16.93
N PRO A 201 10.11 -8.28 16.26
CA PRO A 201 10.01 -8.34 14.81
C PRO A 201 10.34 -6.99 14.17
N TYR A 202 10.57 -7.01 12.86
CA TYR A 202 10.81 -5.80 12.07
C TYR A 202 9.85 -5.97 10.90
N THR A 203 9.24 -4.87 10.44
CA THR A 203 8.25 -4.93 9.37
C THR A 203 8.81 -5.12 7.95
N LEU A 204 8.09 -5.88 7.13
CA LEU A 204 8.37 -6.08 5.72
C LEU A 204 7.66 -4.99 4.92
N LYS A 205 8.20 -4.63 3.75
CA LYS A 205 7.60 -3.60 2.93
C LYS A 205 7.67 -3.97 1.45
N LEU A 206 6.69 -3.49 0.68
CA LEU A 206 6.59 -3.79 -0.74
C LEU A 206 5.80 -2.71 -1.48
N CYS A 207 5.97 -2.67 -2.80
CA CYS A 207 5.35 -1.68 -3.67
C CYS A 207 5.45 -2.13 -5.13
N PHE A 208 4.72 -1.45 -6.04
CA PHE A 208 4.77 -1.79 -7.45
C PHE A 208 6.17 -1.77 -8.04
N SER A 209 6.56 -2.84 -8.74
CA SER A 209 7.94 -2.97 -9.20
C SER A 209 8.23 -2.18 -10.47
N THR A 210 9.48 -1.72 -10.58
CA THR A 210 10.01 -1.13 -11.81
C THR A 210 11.14 -1.96 -12.44
N ALA A 211 11.37 -3.16 -11.90
CA ALA A 211 12.41 -4.05 -12.35
C ALA A 211 12.19 -4.52 -13.79
N GLN A 212 13.27 -4.97 -14.43
CA GLN A 212 13.22 -5.42 -15.81
C GLN A 212 12.96 -6.92 -15.92
N HIS A 213 12.87 -7.61 -14.76
CA HIS A 213 12.67 -9.06 -14.71
C HIS A 213 12.01 -9.45 -13.40
N ALA A 214 11.64 -10.73 -13.28
CA ALA A 214 11.06 -11.32 -12.08
C ALA A 214 11.51 -12.77 -11.94
N SER A 215 12.65 -13.10 -12.57
CA SER A 215 13.20 -14.46 -12.61
C SER A 215 14.72 -14.41 -12.65
N TYR A 1 7.05 20.58 -10.25
CA TYR A 1 6.91 20.57 -11.72
C TYR A 1 5.53 20.23 -12.25
N GLY A 2 5.03 19.03 -11.92
CA GLY A 2 3.72 18.57 -12.37
C GLY A 2 2.57 19.35 -11.73
N PRO A 3 1.34 19.09 -12.18
CA PRO A 3 0.13 19.72 -11.68
C PRO A 3 -0.21 19.25 -10.27
N HIS A 4 -1.30 19.76 -9.70
CA HIS A 4 -1.73 19.42 -8.35
C HIS A 4 -3.25 19.34 -8.28
N ALA A 5 -3.76 18.60 -7.29
CA ALA A 5 -5.19 18.45 -7.05
C ALA A 5 -5.79 19.72 -6.46
N ASP A 6 -7.11 19.88 -6.60
CA ASP A 6 -7.82 21.05 -6.11
C ASP A 6 -8.00 21.11 -4.59
N SER A 7 -7.57 20.07 -3.88
CA SER A 7 -7.69 19.98 -2.43
C SER A 7 -6.67 18.99 -1.89
N PRO A 8 -6.15 19.21 -0.66
CA PRO A 8 -5.27 18.26 0.00
C PRO A 8 -6.03 16.98 0.35
N VAL A 9 -7.37 17.03 0.29
CA VAL A 9 -8.23 15.90 0.57
C VAL A 9 -8.56 15.09 -0.69
N LEU A 10 -8.88 13.81 -0.51
CA LEU A 10 -9.19 12.87 -1.57
C LEU A 10 -10.35 11.98 -1.10
N MET A 11 -11.16 11.46 -2.03
CA MET A 11 -12.36 10.71 -1.69
C MET A 11 -12.47 9.45 -2.53
N VAL A 12 -12.80 8.32 -1.89
CA VAL A 12 -12.82 7.01 -2.52
C VAL A 12 -14.16 6.33 -2.20
N TYR A 13 -14.60 5.44 -3.10
CA TYR A 13 -15.86 4.74 -2.97
C TYR A 13 -15.59 3.32 -3.50
N GLY A 14 -16.58 2.44 -3.37
CA GLY A 14 -16.47 1.07 -3.86
C GLY A 14 -15.81 0.14 -2.85
N LEU A 15 -15.66 0.60 -1.60
CA LEU A 15 -15.07 -0.19 -0.52
C LEU A 15 -16.08 -1.21 0.02
N ASP A 16 -16.84 -1.83 -0.88
CA ASP A 16 -17.94 -2.72 -0.55
C ASP A 16 -17.53 -4.12 -0.04
N GLN A 17 -16.28 -4.26 0.42
CA GLN A 17 -15.76 -5.55 0.86
C GLN A 17 -14.95 -5.40 2.15
N SER A 18 -14.84 -6.50 2.90
CA SER A 18 -14.11 -6.54 4.17
C SER A 18 -12.60 -6.39 3.96
N LYS A 19 -12.12 -6.57 2.73
CA LYS A 19 -10.71 -6.47 2.41
C LYS A 19 -10.20 -5.04 2.39
N MET A 20 -11.04 -4.06 2.76
CA MET A 20 -10.64 -2.66 2.79
C MET A 20 -10.64 -2.13 4.22
N ASN A 21 -9.65 -1.29 4.52
CA ASN A 21 -9.46 -0.68 5.84
C ASN A 21 -8.53 0.52 5.69
N CYS A 22 -8.42 1.34 6.73
CA CYS A 22 -7.58 2.54 6.73
C CYS A 22 -6.13 2.22 6.36
N ASP A 23 -5.66 1.02 6.74
CA ASP A 23 -4.30 0.58 6.43
C ASP A 23 -4.10 0.17 4.97
N ARG A 24 -5.11 -0.50 4.41
CA ARG A 24 -5.05 -1.00 3.03
C ARG A 24 -5.00 0.19 2.07
N VAL A 25 -5.91 1.14 2.29
CA VAL A 25 -6.07 2.29 1.40
C VAL A 25 -4.78 3.09 1.43
N PHE A 26 -4.26 3.40 2.62
CA PHE A 26 -3.01 4.13 2.70
C PHE A 26 -1.79 3.47 2.09
N ASN A 27 -1.43 2.26 2.50
CA ASN A 27 -0.15 1.71 2.04
C ASN A 27 -0.13 1.68 0.51
N VAL A 28 -1.28 1.44 -0.12
CA VAL A 28 -1.35 1.37 -1.57
C VAL A 28 -0.95 2.72 -2.14
N PHE A 29 -1.70 3.80 -1.88
CA PHE A 29 -1.26 5.10 -2.37
C PHE A 29 -0.12 5.81 -1.64
N CYS A 30 0.33 5.25 -0.52
CA CYS A 30 1.44 5.81 0.25
C CYS A 30 2.75 5.54 -0.46
N LEU A 31 2.85 4.42 -1.18
CA LEU A 31 4.02 4.19 -2.01
C LEU A 31 4.10 5.25 -3.13
N TYR A 32 3.00 5.94 -3.40
CA TYR A 32 2.93 6.99 -4.42
C TYR A 32 3.20 8.43 -3.97
N GLY A 33 3.31 8.67 -2.66
CA GLY A 33 3.56 10.01 -2.16
C GLY A 33 3.37 10.12 -0.65
N ASN A 34 3.56 11.32 -0.10
CA ASN A 34 3.46 11.56 1.33
C ASN A 34 2.00 11.72 1.75
N VAL A 35 1.61 10.97 2.79
CA VAL A 35 0.24 10.93 3.28
C VAL A 35 0.06 11.51 4.69
N GLU A 36 -1.18 11.78 5.11
CA GLU A 36 -1.42 12.34 6.44
C GLU A 36 -2.47 11.59 7.26
N LYS A 37 -3.73 11.54 6.82
CA LYS A 37 -4.79 10.93 7.62
C LYS A 37 -5.96 10.41 6.78
N VAL A 38 -6.73 9.47 7.34
CA VAL A 38 -7.83 8.80 6.65
C VAL A 38 -9.03 8.67 7.59
N LYS A 39 -10.24 8.65 7.00
CA LYS A 39 -11.50 8.60 7.74
C LYS A 39 -12.56 7.89 6.90
N PHE A 40 -13.14 6.81 7.44
CA PHE A 40 -14.21 6.08 6.78
C PHE A 40 -15.62 6.68 6.90
N MET A 41 -16.49 6.34 5.94
CA MET A 41 -17.86 6.82 5.93
C MET A 41 -18.83 5.77 6.45
N LYS A 42 -19.47 6.06 7.59
CA LYS A 42 -20.54 5.22 8.11
C LYS A 42 -21.86 5.45 7.38
N SER A 43 -21.95 6.54 6.60
CA SER A 43 -23.16 6.92 5.88
C SER A 43 -23.27 6.21 4.53
N LYS A 44 -22.25 5.45 4.13
CA LYS A 44 -22.20 4.76 2.85
C LYS A 44 -21.92 3.28 3.06
N PRO A 45 -22.30 2.41 2.10
CA PRO A 45 -22.04 0.99 2.17
C PRO A 45 -20.54 0.69 2.02
N GLY A 46 -19.76 1.66 1.56
CA GLY A 46 -18.32 1.50 1.43
C GLY A 46 -17.68 2.71 0.75
N ALA A 47 -17.24 3.68 1.55
CA ALA A 47 -16.57 4.88 1.07
C ALA A 47 -15.66 5.42 2.18
N ALA A 48 -14.67 6.24 1.80
CA ALA A 48 -13.73 6.80 2.74
C ALA A 48 -13.12 8.08 2.20
N MET A 49 -12.46 8.83 3.08
CA MET A 49 -11.83 10.10 2.77
C MET A 49 -10.39 10.08 3.29
N VAL A 50 -9.48 10.76 2.59
CA VAL A 50 -8.05 10.71 2.86
C VAL A 50 -7.50 12.11 2.66
N GLU A 51 -6.36 12.40 3.30
CA GLU A 51 -5.69 13.68 3.13
C GLU A 51 -4.18 13.45 2.99
N MET A 52 -3.57 14.11 2.01
CA MET A 52 -2.17 13.92 1.65
C MET A 52 -1.62 15.19 1.02
N ALA A 53 -0.32 15.19 0.68
CA ALA A 53 0.26 16.27 -0.10
C ALA A 53 -0.39 16.23 -1.49
N ASP A 54 -1.09 17.30 -1.88
CA ASP A 54 -1.93 17.21 -3.06
C ASP A 54 -1.20 17.16 -4.38
N GLY A 55 -0.06 17.83 -4.48
CA GLY A 55 0.71 17.90 -5.70
C GLY A 55 1.04 16.50 -6.20
N TYR A 56 2.14 15.93 -5.70
CA TYR A 56 2.58 14.63 -6.16
C TYR A 56 1.79 13.42 -5.66
N ALA A 57 1.18 13.49 -4.47
CA ALA A 57 0.52 12.31 -3.94
C ALA A 57 -0.93 12.20 -4.41
N VAL A 58 -1.66 13.30 -4.61
CA VAL A 58 -3.04 13.18 -5.04
C VAL A 58 -3.09 13.14 -6.56
N ASP A 59 -2.09 13.70 -7.24
CA ASP A 59 -2.02 13.58 -8.69
C ASP A 59 -1.74 12.15 -9.11
N ARG A 60 -0.68 11.54 -8.55
CA ARG A 60 -0.30 10.18 -8.95
C ARG A 60 -1.33 9.15 -8.52
N ALA A 61 -1.99 9.34 -7.38
CA ALA A 61 -3.00 8.39 -6.96
C ALA A 61 -4.21 8.43 -7.90
N ILE A 62 -4.54 9.62 -8.41
CA ILE A 62 -5.61 9.80 -9.39
C ILE A 62 -5.15 9.37 -10.78
N THR A 63 -3.85 9.15 -10.97
CA THR A 63 -3.31 8.66 -12.24
C THR A 63 -3.20 7.15 -12.29
N HIS A 64 -3.15 6.45 -11.15
CA HIS A 64 -2.83 5.03 -11.16
C HIS A 64 -3.81 4.12 -10.40
N LEU A 65 -4.51 4.60 -9.36
CA LEU A 65 -5.33 3.69 -8.55
C LEU A 65 -6.81 4.06 -8.48
N ASN A 66 -7.18 5.27 -8.87
CA ASN A 66 -8.52 5.75 -8.58
C ASN A 66 -9.68 5.11 -9.36
N ASN A 67 -10.47 4.16 -8.87
CA ASN A 67 -11.31 3.28 -9.73
C ASN A 67 -10.50 2.17 -10.40
N ASN A 68 -9.33 1.80 -9.88
CA ASN A 68 -8.70 0.57 -10.35
C ASN A 68 -9.35 -0.63 -9.65
N PHE A 69 -9.15 -1.83 -10.19
CA PHE A 69 -9.69 -3.05 -9.59
C PHE A 69 -8.84 -3.66 -8.46
N MET A 70 -9.50 -4.17 -7.42
CA MET A 70 -8.83 -4.74 -6.26
C MET A 70 -9.78 -5.66 -5.50
N PHE A 71 -9.29 -6.82 -5.03
CA PHE A 71 -10.09 -7.80 -4.29
C PHE A 71 -11.35 -8.34 -4.96
N GLY A 72 -11.44 -8.25 -6.29
CA GLY A 72 -12.59 -8.72 -7.04
C GLY A 72 -13.66 -7.63 -7.19
N GLN A 73 -13.33 -6.40 -6.77
CA GLN A 73 -14.20 -5.25 -6.88
C GLN A 73 -13.39 -4.06 -7.40
N LYS A 74 -13.94 -2.85 -7.33
CA LYS A 74 -13.27 -1.66 -7.80
C LYS A 74 -13.29 -0.57 -6.73
N MET A 75 -12.21 0.20 -6.62
CA MET A 75 -12.08 1.24 -5.61
C MET A 75 -11.93 2.60 -6.27
N ASN A 76 -13.06 3.21 -6.62
CA ASN A 76 -13.19 4.45 -7.37
C ASN A 76 -12.39 5.60 -6.77
N VAL A 77 -11.52 6.34 -7.50
CA VAL A 77 -11.05 7.56 -6.79
C VAL A 77 -11.23 8.88 -7.54
N CYS A 78 -11.33 9.98 -6.77
CA CYS A 78 -11.53 11.34 -7.25
C CYS A 78 -11.17 12.31 -6.11
N VAL A 79 -11.03 13.61 -6.43
CA VAL A 79 -10.71 14.62 -5.42
C VAL A 79 -11.88 14.85 -4.45
N SER A 80 -11.56 15.13 -3.19
CA SER A 80 -12.56 15.40 -2.16
C SER A 80 -12.99 16.88 -2.19
N LYS A 81 -14.20 17.16 -1.70
CA LYS A 81 -14.69 18.53 -1.64
C LYS A 81 -14.44 19.16 -0.27
N GLN A 82 -14.01 18.34 0.70
CA GLN A 82 -13.75 18.79 2.06
C GLN A 82 -12.44 19.54 2.13
N PRO A 83 -12.32 20.53 3.04
CA PRO A 83 -11.11 21.30 3.23
C PRO A 83 -10.04 20.51 3.98
N ALA A 84 -10.46 19.65 4.91
CA ALA A 84 -9.56 18.84 5.71
C ALA A 84 -10.32 17.75 6.48
N ILE A 85 -9.63 16.68 6.88
CA ILE A 85 -10.23 15.66 7.73
C ILE A 85 -10.16 16.11 9.18
N MET A 86 -11.28 16.00 9.90
CA MET A 86 -11.33 16.34 11.32
C MET A 86 -11.09 15.10 12.17
N PRO A 87 -10.05 15.09 13.01
CA PRO A 87 -9.78 14.00 13.93
C PRO A 87 -10.76 14.07 15.09
N GLY A 88 -11.02 12.93 15.73
CA GLY A 88 -11.95 12.89 16.85
C GLY A 88 -12.57 11.51 17.02
N GLN A 89 -13.87 11.41 16.78
CA GLN A 89 -14.64 10.20 16.99
C GLN A 89 -14.31 9.13 15.94
N SER A 90 -14.70 7.90 16.25
CA SER A 90 -14.46 6.73 15.42
C SER A 90 -15.46 5.63 15.78
N TYR A 91 -15.66 4.67 14.87
CA TYR A 91 -16.59 3.58 15.08
C TYR A 91 -16.00 2.20 14.80
N GLY A 92 -14.71 2.16 14.43
CA GLY A 92 -14.01 0.92 14.12
C GLY A 92 -14.36 0.39 12.73
N LEU A 93 -13.68 -0.69 12.33
CA LEU A 93 -13.86 -1.33 11.04
C LEU A 93 -13.72 -2.85 11.20
N GLU A 94 -14.30 -3.61 10.28
CA GLU A 94 -14.27 -5.08 10.35
C GLU A 94 -12.91 -5.65 9.96
N ASP A 95 -11.98 -4.82 9.47
CA ASP A 95 -10.62 -5.21 9.14
C ASP A 95 -9.57 -4.40 9.91
N GLY A 96 -9.97 -3.92 11.10
CA GLY A 96 -9.12 -3.11 11.97
C GLY A 96 -9.81 -2.85 13.30
N SER A 97 -9.50 -1.71 13.93
CA SER A 97 -10.11 -1.35 15.21
C SER A 97 -10.60 0.10 15.23
N CYS A 98 -10.13 0.93 14.29
CA CYS A 98 -10.55 2.32 14.19
C CYS A 98 -11.03 2.65 12.78
N SER A 99 -11.97 3.59 12.66
CA SER A 99 -12.44 4.11 11.38
C SER A 99 -11.60 5.32 10.97
N TYR A 100 -10.53 5.59 11.74
CA TYR A 100 -9.58 6.66 11.52
C TYR A 100 -8.14 6.27 11.78
N LYS A 101 -7.18 6.86 11.06
CA LYS A 101 -5.78 6.50 11.21
C LYS A 101 -4.88 7.67 10.79
N ASP A 102 -3.63 7.67 11.30
CA ASP A 102 -2.67 8.73 11.05
C ASP A 102 -1.32 8.22 10.53
N PHE A 103 -0.77 8.92 9.52
CA PHE A 103 0.49 8.60 8.88
C PHE A 103 1.43 9.78 8.67
N SER A 104 1.05 10.97 9.17
CA SER A 104 1.79 12.20 8.94
C SER A 104 3.18 12.17 9.57
N GLU A 105 3.40 11.30 10.57
CA GLU A 105 4.68 11.15 11.23
C GLU A 105 5.30 9.78 10.97
N SER A 106 4.62 8.93 10.18
CA SER A 106 5.10 7.59 9.89
C SER A 106 6.25 7.61 8.89
N ARG A 107 7.14 6.62 8.99
CA ARG A 107 8.28 6.47 8.10
C ARG A 107 7.86 5.82 6.78
N ASN A 108 6.64 5.28 6.72
CA ASN A 108 6.15 4.56 5.56
C ASN A 108 6.08 5.43 4.30
N ASN A 109 5.98 6.75 4.48
CA ASN A 109 5.88 7.70 3.38
C ASN A 109 7.12 7.60 2.50
N ARG A 110 6.91 7.45 1.18
CA ARG A 110 8.01 7.21 0.25
C ARG A 110 8.85 8.46 0.02
N PHE A 111 8.21 9.64 0.05
CA PHE A 111 8.85 10.93 -0.18
C PHE A 111 9.22 11.74 1.06
N SER A 112 9.28 11.07 2.23
CA SER A 112 9.49 11.72 3.51
C SER A 112 10.86 12.40 3.62
N THR A 113 11.83 11.99 2.81
CA THR A 113 13.19 12.52 2.86
C THR A 113 13.80 12.85 1.51
N PRO A 114 14.70 13.83 1.44
CA PRO A 114 15.35 14.25 0.21
C PRO A 114 16.35 13.20 -0.27
N GLU A 115 16.88 12.37 0.63
CA GLU A 115 17.82 11.32 0.24
C GLU A 115 17.07 10.12 -0.31
N GLN A 116 15.78 9.96 0.04
CA GLN A 116 14.94 8.93 -0.55
C GLN A 116 14.40 9.43 -1.89
N ALA A 117 13.99 10.69 -1.95
CA ALA A 117 13.42 11.28 -3.16
C ALA A 117 14.42 11.30 -4.31
N ALA A 118 15.72 11.19 -4.00
CA ALA A 118 16.76 11.17 -5.01
C ALA A 118 16.90 9.79 -5.68
N LYS A 119 16.40 8.73 -5.02
CA LYS A 119 16.48 7.37 -5.53
C LYS A 119 15.11 6.69 -5.66
N ASN A 120 14.02 7.40 -5.34
CA ASN A 120 12.69 6.83 -5.44
C ASN A 120 12.36 6.42 -6.87
N ARG A 121 11.41 5.49 -7.01
CA ARG A 121 11.05 4.90 -8.29
C ARG A 121 9.54 4.74 -8.33
N ILE A 122 8.92 5.08 -9.46
CA ILE A 122 7.48 5.04 -9.63
C ILE A 122 7.15 4.54 -11.04
N GLN A 123 6.06 3.78 -11.16
CA GLN A 123 5.62 3.21 -12.42
C GLN A 123 4.10 3.09 -12.47
N HIS A 124 3.57 2.82 -13.67
CA HIS A 124 2.16 2.51 -13.86
C HIS A 124 1.84 1.22 -13.10
N PRO A 125 0.58 1.01 -12.70
CA PRO A 125 0.18 -0.19 -11.98
C PRO A 125 0.36 -1.38 -12.89
N SER A 126 0.94 -2.45 -12.37
CA SER A 126 1.31 -3.63 -13.15
C SER A 126 1.34 -4.87 -12.27
N ASN A 127 1.54 -6.04 -12.88
CA ASN A 127 1.55 -7.30 -12.14
C ASN A 127 2.93 -7.56 -11.53
N VAL A 128 3.93 -6.76 -11.87
CA VAL A 128 5.25 -6.84 -11.26
C VAL A 128 5.33 -6.12 -9.92
N LEU A 129 5.98 -6.72 -8.94
CA LEU A 129 6.07 -6.15 -7.60
C LEU A 129 7.48 -6.34 -7.04
N HIS A 130 7.89 -5.42 -6.16
CA HIS A 130 9.21 -5.43 -5.54
C HIS A 130 9.05 -5.46 -4.04
N PHE A 131 9.99 -6.07 -3.31
CA PHE A 131 9.90 -6.15 -1.86
C PHE A 131 11.31 -6.03 -1.27
N PHE A 132 11.35 -5.66 0.01
CA PHE A 132 12.59 -5.42 0.74
C PHE A 132 12.23 -5.72 2.20
N ASN A 133 13.25 -5.81 3.06
CA ASN A 133 13.09 -6.22 4.45
C ASN A 133 12.50 -7.62 4.58
N ALA A 134 13.16 -8.61 3.99
CA ALA A 134 12.70 -10.00 4.07
C ALA A 134 13.87 -10.94 4.35
N PRO A 135 13.82 -11.74 5.43
CA PRO A 135 14.80 -12.79 5.72
C PRO A 135 15.01 -13.76 4.55
N LEU A 136 16.09 -14.53 4.61
CA LEU A 136 16.50 -15.44 3.55
C LEU A 136 15.53 -16.62 3.40
N GLU A 137 14.69 -16.87 4.41
CA GLU A 137 13.79 -18.03 4.43
C GLU A 137 12.37 -17.69 3.99
N VAL A 138 12.11 -16.45 3.56
CA VAL A 138 10.76 -16.02 3.19
C VAL A 138 10.27 -16.61 1.88
N THR A 139 11.18 -17.11 1.04
CA THR A 139 10.90 -17.41 -0.36
C THR A 139 9.73 -18.36 -0.56
N GLU A 140 9.39 -18.76 -1.79
CA GLU A 140 8.17 -19.48 -2.17
C GLU A 140 7.45 -20.18 -1.02
N GLU A 141 8.17 -20.88 -0.13
CA GLU A 141 7.61 -21.47 1.06
C GLU A 141 6.90 -20.46 1.98
N ASN A 142 7.47 -19.29 2.35
CA ASN A 142 6.79 -18.48 3.34
C ASN A 142 5.82 -17.59 2.57
N PHE A 143 6.16 -17.27 1.31
CA PHE A 143 5.21 -16.52 0.50
C PHE A 143 3.89 -17.23 0.26
N PHE A 144 3.95 -18.56 0.11
CA PHE A 144 2.77 -19.38 -0.15
C PHE A 144 1.88 -19.63 1.06
N GLU A 145 2.48 -19.91 2.22
CA GLU A 145 1.67 -20.19 3.41
C GLU A 145 1.15 -18.89 4.05
N ILE A 146 1.82 -17.75 3.81
CA ILE A 146 1.37 -16.48 4.36
C ILE A 146 0.16 -15.97 3.58
N CYS A 147 0.20 -16.01 2.25
CA CYS A 147 -0.93 -15.50 1.47
C CYS A 147 -2.15 -16.39 1.67
N ASP A 148 -1.94 -17.69 1.88
CA ASP A 148 -3.02 -18.63 2.13
C ASP A 148 -3.75 -18.33 3.45
N GLU A 149 -2.98 -17.95 4.48
CA GLU A 149 -3.53 -17.59 5.77
C GLU A 149 -4.26 -16.24 5.72
N LEU A 150 -3.85 -15.35 4.82
CA LEU A 150 -4.45 -14.03 4.66
C LEU A 150 -5.66 -14.07 3.71
N GLY A 151 -5.92 -15.22 3.09
CA GLY A 151 -7.10 -15.39 2.25
C GLY A 151 -6.92 -14.77 0.87
N VAL A 152 -5.67 -14.70 0.39
CA VAL A 152 -5.34 -14.11 -0.90
C VAL A 152 -4.47 -15.03 -1.75
N LYS A 153 -4.56 -14.91 -3.07
CA LYS A 153 -3.85 -15.80 -3.99
C LYS A 153 -2.34 -15.59 -3.93
N ARG A 154 -1.60 -16.65 -4.25
CA ARG A 154 -0.14 -16.64 -4.30
C ARG A 154 0.35 -16.07 -5.63
N PRO A 155 1.57 -15.54 -5.67
CA PRO A 155 2.19 -15.02 -6.89
C PRO A 155 2.47 -16.15 -7.87
N THR A 156 2.49 -15.82 -9.16
CA THR A 156 2.81 -16.77 -10.23
C THR A 156 4.30 -16.94 -10.49
N SER A 157 5.12 -16.01 -9.97
CA SER A 157 6.57 -16.11 -10.06
C SER A 157 7.23 -15.36 -8.91
N VAL A 158 8.49 -15.69 -8.64
CA VAL A 158 9.25 -15.11 -7.52
C VAL A 158 10.74 -15.14 -7.85
N LYS A 159 11.46 -14.16 -7.32
CA LYS A 159 12.92 -14.05 -7.44
C LYS A 159 13.48 -13.42 -6.18
N VAL A 160 14.66 -13.86 -5.75
CA VAL A 160 15.31 -13.37 -4.55
C VAL A 160 16.81 -13.17 -4.74
N PHE A 161 17.37 -12.11 -4.13
CA PHE A 161 18.77 -11.80 -4.24
C PHE A 161 19.36 -11.02 -3.07
N SER A 162 20.63 -10.63 -3.20
CA SER A 162 21.36 -9.90 -2.17
C SER A 162 22.34 -8.92 -2.82
N GLY A 163 23.20 -8.32 -1.98
CA GLY A 163 24.20 -7.35 -2.41
C GLY A 163 23.78 -5.92 -2.11
N LYS A 164 22.52 -5.72 -1.71
CA LYS A 164 22.02 -4.40 -1.34
C LYS A 164 22.20 -4.11 0.14
N SER A 165 22.24 -5.16 0.96
CA SER A 165 22.48 -5.06 2.40
C SER A 165 22.81 -6.44 2.96
N GLU A 166 23.37 -6.47 4.17
CA GLU A 166 23.67 -7.71 4.87
C GLU A 166 22.56 -8.06 5.87
N ARG A 167 21.57 -7.16 6.01
CA ARG A 167 20.48 -7.33 6.96
C ARG A 167 19.42 -8.32 6.51
N SER A 168 19.09 -8.30 5.21
CA SER A 168 18.01 -9.12 4.69
C SER A 168 18.08 -9.23 3.17
N SER A 169 17.28 -10.12 2.60
CA SER A 169 17.17 -10.31 1.16
C SER A 169 16.22 -9.27 0.57
N SER A 170 16.15 -9.27 -0.77
CA SER A 170 15.23 -8.44 -1.54
C SER A 170 14.96 -9.15 -2.85
N GLY A 171 13.89 -8.78 -3.56
CA GLY A 171 13.57 -9.45 -4.81
C GLY A 171 12.28 -8.96 -5.44
N LEU A 172 11.82 -9.67 -6.48
CA LEU A 172 10.64 -9.32 -7.23
C LEU A 172 9.61 -10.45 -7.13
N LEU A 173 8.35 -10.11 -7.43
CA LEU A 173 7.22 -11.02 -7.44
C LEU A 173 6.35 -10.69 -8.65
N GLU A 174 5.49 -11.62 -9.07
CA GLU A 174 4.63 -11.41 -10.23
C GLU A 174 3.32 -12.19 -10.09
N TRP A 175 2.26 -11.65 -10.66
CA TRP A 175 0.92 -12.24 -10.66
C TRP A 175 0.32 -12.32 -12.06
N ASP A 176 -0.84 -12.98 -12.20
CA ASP A 176 -1.51 -13.14 -13.47
C ASP A 176 -2.18 -11.82 -13.90
N SER A 177 -2.26 -10.84 -12.99
CA SER A 177 -2.88 -9.56 -13.27
C SER A 177 -2.37 -8.47 -12.33
N LYS A 178 -2.54 -7.21 -12.70
CA LYS A 178 -2.10 -6.09 -11.87
C LYS A 178 -3.04 -5.91 -10.68
N SER A 179 -4.28 -6.40 -10.77
CA SER A 179 -5.21 -6.36 -9.65
C SER A 179 -4.86 -7.46 -8.65
N ASP A 180 -4.25 -8.55 -9.13
CA ASP A 180 -3.77 -9.63 -8.29
C ASP A 180 -2.54 -9.24 -7.48
N ALA A 181 -1.65 -8.42 -8.07
CA ALA A 181 -0.49 -7.92 -7.37
C ALA A 181 -0.88 -6.82 -6.39
N LEU A 182 -1.98 -6.12 -6.67
CA LEU A 182 -2.44 -5.02 -5.83
C LEU A 182 -3.16 -5.54 -4.58
N GLU A 183 -4.00 -6.58 -4.72
CA GLU A 183 -4.71 -7.11 -3.57
C GLU A 183 -3.70 -7.78 -2.64
N THR A 184 -2.72 -8.49 -3.20
CA THR A 184 -1.67 -9.08 -2.40
C THR A 184 -0.75 -8.06 -1.74
N LEU A 185 -0.59 -6.88 -2.36
CA LEU A 185 0.13 -5.80 -1.74
C LEU A 185 -0.69 -5.23 -0.59
N GLY A 186 -2.02 -5.17 -0.76
CA GLY A 186 -2.91 -4.68 0.28
C GLY A 186 -2.81 -5.50 1.56
N PHE A 187 -2.54 -6.81 1.44
CA PHE A 187 -2.37 -7.67 2.60
C PHE A 187 -0.96 -8.03 3.06
N LEU A 188 0.07 -7.81 2.24
CA LEU A 188 1.44 -8.15 2.63
C LEU A 188 2.27 -6.91 2.94
N ASN A 189 1.82 -5.70 2.56
CA ASN A 189 2.61 -4.52 2.84
C ASN A 189 2.60 -4.24 4.34
N HIS A 190 3.76 -3.83 4.87
CA HIS A 190 3.97 -3.54 6.28
C HIS A 190 3.62 -4.72 7.18
N TYR A 191 3.59 -5.94 6.62
CA TYR A 191 3.32 -7.15 7.40
C TYR A 191 4.42 -7.55 8.38
N GLN A 192 4.05 -7.92 9.61
CA GLN A 192 5.03 -8.25 10.64
C GLN A 192 5.66 -9.62 10.41
N MET A 193 6.99 -9.69 10.45
CA MET A 193 7.73 -10.93 10.27
C MET A 193 8.18 -11.51 11.61
N LYS A 194 8.35 -12.84 11.65
CA LYS A 194 8.98 -13.50 12.79
C LYS A 194 10.43 -13.04 12.88
N ASN A 195 11.07 -13.20 14.04
CA ASN A 195 12.43 -12.73 14.24
C ASN A 195 13.18 -13.60 15.25
N PRO A 196 14.28 -14.25 14.83
CA PRO A 196 15.13 -15.03 15.72
C PRO A 196 16.10 -14.14 16.50
N ASN A 197 16.32 -12.90 16.06
CA ASN A 197 17.29 -11.99 16.66
C ASN A 197 16.71 -11.20 17.83
N GLY A 198 15.41 -11.32 18.10
CA GLY A 198 14.77 -10.60 19.19
C GLY A 198 13.27 -10.88 19.24
N PRO A 199 12.60 -10.48 20.34
CA PRO A 199 11.19 -10.71 20.54
C PRO A 199 10.33 -9.80 19.64
N TYR A 200 10.91 -8.68 19.18
CA TYR A 200 10.21 -7.74 18.31
C TYR A 200 10.33 -8.02 16.82
N PRO A 201 9.23 -7.86 16.06
CA PRO A 201 9.20 -8.07 14.62
C PRO A 201 9.78 -6.89 13.85
N TYR A 202 10.04 -7.10 12.56
CA TYR A 202 10.41 -6.05 11.61
C TYR A 202 9.43 -6.28 10.46
N THR A 203 8.95 -5.19 9.86
CA THR A 203 7.94 -5.28 8.81
C THR A 203 8.46 -5.50 7.40
N LEU A 204 7.77 -6.39 6.66
CA LEU A 204 8.02 -6.65 5.26
C LEU A 204 7.39 -5.52 4.45
N LYS A 205 8.11 -4.97 3.46
CA LYS A 205 7.56 -3.88 2.66
C LYS A 205 7.67 -4.20 1.17
N LEU A 206 6.72 -3.69 0.38
CA LEU A 206 6.68 -3.92 -1.05
C LEU A 206 5.90 -2.82 -1.76
N CYS A 207 6.10 -2.71 -3.08
CA CYS A 207 5.47 -1.69 -3.90
C CYS A 207 5.56 -2.06 -5.38
N PHE A 208 4.86 -1.32 -6.24
CA PHE A 208 4.90 -1.55 -7.68
C PHE A 208 6.30 -1.51 -8.27
N SER A 209 6.70 -2.57 -8.97
CA SER A 209 8.08 -2.73 -9.39
C SER A 209 8.45 -1.94 -10.63
N THR A 210 9.74 -1.57 -10.73
CA THR A 210 10.35 -1.00 -11.92
C THR A 210 11.43 -1.89 -12.55
N ALA A 211 11.58 -3.11 -12.02
CA ALA A 211 12.58 -4.08 -12.46
C ALA A 211 12.30 -4.57 -13.88
N GLN A 212 13.31 -5.19 -14.50
CA GLN A 212 13.22 -5.68 -15.86
C GLN A 212 12.89 -7.17 -15.91
N HIS A 213 12.80 -7.83 -14.74
CA HIS A 213 12.54 -9.25 -14.64
C HIS A 213 11.88 -9.58 -13.29
N ALA A 214 11.40 -10.81 -13.15
CA ALA A 214 10.81 -11.30 -11.92
C ALA A 214 11.12 -12.78 -11.71
N SER A 215 12.21 -13.26 -12.34
CA SER A 215 12.60 -14.66 -12.32
C SER A 215 14.12 -14.79 -12.26
N TYR A 1 8.11 18.09 -13.13
CA TYR A 1 6.86 18.84 -13.35
C TYR A 1 5.63 17.98 -13.67
N GLY A 2 4.45 18.40 -13.22
CA GLY A 2 3.20 17.71 -13.47
C GLY A 2 2.02 18.44 -12.85
N PRO A 3 0.80 17.99 -13.17
CA PRO A 3 -0.44 18.56 -12.66
C PRO A 3 -0.61 18.24 -11.17
N HIS A 4 -1.68 18.79 -10.57
CA HIS A 4 -1.97 18.60 -9.15
C HIS A 4 -3.48 18.56 -8.94
N ALA A 5 -3.90 18.00 -7.80
CA ALA A 5 -5.32 17.91 -7.45
C ALA A 5 -5.89 19.27 -7.10
N ASP A 6 -7.21 19.41 -7.22
CA ASP A 6 -7.91 20.68 -6.97
C ASP A 6 -8.10 20.90 -5.46
N SER A 7 -7.68 19.95 -4.61
CA SER A 7 -7.88 20.06 -3.18
C SER A 7 -6.85 19.20 -2.41
N PRO A 8 -6.48 19.61 -1.19
CA PRO A 8 -5.57 18.86 -0.31
C PRO A 8 -6.07 17.47 0.07
N VAL A 9 -7.29 17.11 -0.34
CA VAL A 9 -7.91 15.85 0.06
C VAL A 9 -8.41 15.11 -1.17
N LEU A 10 -8.72 13.83 -0.96
CA LEU A 10 -9.17 12.88 -1.97
C LEU A 10 -10.24 12.00 -1.33
N MET A 11 -11.09 11.35 -2.13
CA MET A 11 -12.13 10.48 -1.57
C MET A 11 -12.35 9.26 -2.45
N VAL A 12 -12.53 8.11 -1.80
CA VAL A 12 -12.66 6.82 -2.44
C VAL A 12 -14.00 6.22 -2.04
N TYR A 13 -14.55 5.34 -2.89
CA TYR A 13 -15.84 4.71 -2.67
C TYR A 13 -15.65 3.28 -3.19
N GLY A 14 -16.64 2.42 -2.94
CA GLY A 14 -16.60 1.03 -3.40
C GLY A 14 -15.85 0.12 -2.42
N LEU A 15 -15.57 0.61 -1.22
CA LEU A 15 -14.88 -0.14 -0.17
C LEU A 15 -15.81 -1.15 0.51
N ASP A 16 -16.82 -1.64 -0.21
CA ASP A 16 -17.84 -2.53 0.35
C ASP A 16 -17.32 -3.88 0.83
N GLN A 17 -16.22 -4.37 0.25
CA GLN A 17 -15.63 -5.64 0.65
C GLN A 17 -14.87 -5.50 1.97
N SER A 18 -14.83 -6.59 2.74
CA SER A 18 -14.21 -6.63 4.05
C SER A 18 -12.68 -6.54 4.00
N LYS A 19 -12.12 -6.59 2.79
CA LYS A 19 -10.67 -6.60 2.60
C LYS A 19 -10.06 -5.21 2.77
N MET A 20 -10.88 -4.16 2.76
CA MET A 20 -10.38 -2.79 2.89
C MET A 20 -10.21 -2.39 4.35
N ASN A 21 -9.31 -1.44 4.59
CA ASN A 21 -9.02 -0.92 5.92
C ASN A 21 -8.26 0.40 5.76
N CYS A 22 -8.16 1.21 6.82
CA CYS A 22 -7.46 2.48 6.75
C CYS A 22 -5.97 2.29 6.47
N ASP A 23 -5.39 1.17 6.91
CA ASP A 23 -3.98 0.86 6.65
C ASP A 23 -3.84 0.29 5.24
N ARG A 24 -4.90 -0.35 4.72
CA ARG A 24 -4.90 -0.94 3.40
C ARG A 24 -4.89 0.14 2.33
N VAL A 25 -5.82 1.09 2.49
CA VAL A 25 -6.03 2.18 1.55
C VAL A 25 -4.75 3.01 1.51
N PHE A 26 -4.21 3.36 2.68
CA PHE A 26 -2.98 4.12 2.72
C PHE A 26 -1.75 3.45 2.14
N ASN A 27 -1.39 2.24 2.54
CA ASN A 27 -0.12 1.70 2.09
C ASN A 27 -0.10 1.63 0.56
N VAL A 28 -1.27 1.35 -0.05
CA VAL A 28 -1.38 1.23 -1.48
C VAL A 28 -0.99 2.58 -2.10
N PHE A 29 -1.73 3.66 -1.83
CA PHE A 29 -1.29 4.95 -2.36
C PHE A 29 -0.12 5.66 -1.68
N CYS A 30 0.39 5.11 -0.58
CA CYS A 30 1.52 5.69 0.14
C CYS A 30 2.81 5.40 -0.63
N LEU A 31 2.89 4.25 -1.31
CA LEU A 31 4.03 4.01 -2.18
C LEU A 31 4.08 5.05 -3.30
N TYR A 32 2.96 5.72 -3.58
CA TYR A 32 2.86 6.77 -4.59
C TYR A 32 3.17 8.19 -4.13
N GLY A 33 3.32 8.42 -2.82
CA GLY A 33 3.62 9.76 -2.30
C GLY A 33 3.24 9.88 -0.83
N ASN A 34 3.51 11.06 -0.24
CA ASN A 34 3.27 11.31 1.17
C ASN A 34 1.79 11.34 1.52
N VAL A 35 1.46 10.76 2.68
CA VAL A 35 0.10 10.63 3.19
C VAL A 35 -0.04 11.47 4.46
N GLU A 36 -1.27 11.71 4.91
CA GLU A 36 -1.53 12.49 6.12
C GLU A 36 -2.62 11.88 6.99
N LYS A 37 -3.86 11.75 6.48
CA LYS A 37 -4.99 11.27 7.29
C LYS A 37 -6.04 10.54 6.45
N VAL A 38 -6.80 9.65 7.08
CA VAL A 38 -7.89 8.93 6.44
C VAL A 38 -9.04 8.71 7.42
N LYS A 39 -10.27 8.72 6.93
CA LYS A 39 -11.45 8.54 7.75
C LYS A 39 -12.60 7.95 6.93
N PHE A 40 -13.26 6.92 7.47
CA PHE A 40 -14.36 6.26 6.81
C PHE A 40 -15.72 6.97 6.89
N MET A 41 -16.56 6.80 5.86
CA MET A 41 -17.87 7.44 5.82
C MET A 41 -18.85 6.74 6.77
N LYS A 42 -19.55 7.55 7.57
CA LYS A 42 -20.57 7.09 8.50
C LYS A 42 -21.90 6.80 7.79
N SER A 43 -22.14 7.45 6.65
CA SER A 43 -23.42 7.35 5.94
C SER A 43 -23.38 6.42 4.73
N LYS A 44 -22.19 5.92 4.36
CA LYS A 44 -22.04 5.09 3.16
C LYS A 44 -21.65 3.67 3.55
N PRO A 45 -21.99 2.68 2.72
CA PRO A 45 -21.70 1.28 2.97
C PRO A 45 -20.21 0.95 2.79
N GLY A 46 -19.45 1.84 2.15
CA GLY A 46 -18.02 1.65 1.95
C GLY A 46 -17.41 2.80 1.18
N ALA A 47 -16.92 3.81 1.91
CA ALA A 47 -16.26 4.96 1.34
C ALA A 47 -15.39 5.62 2.41
N ALA A 48 -14.42 6.43 2.00
CA ALA A 48 -13.53 7.10 2.94
C ALA A 48 -12.92 8.36 2.35
N MET A 49 -12.78 9.39 3.19
CA MET A 49 -12.11 10.63 2.82
C MET A 49 -10.64 10.50 3.20
N VAL A 50 -9.77 11.20 2.45
CA VAL A 50 -8.33 11.09 2.60
C VAL A 50 -7.64 12.43 2.50
N GLU A 51 -6.49 12.58 3.16
CA GLU A 51 -5.68 13.78 3.10
C GLU A 51 -4.23 13.37 2.83
N MET A 52 -3.59 14.05 1.88
CA MET A 52 -2.27 13.67 1.39
C MET A 52 -1.57 14.90 0.80
N ALA A 53 -0.29 14.76 0.43
CA ALA A 53 0.38 15.80 -0.34
C ALA A 53 -0.34 15.82 -1.69
N ASP A 54 -1.07 16.88 -1.99
CA ASP A 54 -1.98 16.81 -3.12
C ASP A 54 -1.32 16.82 -4.48
N GLY A 55 -0.20 17.52 -4.63
CA GLY A 55 0.49 17.64 -5.90
C GLY A 55 0.78 16.25 -6.47
N TYR A 56 1.93 15.69 -6.09
CA TYR A 56 2.36 14.42 -6.63
C TYR A 56 1.63 13.17 -6.11
N ALA A 57 1.07 13.21 -4.89
CA ALA A 57 0.48 12.00 -4.34
C ALA A 57 -0.99 11.86 -4.74
N VAL A 58 -1.75 12.96 -4.86
CA VAL A 58 -3.15 12.80 -5.23
C VAL A 58 -3.25 12.75 -6.76
N ASP A 59 -2.28 13.35 -7.47
CA ASP A 59 -2.25 13.21 -8.91
C ASP A 59 -2.01 11.77 -9.36
N ARG A 60 -0.96 11.14 -8.83
CA ARG A 60 -0.62 9.77 -9.25
C ARG A 60 -1.64 8.74 -8.79
N ALA A 61 -2.28 8.96 -7.63
CA ALA A 61 -3.32 8.03 -7.19
C ALA A 61 -4.52 8.09 -8.14
N ILE A 62 -4.81 9.27 -8.68
CA ILE A 62 -5.86 9.48 -9.66
C ILE A 62 -5.41 9.02 -11.05
N THR A 63 -4.12 8.79 -11.24
CA THR A 63 -3.59 8.31 -12.51
C THR A 63 -3.49 6.79 -12.62
N HIS A 64 -3.43 6.06 -11.49
CA HIS A 64 -3.12 4.64 -11.55
C HIS A 64 -4.08 3.69 -10.82
N LEU A 65 -4.87 4.17 -9.85
CA LEU A 65 -5.66 3.25 -9.02
C LEU A 65 -7.11 3.66 -8.81
N ASN A 66 -7.48 4.92 -9.11
CA ASN A 66 -8.77 5.44 -8.73
C ASN A 66 -10.00 4.90 -9.49
N ASN A 67 -10.81 3.95 -9.00
CA ASN A 67 -11.73 3.15 -9.84
C ASN A 67 -10.99 2.03 -10.60
N ASN A 68 -9.81 1.62 -10.13
CA ASN A 68 -9.16 0.42 -10.65
C ASN A 68 -9.71 -0.80 -9.89
N PHE A 69 -9.51 -2.00 -10.42
CA PHE A 69 -9.96 -3.24 -9.80
C PHE A 69 -9.11 -3.77 -8.66
N MET A 70 -9.73 -4.32 -7.61
CA MET A 70 -9.04 -4.85 -6.45
C MET A 70 -9.97 -5.79 -5.67
N PHE A 71 -9.45 -6.92 -5.20
CA PHE A 71 -10.25 -7.89 -4.45
C PHE A 71 -11.50 -8.45 -5.11
N GLY A 72 -11.51 -8.52 -6.45
CA GLY A 72 -12.66 -9.00 -7.20
C GLY A 72 -13.76 -7.93 -7.27
N GLN A 73 -13.43 -6.71 -6.84
CA GLN A 73 -14.33 -5.57 -6.81
C GLN A 73 -13.58 -4.35 -7.37
N LYS A 74 -14.15 -3.16 -7.20
CA LYS A 74 -13.55 -1.93 -7.68
C LYS A 74 -13.69 -0.83 -6.63
N MET A 75 -12.68 0.03 -6.50
CA MET A 75 -12.76 1.16 -5.57
C MET A 75 -12.49 2.45 -6.34
N ASN A 76 -13.56 3.20 -6.60
CA ASN A 76 -13.56 4.40 -7.42
C ASN A 76 -12.70 5.50 -6.83
N VAL A 77 -11.79 6.19 -7.56
CA VAL A 77 -11.24 7.38 -6.86
C VAL A 77 -11.35 8.70 -7.61
N CYS A 78 -11.43 9.80 -6.84
CA CYS A 78 -11.61 11.15 -7.35
C CYS A 78 -11.25 12.14 -6.23
N VAL A 79 -11.15 13.43 -6.57
CA VAL A 79 -10.84 14.48 -5.59
C VAL A 79 -11.98 14.73 -4.60
N SER A 80 -11.64 15.04 -3.34
CA SER A 80 -12.61 15.35 -2.31
C SER A 80 -12.94 16.84 -2.31
N LYS A 81 -14.15 17.20 -1.85
CA LYS A 81 -14.57 18.61 -1.80
C LYS A 81 -14.46 19.19 -0.39
N GLN A 82 -13.97 18.40 0.56
CA GLN A 82 -13.74 18.84 1.92
C GLN A 82 -12.50 19.74 1.97
N PRO A 83 -12.39 20.62 2.98
CA PRO A 83 -11.22 21.46 3.17
C PRO A 83 -10.05 20.65 3.75
N ALA A 84 -10.33 19.79 4.73
CA ALA A 84 -9.34 18.94 5.39
C ALA A 84 -10.06 17.95 6.30
N ILE A 85 -9.36 16.89 6.74
CA ILE A 85 -9.91 15.95 7.69
C ILE A 85 -9.83 16.52 9.10
N MET A 86 -10.89 16.35 9.89
CA MET A 86 -10.91 16.79 11.28
C MET A 86 -10.83 15.58 12.22
N PRO A 87 -9.97 15.63 13.24
CA PRO A 87 -9.90 14.61 14.28
C PRO A 87 -11.08 14.78 15.21
N GLY A 88 -11.45 13.72 15.95
CA GLY A 88 -12.59 13.79 16.86
C GLY A 88 -13.19 12.42 17.13
N GLN A 89 -14.52 12.35 17.05
CA GLN A 89 -15.28 11.14 17.35
C GLN A 89 -15.09 10.10 16.24
N SER A 90 -15.36 8.82 16.57
CA SER A 90 -15.23 7.71 15.64
C SER A 90 -16.22 6.61 16.03
N TYR A 91 -16.37 5.61 15.15
CA TYR A 91 -17.27 4.48 15.39
C TYR A 91 -16.61 3.11 15.34
N GLY A 92 -15.29 3.08 15.12
CA GLY A 92 -14.54 1.84 14.99
C GLY A 92 -14.66 1.25 13.59
N LEU A 93 -14.08 0.06 13.41
CA LEU A 93 -14.07 -0.66 12.14
C LEU A 93 -14.17 -2.17 12.42
N GLU A 94 -14.53 -2.94 11.40
CA GLU A 94 -14.58 -4.40 11.55
C GLU A 94 -13.15 -4.95 11.66
N ASP A 95 -12.16 -4.19 11.19
CA ASP A 95 -10.75 -4.55 11.22
C ASP A 95 -9.86 -3.56 11.99
N GLY A 96 -10.48 -2.65 12.76
CA GLY A 96 -9.73 -1.63 13.48
C GLY A 96 -10.53 -1.06 14.65
N SER A 97 -9.83 -0.31 15.52
CA SER A 97 -10.43 0.23 16.74
C SER A 97 -11.10 1.57 16.48
N CYS A 98 -10.61 2.34 15.51
CA CYS A 98 -11.17 3.64 15.17
C CYS A 98 -11.50 3.74 13.67
N SER A 99 -12.49 4.56 13.33
CA SER A 99 -12.86 4.83 11.94
C SER A 99 -11.95 5.91 11.34
N TYR A 100 -10.91 6.29 12.09
CA TYR A 100 -9.92 7.29 11.71
C TYR A 100 -8.48 6.90 11.96
N LYS A 101 -7.56 7.37 11.10
CA LYS A 101 -6.15 7.02 11.20
C LYS A 101 -5.29 8.14 10.61
N ASP A 102 -4.05 8.23 11.08
CA ASP A 102 -3.10 9.24 10.64
C ASP A 102 -1.70 8.70 10.32
N PHE A 103 -1.05 9.31 9.33
CA PHE A 103 0.28 8.94 8.87
C PHE A 103 1.29 10.09 8.81
N SER A 104 0.93 11.24 9.37
CA SER A 104 1.72 12.46 9.28
C SER A 104 3.06 12.33 10.02
N GLU A 105 3.14 11.39 10.97
CA GLU A 105 4.36 11.15 11.74
C GLU A 105 4.94 9.77 11.45
N SER A 106 4.32 9.01 10.54
CA SER A 106 4.77 7.67 10.21
C SER A 106 5.99 7.69 9.30
N ARG A 107 6.89 6.71 9.45
CA ARG A 107 8.06 6.58 8.60
C ARG A 107 7.70 5.95 7.26
N ASN A 108 6.46 5.46 7.12
CA ASN A 108 6.01 4.79 5.90
C ASN A 108 6.04 5.72 4.69
N ASN A 109 6.01 7.04 4.94
CA ASN A 109 6.06 8.03 3.89
C ASN A 109 7.34 7.87 3.06
N ARG A 110 7.20 7.68 1.75
CA ARG A 110 8.35 7.44 0.89
C ARG A 110 9.05 8.75 0.52
N PHE A 111 8.29 9.83 0.40
CA PHE A 111 8.78 11.15 0.02
C PHE A 111 9.06 12.14 1.17
N SER A 112 9.10 11.65 2.41
CA SER A 112 9.24 12.50 3.59
C SER A 112 10.65 13.07 3.77
N THR A 113 11.61 12.64 2.96
CA THR A 113 12.99 13.11 3.06
C THR A 113 13.64 13.43 1.72
N PRO A 114 14.59 14.39 1.70
CA PRO A 114 15.29 14.79 0.49
C PRO A 114 16.26 13.72 0.03
N GLU A 115 16.74 12.87 0.94
CA GLU A 115 17.67 11.79 0.58
C GLU A 115 16.91 10.60 0.00
N GLN A 116 15.62 10.45 0.34
CA GLN A 116 14.78 9.42 -0.27
C GLN A 116 14.25 9.92 -1.61
N ALA A 117 13.83 11.18 -1.68
CA ALA A 117 13.28 11.75 -2.89
C ALA A 117 14.31 11.81 -4.01
N ALA A 118 15.60 11.70 -3.67
CA ALA A 118 16.67 11.71 -4.66
C ALA A 118 16.82 10.35 -5.34
N LYS A 119 16.29 9.28 -4.74
CA LYS A 119 16.39 7.94 -5.29
C LYS A 119 15.03 7.27 -5.49
N ASN A 120 13.94 7.92 -5.10
CA ASN A 120 12.61 7.35 -5.30
C ASN A 120 12.30 7.21 -6.79
N ARG A 121 11.46 6.24 -7.13
CA ARG A 121 11.06 5.97 -8.50
C ARG A 121 9.65 5.39 -8.52
N ILE A 122 8.83 5.84 -9.46
CA ILE A 122 7.44 5.44 -9.59
C ILE A 122 7.10 5.25 -11.06
N GLN A 123 6.23 4.29 -11.36
CA GLN A 123 5.86 3.94 -12.73
C GLN A 123 4.38 3.53 -12.78
N HIS A 124 3.87 3.31 -13.99
CA HIS A 124 2.52 2.82 -14.21
C HIS A 124 2.33 1.49 -13.47
N PRO A 125 1.09 1.14 -13.10
CA PRO A 125 0.81 -0.08 -12.37
C PRO A 125 1.18 -1.30 -13.22
N SER A 126 1.60 -2.38 -12.55
CA SER A 126 2.09 -3.58 -13.21
C SER A 126 1.85 -4.80 -12.32
N ASN A 127 2.00 -5.99 -12.89
CA ASN A 127 1.79 -7.22 -12.14
C ASN A 127 3.04 -7.60 -11.34
N VAL A 128 4.11 -6.80 -11.46
CA VAL A 128 5.35 -7.03 -10.74
C VAL A 128 5.47 -6.21 -9.47
N LEU A 129 5.90 -6.85 -8.37
CA LEU A 129 6.15 -6.20 -7.09
C LEU A 129 7.62 -6.33 -6.74
N HIS A 130 8.11 -5.43 -5.87
CA HIS A 130 9.47 -5.41 -5.38
C HIS A 130 9.43 -5.34 -3.85
N PHE A 131 10.27 -6.12 -3.17
CA PHE A 131 10.27 -6.14 -1.71
C PHE A 131 11.64 -5.86 -1.08
N PHE A 132 11.60 -5.43 0.17
CA PHE A 132 12.77 -5.08 0.95
C PHE A 132 12.37 -5.46 2.38
N ASN A 133 13.37 -5.54 3.28
CA ASN A 133 13.16 -5.98 4.66
C ASN A 133 12.55 -7.38 4.72
N ALA A 134 13.25 -8.35 4.11
CA ALA A 134 12.85 -9.75 4.14
C ALA A 134 14.00 -10.63 4.63
N PRO A 135 13.72 -11.78 5.25
CA PRO A 135 14.75 -12.71 5.69
C PRO A 135 15.46 -13.34 4.49
N LEU A 136 16.63 -13.93 4.73
CA LEU A 136 17.45 -14.53 3.69
C LEU A 136 16.79 -15.80 3.13
N GLU A 137 15.81 -16.35 3.84
CA GLU A 137 15.14 -17.58 3.45
C GLU A 137 13.67 -17.32 3.07
N VAL A 138 13.35 -16.07 2.70
CA VAL A 138 11.99 -15.67 2.40
C VAL A 138 11.39 -16.32 1.15
N THR A 139 12.22 -16.94 0.31
CA THR A 139 11.85 -17.34 -1.05
C THR A 139 10.62 -18.22 -1.11
N GLU A 140 10.21 -18.70 -2.30
CA GLU A 140 8.93 -19.37 -2.52
C GLU A 140 8.34 -20.09 -1.29
N GLU A 141 9.19 -20.69 -0.43
CA GLU A 141 8.76 -21.22 0.84
C GLU A 141 8.09 -20.19 1.77
N ASN A 142 8.63 -18.97 2.00
CA ASN A 142 7.99 -18.13 2.99
C ASN A 142 6.89 -17.37 2.27
N PHE A 143 7.07 -17.15 0.96
CA PHE A 143 6.02 -16.51 0.19
C PHE A 143 4.75 -17.32 0.04
N PHE A 144 4.87 -18.66 -0.03
CA PHE A 144 3.71 -19.52 -0.12
C PHE A 144 2.97 -19.74 1.19
N GLU A 145 3.68 -19.93 2.30
CA GLU A 145 3.01 -20.19 3.56
C GLU A 145 2.39 -18.91 4.14
N ILE A 146 2.98 -17.74 3.84
CA ILE A 146 2.41 -16.47 4.30
C ILE A 146 1.16 -16.15 3.48
N CYS A 147 1.19 -16.41 2.17
CA CYS A 147 0.07 -16.14 1.30
C CYS A 147 -1.11 -17.02 1.69
N ASP A 148 -0.83 -18.22 2.20
CA ASP A 148 -1.87 -19.15 2.64
C ASP A 148 -2.60 -18.67 3.90
N GLU A 149 -1.86 -18.17 4.89
CA GLU A 149 -2.45 -17.68 6.13
C GLU A 149 -3.25 -16.39 5.90
N LEU A 150 -2.96 -15.67 4.82
CA LEU A 150 -3.68 -14.45 4.48
C LEU A 150 -4.84 -14.73 3.51
N GLY A 151 -4.97 -15.97 3.04
CA GLY A 151 -6.07 -16.40 2.19
C GLY A 151 -5.98 -15.85 0.75
N VAL A 152 -4.90 -15.15 0.42
CA VAL A 152 -4.73 -14.57 -0.91
C VAL A 152 -4.31 -15.60 -1.96
N LYS A 153 -4.47 -15.27 -3.25
CA LYS A 153 -4.01 -16.14 -4.33
C LYS A 153 -2.49 -16.08 -4.42
N ARG A 154 -1.86 -17.22 -4.74
CA ARG A 154 -0.41 -17.33 -4.80
C ARG A 154 0.15 -16.60 -6.02
N PRO A 155 1.37 -16.06 -5.94
CA PRO A 155 2.04 -15.39 -7.04
C PRO A 155 2.45 -16.40 -8.12
N THR A 156 2.60 -15.92 -9.35
CA THR A 156 3.02 -16.76 -10.47
C THR A 156 4.53 -16.92 -10.61
N SER A 157 5.31 -16.02 -9.98
CA SER A 157 6.75 -16.10 -10.00
C SER A 157 7.36 -15.41 -8.79
N VAL A 158 8.58 -15.80 -8.42
CA VAL A 158 9.29 -15.30 -7.25
C VAL A 158 10.79 -15.21 -7.52
N LYS A 159 11.46 -14.20 -6.95
CA LYS A 159 12.90 -14.03 -7.05
C LYS A 159 13.44 -13.42 -5.76
N VAL A 160 14.65 -13.81 -5.36
CA VAL A 160 15.29 -13.33 -4.14
C VAL A 160 16.77 -13.20 -4.44
N PHE A 161 17.42 -12.19 -3.84
CA PHE A 161 18.83 -11.94 -4.02
C PHE A 161 19.52 -11.20 -2.85
N SER A 162 20.80 -10.88 -3.03
CA SER A 162 21.60 -10.20 -2.02
C SER A 162 22.39 -9.05 -2.64
N GLY A 163 23.17 -8.36 -1.81
CA GLY A 163 24.00 -7.23 -2.21
C GLY A 163 23.33 -5.88 -1.91
N LYS A 164 22.06 -5.91 -1.47
CA LYS A 164 21.33 -4.70 -1.12
C LYS A 164 21.58 -4.29 0.32
N SER A 165 21.73 -5.28 1.22
CA SER A 165 21.95 -5.05 2.63
C SER A 165 22.40 -6.33 3.32
N GLU A 166 23.06 -6.20 4.47
CA GLU A 166 23.45 -7.35 5.28
C GLU A 166 22.42 -7.59 6.39
N ARG A 167 21.47 -6.67 6.54
CA ARG A 167 20.42 -6.76 7.54
C ARG A 167 19.20 -7.50 7.01
N SER A 168 18.97 -7.44 5.69
CA SER A 168 17.81 -8.10 5.09
C SER A 168 17.99 -8.30 3.58
N SER A 169 17.28 -9.29 3.05
CA SER A 169 17.25 -9.64 1.63
C SER A 169 16.24 -8.77 0.89
N SER A 170 16.26 -8.87 -0.44
CA SER A 170 15.37 -8.16 -1.34
C SER A 170 15.05 -9.02 -2.55
N GLY A 171 14.00 -8.68 -3.31
CA GLY A 171 13.64 -9.47 -4.48
C GLY A 171 12.37 -8.98 -5.15
N LEU A 172 11.89 -9.73 -6.15
CA LEU A 172 10.71 -9.39 -6.93
C LEU A 172 9.66 -10.49 -6.85
N LEU A 173 8.40 -10.14 -7.16
CA LEU A 173 7.27 -11.05 -7.18
C LEU A 173 6.41 -10.71 -8.40
N GLU A 174 5.58 -11.65 -8.87
CA GLU A 174 4.74 -11.40 -10.03
C GLU A 174 3.45 -12.21 -9.97
N TRP A 175 2.37 -11.64 -10.52
CA TRP A 175 1.05 -12.26 -10.58
C TRP A 175 0.52 -12.36 -12.01
N ASP A 176 -0.57 -13.11 -12.19
CA ASP A 176 -1.16 -13.36 -13.51
C ASP A 176 -1.92 -12.13 -14.01
N SER A 177 -2.11 -11.11 -13.16
CA SER A 177 -2.85 -9.91 -13.54
C SER A 177 -2.44 -8.72 -12.67
N LYS A 178 -2.69 -7.50 -13.18
CA LYS A 178 -2.36 -6.28 -12.46
C LYS A 178 -3.25 -6.10 -11.24
N SER A 179 -4.50 -6.59 -11.29
CA SER A 179 -5.41 -6.49 -10.17
C SER A 179 -5.10 -7.56 -9.13
N ASP A 180 -4.49 -8.67 -9.54
CA ASP A 180 -4.03 -9.70 -8.63
C ASP A 180 -2.79 -9.25 -7.87
N ALA A 181 -1.97 -8.40 -8.52
CA ALA A 181 -0.79 -7.84 -7.90
C ALA A 181 -1.17 -6.70 -6.94
N LEU A 182 -2.29 -6.03 -7.19
CA LEU A 182 -2.74 -4.91 -6.37
C LEU A 182 -3.42 -5.40 -5.08
N GLU A 183 -4.16 -6.51 -5.15
CA GLU A 183 -4.82 -7.03 -3.96
C GLU A 183 -3.79 -7.68 -3.04
N THR A 184 -2.80 -8.37 -3.62
CA THR A 184 -1.71 -8.94 -2.83
C THR A 184 -0.73 -7.92 -2.30
N LEU A 185 -0.67 -6.74 -2.93
CA LEU A 185 0.08 -5.60 -2.41
C LEU A 185 -0.62 -5.10 -1.15
N GLY A 186 -1.96 -5.15 -1.13
CA GLY A 186 -2.74 -4.69 -0.01
C GLY A 186 -2.47 -5.52 1.24
N PHE A 187 -2.41 -6.85 1.10
CA PHE A 187 -2.20 -7.75 2.23
C PHE A 187 -0.77 -8.05 2.67
N LEU A 188 0.23 -7.81 1.83
CA LEU A 188 1.61 -8.16 2.16
C LEU A 188 2.46 -6.93 2.49
N ASN A 189 1.98 -5.71 2.19
CA ASN A 189 2.77 -4.53 2.50
C ASN A 189 2.69 -4.26 4.01
N HIS A 190 3.82 -3.84 4.59
CA HIS A 190 3.95 -3.55 6.02
C HIS A 190 3.54 -4.74 6.89
N TYR A 191 3.51 -5.94 6.31
CA TYR A 191 3.15 -7.15 7.04
C TYR A 191 4.22 -7.66 8.02
N GLN A 192 3.79 -8.12 9.21
CA GLN A 192 4.71 -8.57 10.25
C GLN A 192 5.34 -9.90 9.87
N MET A 193 6.67 -9.96 9.88
CA MET A 193 7.41 -11.17 9.54
C MET A 193 7.54 -12.10 10.74
N LYS A 194 7.67 -13.40 10.47
CA LYS A 194 7.97 -14.40 11.48
C LYS A 194 9.37 -14.13 12.06
N ASN A 195 9.63 -14.62 13.27
CA ASN A 195 10.90 -14.39 13.94
C ASN A 195 11.32 -15.59 14.81
N PRO A 196 11.45 -16.77 14.22
CA PRO A 196 11.82 -18.00 14.91
C PRO A 196 13.28 -17.95 15.40
N ASN A 197 13.98 -16.85 15.16
CA ASN A 197 15.38 -16.69 15.54
C ASN A 197 15.66 -15.26 16.01
N GLY A 198 14.62 -14.56 16.49
CA GLY A 198 14.75 -13.20 16.98
C GLY A 198 13.72 -12.90 18.06
N PRO A 199 14.01 -11.94 18.95
CA PRO A 199 13.16 -11.58 20.08
C PRO A 199 11.90 -10.83 19.63
N TYR A 200 11.94 -10.20 18.45
CA TYR A 200 10.80 -9.48 17.90
C TYR A 200 10.74 -9.41 16.38
N PRO A 201 9.53 -9.33 15.81
CA PRO A 201 9.31 -9.24 14.37
C PRO A 201 9.68 -7.86 13.82
N TYR A 202 9.92 -7.81 12.51
CA TYR A 202 10.17 -6.56 11.78
C TYR A 202 9.20 -6.66 10.61
N THR A 203 8.60 -5.54 10.20
CA THR A 203 7.68 -5.54 9.07
C THR A 203 8.34 -5.59 7.70
N LEU A 204 7.78 -6.39 6.79
CA LEU A 204 8.22 -6.47 5.42
C LEU A 204 7.58 -5.34 4.63
N LYS A 205 8.22 -4.86 3.56
CA LYS A 205 7.64 -3.79 2.75
C LYS A 205 7.83 -4.08 1.27
N LEU A 206 6.89 -3.60 0.44
CA LEU A 206 6.96 -3.78 -0.99
C LEU A 206 6.14 -2.72 -1.72
N CYS A 207 6.37 -2.60 -3.02
CA CYS A 207 5.70 -1.63 -3.88
C CYS A 207 5.78 -2.07 -5.33
N PHE A 208 5.04 -1.40 -6.22
CA PHE A 208 5.09 -1.71 -7.63
C PHE A 208 6.49 -1.63 -8.24
N SER A 209 6.93 -2.71 -8.89
CA SER A 209 8.31 -2.85 -9.31
C SER A 209 8.62 -2.22 -10.67
N THR A 210 9.87 -1.80 -10.85
CA THR A 210 10.43 -1.38 -12.13
C THR A 210 11.49 -2.34 -12.68
N ALA A 211 11.64 -3.51 -12.06
CA ALA A 211 12.60 -4.52 -12.46
C ALA A 211 12.30 -5.10 -13.84
N GLN A 212 13.28 -5.78 -14.43
CA GLN A 212 13.16 -6.32 -15.78
C GLN A 212 12.62 -7.75 -15.81
N HIS A 213 12.42 -8.36 -14.64
CA HIS A 213 11.90 -9.72 -14.50
C HIS A 213 11.58 -10.00 -13.03
N ALA A 214 11.06 -11.20 -12.76
CA ALA A 214 10.72 -11.60 -11.40
C ALA A 214 11.03 -13.08 -11.17
N SER A 215 12.07 -13.60 -11.83
CA SER A 215 12.47 -15.01 -11.74
C SER A 215 13.99 -15.12 -11.66
N TYR A 1 8.00 22.60 -10.24
CA TYR A 1 7.50 21.52 -9.36
C TYR A 1 6.66 20.45 -10.05
N GLY A 2 5.46 20.82 -10.49
CA GLY A 2 4.57 19.92 -11.21
C GLY A 2 3.11 20.36 -11.08
N PRO A 3 2.20 19.69 -11.80
CA PRO A 3 0.76 19.93 -11.73
C PRO A 3 0.23 19.42 -10.40
N HIS A 4 -1.00 19.82 -10.04
CA HIS A 4 -1.59 19.42 -8.77
C HIS A 4 -3.11 19.43 -8.83
N ALA A 5 -3.71 18.66 -7.91
CA ALA A 5 -5.15 18.54 -7.77
C ALA A 5 -5.76 19.79 -7.12
N ASP A 6 -7.08 19.92 -7.20
CA ASP A 6 -7.80 21.06 -6.63
C ASP A 6 -7.88 21.08 -5.10
N SER A 7 -7.46 19.99 -4.45
CA SER A 7 -7.48 19.90 -3.00
C SER A 7 -6.50 18.82 -2.51
N PRO A 8 -5.89 19.00 -1.33
CA PRO A 8 -5.06 18.00 -0.69
C PRO A 8 -5.89 16.82 -0.21
N VAL A 9 -7.21 16.98 -0.16
CA VAL A 9 -8.12 15.91 0.22
C VAL A 9 -8.51 15.04 -0.97
N LEU A 10 -8.71 13.75 -0.72
CA LEU A 10 -9.04 12.75 -1.72
C LEU A 10 -10.19 11.88 -1.19
N MET A 11 -10.98 11.27 -2.08
CA MET A 11 -12.15 10.52 -1.67
C MET A 11 -12.25 9.23 -2.48
N VAL A 12 -12.53 8.12 -1.80
CA VAL A 12 -12.60 6.79 -2.40
C VAL A 12 -13.93 6.16 -2.01
N TYR A 13 -14.47 5.30 -2.87
CA TYR A 13 -15.76 4.64 -2.65
C TYR A 13 -15.56 3.20 -3.13
N GLY A 14 -16.60 2.38 -2.96
CA GLY A 14 -16.58 0.99 -3.39
C GLY A 14 -15.87 0.08 -2.39
N LEU A 15 -15.60 0.57 -1.18
CA LEU A 15 -14.91 -0.19 -0.14
C LEU A 15 -15.84 -1.15 0.58
N ASP A 16 -16.95 -1.54 -0.06
CA ASP A 16 -17.98 -2.37 0.55
C ASP A 16 -17.55 -3.80 0.92
N GLN A 17 -16.54 -4.35 0.23
CA GLN A 17 -16.06 -5.69 0.52
C GLN A 17 -15.39 -5.77 1.89
N SER A 18 -15.35 -6.99 2.44
CA SER A 18 -14.91 -7.27 3.80
C SER A 18 -13.39 -7.28 3.93
N LYS A 19 -12.71 -6.53 3.07
CA LYS A 19 -11.26 -6.59 2.93
C LYS A 19 -10.61 -5.20 2.93
N MET A 20 -11.40 -4.15 3.15
CA MET A 20 -10.88 -2.79 3.15
C MET A 20 -10.73 -2.29 4.59
N ASN A 21 -9.66 -1.54 4.85
CA ASN A 21 -9.38 -0.98 6.16
C ASN A 21 -8.52 0.28 6.01
N CYS A 22 -8.61 1.21 6.96
CA CYS A 22 -7.92 2.49 6.85
C CYS A 22 -6.40 2.32 6.71
N ASP A 23 -5.81 1.35 7.39
CA ASP A 23 -4.39 1.10 7.28
C ASP A 23 -4.02 0.50 5.92
N ARG A 24 -4.87 -0.40 5.41
CA ARG A 24 -4.61 -1.15 4.19
C ARG A 24 -4.81 -0.29 2.93
N VAL A 25 -5.92 0.45 2.90
CA VAL A 25 -6.27 1.27 1.73
C VAL A 25 -5.27 2.43 1.64
N PHE A 26 -4.96 3.04 2.78
CA PHE A 26 -4.20 4.27 2.77
C PHE A 26 -2.74 3.97 2.49
N ASN A 27 -2.20 2.80 2.86
CA ASN A 27 -0.80 2.52 2.57
C ASN A 27 -0.65 2.14 1.08
N VAL A 28 -1.69 1.52 0.50
CA VAL A 28 -1.64 1.13 -0.91
C VAL A 28 -1.38 2.42 -1.70
N PHE A 29 -2.21 3.46 -1.55
CA PHE A 29 -1.90 4.72 -2.19
C PHE A 29 -0.81 5.60 -1.55
N CYS A 30 -0.28 5.20 -0.39
CA CYS A 30 0.77 5.97 0.27
C CYS A 30 2.10 5.77 -0.46
N LEU A 31 2.31 4.60 -1.06
CA LEU A 31 3.53 4.37 -1.82
C LEU A 31 3.65 5.34 -2.99
N TYR A 32 2.55 5.99 -3.37
CA TYR A 32 2.52 6.96 -4.47
C TYR A 32 2.85 8.42 -4.15
N GLY A 33 2.99 8.77 -2.87
CA GLY A 33 3.27 10.16 -2.51
C GLY A 33 3.22 10.40 -1.00
N ASN A 34 3.32 11.68 -0.60
CA ASN A 34 3.34 12.09 0.79
C ASN A 34 1.90 12.20 1.32
N VAL A 35 1.57 11.44 2.36
CA VAL A 35 0.23 11.38 2.94
C VAL A 35 0.13 11.92 4.35
N GLU A 36 -1.11 12.16 4.82
CA GLU A 36 -1.34 12.70 6.15
C GLU A 36 -2.39 11.91 6.94
N LYS A 37 -3.64 11.81 6.47
CA LYS A 37 -4.69 11.11 7.23
C LYS A 37 -5.66 10.35 6.33
N VAL A 38 -6.50 9.53 6.97
CA VAL A 38 -7.57 8.76 6.33
C VAL A 38 -8.72 8.64 7.32
N LYS A 39 -9.97 8.67 6.84
CA LYS A 39 -11.15 8.57 7.70
C LYS A 39 -12.35 8.02 6.93
N PHE A 40 -12.94 6.93 7.44
CA PHE A 40 -14.10 6.29 6.82
C PHE A 40 -15.43 7.02 6.92
N MET A 41 -16.34 6.75 5.98
CA MET A 41 -17.67 7.34 5.96
C MET A 41 -18.65 6.55 6.83
N LYS A 42 -19.35 7.25 7.72
CA LYS A 42 -20.42 6.68 8.54
C LYS A 42 -21.74 6.54 7.76
N SER A 43 -21.89 7.27 6.65
CA SER A 43 -23.12 7.29 5.88
C SER A 43 -23.08 6.43 4.62
N LYS A 44 -21.97 5.73 4.37
CA LYS A 44 -21.79 4.93 3.16
C LYS A 44 -21.40 3.50 3.50
N PRO A 45 -21.74 2.52 2.64
CA PRO A 45 -21.42 1.12 2.84
C PRO A 45 -19.92 0.86 2.67
N GLY A 46 -19.19 1.80 2.07
CA GLY A 46 -17.75 1.68 1.89
C GLY A 46 -17.18 2.88 1.15
N ALA A 47 -16.69 3.86 1.91
CA ALA A 47 -16.07 5.06 1.37
C ALA A 47 -15.21 5.70 2.45
N ALA A 48 -14.25 6.56 2.06
CA ALA A 48 -13.38 7.21 3.02
C ALA A 48 -12.72 8.46 2.46
N MET A 49 -12.54 9.46 3.34
CA MET A 49 -11.76 10.65 3.05
C MET A 49 -10.28 10.38 3.31
N VAL A 50 -9.41 11.12 2.63
CA VAL A 50 -7.97 10.96 2.75
C VAL A 50 -7.34 12.33 2.56
N GLU A 51 -6.17 12.57 3.14
CA GLU A 51 -5.45 13.83 2.93
C GLU A 51 -3.98 13.56 2.65
N MET A 52 -3.42 14.31 1.72
CA MET A 52 -2.05 14.13 1.23
C MET A 52 -1.60 15.37 0.47
N ALA A 53 -0.32 15.42 0.10
CA ALA A 53 0.18 16.50 -0.75
C ALA A 53 -0.54 16.39 -2.09
N ASP A 54 -1.17 17.47 -2.56
CA ASP A 54 -2.06 17.35 -3.71
C ASP A 54 -1.33 17.12 -5.02
N GLY A 55 -0.14 17.72 -5.18
CA GLY A 55 0.61 17.61 -6.40
C GLY A 55 0.93 16.16 -6.72
N TYR A 56 2.01 15.65 -6.14
CA TYR A 56 2.45 14.29 -6.43
C TYR A 56 1.51 13.18 -6.00
N ALA A 57 0.84 13.32 -4.86
CA ALA A 57 0.08 12.21 -4.32
C ALA A 57 -1.35 12.14 -4.86
N VAL A 58 -2.02 13.27 -5.10
CA VAL A 58 -3.41 13.16 -5.57
C VAL A 58 -3.40 12.94 -7.08
N ASP A 59 -2.37 13.44 -7.78
CA ASP A 59 -2.27 13.22 -9.21
C ASP A 59 -1.99 11.75 -9.51
N ARG A 60 -1.02 11.14 -8.81
CA ARG A 60 -0.63 9.76 -9.09
C ARG A 60 -1.71 8.75 -8.72
N ALA A 61 -2.46 8.97 -7.63
CA ALA A 61 -3.50 8.02 -7.27
C ALA A 61 -4.64 8.09 -8.29
N ILE A 62 -4.92 9.29 -8.81
CA ILE A 62 -5.95 9.48 -9.81
C ILE A 62 -5.48 9.01 -11.18
N THR A 63 -4.17 8.79 -11.36
CA THR A 63 -3.61 8.31 -12.61
C THR A 63 -3.38 6.80 -12.63
N HIS A 64 -3.36 6.14 -11.46
CA HIS A 64 -2.91 4.75 -11.43
C HIS A 64 -3.83 3.77 -10.70
N LEU A 65 -4.64 4.19 -9.73
CA LEU A 65 -5.40 3.23 -8.91
C LEU A 65 -6.87 3.60 -8.71
N ASN A 66 -7.29 4.81 -9.07
CA ASN A 66 -8.60 5.32 -8.66
C ASN A 66 -9.82 4.69 -9.35
N ASN A 67 -10.60 3.76 -8.80
CA ASN A 67 -11.53 2.92 -9.57
C ASN A 67 -10.82 1.77 -10.32
N ASN A 68 -9.62 1.38 -9.91
CA ASN A 68 -9.01 0.17 -10.43
C ASN A 68 -9.63 -1.05 -9.74
N PHE A 69 -9.50 -2.22 -10.37
CA PHE A 69 -9.98 -3.47 -9.80
C PHE A 69 -9.12 -4.04 -8.65
N MET A 70 -9.78 -4.52 -7.59
CA MET A 70 -9.12 -5.03 -6.40
C MET A 70 -10.06 -5.97 -5.66
N PHE A 71 -9.53 -7.06 -5.11
CA PHE A 71 -10.32 -8.05 -4.38
C PHE A 71 -11.46 -8.72 -5.17
N GLY A 72 -11.41 -8.64 -6.50
CA GLY A 72 -12.50 -9.14 -7.35
C GLY A 72 -13.64 -8.13 -7.42
N GLN A 73 -13.39 -6.91 -6.91
CA GLN A 73 -14.34 -5.81 -6.86
C GLN A 73 -13.63 -4.55 -7.38
N LYS A 74 -14.17 -3.38 -7.09
CA LYS A 74 -13.60 -2.11 -7.53
C LYS A 74 -13.60 -1.09 -6.39
N MET A 75 -12.58 -0.23 -6.37
CA MET A 75 -12.49 0.86 -5.40
C MET A 75 -12.21 2.15 -6.16
N ASN A 76 -13.28 2.93 -6.35
CA ASN A 76 -13.34 4.12 -7.17
C ASN A 76 -12.46 5.25 -6.63
N VAL A 77 -11.61 5.96 -7.42
CA VAL A 77 -11.06 7.17 -6.76
C VAL A 77 -11.24 8.49 -7.52
N CYS A 78 -11.32 9.58 -6.77
CA CYS A 78 -11.51 10.94 -7.29
C CYS A 78 -11.13 11.93 -6.19
N VAL A 79 -11.04 13.22 -6.52
CA VAL A 79 -10.71 14.26 -5.56
C VAL A 79 -11.85 14.61 -4.60
N SER A 80 -11.52 14.97 -3.36
CA SER A 80 -12.50 15.36 -2.36
C SER A 80 -12.84 16.85 -2.46
N LYS A 81 -14.02 17.24 -1.96
CA LYS A 81 -14.43 18.64 -2.00
C LYS A 81 -14.04 19.37 -0.71
N GLN A 82 -13.56 18.62 0.29
CA GLN A 82 -13.16 19.17 1.57
C GLN A 82 -11.79 19.85 1.47
N PRO A 83 -11.52 20.88 2.28
CA PRO A 83 -10.25 21.58 2.28
C PRO A 83 -9.16 20.83 3.05
N ALA A 84 -9.53 20.10 4.12
CA ALA A 84 -8.60 19.35 4.94
C ALA A 84 -9.35 18.40 5.87
N ILE A 85 -8.67 17.37 6.39
CA ILE A 85 -9.24 16.48 7.39
C ILE A 85 -8.93 17.02 8.79
N MET A 86 -9.97 17.25 9.58
CA MET A 86 -9.84 17.56 11.00
C MET A 86 -9.53 16.29 11.77
N PRO A 87 -8.98 16.37 12.99
CA PRO A 87 -8.68 15.21 13.81
C PRO A 87 -9.89 14.29 13.86
N GLY A 88 -9.73 13.07 13.34
CA GLY A 88 -10.85 12.17 13.12
C GLY A 88 -11.36 11.46 14.37
N GLN A 89 -12.68 11.44 14.52
CA GLN A 89 -13.34 10.61 15.51
C GLN A 89 -13.37 9.18 14.95
N SER A 90 -13.62 8.16 15.77
CA SER A 90 -13.59 6.80 15.26
C SER A 90 -14.66 5.90 15.90
N TYR A 91 -14.97 4.81 15.20
CA TYR A 91 -15.99 3.86 15.58
C TYR A 91 -15.67 2.41 15.23
N GLY A 92 -14.46 2.18 14.69
CA GLY A 92 -14.02 0.87 14.24
C GLY A 92 -14.55 0.54 12.84
N LEU A 93 -14.21 -0.66 12.35
CA LEU A 93 -14.63 -1.13 11.03
C LEU A 93 -14.92 -2.63 11.11
N GLU A 94 -15.70 -3.14 10.16
CA GLU A 94 -16.04 -4.55 10.12
C GLU A 94 -14.82 -5.42 9.77
N ASP A 95 -13.75 -4.79 9.28
CA ASP A 95 -12.52 -5.46 8.91
C ASP A 95 -11.33 -4.92 9.70
N GLY A 96 -11.59 -4.41 10.92
CA GLY A 96 -10.53 -3.85 11.76
C GLY A 96 -11.09 -3.43 13.11
N SER A 97 -10.42 -2.45 13.75
CA SER A 97 -10.84 -1.94 15.05
C SER A 97 -10.83 -0.41 15.08
N CYS A 98 -10.24 0.25 14.07
CA CYS A 98 -10.22 1.69 13.98
C CYS A 98 -10.75 2.15 12.62
N SER A 99 -11.24 3.39 12.53
CA SER A 99 -11.75 3.97 11.30
C SER A 99 -11.03 5.28 10.92
N TYR A 100 -10.01 5.66 11.69
CA TYR A 100 -9.17 6.84 11.45
C TYR A 100 -7.69 6.64 11.80
N LYS A 101 -6.79 7.20 11.00
CA LYS A 101 -5.36 7.01 11.23
C LYS A 101 -4.54 8.16 10.64
N ASP A 102 -3.34 8.35 11.19
CA ASP A 102 -2.39 9.38 10.77
C ASP A 102 -1.06 8.80 10.29
N PHE A 103 -0.58 9.28 9.14
CA PHE A 103 0.65 8.83 8.51
C PHE A 103 1.71 9.90 8.25
N SER A 104 1.44 11.14 8.68
CA SER A 104 2.34 12.26 8.47
C SER A 104 3.62 12.11 9.30
N GLU A 105 3.60 11.24 10.32
CA GLU A 105 4.76 10.96 11.15
C GLU A 105 5.23 9.51 10.98
N SER A 106 4.54 8.73 10.15
CA SER A 106 4.89 7.34 9.92
C SER A 106 6.11 7.22 9.02
N ARG A 107 6.93 6.18 9.25
CA ARG A 107 8.11 5.93 8.44
C ARG A 107 7.73 5.33 7.09
N ASN A 108 6.51 4.80 6.97
CA ASN A 108 6.04 4.18 5.75
C ASN A 108 5.91 5.21 4.62
N ASN A 109 5.75 6.49 5.00
CA ASN A 109 5.64 7.59 4.06
C ASN A 109 6.98 7.77 3.35
N ARG A 110 7.01 7.52 2.04
CA ARG A 110 8.26 7.51 1.29
C ARG A 110 8.69 8.92 0.90
N PHE A 111 7.72 9.82 0.72
CA PHE A 111 7.96 11.20 0.35
C PHE A 111 8.15 12.17 1.51
N SER A 112 8.24 11.64 2.74
CA SER A 112 8.28 12.44 3.95
C SER A 112 9.61 13.18 4.13
N THR A 113 10.66 12.74 3.42
CA THR A 113 12.00 13.33 3.53
C THR A 113 12.69 13.56 2.20
N PRO A 114 13.56 14.59 2.12
CA PRO A 114 14.26 14.93 0.90
C PRO A 114 15.32 13.88 0.54
N GLU A 115 15.82 13.12 1.52
CA GLU A 115 16.81 12.09 1.25
C GLU A 115 16.15 10.81 0.74
N GLN A 116 14.85 10.60 1.04
CA GLN A 116 14.10 9.49 0.49
C GLN A 116 13.54 9.88 -0.88
N ALA A 117 13.08 11.12 -1.03
CA ALA A 117 12.47 11.61 -2.25
C ALA A 117 13.51 11.74 -3.37
N ALA A 118 14.79 11.81 -3.03
CA ALA A 118 15.86 11.93 -4.01
C ALA A 118 16.11 10.61 -4.74
N LYS A 119 15.63 9.50 -4.18
CA LYS A 119 15.80 8.17 -4.77
C LYS A 119 14.45 7.47 -4.99
N ASN A 120 13.40 8.24 -5.26
CA ASN A 120 12.08 7.68 -5.51
C ASN A 120 12.09 6.69 -6.67
N ARG A 121 11.09 5.80 -6.67
CA ARG A 121 10.93 4.78 -7.68
C ARG A 121 9.43 4.60 -7.90
N ILE A 122 8.89 5.25 -8.94
CA ILE A 122 7.45 5.28 -9.20
C ILE A 122 7.19 5.08 -10.70
N GLN A 123 6.21 4.25 -11.03
CA GLN A 123 5.80 3.95 -12.40
C GLN A 123 4.32 3.57 -12.44
N HIS A 124 3.78 3.41 -13.65
CA HIS A 124 2.42 2.96 -13.87
C HIS A 124 2.19 1.60 -13.17
N PRO A 125 0.94 1.25 -12.85
CA PRO A 125 0.63 0.04 -12.12
C PRO A 125 1.03 -1.18 -12.96
N SER A 126 1.38 -2.27 -12.28
CA SER A 126 1.89 -3.47 -12.93
C SER A 126 1.62 -4.70 -12.07
N ASN A 127 1.78 -5.89 -12.66
CA ASN A 127 1.57 -7.15 -11.96
C ASN A 127 2.85 -7.54 -11.18
N VAL A 128 3.89 -6.72 -11.27
CA VAL A 128 5.14 -6.92 -10.54
C VAL A 128 5.20 -6.12 -9.25
N LEU A 129 5.71 -6.73 -8.18
CA LEU A 129 5.94 -6.05 -6.90
C LEU A 129 7.41 -6.19 -6.52
N HIS A 130 7.90 -5.25 -5.71
CA HIS A 130 9.26 -5.23 -5.21
C HIS A 130 9.20 -5.29 -3.69
N PHE A 131 10.14 -6.02 -3.06
CA PHE A 131 10.10 -6.15 -1.60
C PHE A 131 11.50 -6.00 -1.03
N PHE A 132 11.55 -5.67 0.26
CA PHE A 132 12.79 -5.43 0.99
C PHE A 132 12.47 -5.83 2.43
N ASN A 133 13.50 -5.93 3.27
CA ASN A 133 13.35 -6.42 4.64
C ASN A 133 12.75 -7.82 4.65
N ALA A 134 13.41 -8.77 3.98
CA ALA A 134 12.92 -10.14 3.90
C ALA A 134 14.07 -11.14 4.11
N PRO A 135 14.07 -11.85 5.26
CA PRO A 135 15.01 -12.90 5.56
C PRO A 135 15.09 -13.98 4.49
N LEU A 136 16.13 -14.81 4.56
CA LEU A 136 16.41 -15.85 3.57
C LEU A 136 15.36 -16.96 3.62
N GLU A 137 14.58 -17.04 4.70
CA GLU A 137 13.64 -18.13 4.91
C GLU A 137 12.26 -17.87 4.29
N VAL A 138 11.99 -16.65 3.83
CA VAL A 138 10.64 -16.30 3.39
C VAL A 138 10.25 -16.72 1.99
N THR A 139 11.21 -17.11 1.15
CA THR A 139 10.99 -17.28 -0.28
C THR A 139 9.83 -18.21 -0.62
N GLU A 140 9.54 -18.40 -1.92
CA GLU A 140 8.48 -19.25 -2.47
C GLU A 140 7.57 -19.90 -1.41
N GLU A 141 8.14 -20.77 -0.57
CA GLU A 141 7.44 -21.43 0.52
C GLU A 141 6.79 -20.49 1.55
N ASN A 142 7.40 -19.38 2.01
CA ASN A 142 6.70 -18.62 3.03
C ASN A 142 5.84 -17.62 2.28
N PHE A 143 6.25 -17.24 1.06
CA PHE A 143 5.38 -16.40 0.26
C PHE A 143 4.03 -17.05 -0.05
N PHE A 144 4.07 -18.37 -0.28
CA PHE A 144 2.89 -19.16 -0.59
C PHE A 144 1.91 -19.35 0.57
N GLU A 145 2.42 -19.77 1.74
CA GLU A 145 1.54 -20.03 2.85
C GLU A 145 1.12 -18.75 3.57
N ILE A 146 1.88 -17.65 3.42
CA ILE A 146 1.46 -16.38 3.99
C ILE A 146 0.28 -15.82 3.20
N CYS A 147 0.30 -15.94 1.87
CA CYS A 147 -0.81 -15.48 1.06
C CYS A 147 -2.07 -16.30 1.35
N ASP A 148 -1.91 -17.59 1.67
CA ASP A 148 -3.03 -18.44 2.00
C ASP A 148 -3.76 -17.99 3.26
N GLU A 149 -3.00 -17.57 4.28
CA GLU A 149 -3.57 -17.07 5.54
C GLU A 149 -4.17 -15.68 5.37
N LEU A 150 -3.95 -15.03 4.22
CA LEU A 150 -4.46 -13.69 3.94
C LEU A 150 -5.59 -13.73 2.92
N GLY A 151 -5.92 -14.92 2.39
CA GLY A 151 -7.01 -15.10 1.45
C GLY A 151 -6.68 -14.61 0.03
N VAL A 152 -5.60 -13.84 -0.12
CA VAL A 152 -5.15 -13.37 -1.43
C VAL A 152 -4.35 -14.48 -2.13
N LYS A 153 -4.31 -14.46 -3.46
CA LYS A 153 -3.64 -15.50 -4.22
C LYS A 153 -2.12 -15.34 -4.16
N ARG A 154 -1.40 -16.47 -4.21
CA ARG A 154 0.06 -16.49 -4.20
C ARG A 154 0.60 -15.94 -5.52
N PRO A 155 1.84 -15.44 -5.54
CA PRO A 155 2.49 -14.96 -6.75
C PRO A 155 2.75 -16.11 -7.72
N THR A 156 2.76 -15.79 -9.02
CA THR A 156 3.06 -16.76 -10.07
C THR A 156 4.55 -16.90 -10.37
N SER A 157 5.37 -15.96 -9.89
CA SER A 157 6.82 -16.02 -10.02
C SER A 157 7.50 -15.29 -8.87
N VAL A 158 8.73 -15.68 -8.55
CA VAL A 158 9.50 -15.15 -7.43
C VAL A 158 10.98 -15.04 -7.80
N LYS A 159 11.66 -14.03 -7.27
CA LYS A 159 13.09 -13.84 -7.45
C LYS A 159 13.68 -13.20 -6.21
N VAL A 160 14.89 -13.62 -5.81
CA VAL A 160 15.60 -13.08 -4.67
C VAL A 160 17.08 -12.86 -4.94
N PHE A 161 17.66 -11.86 -4.28
CA PHE A 161 19.07 -11.52 -4.45
C PHE A 161 19.73 -10.82 -3.26
N SER A 162 20.96 -10.36 -3.45
CA SER A 162 21.72 -9.68 -2.41
C SER A 162 22.52 -8.52 -3.00
N GLY A 163 23.32 -7.85 -2.15
CA GLY A 163 24.14 -6.72 -2.52
C GLY A 163 23.46 -5.38 -2.21
N LYS A 164 22.18 -5.41 -1.82
CA LYS A 164 21.46 -4.21 -1.45
C LYS A 164 21.64 -3.89 0.04
N SER A 165 21.89 -4.91 0.85
CA SER A 165 22.17 -4.76 2.28
C SER A 165 22.77 -6.05 2.83
N GLU A 166 23.33 -5.98 4.03
CA GLU A 166 23.90 -7.13 4.71
C GLU A 166 22.90 -7.72 5.71
N ARG A 167 21.75 -7.05 5.89
CA ARG A 167 20.73 -7.47 6.86
C ARG A 167 19.90 -8.64 6.37
N SER A 168 19.40 -8.57 5.13
CA SER A 168 18.51 -9.58 4.59
C SER A 168 18.43 -9.49 3.08
N SER A 169 17.75 -10.46 2.46
CA SER A 169 17.58 -10.51 1.02
C SER A 169 16.50 -9.53 0.56
N SER A 170 16.43 -9.31 -0.75
CA SER A 170 15.43 -8.47 -1.39
C SER A 170 15.17 -9.04 -2.78
N GLY A 171 14.06 -8.65 -3.42
CA GLY A 171 13.74 -9.21 -4.73
C GLY A 171 12.41 -8.73 -5.28
N LEU A 172 11.94 -9.44 -6.32
CA LEU A 172 10.71 -9.11 -7.03
C LEU A 172 9.72 -10.27 -6.96
N LEU A 173 8.45 -9.97 -7.17
CA LEU A 173 7.35 -10.92 -7.19
C LEU A 173 6.43 -10.57 -8.36
N GLU A 174 5.66 -11.54 -8.87
CA GLU A 174 4.80 -11.29 -10.01
C GLU A 174 3.51 -12.12 -9.92
N TRP A 175 2.41 -11.55 -10.44
CA TRP A 175 1.09 -12.18 -10.45
C TRP A 175 0.51 -12.25 -11.87
N ASP A 176 -0.61 -12.95 -12.04
CA ASP A 176 -1.23 -13.14 -13.34
C ASP A 176 -1.93 -11.85 -13.84
N SER A 177 -2.10 -10.86 -12.98
CA SER A 177 -2.77 -9.61 -13.34
C SER A 177 -2.37 -8.48 -12.41
N LYS A 178 -2.64 -7.23 -12.81
CA LYS A 178 -2.32 -6.06 -12.00
C LYS A 178 -3.24 -5.98 -10.79
N SER A 179 -4.47 -6.50 -10.90
CA SER A 179 -5.41 -6.51 -9.79
C SER A 179 -5.03 -7.60 -8.77
N ASP A 180 -4.34 -8.65 -9.23
CA ASP A 180 -3.84 -9.70 -8.37
C ASP A 180 -2.69 -9.21 -7.51
N ALA A 181 -1.84 -8.34 -8.08
CA ALA A 181 -0.73 -7.75 -7.34
C ALA A 181 -1.25 -6.65 -6.41
N LEU A 182 -2.35 -5.99 -6.77
CA LEU A 182 -2.91 -4.91 -5.98
C LEU A 182 -3.59 -5.44 -4.72
N GLU A 183 -4.33 -6.55 -4.81
CA GLU A 183 -4.98 -7.10 -3.63
C GLU A 183 -3.92 -7.70 -2.70
N THR A 184 -2.88 -8.32 -3.26
CA THR A 184 -1.79 -8.85 -2.46
C THR A 184 -0.93 -7.76 -1.84
N LEU A 185 -0.85 -6.59 -2.46
CA LEU A 185 -0.13 -5.46 -1.91
C LEU A 185 -0.82 -5.01 -0.62
N GLY A 186 -2.16 -5.02 -0.62
CA GLY A 186 -2.93 -4.54 0.51
C GLY A 186 -2.72 -5.43 1.74
N PHE A 187 -2.82 -6.76 1.57
CA PHE A 187 -2.63 -7.69 2.68
C PHE A 187 -1.21 -8.10 3.04
N LEU A 188 -0.28 -8.08 2.09
CA LEU A 188 1.06 -8.61 2.33
C LEU A 188 2.06 -7.53 2.77
N ASN A 189 1.76 -6.25 2.51
CA ASN A 189 2.67 -5.19 2.90
C ASN A 189 2.68 -5.03 4.43
N HIS A 190 3.81 -4.59 4.97
CA HIS A 190 4.01 -4.35 6.39
C HIS A 190 3.75 -5.59 7.26
N TYR A 191 3.84 -6.78 6.65
CA TYR A 191 3.65 -8.04 7.38
C TYR A 191 4.71 -8.35 8.43
N GLN A 192 4.29 -8.80 9.61
CA GLN A 192 5.20 -9.09 10.71
C GLN A 192 5.93 -10.42 10.48
N MET A 193 7.25 -10.38 10.43
CA MET A 193 8.07 -11.56 10.17
C MET A 193 8.46 -12.29 11.44
N LYS A 194 8.70 -13.60 11.33
CA LYS A 194 9.23 -14.41 12.40
C LYS A 194 10.67 -14.00 12.69
N ASN A 195 11.18 -14.40 13.86
CA ASN A 195 12.54 -14.09 14.26
C ASN A 195 13.04 -15.22 15.19
N PRO A 196 14.11 -15.93 14.80
CA PRO A 196 14.59 -17.10 15.52
C PRO A 196 15.31 -16.78 16.83
N ASN A 197 15.77 -15.55 17.03
CA ASN A 197 16.52 -15.21 18.24
C ASN A 197 16.50 -13.73 18.62
N GLY A 198 15.92 -12.87 17.78
CA GLY A 198 15.87 -11.44 18.07
C GLY A 198 14.83 -11.13 19.15
N PRO A 199 14.98 -9.99 19.83
CA PRO A 199 14.07 -9.55 20.89
C PRO A 199 12.72 -9.11 20.34
N TYR A 200 12.65 -8.79 19.04
CA TYR A 200 11.43 -8.38 18.37
C TYR A 200 11.37 -8.65 16.87
N PRO A 201 10.18 -8.81 16.29
CA PRO A 201 10.00 -9.00 14.87
C PRO A 201 10.27 -7.70 14.11
N TYR A 202 10.46 -7.80 12.80
CA TYR A 202 10.66 -6.66 11.91
C TYR A 202 9.64 -6.91 10.79
N THR A 203 9.01 -5.85 10.29
CA THR A 203 8.04 -5.98 9.21
C THR A 203 8.63 -6.00 7.80
N LEU A 204 8.07 -6.86 6.94
CA LEU A 204 8.43 -6.92 5.53
C LEU A 204 7.73 -5.77 4.81
N LYS A 205 8.35 -5.22 3.77
CA LYS A 205 7.73 -4.13 3.04
C LYS A 205 7.80 -4.39 1.54
N LEU A 206 6.78 -3.91 0.81
CA LEU A 206 6.73 -4.05 -0.64
C LEU A 206 5.84 -2.98 -1.26
N CYS A 207 5.99 -2.80 -2.57
CA CYS A 207 5.26 -1.82 -3.36
C CYS A 207 5.34 -2.16 -4.85
N PHE A 208 4.64 -1.41 -5.70
CA PHE A 208 4.68 -1.64 -7.13
C PHE A 208 6.08 -1.56 -7.73
N SER A 209 6.50 -2.61 -8.45
CA SER A 209 7.87 -2.71 -8.91
C SER A 209 8.13 -1.91 -10.19
N THR A 210 9.37 -1.46 -10.33
CA THR A 210 9.89 -0.86 -11.56
C THR A 210 11.02 -1.65 -12.23
N ALA A 211 11.24 -2.88 -11.75
CA ALA A 211 12.28 -3.77 -12.23
C ALA A 211 12.02 -4.24 -13.67
N GLN A 212 13.06 -4.77 -14.31
CA GLN A 212 12.97 -5.23 -15.69
C GLN A 212 12.74 -6.75 -15.76
N HIS A 213 12.67 -7.42 -14.59
CA HIS A 213 12.48 -8.86 -14.51
C HIS A 213 11.85 -9.23 -13.18
N ALA A 214 11.40 -10.49 -13.06
CA ALA A 214 10.85 -11.03 -11.83
C ALA A 214 11.21 -12.51 -11.68
N SER A 215 12.25 -12.95 -12.40
CA SER A 215 12.69 -14.34 -12.46
C SER A 215 14.20 -14.44 -12.31
N TYR A 1 3.71 22.21 -16.68
CA TYR A 1 4.61 21.36 -15.88
C TYR A 1 4.39 21.43 -14.37
N GLY A 2 4.60 20.32 -13.67
CA GLY A 2 4.45 20.24 -12.22
C GLY A 2 2.99 20.42 -11.78
N PRO A 3 2.04 19.68 -12.38
CA PRO A 3 0.63 19.79 -12.06
C PRO A 3 0.33 19.26 -10.66
N HIS A 4 -0.84 19.62 -10.12
CA HIS A 4 -1.26 19.21 -8.79
C HIS A 4 -2.78 19.21 -8.69
N ALA A 5 -3.33 18.46 -7.73
CA ALA A 5 -4.77 18.39 -7.51
C ALA A 5 -5.29 19.68 -6.88
N ASP A 6 -6.61 19.89 -6.99
CA ASP A 6 -7.26 21.09 -6.47
C ASP A 6 -7.42 21.13 -4.95
N SER A 7 -7.07 20.03 -4.26
CA SER A 7 -7.19 19.94 -2.82
C SER A 7 -6.28 18.83 -2.28
N PRO A 8 -5.71 19.00 -1.07
CA PRO A 8 -4.94 17.97 -0.39
C PRO A 8 -5.85 16.82 0.04
N VAL A 9 -7.17 17.03 0.00
CA VAL A 9 -8.14 16.01 0.34
C VAL A 9 -8.55 15.16 -0.87
N LEU A 10 -8.87 13.89 -0.62
CA LEU A 10 -9.23 12.94 -1.66
C LEU A 10 -10.37 12.07 -1.13
N MET A 11 -11.19 11.49 -2.02
CA MET A 11 -12.37 10.74 -1.60
C MET A 11 -12.53 9.47 -2.42
N VAL A 12 -12.76 8.34 -1.75
CA VAL A 12 -12.83 7.02 -2.37
C VAL A 12 -14.16 6.37 -1.99
N TYR A 13 -14.64 5.45 -2.83
CA TYR A 13 -15.93 4.79 -2.65
C TYR A 13 -15.73 3.35 -3.14
N GLY A 14 -16.76 2.52 -2.97
CA GLY A 14 -16.72 1.13 -3.41
C GLY A 14 -16.07 0.23 -2.38
N LEU A 15 -15.80 0.73 -1.18
CA LEU A 15 -15.13 -0.01 -0.11
C LEU A 15 -16.08 -0.93 0.65
N ASP A 16 -17.16 -1.38 0.00
CA ASP A 16 -18.18 -2.20 0.62
C ASP A 16 -17.70 -3.57 1.12
N GLN A 17 -16.85 -4.24 0.34
CA GLN A 17 -16.34 -5.55 0.68
C GLN A 17 -15.43 -5.49 1.90
N SER A 18 -15.42 -6.57 2.68
CA SER A 18 -14.70 -6.65 3.96
C SER A 18 -13.18 -6.68 3.79
N LYS A 19 -12.69 -6.79 2.55
CA LYS A 19 -11.26 -6.80 2.28
C LYS A 19 -10.64 -5.42 2.44
N MET A 20 -11.47 -4.37 2.48
CA MET A 20 -10.97 -3.00 2.58
C MET A 20 -10.84 -2.57 4.04
N ASN A 21 -9.85 -1.72 4.30
CA ASN A 21 -9.60 -1.12 5.60
C ASN A 21 -8.71 0.10 5.41
N CYS A 22 -8.70 1.02 6.38
CA CYS A 22 -7.94 2.25 6.27
C CYS A 22 -6.44 2.00 6.09
N ASP A 23 -5.92 0.90 6.65
CA ASP A 23 -4.52 0.55 6.50
C ASP A 23 -4.22 0.00 5.10
N ARG A 24 -5.15 -0.78 4.54
CA ARG A 24 -4.96 -1.43 3.25
C ARG A 24 -5.00 -0.39 2.13
N VAL A 25 -6.05 0.43 2.12
CA VAL A 25 -6.30 1.37 1.05
C VAL A 25 -5.25 2.47 1.05
N PHE A 26 -4.92 2.97 2.25
CA PHE A 26 -4.10 4.17 2.33
C PHE A 26 -2.66 3.77 2.03
N ASN A 27 -2.22 2.55 2.33
CA ASN A 27 -0.84 2.18 2.02
C ASN A 27 -0.68 1.99 0.51
N VAL A 28 -1.72 1.49 -0.17
CA VAL A 28 -1.66 1.27 -1.61
C VAL A 28 -1.33 2.60 -2.27
N PHE A 29 -2.13 3.64 -2.04
CA PHE A 29 -1.78 4.95 -2.56
C PHE A 29 -0.68 5.74 -1.83
N CYS A 30 -0.18 5.22 -0.71
CA CYS A 30 0.90 5.89 0.01
C CYS A 30 2.24 5.70 -0.68
N LEU A 31 2.45 4.54 -1.33
CA LEU A 31 3.71 4.29 -2.02
C LEU A 31 3.96 5.31 -3.14
N TYR A 32 2.95 6.07 -3.54
CA TYR A 32 3.05 7.06 -4.60
C TYR A 32 3.57 8.45 -4.22
N GLY A 33 3.70 8.74 -2.93
CA GLY A 33 4.10 10.07 -2.48
C GLY A 33 4.01 10.23 -0.96
N ASN A 34 3.78 11.45 -0.50
CA ASN A 34 3.64 11.76 0.92
C ASN A 34 2.17 11.87 1.31
N VAL A 35 1.76 11.11 2.32
CA VAL A 35 0.40 11.11 2.85
C VAL A 35 0.31 11.63 4.28
N GLU A 36 -0.92 11.94 4.73
CA GLU A 36 -1.12 12.48 6.07
C GLU A 36 -2.14 11.64 6.86
N LYS A 37 -3.40 11.58 6.39
CA LYS A 37 -4.50 11.00 7.16
C LYS A 37 -5.50 10.26 6.26
N VAL A 38 -6.31 9.39 6.88
CA VAL A 38 -7.38 8.65 6.23
C VAL A 38 -8.52 8.42 7.22
N LYS A 39 -9.76 8.33 6.73
CA LYS A 39 -10.91 8.10 7.60
C LYS A 39 -12.10 7.50 6.83
N PHE A 40 -12.69 6.45 7.40
CA PHE A 40 -13.86 5.78 6.84
C PHE A 40 -15.22 6.42 7.15
N MET A 41 -16.26 6.04 6.39
CA MET A 41 -17.59 6.61 6.55
C MET A 41 -18.64 5.54 6.85
N LYS A 42 -19.35 5.68 7.97
CA LYS A 42 -20.53 4.86 8.28
C LYS A 42 -21.75 5.36 7.52
N SER A 43 -21.68 6.56 6.93
CA SER A 43 -22.80 7.18 6.23
C SER A 43 -23.02 6.58 4.84
N LYS A 44 -22.10 5.72 4.38
CA LYS A 44 -22.15 5.09 3.06
C LYS A 44 -21.91 3.59 3.20
N PRO A 45 -22.31 2.78 2.22
CA PRO A 45 -22.08 1.34 2.23
C PRO A 45 -20.58 1.03 2.16
N GLY A 46 -19.77 2.01 1.75
CA GLY A 46 -18.32 1.88 1.72
C GLY A 46 -17.68 3.10 1.07
N ALA A 47 -17.16 4.00 1.89
CA ALA A 47 -16.51 5.22 1.42
C ALA A 47 -15.52 5.71 2.47
N ALA A 48 -14.54 6.52 2.05
CA ALA A 48 -13.54 7.05 2.94
C ALA A 48 -12.94 8.35 2.38
N MET A 49 -12.46 9.21 3.28
CA MET A 49 -11.78 10.44 2.94
C MET A 49 -10.29 10.28 3.21
N VAL A 50 -9.46 11.00 2.47
CA VAL A 50 -8.01 10.93 2.60
C VAL A 50 -7.38 12.32 2.55
N GLU A 51 -6.22 12.48 3.19
CA GLU A 51 -5.48 13.73 3.16
C GLU A 51 -4.02 13.42 2.84
N MET A 52 -3.47 14.12 1.85
CA MET A 52 -2.16 13.82 1.29
C MET A 52 -1.55 15.10 0.73
N ALA A 53 -0.27 15.06 0.32
CA ALA A 53 0.32 16.16 -0.42
C ALA A 53 -0.38 16.19 -1.79
N ASP A 54 -0.94 17.32 -2.19
CA ASP A 54 -1.81 17.29 -3.35
C ASP A 54 -1.11 17.13 -4.68
N GLY A 55 0.13 17.62 -4.77
CA GLY A 55 0.89 17.56 -6.00
C GLY A 55 1.17 16.12 -6.38
N TYR A 56 2.21 15.55 -5.80
CA TYR A 56 2.71 14.25 -6.22
C TYR A 56 1.70 13.20 -5.75
N ALA A 57 1.08 13.34 -4.57
CA ALA A 57 0.31 12.23 -4.05
C ALA A 57 -1.14 12.20 -4.52
N VAL A 58 -1.80 13.34 -4.74
CA VAL A 58 -3.20 13.28 -5.15
C VAL A 58 -3.29 13.19 -6.65
N ASP A 59 -2.28 13.68 -7.38
CA ASP A 59 -2.27 13.53 -8.83
C ASP A 59 -2.04 12.05 -9.18
N ARG A 60 -0.99 11.44 -8.61
CA ARG A 60 -0.65 10.06 -8.94
C ARG A 60 -1.74 9.09 -8.52
N ALA A 61 -2.41 9.33 -7.38
CA ALA A 61 -3.47 8.43 -6.94
C ALA A 61 -4.67 8.50 -7.90
N ILE A 62 -4.96 9.69 -8.43
CA ILE A 62 -6.02 9.89 -9.39
C ILE A 62 -5.60 9.46 -10.80
N THR A 63 -4.31 9.16 -11.00
CA THR A 63 -3.81 8.69 -12.29
C THR A 63 -3.65 7.17 -12.37
N HIS A 64 -3.56 6.45 -11.24
CA HIS A 64 -3.17 5.05 -11.29
C HIS A 64 -4.09 4.07 -10.54
N LEU A 65 -4.77 4.46 -9.46
CA LEU A 65 -5.53 3.49 -8.66
C LEU A 65 -7.00 3.84 -8.51
N ASN A 66 -7.39 5.06 -8.85
CA ASN A 66 -8.72 5.56 -8.50
C ASN A 66 -9.90 4.94 -9.27
N ASN A 67 -10.68 3.98 -8.77
CA ASN A 67 -11.56 3.13 -9.58
C ASN A 67 -10.81 2.02 -10.34
N ASN A 68 -9.61 1.63 -9.88
CA ASN A 68 -8.96 0.44 -10.40
C ASN A 68 -9.59 -0.81 -9.76
N PHE A 69 -9.36 -1.98 -10.36
CA PHE A 69 -9.83 -3.24 -9.79
C PHE A 69 -8.96 -3.83 -8.67
N MET A 70 -9.60 -4.30 -7.60
CA MET A 70 -8.90 -4.87 -6.44
C MET A 70 -9.87 -5.79 -5.69
N PHE A 71 -9.36 -6.91 -5.16
CA PHE A 71 -10.17 -7.87 -4.42
C PHE A 71 -11.35 -8.49 -5.16
N GLY A 72 -11.35 -8.43 -6.50
CA GLY A 72 -12.46 -8.88 -7.31
C GLY A 72 -13.58 -7.84 -7.31
N GLN A 73 -13.28 -6.64 -6.81
CA GLN A 73 -14.19 -5.52 -6.70
C GLN A 73 -13.47 -4.26 -7.19
N LYS A 74 -13.99 -3.07 -6.85
CA LYS A 74 -13.43 -1.81 -7.31
C LYS A 74 -13.38 -0.79 -6.18
N MET A 75 -12.39 0.10 -6.23
CA MET A 75 -12.19 1.17 -5.27
C MET A 75 -12.09 2.50 -6.01
N ASN A 76 -13.25 3.08 -6.33
CA ASN A 76 -13.41 4.27 -7.14
C ASN A 76 -12.61 5.46 -6.62
N VAL A 77 -11.76 6.18 -7.40
CA VAL A 77 -11.29 7.42 -6.76
C VAL A 77 -11.43 8.71 -7.58
N CYS A 78 -11.56 9.83 -6.86
CA CYS A 78 -11.66 11.17 -7.41
C CYS A 78 -11.30 12.17 -6.30
N VAL A 79 -11.07 13.44 -6.66
CA VAL A 79 -10.71 14.45 -5.68
C VAL A 79 -11.86 14.83 -4.73
N SER A 80 -11.53 15.14 -3.48
CA SER A 80 -12.52 15.53 -2.48
C SER A 80 -12.87 17.01 -2.60
N LYS A 81 -13.96 17.42 -1.94
CA LYS A 81 -14.34 18.83 -1.87
C LYS A 81 -14.56 19.29 -0.42
N GLN A 82 -14.12 18.45 0.54
CA GLN A 82 -14.08 18.83 1.94
C GLN A 82 -12.76 19.55 2.22
N PRO A 83 -12.72 20.44 3.22
CA PRO A 83 -11.53 21.23 3.53
C PRO A 83 -10.44 20.38 4.20
N ALA A 84 -10.82 19.44 5.07
CA ALA A 84 -9.87 18.60 5.78
C ALA A 84 -10.56 17.45 6.50
N ILE A 85 -9.81 16.39 6.81
CA ILE A 85 -10.32 15.31 7.65
C ILE A 85 -10.34 15.79 9.10
N MET A 86 -11.48 15.59 9.79
CA MET A 86 -11.58 15.92 11.20
C MET A 86 -11.36 14.68 12.05
N PRO A 87 -10.33 14.68 12.91
CA PRO A 87 -10.07 13.60 13.85
C PRO A 87 -11.04 13.70 15.02
N GLY A 88 -11.17 12.62 15.79
CA GLY A 88 -12.06 12.60 16.94
C GLY A 88 -12.64 11.20 17.19
N GLN A 89 -13.89 11.16 17.64
CA GLN A 89 -14.59 9.92 17.94
C GLN A 89 -14.96 9.21 16.64
N SER A 90 -15.07 7.88 16.69
CA SER A 90 -15.41 7.10 15.51
C SER A 90 -16.13 5.81 15.89
N TYR A 91 -16.74 5.16 14.89
CA TYR A 91 -17.50 3.94 15.09
C TYR A 91 -16.62 2.69 15.08
N GLY A 92 -15.32 2.86 14.80
CA GLY A 92 -14.38 1.76 14.71
C GLY A 92 -14.51 0.99 13.39
N LEU A 93 -13.72 -0.07 13.24
CA LEU A 93 -13.71 -0.92 12.06
C LEU A 93 -13.51 -2.37 12.49
N GLU A 94 -13.92 -3.33 11.65
CA GLU A 94 -13.80 -4.74 11.97
C GLU A 94 -12.35 -5.22 11.81
N ASP A 95 -11.49 -4.40 11.19
CA ASP A 95 -10.08 -4.70 11.02
C ASP A 95 -9.22 -3.62 11.70
N GLY A 96 -9.78 -2.97 12.72
CA GLY A 96 -9.11 -1.89 13.43
C GLY A 96 -9.84 -1.54 14.72
N SER A 97 -9.69 -0.29 15.18
CA SER A 97 -10.35 0.18 16.40
C SER A 97 -11.01 1.54 16.18
N CYS A 98 -10.49 2.33 15.23
CA CYS A 98 -11.06 3.62 14.87
C CYS A 98 -11.31 3.69 13.36
N SER A 99 -12.22 4.54 12.91
CA SER A 99 -12.44 4.74 11.48
C SER A 99 -11.32 5.61 10.93
N TYR A 100 -10.67 6.38 11.80
CA TYR A 100 -9.57 7.26 11.48
C TYR A 100 -8.16 6.70 11.69
N LYS A 101 -7.20 7.13 10.86
CA LYS A 101 -5.82 6.68 10.96
C LYS A 101 -4.89 7.71 10.30
N ASP A 102 -3.61 7.71 10.70
CA ASP A 102 -2.61 8.61 10.16
C ASP A 102 -1.29 7.95 9.79
N PHE A 103 -0.57 8.54 8.82
CA PHE A 103 0.68 8.02 8.31
C PHE A 103 1.87 8.99 8.30
N SER A 104 1.66 10.20 8.80
CA SER A 104 2.70 11.24 8.81
C SER A 104 3.87 10.85 9.71
N GLU A 105 3.66 9.90 10.62
CA GLU A 105 4.71 9.40 11.51
C GLU A 105 5.05 7.95 11.21
N SER A 106 4.41 7.36 10.18
CA SER A 106 4.60 5.96 9.83
C SER A 106 5.85 5.74 8.98
N ARG A 107 6.50 6.84 8.55
CA ARG A 107 7.66 6.82 7.67
C ARG A 107 7.39 6.21 6.29
N ASN A 108 6.21 5.62 6.08
CA ASN A 108 5.87 4.97 4.82
C ASN A 108 5.78 5.96 3.66
N ASN A 109 5.68 7.27 3.96
CA ASN A 109 5.66 8.29 2.94
C ASN A 109 6.90 8.15 2.06
N ARG A 110 6.72 8.02 0.74
CA ARG A 110 7.81 7.65 -0.13
C ARG A 110 8.82 8.78 -0.32
N PHE A 111 8.34 10.03 -0.32
CA PHE A 111 9.18 11.22 -0.48
C PHE A 111 9.58 11.98 0.79
N SER A 112 9.28 11.41 1.97
CA SER A 112 9.42 12.13 3.23
C SER A 112 10.87 12.25 3.71
N THR A 113 11.79 11.49 3.11
CA THR A 113 13.18 11.46 3.54
C THR A 113 14.19 11.58 2.40
N PRO A 114 15.37 12.18 2.68
CA PRO A 114 16.41 12.38 1.68
C PRO A 114 17.08 11.07 1.29
N GLU A 115 17.05 10.06 2.16
CA GLU A 115 17.64 8.77 1.84
C GLU A 115 16.74 7.99 0.87
N GLN A 116 15.44 8.27 0.88
CA GLN A 116 14.50 7.66 -0.05
C GLN A 116 14.47 8.46 -1.36
N ALA A 117 14.33 9.79 -1.23
CA ALA A 117 14.10 10.68 -2.36
C ALA A 117 15.29 10.72 -3.32
N ALA A 118 16.48 10.32 -2.87
CA ALA A 118 17.66 10.33 -3.73
C ALA A 118 17.61 9.21 -4.77
N LYS A 119 16.95 8.10 -4.43
CA LYS A 119 16.87 6.93 -5.31
C LYS A 119 15.45 6.49 -5.64
N ASN A 120 14.44 7.29 -5.28
CA ASN A 120 13.06 6.91 -5.54
C ASN A 120 12.76 6.72 -7.03
N ARG A 121 11.75 5.90 -7.31
CA ARG A 121 11.29 5.61 -8.67
C ARG A 121 9.83 5.19 -8.61
N ILE A 122 9.01 5.67 -9.54
CA ILE A 122 7.58 5.41 -9.59
C ILE A 122 7.13 5.22 -11.04
N GLN A 123 6.21 4.30 -11.26
CA GLN A 123 5.68 3.98 -12.60
C GLN A 123 4.22 3.55 -12.50
N HIS A 124 3.58 3.37 -13.66
CA HIS A 124 2.21 2.88 -13.75
C HIS A 124 2.11 1.50 -13.08
N PRO A 125 0.91 1.13 -12.59
CA PRO A 125 0.69 -0.14 -11.93
C PRO A 125 0.89 -1.29 -12.90
N SER A 126 1.38 -2.42 -12.38
CA SER A 126 1.74 -3.58 -13.18
C SER A 126 1.60 -4.84 -12.34
N ASN A 127 1.79 -6.01 -12.96
CA ASN A 127 1.65 -7.28 -12.25
C ASN A 127 2.94 -7.64 -11.51
N VAL A 128 3.98 -6.81 -11.63
CA VAL A 128 5.25 -7.01 -10.94
C VAL A 128 5.39 -6.17 -9.68
N LEU A 129 5.89 -6.78 -8.60
CA LEU A 129 6.13 -6.11 -7.32
C LEU A 129 7.60 -6.20 -6.95
N HIS A 130 8.05 -5.27 -6.12
CA HIS A 130 9.40 -5.23 -5.58
C HIS A 130 9.30 -5.12 -4.07
N PHE A 131 10.18 -5.80 -3.33
CA PHE A 131 10.11 -5.78 -1.88
C PHE A 131 11.49 -5.61 -1.26
N PHE A 132 11.48 -5.16 0.00
CA PHE A 132 12.69 -4.87 0.76
C PHE A 132 12.27 -5.14 2.21
N ASN A 133 13.25 -5.27 3.11
CA ASN A 133 13.02 -5.69 4.49
C ASN A 133 12.35 -7.06 4.54
N ALA A 134 12.99 -8.07 3.92
CA ALA A 134 12.47 -9.43 3.92
C ALA A 134 13.46 -10.41 4.53
N PRO A 135 13.00 -11.53 5.11
CA PRO A 135 13.85 -12.55 5.69
C PRO A 135 14.83 -13.13 4.67
N LEU A 136 15.97 -13.65 5.14
CA LEU A 136 17.00 -14.22 4.29
C LEU A 136 16.54 -15.52 3.63
N GLU A 137 15.47 -16.13 4.15
CA GLU A 137 14.93 -17.39 3.65
C GLU A 137 13.46 -17.24 3.24
N VAL A 138 13.07 -16.02 2.84
CA VAL A 138 11.70 -15.67 2.52
C VAL A 138 11.10 -16.42 1.33
N THR A 139 11.95 -17.03 0.48
CA THR A 139 11.57 -17.49 -0.85
C THR A 139 10.36 -18.42 -0.86
N GLU A 140 9.96 -18.95 -2.02
CA GLU A 140 8.69 -19.67 -2.24
C GLU A 140 8.06 -20.27 -0.97
N GLU A 141 8.83 -20.86 -0.07
CA GLU A 141 8.35 -21.31 1.23
C GLU A 141 7.72 -20.20 2.08
N ASN A 142 8.31 -19.00 2.25
CA ASN A 142 7.73 -18.05 3.18
C ASN A 142 6.68 -17.28 2.40
N PHE A 143 6.86 -17.16 1.09
CA PHE A 143 5.84 -16.51 0.27
C PHE A 143 4.53 -17.27 0.18
N PHE A 144 4.60 -18.60 0.13
CA PHE A 144 3.40 -19.41 0.06
C PHE A 144 2.61 -19.56 1.35
N GLU A 145 3.31 -19.70 2.49
CA GLU A 145 2.60 -19.85 3.74
C GLU A 145 1.97 -18.53 4.18
N ILE A 146 2.58 -17.40 3.79
CA ILE A 146 2.05 -16.09 4.17
C ILE A 146 0.79 -15.76 3.39
N CYS A 147 0.77 -16.00 2.07
CA CYS A 147 -0.41 -15.67 1.28
C CYS A 147 -1.57 -16.60 1.65
N ASP A 148 -1.25 -17.81 2.15
CA ASP A 148 -2.27 -18.74 2.59
C ASP A 148 -3.02 -18.25 3.83
N GLU A 149 -2.29 -17.68 4.80
CA GLU A 149 -2.89 -17.12 6.01
C GLU A 149 -3.67 -15.84 5.71
N LEU A 150 -3.42 -15.20 4.57
CA LEU A 150 -4.11 -13.97 4.19
C LEU A 150 -5.29 -14.26 3.27
N GLY A 151 -5.47 -15.51 2.84
CA GLY A 151 -6.58 -15.95 2.02
C GLY A 151 -6.50 -15.47 0.56
N VAL A 152 -5.59 -14.53 0.26
CA VAL A 152 -5.39 -14.04 -1.10
C VAL A 152 -4.59 -15.05 -1.92
N LYS A 153 -4.68 -14.97 -3.25
CA LYS A 153 -4.03 -15.93 -4.15
C LYS A 153 -2.51 -15.78 -4.10
N ARG A 154 -1.80 -16.87 -4.42
CA ARG A 154 -0.35 -16.91 -4.45
C ARG A 154 0.18 -16.23 -5.72
N PRO A 155 1.43 -15.77 -5.70
CA PRO A 155 2.10 -15.22 -6.87
C PRO A 155 2.40 -16.32 -7.89
N THR A 156 2.62 -15.92 -9.14
CA THR A 156 2.95 -16.83 -10.23
C THR A 156 4.45 -16.96 -10.49
N SER A 157 5.25 -16.03 -9.95
CA SER A 157 6.70 -16.08 -10.03
C SER A 157 7.33 -15.32 -8.87
N VAL A 158 8.60 -15.61 -8.57
CA VAL A 158 9.30 -15.03 -7.44
C VAL A 158 10.80 -15.01 -7.72
N LYS A 159 11.50 -14.02 -7.16
CA LYS A 159 12.95 -13.89 -7.23
C LYS A 159 13.46 -13.30 -5.93
N VAL A 160 14.60 -13.78 -5.45
CA VAL A 160 15.21 -13.33 -4.20
C VAL A 160 16.72 -13.23 -4.36
N PHE A 161 17.34 -12.20 -3.77
CA PHE A 161 18.77 -11.99 -3.93
C PHE A 161 19.51 -11.27 -2.80
N SER A 162 20.84 -11.32 -2.84
CA SER A 162 21.71 -10.63 -1.91
C SER A 162 22.04 -9.22 -2.41
N GLY A 163 22.67 -8.44 -1.54
CA GLY A 163 23.07 -7.07 -1.83
C GLY A 163 22.01 -6.06 -1.42
N LYS A 164 22.29 -4.78 -1.70
CA LYS A 164 21.43 -3.63 -1.39
C LYS A 164 21.19 -3.41 0.10
N SER A 165 21.55 -4.39 0.95
CA SER A 165 21.42 -4.29 2.38
C SER A 165 22.22 -5.40 3.07
N GLU A 166 22.50 -5.22 4.36
CA GLU A 166 23.15 -6.22 5.19
C GLU A 166 22.22 -6.67 6.32
N ARG A 167 21.05 -6.02 6.42
CA ARG A 167 20.05 -6.31 7.44
C ARG A 167 19.02 -7.32 6.96
N SER A 168 18.72 -7.32 5.65
CA SER A 168 17.63 -8.12 5.12
C SER A 168 17.80 -8.36 3.61
N SER A 169 16.97 -9.26 3.07
CA SER A 169 16.97 -9.61 1.66
C SER A 169 16.01 -8.70 0.88
N SER A 170 16.07 -8.80 -0.46
CA SER A 170 15.24 -8.03 -1.37
C SER A 170 14.97 -8.87 -2.62
N GLY A 171 13.91 -8.54 -3.37
CA GLY A 171 13.58 -9.31 -4.56
C GLY A 171 12.32 -8.81 -5.25
N LEU A 172 11.86 -9.59 -6.25
CA LEU A 172 10.69 -9.26 -7.07
C LEU A 172 9.65 -10.37 -6.98
N LEU A 173 8.40 -10.04 -7.32
CA LEU A 173 7.27 -10.96 -7.32
C LEU A 173 6.39 -10.66 -8.54
N GLU A 174 5.56 -11.61 -8.96
CA GLU A 174 4.70 -11.40 -10.12
C GLU A 174 3.41 -12.22 -10.02
N TRP A 175 2.33 -11.68 -10.59
CA TRP A 175 1.01 -12.30 -10.64
C TRP A 175 0.46 -12.37 -12.07
N ASP A 176 -0.66 -13.09 -12.26
CA ASP A 176 -1.25 -13.27 -13.57
C ASP A 176 -1.96 -11.98 -14.02
N SER A 177 -2.11 -11.00 -13.13
CA SER A 177 -2.78 -9.75 -13.43
C SER A 177 -2.33 -8.66 -12.46
N LYS A 178 -2.47 -7.39 -12.85
CA LYS A 178 -2.07 -6.28 -12.00
C LYS A 178 -3.09 -6.06 -10.88
N SER A 179 -4.32 -6.57 -11.04
CA SER A 179 -5.32 -6.50 -9.97
C SER A 179 -5.07 -7.61 -8.96
N ASP A 180 -4.51 -8.74 -9.41
CA ASP A 180 -4.06 -9.81 -8.54
C ASP A 180 -2.82 -9.40 -7.77
N ALA A 181 -1.94 -8.64 -8.43
CA ALA A 181 -0.73 -8.13 -7.83
C ALA A 181 -1.05 -7.02 -6.84
N LEU A 182 -2.18 -6.32 -7.03
CA LEU A 182 -2.58 -5.23 -6.17
C LEU A 182 -3.23 -5.74 -4.88
N GLU A 183 -4.14 -6.72 -4.98
CA GLU A 183 -4.81 -7.22 -3.79
C GLU A 183 -3.79 -7.90 -2.89
N THR A 184 -2.78 -8.54 -3.49
CA THR A 184 -1.70 -9.14 -2.72
C THR A 184 -0.72 -8.13 -2.12
N LEU A 185 -0.56 -6.97 -2.76
CA LEU A 185 0.22 -5.89 -2.17
C LEU A 185 -0.57 -5.32 -0.99
N GLY A 186 -1.90 -5.28 -1.10
CA GLY A 186 -2.74 -4.73 -0.06
C GLY A 186 -2.50 -5.46 1.25
N PHE A 187 -2.53 -6.79 1.22
CA PHE A 187 -2.29 -7.59 2.42
C PHE A 187 -0.85 -7.89 2.81
N LEU A 188 0.14 -7.63 1.94
CA LEU A 188 1.54 -7.88 2.27
C LEU A 188 2.30 -6.61 2.62
N ASN A 189 1.83 -5.43 2.21
CA ASN A 189 2.59 -4.22 2.48
C ASN A 189 2.54 -3.91 3.97
N HIS A 190 3.68 -3.48 4.51
CA HIS A 190 3.88 -3.17 5.93
C HIS A 190 3.54 -4.32 6.86
N TYR A 191 3.44 -5.55 6.34
CA TYR A 191 3.20 -6.73 7.15
C TYR A 191 4.41 -7.18 7.98
N GLN A 192 4.17 -7.60 9.24
CA GLN A 192 5.26 -7.95 10.15
C GLN A 192 5.98 -9.22 9.72
N MET A 193 7.32 -9.25 9.86
CA MET A 193 8.11 -10.43 9.59
C MET A 193 8.13 -11.38 10.79
N LYS A 194 8.31 -12.67 10.51
CA LYS A 194 8.52 -13.67 11.54
C LYS A 194 9.94 -13.53 12.08
N ASN A 195 10.20 -14.09 13.27
CA ASN A 195 11.51 -13.99 13.90
C ASN A 195 11.78 -15.24 14.76
N PRO A 196 12.87 -15.96 14.48
CA PRO A 196 13.23 -17.19 15.19
C PRO A 196 13.86 -16.91 16.55
N ASN A 197 14.46 -15.73 16.74
CA ASN A 197 15.14 -15.40 17.99
C ASN A 197 15.24 -13.89 18.24
N GLY A 198 14.74 -13.06 17.30
CA GLY A 198 14.80 -11.61 17.47
C GLY A 198 13.84 -11.16 18.57
N PRO A 199 14.14 -10.03 19.23
CA PRO A 199 13.32 -9.51 20.32
C PRO A 199 12.00 -8.93 19.81
N TYR A 200 11.98 -8.48 18.55
CA TYR A 200 10.79 -7.94 17.91
C TYR A 200 10.77 -8.01 16.39
N PRO A 201 9.59 -8.10 15.76
CA PRO A 201 9.45 -8.13 14.33
C PRO A 201 9.73 -6.76 13.71
N TYR A 202 10.05 -6.75 12.41
CA TYR A 202 10.26 -5.53 11.63
C TYR A 202 9.39 -5.77 10.40
N THR A 203 8.74 -4.73 9.89
CA THR A 203 7.82 -4.87 8.77
C THR A 203 8.44 -5.04 7.39
N LEU A 204 7.82 -5.90 6.58
CA LEU A 204 8.14 -6.12 5.18
C LEU A 204 7.42 -5.06 4.36
N LYS A 205 8.07 -4.48 3.35
CA LYS A 205 7.45 -3.45 2.54
C LYS A 205 7.63 -3.76 1.06
N LEU A 206 6.67 -3.31 0.24
CA LEU A 206 6.71 -3.53 -1.19
C LEU A 206 5.88 -2.48 -1.93
N CYS A 207 6.14 -2.37 -3.25
CA CYS A 207 5.48 -1.42 -4.12
C CYS A 207 5.58 -1.88 -5.57
N PHE A 208 4.81 -1.25 -6.46
CA PHE A 208 4.82 -1.60 -7.87
C PHE A 208 6.19 -1.53 -8.53
N SER A 209 6.65 -2.64 -9.11
CA SER A 209 8.03 -2.76 -9.57
C SER A 209 8.31 -2.09 -10.91
N THR A 210 9.56 -1.69 -11.09
CA THR A 210 10.10 -1.23 -12.37
C THR A 210 11.26 -2.09 -12.89
N ALA A 211 11.45 -3.26 -12.28
CA ALA A 211 12.53 -4.19 -12.61
C ALA A 211 12.37 -4.77 -14.01
N GLN A 212 13.46 -5.33 -14.55
CA GLN A 212 13.47 -5.90 -15.89
C GLN A 212 13.16 -7.39 -15.86
N HIS A 213 13.00 -7.98 -14.67
CA HIS A 213 12.73 -9.40 -14.50
C HIS A 213 11.99 -9.65 -13.19
N ALA A 214 11.53 -10.89 -13.00
CA ALA A 214 10.85 -11.32 -11.78
C ALA A 214 11.14 -12.80 -11.52
N SER A 215 12.27 -13.29 -12.03
CA SER A 215 12.67 -14.69 -11.93
C SER A 215 14.18 -14.81 -11.81
N TYR A 1 8.78 19.43 -10.81
CA TYR A 1 7.53 20.19 -11.00
C TYR A 1 6.51 19.54 -11.93
N GLY A 2 5.22 19.73 -11.64
CA GLY A 2 4.15 19.17 -12.44
C GLY A 2 2.78 19.57 -11.89
N PRO A 3 1.70 19.03 -12.47
CA PRO A 3 0.33 19.27 -12.07
C PRO A 3 0.07 18.92 -10.60
N HIS A 4 -1.05 19.39 -10.07
CA HIS A 4 -1.44 19.15 -8.69
C HIS A 4 -2.96 19.13 -8.55
N ALA A 5 -3.45 18.45 -7.51
CA ALA A 5 -4.87 18.36 -7.23
C ALA A 5 -5.40 19.68 -6.65
N ASP A 6 -6.72 19.87 -6.71
CA ASP A 6 -7.36 21.09 -6.23
C ASP A 6 -7.45 21.09 -4.70
N SER A 7 -7.11 19.97 -4.05
CA SER A 7 -7.17 19.85 -2.61
C SER A 7 -6.25 18.73 -2.11
N PRO A 8 -5.66 18.87 -0.91
CA PRO A 8 -4.87 17.82 -0.28
C PRO A 8 -5.76 16.64 0.11
N VAL A 9 -7.07 16.85 0.17
CA VAL A 9 -8.02 15.80 0.48
C VAL A 9 -8.39 14.98 -0.75
N LEU A 10 -8.74 13.71 -0.54
CA LEU A 10 -9.10 12.75 -1.58
C LEU A 10 -10.25 11.89 -1.06
N MET A 11 -11.05 11.33 -1.98
CA MET A 11 -12.22 10.55 -1.61
C MET A 11 -12.32 9.29 -2.45
N VAL A 12 -12.66 8.16 -1.82
CA VAL A 12 -12.72 6.85 -2.45
C VAL A 12 -14.05 6.20 -2.07
N TYR A 13 -14.56 5.35 -2.95
CA TYR A 13 -15.83 4.66 -2.76
C TYR A 13 -15.58 3.22 -3.22
N GLY A 14 -16.59 2.36 -3.06
CA GLY A 14 -16.52 0.97 -3.48
C GLY A 14 -15.83 0.09 -2.44
N LEU A 15 -15.63 0.62 -1.23
CA LEU A 15 -14.98 -0.11 -0.13
C LEU A 15 -15.98 -1.03 0.59
N ASP A 16 -17.02 -1.47 -0.10
CA ASP A 16 -18.07 -2.29 0.48
C ASP A 16 -17.62 -3.68 0.96
N GLN A 17 -16.76 -4.33 0.19
CA GLN A 17 -16.26 -5.66 0.54
C GLN A 17 -15.35 -5.58 1.78
N SER A 18 -15.36 -6.65 2.58
CA SER A 18 -14.68 -6.68 3.87
C SER A 18 -13.16 -6.70 3.75
N LYS A 19 -12.63 -6.86 2.54
CA LYS A 19 -11.18 -6.88 2.33
C LYS A 19 -10.59 -5.48 2.45
N MET A 20 -11.42 -4.43 2.39
CA MET A 20 -10.92 -3.07 2.48
C MET A 20 -10.79 -2.64 3.94
N ASN A 21 -9.81 -1.78 4.21
CA ASN A 21 -9.55 -1.26 5.55
C ASN A 21 -8.70 0.01 5.42
N CYS A 22 -8.77 0.90 6.42
CA CYS A 22 -8.07 2.17 6.36
C CYS A 22 -6.55 1.99 6.24
N ASP A 23 -6.00 0.91 6.82
CA ASP A 23 -4.58 0.64 6.72
C ASP A 23 -4.22 0.19 5.31
N ARG A 24 -5.08 -0.64 4.69
CA ARG A 24 -4.80 -1.22 3.39
C ARG A 24 -4.97 -0.22 2.26
N VAL A 25 -6.03 0.59 2.33
CA VAL A 25 -6.35 1.54 1.27
C VAL A 25 -5.31 2.67 1.28
N PHE A 26 -4.96 3.15 2.47
CA PHE A 26 -4.15 4.34 2.58
C PHE A 26 -2.70 3.97 2.23
N ASN A 27 -2.24 2.74 2.48
CA ASN A 27 -0.87 2.40 2.13
C ASN A 27 -0.76 2.13 0.63
N VAL A 28 -1.85 1.67 0.00
CA VAL A 28 -1.85 1.36 -1.43
C VAL A 28 -1.49 2.66 -2.13
N PHE A 29 -2.25 3.74 -1.91
CA PHE A 29 -1.84 5.02 -2.46
C PHE A 29 -0.71 5.78 -1.77
N CYS A 30 -0.25 5.27 -0.62
CA CYS A 30 0.88 5.90 0.09
C CYS A 30 2.18 5.67 -0.68
N LEU A 31 2.31 4.53 -1.38
CA LEU A 31 3.52 4.28 -2.15
C LEU A 31 3.69 5.32 -3.27
N TYR A 32 2.63 6.09 -3.58
CA TYR A 32 2.65 7.12 -4.60
C TYR A 32 3.03 8.54 -4.16
N GLY A 33 3.27 8.77 -2.86
CA GLY A 33 3.63 10.11 -2.39
C GLY A 33 3.54 10.25 -0.87
N ASN A 34 3.66 11.49 -0.38
CA ASN A 34 3.60 11.77 1.04
C ASN A 34 2.16 11.89 1.51
N VAL A 35 1.84 11.21 2.63
CA VAL A 35 0.49 11.16 3.18
C VAL A 35 0.34 11.85 4.53
N GLU A 36 -0.91 12.10 4.95
CA GLU A 36 -1.20 12.72 6.23
C GLU A 36 -2.10 11.83 7.10
N LYS A 37 -3.37 11.66 6.71
CA LYS A 37 -4.31 10.87 7.50
C LYS A 37 -5.44 10.29 6.63
N VAL A 38 -6.29 9.46 7.26
CA VAL A 38 -7.39 8.76 6.58
C VAL A 38 -8.57 8.62 7.55
N LYS A 39 -9.79 8.59 7.01
CA LYS A 39 -11.00 8.49 7.81
C LYS A 39 -12.15 7.87 7.01
N PHE A 40 -12.82 6.87 7.57
CA PHE A 40 -13.96 6.22 6.92
C PHE A 40 -15.30 6.95 7.04
N MET A 41 -16.19 6.75 6.05
CA MET A 41 -17.51 7.36 6.05
C MET A 41 -18.44 6.71 7.06
N LYS A 42 -19.14 7.55 7.83
CA LYS A 42 -20.11 7.12 8.83
C LYS A 42 -21.44 6.72 8.20
N SER A 43 -21.84 7.39 7.12
CA SER A 43 -23.16 7.18 6.50
C SER A 43 -23.11 6.31 5.24
N LYS A 44 -21.93 6.16 4.62
CA LYS A 44 -21.83 5.42 3.37
C LYS A 44 -21.51 3.94 3.65
N PRO A 45 -21.95 3.04 2.76
CA PRO A 45 -21.75 1.61 2.90
C PRO A 45 -20.31 1.18 2.61
N GLY A 46 -19.50 2.07 2.02
CA GLY A 46 -18.12 1.75 1.71
C GLY A 46 -17.43 2.92 1.01
N ALA A 47 -16.96 3.89 1.80
CA ALA A 47 -16.27 5.07 1.30
C ALA A 47 -15.39 5.66 2.39
N ALA A 48 -14.41 6.49 2.01
CA ALA A 48 -13.50 7.08 2.97
C ALA A 48 -12.83 8.35 2.43
N MET A 49 -12.51 9.27 3.34
CA MET A 49 -11.73 10.46 3.04
C MET A 49 -10.26 10.19 3.35
N VAL A 50 -9.37 10.87 2.64
CA VAL A 50 -7.93 10.69 2.78
C VAL A 50 -7.30 12.07 2.59
N GLU A 51 -6.11 12.29 3.17
CA GLU A 51 -5.42 13.54 3.01
C GLU A 51 -3.92 13.29 2.80
N MET A 52 -3.33 13.96 1.80
CA MET A 52 -1.95 13.76 1.39
C MET A 52 -1.42 15.05 0.76
N ALA A 53 -0.12 15.08 0.41
CA ALA A 53 0.42 16.19 -0.35
C ALA A 53 -0.26 16.20 -1.73
N ASP A 54 -0.89 17.32 -2.10
CA ASP A 54 -1.76 17.25 -3.27
C ASP A 54 -1.06 17.14 -4.59
N GLY A 55 0.14 17.74 -4.70
CA GLY A 55 0.91 17.75 -5.93
C GLY A 55 1.16 16.33 -6.40
N TYR A 56 2.27 15.74 -5.94
CA TYR A 56 2.62 14.41 -6.39
C TYR A 56 1.75 13.26 -5.87
N ALA A 57 1.17 13.39 -4.67
CA ALA A 57 0.48 12.24 -4.10
C ALA A 57 -0.98 12.18 -4.57
N VAL A 58 -1.67 13.31 -4.75
CA VAL A 58 -3.07 13.21 -5.14
C VAL A 58 -3.17 13.15 -6.66
N ASP A 59 -2.20 13.72 -7.39
CA ASP A 59 -2.20 13.62 -8.83
C ASP A 59 -1.91 12.18 -9.25
N ARG A 60 -0.87 11.55 -8.70
CA ARG A 60 -0.51 10.20 -9.10
C ARG A 60 -1.52 9.16 -8.63
N ALA A 61 -2.18 9.36 -7.48
CA ALA A 61 -3.19 8.42 -7.03
C ALA A 61 -4.39 8.44 -7.99
N ILE A 62 -4.71 9.61 -8.54
CA ILE A 62 -5.79 9.77 -9.50
C ILE A 62 -5.34 9.33 -10.90
N THR A 63 -4.03 9.18 -11.12
CA THR A 63 -3.51 8.74 -12.41
C THR A 63 -3.34 7.23 -12.51
N HIS A 64 -3.26 6.50 -11.39
CA HIS A 64 -2.88 5.10 -11.44
C HIS A 64 -3.86 4.09 -10.84
N LEU A 65 -4.66 4.44 -9.81
CA LEU A 65 -5.45 3.43 -9.12
C LEU A 65 -6.90 3.81 -8.86
N ASN A 66 -7.31 5.04 -9.17
CA ASN A 66 -8.61 5.52 -8.74
C ASN A 66 -9.83 4.91 -9.44
N ASN A 67 -10.59 3.95 -8.91
CA ASN A 67 -11.48 3.07 -9.70
C ASN A 67 -10.73 1.96 -10.44
N ASN A 68 -9.52 1.60 -10.00
CA ASN A 68 -8.92 0.38 -10.52
C ASN A 68 -9.46 -0.83 -9.75
N PHE A 69 -9.40 -2.02 -10.36
CA PHE A 69 -9.90 -3.24 -9.75
C PHE A 69 -9.04 -3.83 -8.63
N MET A 70 -9.68 -4.37 -7.59
CA MET A 70 -9.01 -4.93 -6.43
C MET A 70 -9.95 -5.86 -5.67
N PHE A 71 -9.45 -6.99 -5.17
CA PHE A 71 -10.26 -7.95 -4.43
C PHE A 71 -11.49 -8.53 -5.13
N GLY A 72 -11.46 -8.58 -6.47
CA GLY A 72 -12.59 -9.08 -7.26
C GLY A 72 -13.69 -8.01 -7.38
N GLN A 73 -13.39 -6.80 -6.91
CA GLN A 73 -14.29 -5.66 -6.93
C GLN A 73 -13.52 -4.45 -7.45
N LYS A 74 -14.05 -3.24 -7.23
CA LYS A 74 -13.40 -2.02 -7.68
C LYS A 74 -13.51 -0.96 -6.60
N MET A 75 -12.50 -0.09 -6.48
CA MET A 75 -12.52 1.00 -5.52
C MET A 75 -12.26 2.30 -6.27
N ASN A 76 -13.32 3.10 -6.43
CA ASN A 76 -13.36 4.29 -7.26
C ASN A 76 -12.48 5.40 -6.71
N VAL A 77 -11.62 6.12 -7.48
CA VAL A 77 -11.08 7.32 -6.79
C VAL A 77 -11.29 8.64 -7.54
N CYS A 78 -11.38 9.73 -6.77
CA CYS A 78 -11.60 11.08 -7.27
C CYS A 78 -11.19 12.08 -6.18
N VAL A 79 -11.02 13.35 -6.53
CA VAL A 79 -10.66 14.38 -5.56
C VAL A 79 -11.79 14.71 -4.59
N SER A 80 -11.43 15.08 -3.35
CA SER A 80 -12.39 15.48 -2.33
C SER A 80 -12.74 16.96 -2.45
N LYS A 81 -13.88 17.38 -1.88
CA LYS A 81 -14.28 18.78 -1.88
C LYS A 81 -14.07 19.41 -0.51
N GLN A 82 -13.58 18.63 0.45
CA GLN A 82 -13.27 19.10 1.79
C GLN A 82 -11.88 19.77 1.81
N PRO A 83 -11.68 20.77 2.69
CA PRO A 83 -10.41 21.47 2.80
C PRO A 83 -9.35 20.66 3.55
N ALA A 84 -9.77 19.87 4.54
CA ALA A 84 -8.87 19.04 5.34
C ALA A 84 -9.66 18.03 6.16
N ILE A 85 -9.00 16.95 6.59
CA ILE A 85 -9.62 15.97 7.48
C ILE A 85 -9.49 16.42 8.94
N MET A 86 -10.57 16.30 9.69
CA MET A 86 -10.57 16.54 11.13
C MET A 86 -10.46 15.21 11.86
N PRO A 87 -9.97 15.20 13.12
CA PRO A 87 -9.84 13.99 13.90
C PRO A 87 -11.17 13.24 13.95
N GLY A 88 -11.19 12.01 13.44
CA GLY A 88 -12.42 11.23 13.37
C GLY A 88 -12.70 10.49 14.66
N GLN A 89 -13.97 10.41 15.03
CA GLN A 89 -14.42 9.61 16.16
C GLN A 89 -14.45 8.14 15.72
N SER A 90 -13.76 7.27 16.45
CA SER A 90 -13.65 5.87 16.06
C SER A 90 -14.94 5.11 16.39
N TYR A 91 -15.21 4.04 15.64
CA TYR A 91 -16.34 3.16 15.87
C TYR A 91 -16.07 1.67 15.69
N GLY A 92 -14.86 1.34 15.22
CA GLY A 92 -14.41 -0.02 14.98
C GLY A 92 -14.96 -0.55 13.66
N LEU A 93 -14.06 -0.87 12.73
CA LEU A 93 -14.42 -1.50 11.46
C LEU A 93 -14.72 -2.98 11.70
N GLU A 94 -15.44 -3.60 10.76
CA GLU A 94 -15.80 -5.00 10.90
C GLU A 94 -14.58 -5.92 10.76
N ASP A 95 -13.47 -5.39 10.24
CA ASP A 95 -12.23 -6.14 10.07
C ASP A 95 -11.10 -5.45 10.86
N GLY A 96 -11.44 -4.69 11.90
CA GLY A 96 -10.46 -3.96 12.69
C GLY A 96 -11.03 -3.48 14.01
N SER A 97 -10.39 -2.48 14.62
CA SER A 97 -10.84 -1.90 15.88
C SER A 97 -10.84 -0.37 15.86
N CYS A 98 -10.35 0.23 14.76
CA CYS A 98 -10.31 1.68 14.61
C CYS A 98 -10.96 2.09 13.29
N SER A 99 -11.44 3.34 13.22
CA SER A 99 -12.08 3.88 12.04
C SER A 99 -11.34 5.12 11.55
N TYR A 100 -10.22 5.45 12.21
CA TYR A 100 -9.38 6.60 11.91
C TYR A 100 -7.90 6.31 12.13
N LYS A 101 -7.01 6.93 11.34
CA LYS A 101 -5.59 6.66 11.46
C LYS A 101 -4.76 7.85 10.97
N ASP A 102 -3.54 7.97 11.49
CA ASP A 102 -2.61 9.05 11.20
C ASP A 102 -1.23 8.57 10.75
N PHE A 103 -0.64 9.25 9.76
CA PHE A 103 0.65 8.92 9.17
C PHE A 103 1.68 10.05 9.11
N SER A 104 1.35 11.20 9.71
CA SER A 104 2.22 12.37 9.70
C SER A 104 3.52 12.10 10.45
N GLU A 105 3.49 11.18 11.43
CA GLU A 105 4.68 10.81 12.20
C GLU A 105 5.28 9.49 11.70
N SER A 106 4.67 8.86 10.70
CA SER A 106 5.13 7.58 10.18
C SER A 106 6.29 7.75 9.21
N ARG A 107 7.18 6.76 9.15
CA ARG A 107 8.33 6.77 8.25
C ARG A 107 7.96 6.18 6.89
N ASN A 108 6.74 5.67 6.74
CA ASN A 108 6.30 5.05 5.49
C ASN A 108 6.27 6.05 4.34
N ASN A 109 6.26 7.35 4.64
CA ASN A 109 6.28 8.41 3.65
C ASN A 109 7.57 8.33 2.84
N ARG A 110 7.46 7.92 1.58
CA ARG A 110 8.60 7.63 0.73
C ARG A 110 9.32 8.90 0.26
N PHE A 111 8.58 10.01 0.13
CA PHE A 111 9.11 11.29 -0.28
C PHE A 111 9.44 12.28 0.83
N SER A 112 9.51 11.79 2.07
CA SER A 112 9.71 12.63 3.24
C SER A 112 11.15 13.14 3.36
N THR A 113 12.08 12.54 2.61
CA THR A 113 13.49 12.91 2.67
C THR A 113 14.16 13.14 1.32
N PRO A 114 15.14 14.05 1.26
CA PRO A 114 15.80 14.43 0.02
C PRO A 114 16.72 13.32 -0.51
N GLU A 115 17.23 12.46 0.37
CA GLU A 115 18.11 11.38 -0.07
C GLU A 115 17.28 10.24 -0.67
N GLN A 116 16.04 10.08 -0.21
CA GLN A 116 15.13 9.09 -0.78
C GLN A 116 14.58 9.61 -2.11
N ALA A 117 14.18 10.87 -2.15
CA ALA A 117 13.60 11.47 -3.34
C ALA A 117 14.58 11.48 -4.52
N ALA A 118 15.88 11.35 -4.23
CA ALA A 118 16.91 11.33 -5.25
C ALA A 118 17.07 9.94 -5.89
N LYS A 119 16.57 8.89 -5.22
CA LYS A 119 16.70 7.52 -5.72
C LYS A 119 15.37 6.81 -5.87
N ASN A 120 14.26 7.47 -5.51
CA ASN A 120 12.94 6.89 -5.63
C ASN A 120 12.56 6.62 -7.08
N ARG A 121 11.55 5.77 -7.27
CA ARG A 121 11.03 5.40 -8.57
C ARG A 121 9.53 5.16 -8.49
N ILE A 122 8.81 5.60 -9.53
CA ILE A 122 7.36 5.47 -9.62
C ILE A 122 6.99 5.21 -11.06
N GLN A 123 6.03 4.30 -11.28
CA GLN A 123 5.61 3.89 -12.62
C GLN A 123 4.14 3.49 -12.60
N HIS A 124 3.58 3.22 -13.78
CA HIS A 124 2.22 2.73 -13.92
C HIS A 124 2.08 1.41 -13.16
N PRO A 125 0.86 1.04 -12.74
CA PRO A 125 0.60 -0.20 -12.04
C PRO A 125 0.90 -1.37 -12.96
N SER A 126 1.28 -2.50 -12.37
CA SER A 126 1.71 -3.68 -13.12
C SER A 126 1.48 -4.94 -12.29
N ASN A 127 1.61 -6.11 -12.91
CA ASN A 127 1.44 -7.38 -12.22
C ASN A 127 2.75 -7.76 -11.53
N VAL A 128 3.83 -7.02 -11.80
CA VAL A 128 5.11 -7.18 -11.11
C VAL A 128 5.14 -6.42 -9.79
N LEU A 129 5.82 -6.96 -8.78
CA LEU A 129 5.91 -6.34 -7.47
C LEU A 129 7.33 -6.46 -6.94
N HIS A 130 7.74 -5.52 -6.07
CA HIS A 130 9.08 -5.47 -5.51
C HIS A 130 8.98 -5.41 -3.99
N PHE A 131 9.95 -5.97 -3.28
CA PHE A 131 9.90 -6.00 -1.82
C PHE A 131 11.31 -5.84 -1.25
N PHE A 132 11.36 -5.46 0.02
CA PHE A 132 12.61 -5.24 0.75
C PHE A 132 12.23 -5.51 2.21
N ASN A 133 13.23 -5.67 3.08
CA ASN A 133 13.02 -6.07 4.48
C ASN A 133 12.30 -7.41 4.58
N ALA A 134 12.88 -8.46 3.99
CA ALA A 134 12.33 -9.81 4.07
C ALA A 134 13.32 -10.77 4.73
N PRO A 135 12.86 -11.86 5.37
CA PRO A 135 13.73 -12.82 6.00
C PRO A 135 14.54 -13.57 4.94
N LEU A 136 15.67 -14.16 5.35
CA LEU A 136 16.57 -14.86 4.43
C LEU A 136 15.93 -16.13 3.89
N GLU A 137 14.86 -16.62 4.51
CA GLU A 137 14.17 -17.84 4.11
C GLU A 137 12.80 -17.53 3.51
N VAL A 138 12.57 -16.29 3.08
CA VAL A 138 11.27 -15.85 2.58
C VAL A 138 10.79 -16.56 1.31
N THR A 139 11.70 -17.19 0.58
CA THR A 139 11.47 -17.65 -0.80
C THR A 139 10.25 -18.55 -0.94
N GLU A 140 9.96 -19.08 -2.13
CA GLU A 140 8.70 -19.77 -2.45
C GLU A 140 7.99 -20.42 -1.25
N GLU A 141 8.74 -20.99 -0.30
CA GLU A 141 8.19 -21.47 0.95
C GLU A 141 7.47 -20.39 1.79
N ASN A 142 8.01 -19.18 2.04
CA ASN A 142 7.31 -18.31 2.96
C ASN A 142 6.28 -17.54 2.14
N PHE A 143 6.57 -17.35 0.85
CA PHE A 143 5.59 -16.68 -0.01
C PHE A 143 4.30 -17.47 -0.19
N PHE A 144 4.42 -18.80 -0.32
CA PHE A 144 3.24 -19.65 -0.48
C PHE A 144 2.41 -19.87 0.77
N GLU A 145 3.05 -20.01 1.94
CA GLU A 145 2.29 -20.23 3.16
C GLU A 145 1.71 -18.93 3.71
N ILE A 146 2.28 -17.78 3.35
CA ILE A 146 1.75 -16.50 3.80
C ILE A 146 0.50 -16.13 3.01
N CYS A 147 0.50 -16.30 1.69
CA CYS A 147 -0.68 -15.95 0.90
C CYS A 147 -1.83 -16.90 1.20
N ASP A 148 -1.52 -18.18 1.47
CA ASP A 148 -2.54 -19.16 1.81
C ASP A 148 -3.14 -18.99 3.20
N GLU A 149 -2.39 -18.39 4.12
CA GLU A 149 -2.88 -18.08 5.46
C GLU A 149 -3.83 -16.89 5.43
N LEU A 150 -3.65 -16.00 4.44
CA LEU A 150 -4.48 -14.81 4.28
C LEU A 150 -5.61 -15.04 3.28
N GLY A 151 -5.66 -16.23 2.66
CA GLY A 151 -6.69 -16.59 1.70
C GLY A 151 -6.48 -15.95 0.33
N VAL A 152 -5.43 -15.15 0.17
CA VAL A 152 -5.11 -14.50 -1.10
C VAL A 152 -4.46 -15.48 -2.09
N LYS A 153 -4.65 -15.26 -3.39
CA LYS A 153 -4.07 -16.14 -4.40
C LYS A 153 -2.55 -16.05 -4.38
N ARG A 154 -1.89 -17.16 -4.75
CA ARG A 154 -0.44 -17.25 -4.78
C ARG A 154 0.12 -16.54 -6.02
N PRO A 155 1.36 -16.03 -5.95
CA PRO A 155 2.03 -15.40 -7.08
C PRO A 155 2.40 -16.43 -8.14
N THR A 156 2.57 -15.98 -9.38
CA THR A 156 2.96 -16.83 -10.49
C THR A 156 4.47 -16.95 -10.68
N SER A 157 5.24 -16.02 -10.11
CA SER A 157 6.69 -16.08 -10.17
C SER A 157 7.31 -15.34 -8.98
N VAL A 158 8.58 -15.63 -8.69
CA VAL A 158 9.30 -15.06 -7.56
C VAL A 158 10.81 -15.15 -7.82
N LYS A 159 11.54 -14.15 -7.33
CA LYS A 159 12.99 -14.14 -7.32
C LYS A 159 13.48 -13.38 -6.09
N VAL A 160 14.56 -13.87 -5.47
CA VAL A 160 15.13 -13.26 -4.28
C VAL A 160 16.65 -13.19 -4.33
N PHE A 161 17.24 -12.20 -3.64
CA PHE A 161 18.67 -11.97 -3.65
C PHE A 161 19.22 -11.22 -2.44
N SER A 162 20.55 -11.05 -2.40
CA SER A 162 21.24 -10.34 -1.34
C SER A 162 22.39 -9.53 -1.92
N GLY A 163 22.93 -8.60 -1.13
CA GLY A 163 24.02 -7.73 -1.53
C GLY A 163 23.66 -6.26 -1.37
N LYS A 164 22.36 -5.95 -1.30
CA LYS A 164 21.90 -4.58 -1.06
C LYS A 164 21.98 -4.23 0.42
N SER A 165 21.96 -5.25 1.28
CA SER A 165 22.05 -5.09 2.73
C SER A 165 22.36 -6.44 3.37
N GLU A 166 22.94 -6.42 4.57
CA GLU A 166 23.21 -7.64 5.33
C GLU A 166 22.09 -7.90 6.34
N ARG A 167 21.14 -6.96 6.45
CA ARG A 167 20.02 -7.07 7.39
C ARG A 167 18.93 -8.01 6.92
N SER A 168 18.67 -8.05 5.61
CA SER A 168 17.50 -8.74 5.08
C SER A 168 17.63 -9.04 3.59
N SER A 169 16.73 -9.89 3.10
CA SER A 169 16.63 -10.24 1.70
C SER A 169 15.76 -9.23 0.94
N SER A 170 15.82 -9.26 -0.38
CA SER A 170 15.03 -8.41 -1.27
C SER A 170 14.80 -9.17 -2.58
N GLY A 171 13.82 -8.73 -3.38
CA GLY A 171 13.53 -9.44 -4.62
C GLY A 171 12.27 -8.94 -5.32
N LEU A 172 11.84 -9.70 -6.32
CA LEU A 172 10.68 -9.39 -7.15
C LEU A 172 9.65 -10.51 -7.08
N LEU A 173 8.41 -10.18 -7.43
CA LEU A 173 7.26 -11.09 -7.46
C LEU A 173 6.39 -10.77 -8.66
N GLU A 174 5.49 -11.69 -9.04
CA GLU A 174 4.60 -11.48 -10.17
C GLU A 174 3.30 -12.28 -10.01
N TRP A 175 2.20 -11.71 -10.52
CA TRP A 175 0.88 -12.33 -10.53
C TRP A 175 0.26 -12.39 -11.93
N ASP A 176 -0.87 -13.07 -12.08
CA ASP A 176 -1.56 -13.18 -13.36
C ASP A 176 -2.28 -11.92 -13.84
N SER A 177 -2.37 -10.88 -13.01
CA SER A 177 -3.04 -9.64 -13.34
C SER A 177 -2.55 -8.51 -12.43
N LYS A 178 -2.79 -7.26 -12.85
CA LYS A 178 -2.40 -6.10 -12.05
C LYS A 178 -3.24 -6.00 -10.79
N SER A 179 -4.50 -6.46 -10.85
CA SER A 179 -5.39 -6.44 -9.70
C SER A 179 -5.02 -7.55 -8.72
N ASP A 180 -4.36 -8.60 -9.21
CA ASP A 180 -3.88 -9.68 -8.36
C ASP A 180 -2.66 -9.27 -7.55
N ALA A 181 -1.80 -8.44 -8.14
CA ALA A 181 -0.64 -7.91 -7.44
C ALA A 181 -1.07 -6.80 -6.49
N LEU A 182 -2.18 -6.12 -6.79
CA LEU A 182 -2.67 -5.02 -5.96
C LEU A 182 -3.38 -5.54 -4.71
N GLU A 183 -4.13 -6.64 -4.83
CA GLU A 183 -4.84 -7.16 -3.68
C GLU A 183 -3.85 -7.80 -2.71
N THR A 184 -2.83 -8.49 -3.25
CA THR A 184 -1.78 -9.04 -2.40
C THR A 184 -0.85 -8.00 -1.79
N LEU A 185 -0.70 -6.86 -2.47
CA LEU A 185 0.01 -5.71 -1.96
C LEU A 185 -0.76 -5.15 -0.77
N GLY A 186 -2.10 -5.08 -0.89
CA GLY A 186 -2.97 -4.58 0.17
C GLY A 186 -2.88 -5.44 1.44
N PHE A 187 -2.64 -6.74 1.29
CA PHE A 187 -2.48 -7.64 2.43
C PHE A 187 -1.07 -7.93 2.94
N LEU A 188 -0.02 -7.52 2.23
CA LEU A 188 1.34 -7.81 2.66
C LEU A 188 2.19 -6.57 2.92
N ASN A 189 1.71 -5.36 2.57
CA ASN A 189 2.53 -4.19 2.80
C ASN A 189 2.61 -3.91 4.29
N HIS A 190 3.80 -3.53 4.77
CA HIS A 190 4.06 -3.24 6.17
C HIS A 190 3.78 -4.42 7.10
N TYR A 191 3.68 -5.63 6.55
CA TYR A 191 3.48 -6.83 7.35
C TYR A 191 4.67 -7.23 8.22
N GLN A 192 4.42 -7.67 9.47
CA GLN A 192 5.49 -7.96 10.40
C GLN A 192 6.21 -9.27 10.08
N MET A 193 7.54 -9.26 10.15
CA MET A 193 8.36 -10.46 9.96
C MET A 193 8.46 -11.27 11.25
N LYS A 194 8.67 -12.58 11.08
CA LYS A 194 9.00 -13.46 12.20
C LYS A 194 10.37 -13.10 12.76
N ASN A 195 10.64 -13.47 14.01
CA ASN A 195 11.93 -13.20 14.65
C ASN A 195 12.17 -14.29 15.70
N PRO A 196 13.25 -15.08 15.56
CA PRO A 196 13.50 -16.23 16.41
C PRO A 196 14.03 -15.88 17.80
N ASN A 197 14.53 -14.67 18.02
CA ASN A 197 15.11 -14.32 19.32
C ASN A 197 15.12 -12.82 19.60
N GLY A 198 14.85 -11.98 18.61
CA GLY A 198 14.86 -10.53 18.81
C GLY A 198 13.66 -10.08 19.66
N PRO A 199 13.78 -8.91 20.30
CA PRO A 199 12.76 -8.36 21.19
C PRO A 199 11.53 -7.87 20.41
N TYR A 200 11.69 -7.59 19.11
CA TYR A 200 10.60 -7.16 18.26
C TYR A 200 10.76 -7.46 16.77
N PRO A 201 9.66 -7.60 16.03
CA PRO A 201 9.67 -7.80 14.59
C PRO A 201 10.05 -6.51 13.86
N TYR A 202 10.35 -6.63 12.56
CA TYR A 202 10.64 -5.48 11.71
C TYR A 202 9.74 -5.74 10.50
N THR A 203 9.16 -4.68 9.94
CA THR A 203 8.17 -4.84 8.87
C THR A 203 8.70 -5.05 7.46
N LEU A 204 8.05 -5.96 6.74
CA LEU A 204 8.27 -6.22 5.33
C LEU A 204 7.50 -5.18 4.53
N LYS A 205 8.11 -4.64 3.47
CA LYS A 205 7.49 -3.61 2.66
C LYS A 205 7.59 -3.97 1.18
N LEU A 206 6.58 -3.58 0.41
CA LEU A 206 6.54 -3.84 -1.02
C LEU A 206 5.64 -2.84 -1.75
N CYS A 207 5.83 -2.75 -3.07
CA CYS A 207 5.12 -1.81 -3.92
C CYS A 207 5.27 -2.20 -5.39
N PHE A 208 4.55 -1.51 -6.29
CA PHE A 208 4.61 -1.78 -7.71
C PHE A 208 6.02 -1.76 -8.30
N SER A 209 6.44 -2.84 -8.96
CA SER A 209 7.83 -2.97 -9.39
C SER A 209 8.16 -2.14 -10.62
N THR A 210 9.44 -1.78 -10.73
CA THR A 210 10.02 -1.12 -11.89
C THR A 210 11.21 -1.84 -12.52
N ALA A 211 11.48 -3.08 -12.05
CA ALA A 211 12.54 -3.92 -12.56
C ALA A 211 12.28 -4.31 -14.01
N GLN A 212 13.31 -4.79 -14.70
CA GLN A 212 13.18 -5.13 -16.13
C GLN A 212 12.58 -6.53 -16.33
N HIS A 213 12.26 -7.20 -15.23
CA HIS A 213 11.59 -8.50 -15.23
C HIS A 213 11.37 -8.98 -13.80
N ALA A 214 10.52 -9.99 -13.62
CA ALA A 214 10.26 -10.57 -12.31
C ALA A 214 11.30 -11.62 -11.95
N SER A 215 12.18 -11.97 -12.90
CA SER A 215 13.22 -12.97 -12.69
C SER A 215 14.39 -12.75 -13.65
#